data_1DBY
#
_entry.id   1DBY
#
_cell.length_a   1.000
_cell.length_b   1.000
_cell.length_c   1.000
_cell.angle_alpha   90.00
_cell.angle_beta   90.00
_cell.angle_gamma   90.00
#
_symmetry.space_group_name_H-M   'P 1'
#
_entity_poly.entity_id   1
_entity_poly.type   'polypeptide(L)'
_entity_poly.pdbx_seq_one_letter_code
;MEAGAVNDDTFKNVVLESSVPVLVDFWAPWCGPCRIIAPVVDEIAGEYKDKLKCVKLNTDESPNVASEYGIRSIPTIMVF
KGGKKCETIIGAVPKATIVQTVEKYLN
;
_entity_poly.pdbx_strand_id   A
#
# COMPACT_ATOMS: atom_id res chain seq x y z
N MET A 1 10.36 -1.46 -4.20
CA MET A 1 11.49 -1.37 -3.24
C MET A 1 10.92 -1.29 -1.82
N GLU A 2 11.77 -1.27 -0.80
CA GLU A 2 11.34 -1.26 0.61
C GLU A 2 10.20 -0.25 0.87
N ALA A 3 9.22 -0.68 1.64
CA ALA A 3 8.01 0.08 1.95
C ALA A 3 8.26 1.29 2.84
N GLY A 4 7.88 2.49 2.38
CA GLY A 4 8.00 3.71 3.16
C GLY A 4 6.79 3.92 4.07
N ALA A 5 6.68 5.10 4.67
CA ALA A 5 5.56 5.49 5.53
C ALA A 5 5.00 6.80 4.98
N VAL A 6 3.68 6.96 5.00
CA VAL A 6 3.01 8.16 4.51
C VAL A 6 1.89 8.59 5.45
N ASN A 7 1.43 9.81 5.24
CA ASN A 7 0.30 10.44 5.90
C ASN A 7 -0.32 11.37 4.87
N ASP A 8 -1.43 12.02 5.21
CA ASP A 8 -2.17 12.89 4.30
C ASP A 8 -1.25 13.73 3.41
N ASP A 9 -0.39 14.52 4.04
CA ASP A 9 0.53 15.44 3.40
C ASP A 9 1.43 14.72 2.39
N THR A 10 2.20 13.73 2.86
CA THR A 10 3.18 13.03 2.05
C THR A 10 2.52 12.19 0.96
N PHE A 11 1.35 11.62 1.24
CA PHE A 11 0.56 10.80 0.32
C PHE A 11 0.44 11.48 -1.04
N LYS A 12 0.12 12.76 -1.02
CA LYS A 12 -0.02 13.57 -2.22
C LYS A 12 1.22 13.38 -3.12
N ASN A 13 2.40 13.63 -2.56
CA ASN A 13 3.68 13.50 -3.26
C ASN A 13 3.98 12.05 -3.63
N VAL A 14 4.10 11.22 -2.60
CA VAL A 14 4.55 9.84 -2.67
C VAL A 14 3.59 8.95 -3.45
N VAL A 15 2.30 9.28 -3.48
CA VAL A 15 1.28 8.47 -4.14
C VAL A 15 0.67 9.21 -5.33
N LEU A 16 -0.18 10.22 -5.12
CA LEU A 16 -0.91 10.87 -6.21
C LEU A 16 0.00 11.40 -7.31
N GLU A 17 1.12 12.02 -6.93
CA GLU A 17 2.08 12.59 -7.86
C GLU A 17 3.21 11.59 -8.21
N SER A 18 3.02 10.29 -7.95
CA SER A 18 4.08 9.31 -8.22
C SER A 18 4.25 9.05 -9.72
N SER A 19 5.48 8.72 -10.13
CA SER A 19 5.85 8.38 -11.48
C SER A 19 5.76 6.86 -11.66
N VAL A 20 6.52 6.15 -10.83
CA VAL A 20 6.58 4.70 -10.78
C VAL A 20 5.35 4.17 -10.00
N PRO A 21 5.02 2.88 -10.12
CA PRO A 21 3.94 2.28 -9.36
C PRO A 21 4.10 2.47 -7.86
N VAL A 22 3.02 2.26 -7.11
CA VAL A 22 3.01 2.44 -5.67
C VAL A 22 2.09 1.39 -5.04
N LEU A 23 2.43 0.87 -3.87
CA LEU A 23 1.57 -0.07 -3.13
C LEU A 23 1.37 0.48 -1.72
N VAL A 24 0.24 1.16 -1.47
CA VAL A 24 -0.03 1.80 -0.19
C VAL A 24 -0.87 0.87 0.68
N ASP A 25 -0.33 0.49 1.85
CA ASP A 25 -1.07 -0.33 2.80
C ASP A 25 -1.73 0.62 3.80
N PHE A 26 -3.04 0.73 3.79
CA PHE A 26 -3.74 1.53 4.79
C PHE A 26 -3.75 0.67 6.04
N TRP A 27 -2.99 1.05 7.06
CA TRP A 27 -2.82 0.27 8.29
C TRP A 27 -3.19 1.10 9.51
N ALA A 28 -2.91 0.56 10.70
CA ALA A 28 -3.06 1.23 11.97
C ALA A 28 -2.44 0.34 13.06
N PRO A 29 -1.92 0.91 14.16
CA PRO A 29 -1.36 0.12 15.25
C PRO A 29 -2.37 -0.86 15.85
N TRP A 30 -3.66 -0.50 15.89
CA TRP A 30 -4.68 -1.43 16.38
C TRP A 30 -4.96 -2.53 15.34
N CYS A 31 -4.52 -2.37 14.09
CA CYS A 31 -4.81 -3.34 13.04
C CYS A 31 -3.82 -4.50 13.07
N GLY A 32 -4.10 -5.47 13.95
CA GLY A 32 -3.35 -6.73 14.07
C GLY A 32 -2.95 -7.35 12.73
N PRO A 33 -3.90 -7.66 11.82
CA PRO A 33 -3.56 -8.25 10.54
C PRO A 33 -2.60 -7.36 9.76
N CYS A 34 -2.81 -6.04 9.79
CA CYS A 34 -1.93 -5.11 9.09
C CYS A 34 -0.51 -5.29 9.61
N ARG A 35 -0.34 -5.23 10.93
CA ARG A 35 0.96 -5.35 11.57
C ARG A 35 1.66 -6.66 11.19
N ILE A 36 0.97 -7.81 11.26
CA ILE A 36 1.63 -9.07 10.93
C ILE A 36 1.84 -9.22 9.41
N ILE A 37 1.06 -8.53 8.56
CA ILE A 37 1.23 -8.57 7.11
C ILE A 37 2.36 -7.60 6.66
N ALA A 38 2.53 -6.47 7.33
CA ALA A 38 3.55 -5.45 7.05
C ALA A 38 4.94 -5.99 6.66
N PRO A 39 5.52 -6.99 7.34
CA PRO A 39 6.83 -7.53 6.96
C PRO A 39 6.75 -8.14 5.56
N VAL A 40 5.63 -8.83 5.29
CA VAL A 40 5.34 -9.48 4.02
C VAL A 40 5.25 -8.39 2.96
N VAL A 41 4.47 -7.33 3.25
CA VAL A 41 4.33 -6.17 2.38
C VAL A 41 5.71 -5.64 2.01
N ASP A 42 6.56 -5.41 3.02
CA ASP A 42 7.89 -4.87 2.81
C ASP A 42 8.76 -5.78 1.95
N GLU A 43 8.96 -7.02 2.38
CA GLU A 43 9.85 -7.92 1.67
C GLU A 43 9.39 -8.10 0.21
N ILE A 44 8.08 -8.27 -0.04
CA ILE A 44 7.56 -8.33 -1.40
C ILE A 44 7.97 -7.06 -2.13
N ALA A 45 7.73 -5.91 -1.51
CA ALA A 45 8.11 -4.65 -2.12
C ALA A 45 9.60 -4.59 -2.41
N GLY A 46 10.43 -5.18 -1.53
CA GLY A 46 11.86 -5.30 -1.73
C GLY A 46 12.12 -6.06 -3.01
N GLU A 47 11.46 -7.21 -3.19
CA GLU A 47 11.57 -8.01 -4.40
C GLU A 47 11.22 -7.13 -5.61
N TYR A 48 10.12 -6.39 -5.55
CA TYR A 48 9.72 -5.47 -6.63
C TYR A 48 10.44 -4.12 -6.52
N LYS A 49 11.77 -4.20 -6.56
CA LYS A 49 12.66 -3.06 -6.53
C LYS A 49 12.38 -2.10 -7.70
N ASP A 50 12.75 -0.83 -7.49
CA ASP A 50 12.67 0.32 -8.40
C ASP A 50 11.24 0.76 -8.70
N LYS A 51 10.41 -0.15 -9.18
CA LYS A 51 9.08 0.20 -9.66
C LYS A 51 8.06 0.31 -8.54
N LEU A 52 7.95 -0.72 -7.70
CA LEU A 52 6.87 -0.75 -6.74
C LEU A 52 7.22 0.09 -5.51
N LYS A 53 6.71 1.32 -5.45
CA LYS A 53 6.91 2.20 -4.32
C LYS A 53 5.93 1.77 -3.24
N CYS A 54 6.33 0.81 -2.41
CA CYS A 54 5.42 0.34 -1.38
C CYS A 54 5.42 1.35 -0.24
N VAL A 55 4.31 1.44 0.50
CA VAL A 55 4.18 2.42 1.56
C VAL A 55 3.12 1.96 2.54
N LYS A 56 3.10 2.61 3.71
CA LYS A 56 2.15 2.35 4.77
C LYS A 56 1.52 3.67 5.23
N LEU A 57 0.20 3.76 5.15
CA LEU A 57 -0.59 4.94 5.53
C LEU A 57 -1.36 4.66 6.80
N ASN A 58 -1.11 5.42 7.87
CA ASN A 58 -1.83 5.23 9.12
C ASN A 58 -3.24 5.79 8.95
N THR A 59 -4.23 4.90 8.98
CA THR A 59 -5.63 5.18 8.70
C THR A 59 -6.26 6.02 9.82
N ASP A 60 -5.76 5.90 11.04
CA ASP A 60 -6.28 6.62 12.19
C ASP A 60 -5.81 8.09 12.17
N GLU A 61 -4.55 8.26 11.78
CA GLU A 61 -3.81 9.52 11.67
C GLU A 61 -4.09 10.23 10.33
N SER A 62 -4.43 9.48 9.29
CA SER A 62 -4.75 9.99 7.96
C SER A 62 -6.04 9.35 7.45
N PRO A 63 -7.15 9.60 8.16
CA PRO A 63 -8.49 9.14 7.84
C PRO A 63 -8.97 9.82 6.57
N ASN A 64 -8.55 11.07 6.43
CA ASN A 64 -8.81 11.97 5.30
C ASN A 64 -9.00 11.21 4.00
N VAL A 65 -7.90 10.71 3.46
CA VAL A 65 -7.89 10.05 2.17
C VAL A 65 -8.68 8.75 2.24
N ALA A 66 -8.60 8.05 3.38
CA ALA A 66 -9.36 6.82 3.58
C ALA A 66 -10.85 7.11 3.37
N SER A 67 -11.33 8.24 3.87
CA SER A 67 -12.71 8.68 3.74
C SER A 67 -13.00 9.02 2.29
N GLU A 68 -12.12 9.79 1.66
CA GLU A 68 -12.24 10.18 0.26
C GLU A 68 -12.37 8.95 -0.65
N TYR A 69 -11.56 7.92 -0.40
CA TYR A 69 -11.56 6.70 -1.20
C TYR A 69 -12.73 5.79 -0.82
N GLY A 70 -13.10 5.76 0.47
CA GLY A 70 -14.18 4.91 0.97
C GLY A 70 -13.60 3.65 1.58
N ILE A 71 -12.71 3.83 2.56
CA ILE A 71 -11.99 2.78 3.26
C ILE A 71 -12.30 2.93 4.74
N ARG A 72 -12.36 1.81 5.47
CA ARG A 72 -12.56 1.78 6.91
C ARG A 72 -11.85 0.55 7.45
N SER A 73 -12.30 -0.63 7.04
CA SER A 73 -11.67 -1.87 7.42
C SER A 73 -10.28 -1.87 6.80
N ILE A 74 -9.31 -2.44 7.51
CA ILE A 74 -7.94 -2.51 7.07
C ILE A 74 -7.39 -3.87 7.53
N PRO A 75 -6.35 -4.42 6.89
CA PRO A 75 -5.58 -3.84 5.79
C PRO A 75 -6.38 -3.70 4.50
N THR A 76 -6.12 -2.58 3.84
CA THR A 76 -6.63 -2.21 2.54
C THR A 76 -5.38 -1.71 1.81
N ILE A 77 -4.85 -2.58 0.96
CA ILE A 77 -3.62 -2.36 0.22
C ILE A 77 -4.00 -1.86 -1.17
N MET A 78 -3.91 -0.56 -1.41
CA MET A 78 -4.21 -0.01 -2.73
C MET A 78 -2.94 -0.03 -3.57
N VAL A 79 -3.14 -0.20 -4.88
CA VAL A 79 -2.11 -0.24 -5.90
C VAL A 79 -2.31 0.96 -6.81
N PHE A 80 -1.20 1.59 -7.19
CA PHE A 80 -1.16 2.69 -8.14
C PHE A 80 -0.10 2.29 -9.16
N LYS A 81 -0.31 2.66 -10.42
CA LYS A 81 0.62 2.35 -11.50
C LYS A 81 1.48 3.56 -11.87
N GLY A 82 0.96 4.76 -11.63
CA GLY A 82 1.64 6.01 -11.92
C GLY A 82 0.71 7.13 -11.47
N GLY A 83 0.82 7.52 -10.20
CA GLY A 83 -0.02 8.55 -9.60
C GLY A 83 -1.41 8.03 -9.29
N LYS A 84 -2.15 7.65 -10.33
CA LYS A 84 -3.52 7.18 -10.21
C LYS A 84 -3.55 5.72 -9.76
N LYS A 85 -4.67 5.34 -9.13
CA LYS A 85 -4.91 4.02 -8.59
C LYS A 85 -5.13 3.03 -9.74
N CYS A 86 -4.92 1.74 -9.45
CA CYS A 86 -5.11 0.65 -10.39
C CYS A 86 -6.01 -0.41 -9.78
N GLU A 87 -5.61 -0.97 -8.63
CA GLU A 87 -6.28 -2.07 -7.95
C GLU A 87 -6.24 -1.86 -6.44
N THR A 88 -6.87 -2.77 -5.67
CA THR A 88 -6.88 -2.73 -4.21
C THR A 88 -7.13 -4.15 -3.67
N ILE A 89 -6.34 -4.59 -2.69
CA ILE A 89 -6.48 -5.87 -2.01
C ILE A 89 -6.96 -5.53 -0.59
N ILE A 90 -7.82 -6.34 0.02
CA ILE A 90 -8.36 -6.09 1.35
C ILE A 90 -8.18 -7.36 2.19
N GLY A 91 -7.86 -7.20 3.48
CA GLY A 91 -7.69 -8.30 4.41
C GLY A 91 -6.32 -8.96 4.30
N ALA A 92 -6.04 -9.89 5.21
CA ALA A 92 -4.79 -10.64 5.22
C ALA A 92 -4.72 -11.54 3.98
N VAL A 93 -3.50 -11.90 3.56
CA VAL A 93 -3.26 -12.72 2.38
C VAL A 93 -1.99 -13.55 2.59
N PRO A 94 -1.81 -14.69 1.90
CA PRO A 94 -0.56 -15.43 1.89
C PRO A 94 0.36 -14.76 0.86
N LYS A 95 1.64 -14.65 1.20
CA LYS A 95 2.64 -13.97 0.41
C LYS A 95 2.63 -14.38 -1.06
N ALA A 96 2.54 -15.69 -1.33
CA ALA A 96 2.51 -16.22 -2.69
C ALA A 96 1.41 -15.52 -3.50
N THR A 97 0.23 -15.40 -2.91
CA THR A 97 -0.89 -14.76 -3.57
C THR A 97 -0.57 -13.29 -3.79
N ILE A 98 -0.03 -12.60 -2.77
CA ILE A 98 0.32 -11.19 -2.89
C ILE A 98 1.30 -11.02 -4.06
N VAL A 99 2.38 -11.79 -4.08
CA VAL A 99 3.38 -11.78 -5.14
C VAL A 99 2.68 -11.88 -6.50
N GLN A 100 1.91 -12.96 -6.70
CA GLN A 100 1.26 -13.20 -7.97
C GLN A 100 0.36 -12.02 -8.35
N THR A 101 -0.46 -11.57 -7.40
CA THR A 101 -1.36 -10.44 -7.54
C THR A 101 -0.59 -9.19 -7.98
N VAL A 102 0.57 -8.92 -7.38
CA VAL A 102 1.39 -7.78 -7.79
C VAL A 102 1.86 -8.00 -9.23
N GLU A 103 2.45 -9.16 -9.51
CA GLU A 103 3.01 -9.49 -10.81
C GLU A 103 2.01 -9.29 -11.95
N LYS A 104 0.79 -9.79 -11.80
CA LYS A 104 -0.21 -9.63 -12.86
C LYS A 104 -0.50 -8.14 -13.16
N TYR A 105 -0.27 -7.23 -12.20
CA TYR A 105 -0.49 -5.81 -12.39
C TYR A 105 0.78 -5.15 -12.94
N LEU A 106 1.94 -5.48 -12.36
CA LEU A 106 3.24 -4.99 -12.81
C LEU A 106 3.80 -6.00 -13.82
N ASN A 107 4.67 -6.90 -13.36
CA ASN A 107 5.30 -7.97 -14.10
C ASN A 107 5.92 -8.85 -13.01
N MET A 1 9.86 0.46 6.34
CA MET A 1 11.32 0.64 6.37
C MET A 1 11.84 0.67 4.93
N GLU A 2 11.93 -0.51 4.30
CA GLU A 2 12.25 -0.60 2.88
C GLU A 2 11.05 -0.02 2.14
N ALA A 3 9.86 -0.43 2.57
CA ALA A 3 8.61 0.16 2.13
C ALA A 3 8.49 1.49 2.89
N GLY A 4 8.09 2.56 2.21
CA GLY A 4 7.99 3.86 2.86
C GLY A 4 6.82 3.91 3.83
N ALA A 5 6.79 4.95 4.67
CA ALA A 5 5.72 5.23 5.61
C ALA A 5 5.09 6.54 5.15
N VAL A 6 3.76 6.59 4.97
CA VAL A 6 3.07 7.78 4.50
C VAL A 6 1.89 8.15 5.39
N ASN A 7 1.42 9.37 5.19
CA ASN A 7 0.27 10.01 5.83
C ASN A 7 -0.40 10.85 4.75
N ASP A 8 -1.57 11.40 5.05
CA ASP A 8 -2.37 12.23 4.16
C ASP A 8 -1.53 13.18 3.31
N ASP A 9 -0.64 13.90 3.99
CA ASP A 9 0.29 14.82 3.35
C ASP A 9 1.23 14.09 2.39
N THR A 10 2.20 13.37 2.95
CA THR A 10 3.26 12.69 2.21
C THR A 10 2.71 11.84 1.08
N PHE A 11 1.61 11.11 1.33
CA PHE A 11 0.85 10.31 0.38
C PHE A 11 0.74 10.99 -0.97
N LYS A 12 0.49 12.29 -0.94
CA LYS A 12 0.36 13.04 -2.17
C LYS A 12 1.66 13.03 -2.98
N ASN A 13 2.74 13.52 -2.36
CA ASN A 13 4.04 13.60 -3.00
C ASN A 13 4.58 12.22 -3.36
N VAL A 14 4.22 11.23 -2.55
CA VAL A 14 4.79 9.88 -2.62
C VAL A 14 3.97 8.93 -3.48
N VAL A 15 2.65 9.11 -3.55
CA VAL A 15 1.73 8.23 -4.26
C VAL A 15 1.08 8.98 -5.42
N LEU A 16 0.17 9.92 -5.14
CA LEU A 16 -0.59 10.65 -6.16
C LEU A 16 0.33 11.18 -7.27
N GLU A 17 1.33 11.94 -6.87
CA GLU A 17 2.30 12.57 -7.76
C GLU A 17 3.41 11.61 -8.22
N SER A 18 3.33 10.30 -7.94
CA SER A 18 4.38 9.38 -8.35
C SER A 18 4.35 9.17 -9.86
N SER A 19 5.54 9.04 -10.46
CA SER A 19 5.72 8.76 -11.87
C SER A 19 5.55 7.26 -12.10
N VAL A 20 6.42 6.48 -11.45
CA VAL A 20 6.44 5.02 -11.54
C VAL A 20 5.34 4.44 -10.64
N PRO A 21 4.95 3.18 -10.83
CA PRO A 21 3.95 2.51 -10.00
C PRO A 21 4.25 2.61 -8.51
N VAL A 22 3.21 2.40 -7.70
CA VAL A 22 3.25 2.47 -6.25
C VAL A 22 2.33 1.39 -5.69
N LEU A 23 2.69 0.84 -4.52
CA LEU A 23 1.88 -0.12 -3.78
C LEU A 23 1.72 0.42 -2.37
N VAL A 24 0.53 0.85 -1.96
CA VAL A 24 0.33 1.33 -0.60
C VAL A 24 -0.48 0.29 0.16
N ASP A 25 -0.11 0.05 1.42
CA ASP A 25 -0.89 -0.76 2.34
C ASP A 25 -1.45 0.16 3.42
N PHE A 26 -2.76 0.23 3.56
CA PHE A 26 -3.39 1.02 4.62
C PHE A 26 -3.27 0.19 5.89
N TRP A 27 -2.49 0.66 6.87
CA TRP A 27 -2.25 -0.07 8.10
C TRP A 27 -2.55 0.82 9.30
N ALA A 28 -2.22 0.33 10.49
CA ALA A 28 -2.29 1.08 11.74
C ALA A 28 -1.60 0.23 12.81
N PRO A 29 -1.03 0.82 13.87
CA PRO A 29 -0.38 0.07 14.93
C PRO A 29 -1.29 -1.01 15.52
N TRP A 30 -2.57 -0.71 15.75
CA TRP A 30 -3.51 -1.70 16.27
C TRP A 30 -3.82 -2.80 15.24
N CYS A 31 -3.46 -2.62 13.96
CA CYS A 31 -3.77 -3.58 12.91
C CYS A 31 -2.84 -4.80 12.95
N GLY A 32 -3.13 -5.75 13.84
CA GLY A 32 -2.44 -7.04 13.92
C GLY A 32 -2.17 -7.67 12.54
N PRO A 33 -3.19 -7.89 11.70
CA PRO A 33 -2.99 -8.50 10.39
C PRO A 33 -2.02 -7.68 9.52
N CYS A 34 -1.97 -6.36 9.70
CA CYS A 34 -1.04 -5.51 8.97
C CYS A 34 0.38 -5.81 9.46
N ARG A 35 0.53 -5.82 10.79
CA ARG A 35 1.80 -6.08 11.45
C ARG A 35 2.48 -7.33 10.91
N ILE A 36 1.73 -8.42 10.80
CA ILE A 36 2.32 -9.68 10.36
C ILE A 36 2.68 -9.68 8.86
N ILE A 37 2.11 -8.81 8.01
CA ILE A 37 2.54 -8.74 6.61
C ILE A 37 3.68 -7.72 6.45
N ALA A 38 3.73 -6.68 7.31
CA ALA A 38 4.69 -5.59 7.25
C ALA A 38 6.13 -6.01 6.87
N PRO A 39 6.74 -7.06 7.48
CA PRO A 39 8.09 -7.47 7.14
C PRO A 39 8.17 -7.89 5.67
N VAL A 40 7.12 -8.57 5.19
CA VAL A 40 7.04 -8.98 3.79
C VAL A 40 6.89 -7.74 2.95
N VAL A 41 5.98 -6.84 3.35
CA VAL A 41 5.73 -5.62 2.60
C VAL A 41 7.08 -4.92 2.38
N ASP A 42 7.92 -4.88 3.43
CA ASP A 42 9.25 -4.32 3.37
C ASP A 42 10.17 -5.12 2.45
N GLU A 43 10.51 -6.38 2.76
CA GLU A 43 11.48 -7.10 1.93
C GLU A 43 11.03 -7.15 0.46
N ILE A 44 9.75 -7.40 0.19
CA ILE A 44 9.28 -7.42 -1.19
C ILE A 44 9.47 -6.03 -1.84
N ALA A 45 9.48 -4.93 -1.07
CA ALA A 45 9.78 -3.62 -1.64
C ALA A 45 11.16 -3.66 -2.28
N GLY A 46 12.12 -4.28 -1.59
CA GLY A 46 13.46 -4.45 -2.09
C GLY A 46 13.42 -5.26 -3.39
N GLU A 47 12.68 -6.38 -3.39
CA GLU A 47 12.57 -7.23 -4.56
C GLU A 47 12.02 -6.48 -5.78
N TYR A 48 10.90 -5.77 -5.61
CA TYR A 48 10.24 -5.04 -6.70
C TYR A 48 10.61 -3.56 -6.72
N LYS A 49 11.84 -3.24 -6.32
CA LYS A 49 12.34 -1.87 -6.29
C LYS A 49 12.29 -1.22 -7.67
N ASP A 50 12.50 0.09 -7.69
CA ASP A 50 12.54 0.97 -8.85
C ASP A 50 11.16 1.17 -9.45
N LYS A 51 10.52 0.07 -9.85
CA LYS A 51 9.27 0.10 -10.56
C LYS A 51 8.08 0.33 -9.61
N LEU A 52 8.03 -0.47 -8.54
CA LEU A 52 6.93 -0.46 -7.61
C LEU A 52 7.35 0.22 -6.30
N LYS A 53 6.87 1.44 -6.08
CA LYS A 53 7.19 2.17 -4.88
C LYS A 53 6.30 1.63 -3.76
N CYS A 54 6.84 0.74 -2.92
CA CYS A 54 6.08 0.13 -1.86
C CYS A 54 5.96 1.08 -0.66
N VAL A 55 4.76 1.17 -0.06
CA VAL A 55 4.49 2.11 1.03
C VAL A 55 3.43 1.58 1.99
N LYS A 56 3.37 2.20 3.17
CA LYS A 56 2.42 1.90 4.23
C LYS A 56 1.82 3.19 4.78
N LEU A 57 0.49 3.38 4.66
CA LEU A 57 -0.21 4.57 5.14
C LEU A 57 -0.86 4.31 6.49
N ASN A 58 -0.53 5.14 7.49
CA ASN A 58 -1.17 5.02 8.79
C ASN A 58 -2.59 5.58 8.68
N THR A 59 -3.57 4.68 8.73
CA THR A 59 -4.97 4.96 8.52
C THR A 59 -5.54 5.82 9.65
N ASP A 60 -5.09 5.59 10.88
CA ASP A 60 -5.54 6.30 12.08
C ASP A 60 -5.11 7.76 12.00
N GLU A 61 -3.90 7.98 11.48
CA GLU A 61 -3.26 9.26 11.28
C GLU A 61 -3.73 9.93 9.97
N SER A 62 -4.18 9.12 9.00
CA SER A 62 -4.63 9.57 7.69
C SER A 62 -6.09 9.13 7.39
N PRO A 63 -7.04 9.42 8.28
CA PRO A 63 -8.44 9.09 8.10
C PRO A 63 -9.03 9.82 6.89
N ASN A 64 -8.43 10.96 6.54
CA ASN A 64 -8.84 11.77 5.41
C ASN A 64 -8.85 10.90 4.15
N VAL A 65 -7.67 10.41 3.78
CA VAL A 65 -7.47 9.53 2.64
C VAL A 65 -8.38 8.32 2.78
N ALA A 66 -8.31 7.68 3.95
CA ALA A 66 -9.12 6.50 4.25
C ALA A 66 -10.58 6.72 3.86
N SER A 67 -11.15 7.86 4.26
CA SER A 67 -12.53 8.22 3.97
C SER A 67 -12.72 8.45 2.48
N GLU A 68 -11.84 9.25 1.87
CA GLU A 68 -11.90 9.60 0.46
C GLU A 68 -11.92 8.34 -0.42
N TYR A 69 -11.04 7.38 -0.13
CA TYR A 69 -10.93 6.14 -0.88
C TYR A 69 -12.02 5.14 -0.46
N GLY A 70 -12.44 5.18 0.80
CA GLY A 70 -13.48 4.30 1.32
C GLY A 70 -12.87 3.00 1.82
N ILE A 71 -11.85 3.12 2.68
CA ILE A 71 -11.12 1.99 3.22
C ILE A 71 -11.99 1.28 4.26
N ARG A 72 -12.85 0.40 3.78
CA ARG A 72 -13.76 -0.36 4.62
C ARG A 72 -12.98 -1.51 5.28
N SER A 73 -12.20 -1.17 6.30
CA SER A 73 -11.36 -2.04 7.13
C SER A 73 -9.93 -2.08 6.57
N ILE A 74 -8.99 -2.60 7.38
CA ILE A 74 -7.59 -2.74 7.02
C ILE A 74 -7.10 -4.13 7.47
N PRO A 75 -6.08 -4.73 6.84
CA PRO A 75 -5.31 -4.20 5.72
C PRO A 75 -6.12 -4.09 4.44
N THR A 76 -5.78 -3.05 3.68
CA THR A 76 -6.32 -2.74 2.39
C THR A 76 -5.13 -2.26 1.58
N ILE A 77 -4.74 -3.04 0.57
CA ILE A 77 -3.63 -2.75 -0.30
C ILE A 77 -4.19 -2.12 -1.56
N MET A 78 -3.56 -1.07 -2.07
CA MET A 78 -3.93 -0.46 -3.34
C MET A 78 -2.67 -0.31 -4.20
N VAL A 79 -2.88 -0.50 -5.49
CA VAL A 79 -1.88 -0.41 -6.54
C VAL A 79 -2.15 0.87 -7.30
N PHE A 80 -1.09 1.58 -7.66
CA PHE A 80 -1.12 2.76 -8.50
C PHE A 80 -0.11 2.46 -9.60
N LYS A 81 -0.47 2.72 -10.86
CA LYS A 81 0.37 2.39 -12.00
C LYS A 81 1.13 3.61 -12.52
N GLY A 82 0.57 4.80 -12.30
CA GLY A 82 1.14 6.04 -12.80
C GLY A 82 0.52 7.16 -11.98
N GLY A 83 0.87 7.21 -10.70
CA GLY A 83 0.36 8.18 -9.74
C GLY A 83 -1.04 7.81 -9.29
N LYS A 84 -1.96 7.66 -10.25
CA LYS A 84 -3.34 7.28 -10.01
C LYS A 84 -3.45 5.77 -9.79
N LYS A 85 -4.54 5.38 -9.11
CA LYS A 85 -4.84 4.02 -8.69
C LYS A 85 -5.10 3.11 -9.89
N CYS A 86 -4.99 1.79 -9.67
CA CYS A 86 -5.23 0.75 -10.65
C CYS A 86 -6.18 -0.29 -10.06
N GLU A 87 -5.73 -1.02 -9.03
CA GLU A 87 -6.48 -2.07 -8.35
C GLU A 87 -6.28 -1.98 -6.84
N THR A 88 -7.02 -2.78 -6.06
CA THR A 88 -6.94 -2.81 -4.61
C THR A 88 -7.52 -4.13 -4.08
N ILE A 89 -7.08 -4.58 -2.92
CA ILE A 89 -7.62 -5.76 -2.23
C ILE A 89 -7.79 -5.35 -0.76
N ILE A 90 -8.82 -5.89 -0.12
CA ILE A 90 -9.23 -5.60 1.26
C ILE A 90 -9.29 -6.91 2.02
N GLY A 91 -8.87 -6.90 3.29
CA GLY A 91 -8.96 -8.05 4.17
C GLY A 91 -7.60 -8.66 4.47
N ALA A 92 -7.49 -9.35 5.61
CA ALA A 92 -6.27 -9.97 6.09
C ALA A 92 -5.91 -11.23 5.31
N VAL A 93 -5.84 -11.17 3.99
CA VAL A 93 -5.40 -12.28 3.17
C VAL A 93 -3.87 -12.30 3.24
N PRO A 94 -3.20 -13.46 3.22
CA PRO A 94 -1.74 -13.50 3.31
C PRO A 94 -1.10 -12.68 2.19
N LYS A 95 0.05 -12.07 2.49
CA LYS A 95 0.76 -11.24 1.54
C LYS A 95 1.09 -12.04 0.27
N ALA A 96 1.37 -13.34 0.39
CA ALA A 96 1.59 -14.19 -0.78
C ALA A 96 0.44 -14.03 -1.81
N THR A 97 -0.80 -14.05 -1.32
CA THR A 97 -2.00 -13.88 -2.12
C THR A 97 -1.92 -12.53 -2.84
N ILE A 98 -1.63 -11.47 -2.07
CA ILE A 98 -1.50 -10.12 -2.57
C ILE A 98 -0.42 -10.07 -3.65
N VAL A 99 0.76 -10.62 -3.39
CA VAL A 99 1.87 -10.66 -4.34
C VAL A 99 1.38 -11.25 -5.65
N GLN A 100 0.77 -12.43 -5.61
CA GLN A 100 0.27 -13.07 -6.82
C GLN A 100 -0.67 -12.10 -7.55
N THR A 101 -1.62 -11.52 -6.80
CA THR A 101 -2.60 -10.59 -7.34
C THR A 101 -1.93 -9.35 -7.94
N VAL A 102 -0.83 -8.86 -7.35
CA VAL A 102 -0.10 -7.71 -7.83
C VAL A 102 0.61 -8.09 -9.14
N GLU A 103 1.40 -9.17 -9.10
CA GLU A 103 2.14 -9.69 -10.24
C GLU A 103 1.22 -9.91 -11.44
N LYS A 104 0.03 -10.47 -11.19
CA LYS A 104 -1.00 -10.65 -12.20
C LYS A 104 -1.23 -9.35 -12.98
N TYR A 105 -1.35 -8.23 -12.28
CA TYR A 105 -1.59 -6.94 -12.89
C TYR A 105 -0.28 -6.41 -13.50
N LEU A 106 0.77 -6.28 -12.68
CA LEU A 106 2.08 -5.82 -13.12
C LEU A 106 2.85 -7.00 -13.68
N ASN A 107 2.33 -7.49 -14.80
CA ASN A 107 2.90 -8.59 -15.57
C ASN A 107 3.75 -8.00 -16.70
N MET A 1 12.03 -0.91 4.82
CA MET A 1 12.92 -0.76 3.67
C MET A 1 12.15 0.00 2.57
N GLU A 2 11.72 -0.67 1.51
CA GLU A 2 10.99 -0.03 0.42
C GLU A 2 9.65 0.52 0.93
N ALA A 3 8.97 -0.26 1.77
CA ALA A 3 7.71 0.11 2.37
C ALA A 3 7.87 1.35 3.25
N GLY A 4 7.66 2.53 2.69
CA GLY A 4 7.72 3.79 3.44
C GLY A 4 6.45 3.98 4.29
N ALA A 5 6.35 5.10 4.99
CA ALA A 5 5.19 5.45 5.81
C ALA A 5 4.64 6.77 5.29
N VAL A 6 3.32 6.90 5.17
CA VAL A 6 2.69 8.11 4.66
C VAL A 6 1.44 8.49 5.46
N ASN A 7 1.01 9.73 5.21
CA ASN A 7 -0.16 10.39 5.74
C ASN A 7 -0.62 11.34 4.64
N ASP A 8 -1.77 11.97 4.84
CA ASP A 8 -2.40 12.94 3.93
C ASP A 8 -1.37 13.86 3.28
N ASP A 9 -0.51 14.43 4.12
CA ASP A 9 0.56 15.32 3.66
C ASP A 9 1.47 14.64 2.64
N THR A 10 2.29 13.71 3.12
CA THR A 10 3.30 13.01 2.34
C THR A 10 2.70 12.27 1.14
N PHE A 11 1.49 11.73 1.29
CA PHE A 11 0.71 11.02 0.28
C PHE A 11 0.81 11.73 -1.08
N LYS A 12 0.67 13.04 -1.04
CA LYS A 12 0.73 13.88 -2.22
C LYS A 12 2.03 13.62 -2.99
N ASN A 13 3.17 13.77 -2.31
CA ASN A 13 4.48 13.64 -2.91
C ASN A 13 4.81 12.18 -3.24
N VAL A 14 4.55 11.29 -2.29
CA VAL A 14 4.96 9.90 -2.31
C VAL A 14 3.99 8.98 -3.07
N VAL A 15 2.73 9.37 -3.28
CA VAL A 15 1.73 8.52 -3.93
C VAL A 15 1.07 9.22 -5.12
N LEU A 16 0.56 10.44 -4.93
CA LEU A 16 -0.15 11.12 -6.01
C LEU A 16 0.80 11.55 -7.13
N GLU A 17 1.88 12.25 -6.80
CA GLU A 17 2.81 12.80 -7.78
C GLU A 17 3.79 11.76 -8.32
N SER A 18 3.82 10.56 -7.74
CA SER A 18 4.72 9.48 -8.11
C SER A 18 4.61 9.11 -9.60
N SER A 19 5.76 8.93 -10.25
CA SER A 19 5.88 8.54 -11.64
C SER A 19 5.67 7.03 -11.78
N VAL A 20 6.55 6.26 -11.14
CA VAL A 20 6.50 4.80 -11.17
C VAL A 20 5.42 4.33 -10.17
N PRO A 21 4.86 3.11 -10.33
CA PRO A 21 3.82 2.60 -9.45
C PRO A 21 4.21 2.61 -7.97
N VAL A 22 3.17 2.61 -7.13
CA VAL A 22 3.27 2.73 -5.68
C VAL A 22 2.27 1.80 -4.99
N LEU A 23 2.76 0.83 -4.19
CA LEU A 23 1.95 -0.11 -3.45
C LEU A 23 1.71 0.45 -2.05
N VAL A 24 0.63 1.19 -1.83
CA VAL A 24 0.37 1.80 -0.53
C VAL A 24 -0.64 0.94 0.24
N ASP A 25 -0.27 0.51 1.46
CA ASP A 25 -1.15 -0.26 2.33
C ASP A 25 -1.76 0.67 3.36
N PHE A 26 -3.09 0.76 3.41
CA PHE A 26 -3.75 1.56 4.42
C PHE A 26 -3.75 0.70 5.68
N TRP A 27 -3.07 1.14 6.74
CA TRP A 27 -2.90 0.37 7.96
C TRP A 27 -3.18 1.23 9.19
N ALA A 28 -2.88 0.70 10.37
CA ALA A 28 -2.93 1.41 11.63
C ALA A 28 -2.26 0.52 12.68
N PRO A 29 -1.64 1.06 13.74
CA PRO A 29 -1.01 0.25 14.77
C PRO A 29 -1.94 -0.78 15.39
N TRP A 30 -3.21 -0.43 15.63
CA TRP A 30 -4.17 -1.40 16.16
C TRP A 30 -4.51 -2.48 15.13
N CYS A 31 -4.20 -2.26 13.85
CA CYS A 31 -4.53 -3.21 12.79
C CYS A 31 -3.55 -4.39 12.79
N GLY A 32 -3.76 -5.35 13.70
CA GLY A 32 -2.98 -6.60 13.75
C GLY A 32 -2.79 -7.19 12.34
N PRO A 33 -3.88 -7.47 11.62
CA PRO A 33 -3.86 -7.94 10.24
C PRO A 33 -2.91 -7.16 9.32
N CYS A 34 -2.77 -5.85 9.54
CA CYS A 34 -1.90 -5.01 8.73
C CYS A 34 -0.46 -5.23 9.19
N ARG A 35 -0.24 -5.04 10.49
CA ARG A 35 1.06 -5.15 11.14
C ARG A 35 1.77 -6.43 10.70
N ILE A 36 1.05 -7.54 10.77
CA ILE A 36 1.62 -8.84 10.46
C ILE A 36 1.96 -8.99 8.96
N ILE A 37 1.29 -8.29 8.03
CA ILE A 37 1.67 -8.40 6.61
C ILE A 37 2.76 -7.39 6.27
N ALA A 38 2.86 -6.26 6.98
CA ALA A 38 3.85 -5.22 6.73
C ALA A 38 5.26 -5.74 6.35
N PRO A 39 5.85 -6.73 7.04
CA PRO A 39 7.17 -7.24 6.69
C PRO A 39 7.11 -7.89 5.30
N VAL A 40 6.04 -8.63 5.04
CA VAL A 40 5.77 -9.32 3.79
C VAL A 40 5.66 -8.26 2.68
N VAL A 41 4.82 -7.24 2.90
CA VAL A 41 4.63 -6.11 2.00
C VAL A 41 6.01 -5.54 1.63
N ASP A 42 6.87 -5.35 2.64
CA ASP A 42 8.18 -4.75 2.44
C ASP A 42 9.13 -5.63 1.66
N GLU A 43 9.36 -6.88 2.10
CA GLU A 43 10.28 -7.75 1.40
C GLU A 43 9.77 -7.96 -0.04
N ILE A 44 8.44 -7.98 -0.23
CA ILE A 44 7.89 -8.14 -1.57
C ILE A 44 8.28 -6.90 -2.37
N ALA A 45 8.06 -5.71 -1.80
CA ALA A 45 8.48 -4.48 -2.44
C ALA A 45 9.98 -4.49 -2.71
N GLY A 46 10.77 -5.12 -1.83
CA GLY A 46 12.20 -5.31 -2.01
C GLY A 46 12.44 -6.09 -3.29
N GLU A 47 11.84 -7.28 -3.40
CA GLU A 47 11.95 -8.10 -4.60
C GLU A 47 11.59 -7.29 -5.85
N TYR A 48 10.55 -6.46 -5.76
CA TYR A 48 10.04 -5.65 -6.85
C TYR A 48 10.53 -4.19 -6.83
N LYS A 49 11.70 -3.94 -6.21
CA LYS A 49 12.22 -2.59 -6.06
C LYS A 49 12.46 -1.93 -7.42
N ASP A 50 12.72 -0.61 -7.37
CA ASP A 50 12.98 0.26 -8.51
C ASP A 50 11.70 0.56 -9.28
N LYS A 51 10.99 -0.49 -9.69
CA LYS A 51 9.77 -0.31 -10.46
C LYS A 51 8.64 0.09 -9.53
N LEU A 52 8.42 -0.75 -8.52
CA LEU A 52 7.30 -0.62 -7.60
C LEU A 52 7.74 0.03 -6.30
N LYS A 53 7.23 1.22 -6.02
CA LYS A 53 7.43 1.86 -4.73
C LYS A 53 6.44 1.18 -3.79
N CYS A 54 6.63 1.32 -2.47
CA CYS A 54 5.75 0.66 -1.53
C CYS A 54 5.60 1.57 -0.32
N VAL A 55 4.43 1.57 0.30
CA VAL A 55 4.18 2.52 1.38
C VAL A 55 3.11 2.01 2.32
N LYS A 56 2.98 2.69 3.46
CA LYS A 56 2.04 2.37 4.51
C LYS A 56 1.36 3.64 5.00
N LEU A 57 0.08 3.83 4.66
CA LEU A 57 -0.69 5.00 5.05
C LEU A 57 -1.32 4.76 6.42
N ASN A 58 -0.95 5.56 7.42
CA ASN A 58 -1.58 5.42 8.72
C ASN A 58 -3.00 5.99 8.64
N THR A 59 -3.97 5.09 8.58
CA THR A 59 -5.40 5.35 8.43
C THR A 59 -5.92 6.28 9.52
N ASP A 60 -5.54 5.95 10.75
CA ASP A 60 -6.01 6.58 11.98
C ASP A 60 -5.53 8.03 12.06
N GLU A 61 -4.32 8.26 11.57
CA GLU A 61 -3.65 9.54 11.48
C GLU A 61 -4.05 10.29 10.20
N SER A 62 -4.46 9.55 9.16
CA SER A 62 -4.83 10.07 7.85
C SER A 62 -6.27 9.68 7.46
N PRO A 63 -7.27 9.99 8.32
CA PRO A 63 -8.67 9.70 8.07
C PRO A 63 -9.15 10.40 6.79
N ASN A 64 -8.49 11.49 6.41
CA ASN A 64 -8.77 12.23 5.19
C ASN A 64 -8.81 11.27 4.01
N VAL A 65 -7.62 10.78 3.63
CA VAL A 65 -7.43 9.85 2.53
C VAL A 65 -8.33 8.64 2.71
N ALA A 66 -8.31 8.07 3.92
CA ALA A 66 -9.10 6.90 4.26
C ALA A 66 -10.57 7.08 3.88
N SER A 67 -11.18 8.19 4.29
CA SER A 67 -12.58 8.49 4.02
C SER A 67 -12.81 8.81 2.55
N GLU A 68 -11.92 9.60 1.96
CA GLU A 68 -11.99 9.98 0.54
C GLU A 68 -12.07 8.72 -0.32
N TYR A 69 -11.21 7.74 -0.07
CA TYR A 69 -11.21 6.49 -0.81
C TYR A 69 -12.32 5.56 -0.29
N GLY A 70 -12.65 5.64 0.99
CA GLY A 70 -13.75 4.90 1.59
C GLY A 70 -13.34 3.48 1.93
N ILE A 71 -12.20 3.33 2.60
CA ILE A 71 -11.71 2.03 3.01
C ILE A 71 -12.54 1.53 4.21
N ARG A 72 -13.53 0.68 3.92
CA ARG A 72 -14.40 0.07 4.91
C ARG A 72 -13.67 -1.09 5.59
N SER A 73 -12.65 -0.73 6.39
CA SER A 73 -11.74 -1.57 7.16
C SER A 73 -10.40 -1.66 6.42
N ILE A 74 -9.42 -2.27 7.08
CA ILE A 74 -8.03 -2.40 6.65
C ILE A 74 -7.49 -3.77 7.09
N PRO A 75 -6.40 -4.31 6.50
CA PRO A 75 -5.56 -3.71 5.48
C PRO A 75 -6.26 -3.59 4.13
N THR A 76 -5.74 -2.66 3.33
CA THR A 76 -6.18 -2.42 1.98
C THR A 76 -4.97 -1.86 1.25
N ILE A 77 -4.34 -2.72 0.46
CA ILE A 77 -3.23 -2.38 -0.41
C ILE A 77 -3.87 -1.76 -1.64
N MET A 78 -3.38 -0.61 -2.10
CA MET A 78 -3.83 0.02 -3.33
C MET A 78 -2.60 0.27 -4.19
N VAL A 79 -2.74 -0.03 -5.48
CA VAL A 79 -1.69 0.17 -6.45
C VAL A 79 -1.94 1.51 -7.11
N PHE A 80 -1.21 2.54 -6.69
CA PHE A 80 -1.27 3.86 -7.29
C PHE A 80 -0.26 3.91 -8.43
N LYS A 81 -0.58 4.70 -9.46
CA LYS A 81 0.25 4.81 -10.65
C LYS A 81 0.22 6.23 -11.21
N GLY A 82 0.10 7.22 -10.31
CA GLY A 82 -0.02 8.61 -10.68
C GLY A 82 -1.44 9.08 -10.40
N GLY A 83 -1.61 9.86 -9.34
CA GLY A 83 -2.88 10.44 -8.94
C GLY A 83 -3.85 9.41 -8.37
N LYS A 84 -4.37 8.55 -9.24
CA LYS A 84 -5.39 7.56 -8.87
C LYS A 84 -4.79 6.17 -8.69
N LYS A 85 -5.64 5.28 -8.15
CA LYS A 85 -5.34 3.87 -7.96
C LYS A 85 -5.63 3.11 -9.27
N CYS A 86 -5.12 1.89 -9.35
CA CYS A 86 -5.32 0.97 -10.47
C CYS A 86 -6.03 -0.27 -9.97
N GLU A 87 -5.40 -0.95 -9.01
CA GLU A 87 -5.88 -2.19 -8.40
C GLU A 87 -5.76 -2.09 -6.88
N THR A 88 -6.24 -3.11 -6.15
CA THR A 88 -6.22 -3.13 -4.69
C THR A 88 -6.31 -4.55 -4.15
N ILE A 89 -5.92 -4.80 -2.90
CA ILE A 89 -6.00 -6.09 -2.21
C ILE A 89 -6.48 -5.78 -0.80
N ILE A 90 -7.60 -6.36 -0.36
CA ILE A 90 -8.21 -6.11 0.93
C ILE A 90 -8.00 -7.32 1.85
N GLY A 91 -7.70 -7.09 3.13
CA GLY A 91 -7.54 -8.14 4.11
C GLY A 91 -6.15 -8.79 4.10
N ALA A 92 -5.74 -9.35 5.24
CA ALA A 92 -4.43 -9.97 5.38
C ALA A 92 -4.38 -11.33 4.68
N VAL A 93 -4.33 -11.33 3.35
CA VAL A 93 -4.25 -12.56 2.58
C VAL A 93 -2.78 -13.04 2.62
N PRO A 94 -2.52 -14.37 2.59
CA PRO A 94 -1.16 -14.91 2.66
C PRO A 94 -0.21 -14.34 1.59
N LYS A 95 1.10 -14.40 1.86
CA LYS A 95 2.13 -13.88 0.99
C LYS A 95 1.97 -14.41 -0.44
N ALA A 96 1.74 -15.71 -0.58
CA ALA A 96 1.55 -16.35 -1.87
C ALA A 96 0.47 -15.62 -2.67
N THR A 97 -0.66 -15.33 -2.04
CA THR A 97 -1.75 -14.60 -2.66
C THR A 97 -1.28 -13.20 -3.01
N ILE A 98 -0.64 -12.48 -2.07
CA ILE A 98 -0.14 -11.14 -2.32
C ILE A 98 0.74 -11.15 -3.58
N VAL A 99 1.79 -11.98 -3.59
CA VAL A 99 2.71 -12.13 -4.72
C VAL A 99 1.93 -12.33 -6.01
N GLN A 100 1.14 -13.40 -6.11
CA GLN A 100 0.37 -13.70 -7.31
C GLN A 100 -0.46 -12.50 -7.75
N THR A 101 -1.17 -11.87 -6.81
CA THR A 101 -2.02 -10.73 -7.09
C THR A 101 -1.19 -9.55 -7.61
N VAL A 102 -0.04 -9.24 -6.99
CA VAL A 102 0.80 -8.15 -7.46
C VAL A 102 1.27 -8.48 -8.89
N GLU A 103 1.75 -9.69 -9.12
CA GLU A 103 2.19 -10.11 -10.44
C GLU A 103 1.08 -9.91 -11.46
N LYS A 104 -0.10 -10.46 -11.18
CA LYS A 104 -1.30 -10.32 -12.00
C LYS A 104 -1.52 -8.84 -12.36
N TYR A 105 -1.47 -7.96 -11.36
CA TYR A 105 -1.69 -6.54 -11.56
C TYR A 105 -0.52 -5.83 -12.25
N LEU A 106 0.70 -6.32 -12.04
CA LEU A 106 1.93 -5.65 -12.43
C LEU A 106 3.03 -6.69 -12.63
N ASN A 107 3.30 -6.97 -13.89
CA ASN A 107 4.32 -7.83 -14.45
C ASN A 107 4.53 -7.30 -15.86
N MET A 1 10.68 -1.13 -4.67
CA MET A 1 11.49 -0.21 -3.86
C MET A 1 11.10 -0.39 -2.39
N GLU A 2 12.09 -0.33 -1.49
CA GLU A 2 11.88 -0.54 -0.06
C GLU A 2 10.78 0.36 0.52
N ALA A 3 10.22 -0.11 1.63
CA ALA A 3 9.08 0.48 2.30
C ALA A 3 9.32 1.88 2.86
N GLY A 4 8.43 2.82 2.53
CA GLY A 4 8.37 4.14 3.13
C GLY A 4 7.20 4.17 4.11
N ALA A 5 6.87 5.34 4.64
CA ALA A 5 5.74 5.57 5.54
C ALA A 5 5.06 6.85 5.06
N VAL A 6 3.73 6.90 5.09
CA VAL A 6 2.97 8.05 4.63
C VAL A 6 1.79 8.34 5.55
N ASN A 7 1.15 9.45 5.24
CA ASN A 7 -0.05 9.98 5.85
C ASN A 7 -0.71 10.80 4.74
N ASP A 8 -1.93 11.24 4.96
CA ASP A 8 -2.68 12.07 4.01
C ASP A 8 -1.81 13.11 3.31
N ASP A 9 -1.10 13.90 4.10
CA ASP A 9 -0.25 14.98 3.62
C ASP A 9 0.86 14.46 2.68
N THR A 10 1.64 13.47 3.13
CA THR A 10 2.80 12.96 2.40
C THR A 10 2.38 12.11 1.19
N PHE A 11 1.29 11.36 1.33
CA PHE A 11 0.67 10.48 0.34
C PHE A 11 0.72 11.12 -1.04
N LYS A 12 0.31 12.38 -1.09
CA LYS A 12 0.34 13.20 -2.28
C LYS A 12 1.65 13.02 -3.07
N ASN A 13 2.74 13.53 -2.51
CA ASN A 13 4.07 13.52 -3.11
C ASN A 13 4.57 12.11 -3.29
N VAL A 14 4.45 11.33 -2.24
CA VAL A 14 5.11 10.03 -2.15
C VAL A 14 4.43 8.99 -3.05
N VAL A 15 3.10 9.03 -3.14
CA VAL A 15 2.31 8.04 -3.86
C VAL A 15 1.82 8.61 -5.18
N LEU A 16 0.96 9.63 -5.14
CA LEU A 16 0.32 10.12 -6.36
C LEU A 16 1.39 10.67 -7.32
N GLU A 17 2.16 11.67 -6.89
CA GLU A 17 3.18 12.26 -7.75
C GLU A 17 4.45 11.40 -7.79
N SER A 18 4.31 10.08 -7.88
CA SER A 18 5.44 9.16 -8.00
C SER A 18 5.74 8.92 -9.49
N SER A 19 6.89 8.30 -9.75
CA SER A 19 7.35 7.92 -11.07
C SER A 19 6.98 6.45 -11.29
N VAL A 20 7.69 5.57 -10.59
CA VAL A 20 7.46 4.13 -10.63
C VAL A 20 6.25 3.81 -9.74
N PRO A 21 5.56 2.67 -9.95
CA PRO A 21 4.43 2.29 -9.13
C PRO A 21 4.69 2.32 -7.63
N VAL A 22 3.60 2.39 -6.88
CA VAL A 22 3.61 2.50 -5.42
C VAL A 22 2.48 1.66 -4.82
N LEU A 23 2.81 0.79 -3.86
CA LEU A 23 1.87 -0.05 -3.12
C LEU A 23 1.68 0.57 -1.74
N VAL A 24 0.55 1.22 -1.50
CA VAL A 24 0.23 1.82 -0.22
C VAL A 24 -0.59 0.83 0.59
N ASP A 25 -0.17 0.51 1.82
CA ASP A 25 -0.93 -0.32 2.73
C ASP A 25 -1.62 0.62 3.72
N PHE A 26 -2.95 0.68 3.73
CA PHE A 26 -3.67 1.47 4.71
C PHE A 26 -3.66 0.61 5.97
N TRP A 27 -2.93 1.05 6.99
CA TRP A 27 -2.78 0.29 8.22
C TRP A 27 -3.12 1.14 9.42
N ALA A 28 -2.90 0.59 10.61
CA ALA A 28 -2.98 1.26 11.90
C ALA A 28 -2.37 0.31 12.91
N PRO A 29 -1.58 0.77 13.88
CA PRO A 29 -0.96 -0.09 14.89
C PRO A 29 -1.78 -1.25 15.43
N TRP A 30 -2.99 -1.00 15.95
CA TRP A 30 -3.85 -2.05 16.51
C TRP A 30 -4.16 -3.17 15.50
N CYS A 31 -4.03 -2.88 14.20
CA CYS A 31 -4.39 -3.80 13.14
C CYS A 31 -3.42 -4.98 13.04
N GLY A 32 -3.67 -6.02 13.83
CA GLY A 32 -2.90 -7.27 13.82
C GLY A 32 -2.54 -7.76 12.41
N PRO A 33 -3.52 -7.95 11.52
CA PRO A 33 -3.25 -8.44 10.17
C PRO A 33 -2.29 -7.50 9.43
N CYS A 34 -2.39 -6.18 9.68
CA CYS A 34 -1.50 -5.20 9.10
C CYS A 34 -0.10 -5.43 9.68
N ARG A 35 0.02 -5.54 11.00
CA ARG A 35 1.30 -5.74 11.66
C ARG A 35 2.01 -6.98 11.10
N ILE A 36 1.30 -8.10 10.96
CA ILE A 36 1.93 -9.33 10.48
C ILE A 36 2.17 -9.30 8.97
N ILE A 37 1.35 -8.62 8.16
CA ILE A 37 1.56 -8.60 6.71
C ILE A 37 2.56 -7.52 6.29
N ALA A 38 2.59 -6.35 6.94
CA ALA A 38 3.51 -5.26 6.63
C ALA A 38 4.94 -5.72 6.28
N PRO A 39 5.61 -6.59 7.04
CA PRO A 39 6.96 -7.05 6.72
C PRO A 39 6.99 -7.75 5.36
N VAL A 40 5.90 -8.45 5.04
CA VAL A 40 5.73 -9.16 3.79
C VAL A 40 5.57 -8.13 2.66
N VAL A 41 4.71 -7.14 2.87
CA VAL A 41 4.52 -6.04 1.91
C VAL A 41 5.89 -5.42 1.62
N ASP A 42 6.61 -5.08 2.70
CA ASP A 42 7.93 -4.46 2.67
C ASP A 42 8.92 -5.33 1.90
N GLU A 43 9.07 -6.61 2.29
CA GLU A 43 10.07 -7.46 1.67
C GLU A 43 9.79 -7.58 0.18
N ILE A 44 8.55 -7.90 -0.22
CA ILE A 44 8.18 -8.06 -1.63
C ILE A 44 8.64 -6.82 -2.39
N ALA A 45 8.25 -5.64 -1.91
CA ALA A 45 8.63 -4.38 -2.54
C ALA A 45 10.15 -4.17 -2.51
N GLY A 46 10.83 -4.66 -1.47
CA GLY A 46 12.27 -4.58 -1.35
C GLY A 46 12.92 -5.41 -2.46
N GLU A 47 12.36 -6.59 -2.74
CA GLU A 47 12.84 -7.44 -3.82
C GLU A 47 12.57 -6.75 -5.15
N TYR A 48 11.33 -6.31 -5.35
CA TYR A 48 10.86 -5.69 -6.59
C TYR A 48 11.21 -4.19 -6.59
N LYS A 49 12.52 -3.95 -6.50
CA LYS A 49 13.16 -2.64 -6.41
C LYS A 49 12.59 -1.66 -7.42
N ASP A 50 12.85 -1.91 -8.70
CA ASP A 50 12.48 -1.06 -9.81
C ASP A 50 11.02 -0.62 -9.82
N LYS A 51 10.14 -1.62 -9.84
CA LYS A 51 8.74 -1.38 -10.15
C LYS A 51 7.89 -0.81 -9.03
N LEU A 52 7.86 -1.45 -7.86
CA LEU A 52 6.80 -1.15 -6.91
C LEU A 52 7.32 -0.68 -5.54
N LYS A 53 6.99 0.56 -5.17
CA LYS A 53 7.43 1.20 -3.93
C LYS A 53 6.42 0.94 -2.81
N CYS A 54 6.81 0.23 -1.75
CA CYS A 54 5.89 -0.05 -0.65
C CYS A 54 5.78 1.19 0.25
N VAL A 55 4.57 1.45 0.75
CA VAL A 55 4.32 2.52 1.69
C VAL A 55 3.21 2.09 2.63
N LYS A 56 3.09 2.80 3.74
CA LYS A 56 2.15 2.49 4.80
C LYS A 56 1.49 3.77 5.29
N LEU A 57 0.16 3.88 5.10
CA LEU A 57 -0.63 5.04 5.51
C LEU A 57 -1.30 4.75 6.84
N ASN A 58 -0.98 5.53 7.87
CA ASN A 58 -1.68 5.38 9.14
C ASN A 58 -3.10 5.92 8.95
N THR A 59 -4.06 5.00 8.89
CA THR A 59 -5.46 5.25 8.60
C THR A 59 -6.08 6.21 9.59
N ASP A 60 -5.77 6.01 10.87
CA ASP A 60 -6.30 6.79 11.98
C ASP A 60 -5.84 8.25 11.87
N GLU A 61 -4.59 8.43 11.40
CA GLU A 61 -3.95 9.71 11.17
C GLU A 61 -4.33 10.29 9.80
N SER A 62 -4.71 9.42 8.86
CA SER A 62 -5.03 9.74 7.46
C SER A 62 -6.44 9.28 7.05
N PRO A 63 -7.48 9.61 7.83
CA PRO A 63 -8.86 9.25 7.57
C PRO A 63 -9.36 10.00 6.34
N ASN A 64 -8.75 11.15 6.06
CA ASN A 64 -9.08 11.98 4.90
C ASN A 64 -9.07 11.12 3.64
N VAL A 65 -7.94 10.44 3.42
CA VAL A 65 -7.76 9.58 2.25
C VAL A 65 -8.79 8.47 2.26
N ALA A 66 -8.81 7.70 3.35
CA ALA A 66 -9.70 6.55 3.50
C ALA A 66 -11.16 6.91 3.24
N SER A 67 -11.63 8.04 3.79
CA SER A 67 -13.00 8.50 3.63
C SER A 67 -13.25 8.86 2.17
N GLU A 68 -12.36 9.65 1.57
CA GLU A 68 -12.45 10.02 0.17
C GLU A 68 -12.51 8.77 -0.72
N TYR A 69 -11.74 7.73 -0.35
CA TYR A 69 -11.72 6.48 -1.08
C TYR A 69 -12.94 5.61 -0.73
N GLY A 70 -13.55 5.84 0.43
CA GLY A 70 -14.74 5.13 0.88
C GLY A 70 -14.41 3.77 1.46
N ILE A 71 -13.32 3.69 2.23
CA ILE A 71 -12.89 2.48 2.90
C ILE A 71 -12.76 2.76 4.40
N ARG A 72 -12.58 1.69 5.19
CA ARG A 72 -12.46 1.76 6.64
C ARG A 72 -11.64 0.57 7.13
N SER A 73 -12.12 -0.64 6.85
CA SER A 73 -11.45 -1.86 7.25
C SER A 73 -10.03 -1.88 6.68
N ILE A 74 -9.11 -2.49 7.41
CA ILE A 74 -7.71 -2.57 7.05
C ILE A 74 -7.19 -3.95 7.49
N PRO A 75 -6.12 -4.49 6.88
CA PRO A 75 -5.33 -3.89 5.82
C PRO A 75 -6.09 -3.81 4.50
N THR A 76 -5.84 -2.70 3.81
CA THR A 76 -6.38 -2.38 2.52
C THR A 76 -5.21 -1.80 1.73
N ILE A 77 -4.65 -2.63 0.85
CA ILE A 77 -3.53 -2.28 -0.01
C ILE A 77 -4.14 -1.60 -1.24
N MET A 78 -3.57 -0.48 -1.67
CA MET A 78 -3.95 0.23 -2.89
C MET A 78 -2.69 0.44 -3.70
N VAL A 79 -2.69 -0.03 -4.94
CA VAL A 79 -1.57 0.14 -5.84
C VAL A 79 -1.83 1.35 -6.71
N PHE A 80 -0.77 2.11 -6.97
CA PHE A 80 -0.77 3.26 -7.85
C PHE A 80 0.35 3.08 -8.87
N LYS A 81 0.20 3.77 -9.99
CA LYS A 81 1.10 3.66 -11.14
C LYS A 81 1.25 5.01 -11.84
N GLY A 82 1.39 6.08 -11.06
CA GLY A 82 1.53 7.42 -11.58
C GLY A 82 0.19 8.16 -11.47
N GLY A 83 0.03 8.95 -10.40
CA GLY A 83 -1.18 9.74 -10.17
C GLY A 83 -2.36 8.86 -9.78
N LYS A 84 -2.91 8.13 -10.74
CA LYS A 84 -4.09 7.31 -10.54
C LYS A 84 -3.75 5.98 -9.85
N LYS A 85 -4.80 5.38 -9.28
CA LYS A 85 -4.76 4.09 -8.63
C LYS A 85 -4.95 3.02 -9.72
N CYS A 86 -4.26 1.89 -9.57
CA CYS A 86 -4.38 0.74 -10.45
C CYS A 86 -5.50 -0.15 -9.95
N GLU A 87 -5.26 -0.81 -8.80
CA GLU A 87 -6.19 -1.72 -8.15
C GLU A 87 -5.94 -1.70 -6.63
N THR A 88 -6.64 -2.55 -5.88
CA THR A 88 -6.57 -2.64 -4.43
C THR A 88 -6.69 -4.11 -3.99
N ILE A 89 -6.29 -4.44 -2.75
CA ILE A 89 -6.40 -5.76 -2.16
C ILE A 89 -6.84 -5.50 -0.71
N ILE A 90 -7.73 -6.31 -0.15
CA ILE A 90 -8.22 -6.16 1.22
C ILE A 90 -7.91 -7.44 1.98
N GLY A 91 -7.46 -7.32 3.23
CA GLY A 91 -7.15 -8.45 4.08
C GLY A 91 -5.71 -8.93 3.90
N ALA A 92 -5.17 -9.56 4.95
CA ALA A 92 -3.82 -10.08 4.96
C ALA A 92 -3.78 -11.39 4.17
N VAL A 93 -3.78 -11.31 2.84
CA VAL A 93 -3.73 -12.50 1.99
C VAL A 93 -2.28 -13.01 1.96
N PRO A 94 -2.04 -14.32 1.76
CA PRO A 94 -0.69 -14.88 1.76
C PRO A 94 0.27 -14.19 0.79
N LYS A 95 1.56 -14.25 1.12
CA LYS A 95 2.67 -13.69 0.35
C LYS A 95 2.54 -14.06 -1.13
N ALA A 96 2.32 -15.34 -1.41
CA ALA A 96 2.15 -15.84 -2.76
C ALA A 96 1.02 -15.10 -3.46
N THR A 97 -0.12 -14.95 -2.76
CA THR A 97 -1.27 -14.23 -3.28
C THR A 97 -0.91 -12.78 -3.53
N ILE A 98 -0.23 -12.12 -2.58
CA ILE A 98 0.19 -10.72 -2.74
C ILE A 98 1.01 -10.61 -4.03
N VAL A 99 2.07 -11.41 -4.16
CA VAL A 99 2.93 -11.42 -5.34
C VAL A 99 2.07 -11.59 -6.60
N GLN A 100 1.33 -12.70 -6.67
CA GLN A 100 0.50 -13.03 -7.82
C GLN A 100 -0.36 -11.84 -8.22
N THR A 101 -1.08 -11.30 -7.24
CA THR A 101 -1.99 -10.17 -7.43
C THR A 101 -1.22 -8.93 -7.91
N VAL A 102 -0.08 -8.60 -7.30
CA VAL A 102 0.73 -7.46 -7.73
C VAL A 102 1.05 -7.58 -9.21
N GLU A 103 1.65 -8.72 -9.58
CA GLU A 103 2.11 -8.95 -10.92
C GLU A 103 0.94 -8.96 -11.90
N LYS A 104 -0.16 -9.61 -11.53
CA LYS A 104 -1.40 -9.59 -12.30
C LYS A 104 -1.79 -8.14 -12.59
N TYR A 105 -1.89 -7.32 -11.55
CA TYR A 105 -2.35 -5.95 -11.70
C TYR A 105 -1.36 -5.12 -12.53
N LEU A 106 -0.06 -5.27 -12.29
CA LEU A 106 0.99 -4.54 -12.99
C LEU A 106 1.91 -5.51 -13.72
N ASN A 107 3.02 -5.88 -13.10
CA ASN A 107 4.06 -6.77 -13.57
C ASN A 107 4.94 -6.97 -12.34
N MET A 1 9.93 0.39 6.07
CA MET A 1 11.39 0.25 5.96
C MET A 1 11.65 -0.48 4.64
N GLU A 2 12.47 0.06 3.74
CA GLU A 2 12.56 -0.40 2.35
C GLU A 2 11.26 0.10 1.70
N ALA A 3 10.14 -0.48 2.13
CA ALA A 3 8.82 0.00 1.81
C ALA A 3 8.62 1.35 2.49
N GLY A 4 7.97 2.28 1.79
CA GLY A 4 7.66 3.61 2.27
C GLY A 4 6.74 3.62 3.49
N ALA A 5 6.81 4.72 4.24
CA ALA A 5 5.90 5.02 5.34
C ALA A 5 5.32 6.37 4.94
N VAL A 6 4.02 6.40 4.69
CA VAL A 6 3.33 7.60 4.24
C VAL A 6 2.19 7.93 5.20
N ASN A 7 1.72 9.17 5.05
CA ASN A 7 0.65 9.78 5.80
C ASN A 7 -0.11 10.66 4.83
N ASP A 8 -1.22 11.23 5.28
CA ASP A 8 -2.11 12.06 4.49
C ASP A 8 -1.37 13.00 3.53
N ASP A 9 -0.43 13.78 4.06
CA ASP A 9 0.36 14.75 3.32
C ASP A 9 1.34 14.05 2.37
N THR A 10 2.24 13.24 2.92
CA THR A 10 3.32 12.60 2.18
C THR A 10 2.76 11.71 1.06
N PHE A 11 1.61 11.07 1.27
CA PHE A 11 0.89 10.25 0.30
C PHE A 11 0.82 10.96 -1.05
N LYS A 12 0.43 12.23 -1.00
CA LYS A 12 0.33 13.02 -2.22
C LYS A 12 1.66 13.00 -2.99
N ASN A 13 2.75 13.36 -2.32
CA ASN A 13 4.09 13.38 -2.92
C ASN A 13 4.52 12.00 -3.41
N VAL A 14 4.46 11.03 -2.51
CA VAL A 14 5.01 9.69 -2.68
C VAL A 14 4.17 8.81 -3.62
N VAL A 15 2.85 8.90 -3.53
CA VAL A 15 1.92 8.06 -4.28
C VAL A 15 1.40 8.78 -5.52
N LEU A 16 0.62 9.85 -5.33
CA LEU A 16 0.00 10.56 -6.44
C LEU A 16 1.05 11.11 -7.40
N GLU A 17 1.93 11.97 -6.89
CA GLU A 17 2.96 12.62 -7.68
C GLU A 17 4.15 11.68 -7.94
N SER A 18 3.88 10.39 -8.22
CA SER A 18 4.89 9.40 -8.54
C SER A 18 5.13 9.38 -10.06
N SER A 19 5.87 8.37 -10.51
CA SER A 19 6.21 8.08 -11.89
C SER A 19 5.92 6.59 -12.11
N VAL A 20 6.70 5.76 -11.42
CA VAL A 20 6.53 4.31 -11.45
C VAL A 20 5.35 3.95 -10.53
N PRO A 21 4.73 2.78 -10.76
CA PRO A 21 3.63 2.32 -9.92
C PRO A 21 4.00 2.26 -8.46
N VAL A 22 2.96 2.24 -7.62
CA VAL A 22 3.05 2.30 -6.17
C VAL A 22 2.03 1.34 -5.56
N LEU A 23 2.44 0.64 -4.50
CA LEU A 23 1.57 -0.24 -3.72
C LEU A 23 1.47 0.39 -2.35
N VAL A 24 0.27 0.80 -1.92
CA VAL A 24 0.06 1.46 -0.64
C VAL A 24 -0.73 0.53 0.28
N ASP A 25 -0.12 0.09 1.39
CA ASP A 25 -0.83 -0.74 2.36
C ASP A 25 -1.48 0.18 3.38
N PHE A 26 -2.80 0.27 3.42
CA PHE A 26 -3.48 1.10 4.41
C PHE A 26 -3.46 0.29 5.70
N TRP A 27 -2.71 0.76 6.70
CA TRP A 27 -2.54 0.07 7.97
C TRP A 27 -2.90 0.99 9.13
N ALA A 28 -2.66 0.52 10.36
CA ALA A 28 -2.79 1.29 11.57
C ALA A 28 -2.18 0.47 12.71
N PRO A 29 -1.66 1.07 13.77
CA PRO A 29 -1.10 0.33 14.89
C PRO A 29 -2.07 -0.68 15.51
N TRP A 30 -3.38 -0.41 15.50
CA TRP A 30 -4.36 -1.36 16.02
C TRP A 30 -4.65 -2.48 15.01
N CYS A 31 -4.13 -2.41 13.79
CA CYS A 31 -4.40 -3.42 12.77
C CYS A 31 -3.50 -4.65 12.95
N GLY A 32 -3.97 -5.61 13.76
CA GLY A 32 -3.28 -6.88 14.02
C GLY A 32 -2.58 -7.48 12.79
N PRO A 33 -3.32 -7.85 11.74
CA PRO A 33 -2.73 -8.37 10.51
C PRO A 33 -1.60 -7.50 9.98
N CYS A 34 -1.83 -6.19 9.94
CA CYS A 34 -0.88 -5.23 9.40
C CYS A 34 0.46 -5.39 10.11
N ARG A 35 0.46 -5.52 11.44
CA ARG A 35 1.68 -5.67 12.21
C ARG A 35 2.53 -6.83 11.71
N ILE A 36 1.92 -8.01 11.55
CA ILE A 36 2.64 -9.21 11.15
C ILE A 36 2.86 -9.27 9.63
N ILE A 37 2.09 -8.52 8.84
CA ILE A 37 2.26 -8.40 7.39
C ILE A 37 3.44 -7.43 7.10
N ALA A 38 3.55 -6.35 7.87
CA ALA A 38 4.53 -5.27 7.73
C ALA A 38 5.95 -5.71 7.35
N PRO A 39 6.59 -6.69 8.01
CA PRO A 39 7.93 -7.12 7.66
C PRO A 39 7.98 -7.64 6.22
N VAL A 40 6.90 -8.31 5.83
CA VAL A 40 6.77 -8.85 4.50
C VAL A 40 6.58 -7.68 3.55
N VAL A 41 5.76 -6.68 3.91
CA VAL A 41 5.59 -5.48 3.08
C VAL A 41 6.97 -4.83 2.86
N ASP A 42 7.77 -4.73 3.94
CA ASP A 42 9.11 -4.16 3.89
C ASP A 42 9.96 -4.92 2.87
N GLU A 43 10.22 -6.22 3.08
CA GLU A 43 11.09 -6.98 2.18
C GLU A 43 10.56 -6.98 0.74
N ILE A 44 9.24 -7.05 0.58
CA ILE A 44 8.58 -7.04 -0.73
C ILE A 44 9.06 -5.83 -1.53
N ALA A 45 9.29 -4.68 -0.88
CA ALA A 45 9.78 -3.49 -1.56
C ALA A 45 11.10 -3.78 -2.28
N GLY A 46 11.98 -4.55 -1.66
CA GLY A 46 13.24 -4.94 -2.26
C GLY A 46 12.96 -5.89 -3.42
N GLU A 47 12.16 -6.92 -3.17
CA GLU A 47 11.82 -7.94 -4.15
C GLU A 47 11.27 -7.34 -5.45
N TYR A 48 10.37 -6.36 -5.35
CA TYR A 48 9.71 -5.73 -6.50
C TYR A 48 10.05 -4.24 -6.64
N LYS A 49 11.32 -3.92 -6.34
CA LYS A 49 11.86 -2.58 -6.42
C LYS A 49 11.69 -2.01 -7.84
N ASP A 50 11.80 -0.68 -7.94
CA ASP A 50 11.73 0.12 -9.15
C ASP A 50 10.29 0.20 -9.66
N LYS A 51 9.73 -0.94 -10.01
CA LYS A 51 8.44 -0.97 -10.70
C LYS A 51 7.29 -0.73 -9.74
N LEU A 52 7.44 -1.18 -8.50
CA LEU A 52 6.39 -1.11 -7.50
C LEU A 52 6.92 -0.40 -6.27
N LYS A 53 6.56 0.87 -6.07
CA LYS A 53 7.00 1.60 -4.91
C LYS A 53 6.09 1.14 -3.77
N CYS A 54 6.54 0.14 -3.01
CA CYS A 54 5.77 -0.45 -1.94
C CYS A 54 5.81 0.45 -0.71
N VAL A 55 4.67 0.75 -0.08
CA VAL A 55 4.62 1.61 1.09
C VAL A 55 3.47 1.24 2.03
N LYS A 56 3.38 1.92 3.17
CA LYS A 56 2.36 1.77 4.20
C LYS A 56 1.80 3.14 4.60
N LEU A 57 0.47 3.32 4.50
CA LEU A 57 -0.26 4.55 4.86
C LEU A 57 -0.99 4.36 6.17
N ASN A 58 -0.66 5.18 7.18
CA ASN A 58 -1.35 5.11 8.47
C ASN A 58 -2.74 5.72 8.33
N THR A 59 -3.75 4.86 8.35
CA THR A 59 -5.15 5.18 8.12
C THR A 59 -5.71 6.06 9.25
N ASP A 60 -5.23 5.84 10.47
CA ASP A 60 -5.66 6.53 11.68
C ASP A 60 -5.21 8.00 11.63
N GLU A 61 -4.00 8.19 11.11
CA GLU A 61 -3.33 9.47 10.92
C GLU A 61 -3.78 10.15 9.63
N SER A 62 -4.19 9.35 8.65
CA SER A 62 -4.62 9.77 7.32
C SER A 62 -6.08 9.37 7.02
N PRO A 63 -7.02 9.71 7.91
CA PRO A 63 -8.42 9.40 7.81
C PRO A 63 -9.03 10.16 6.63
N ASN A 64 -8.46 11.33 6.31
CA ASN A 64 -8.94 12.15 5.20
C ASN A 64 -8.83 11.33 3.92
N VAL A 65 -7.59 10.97 3.58
CA VAL A 65 -7.30 10.15 2.42
C VAL A 65 -8.08 8.85 2.50
N ALA A 66 -8.07 8.21 3.67
CA ALA A 66 -8.82 6.98 3.90
C ALA A 66 -10.29 7.14 3.47
N SER A 67 -10.92 8.24 3.88
CA SER A 67 -12.32 8.52 3.55
C SER A 67 -12.46 8.75 2.05
N GLU A 68 -11.57 9.56 1.46
CA GLU A 68 -11.58 9.86 0.03
C GLU A 68 -11.56 8.56 -0.79
N TYR A 69 -10.68 7.62 -0.43
CA TYR A 69 -10.57 6.36 -1.14
C TYR A 69 -11.67 5.37 -0.75
N GLY A 70 -12.14 5.42 0.49
CA GLY A 70 -13.23 4.58 0.98
C GLY A 70 -12.69 3.37 1.72
N ILE A 71 -11.68 3.58 2.55
CA ILE A 71 -11.05 2.53 3.34
C ILE A 71 -12.02 2.16 4.47
N ARG A 72 -12.90 1.21 4.20
CA ARG A 72 -13.92 0.79 5.15
C ARG A 72 -13.31 -0.12 6.22
N SER A 73 -12.19 -0.76 5.92
CA SER A 73 -11.47 -1.63 6.84
C SER A 73 -10.03 -1.70 6.36
N ILE A 74 -9.17 -2.37 7.13
CA ILE A 74 -7.76 -2.59 6.84
C ILE A 74 -7.40 -3.96 7.41
N PRO A 75 -6.39 -4.69 6.91
CA PRO A 75 -5.48 -4.30 5.83
C PRO A 75 -6.16 -4.24 4.47
N THR A 76 -5.86 -3.14 3.78
CA THR A 76 -6.37 -2.85 2.45
C THR A 76 -5.21 -2.25 1.68
N ILE A 77 -4.65 -3.06 0.78
CA ILE A 77 -3.60 -2.67 -0.12
C ILE A 77 -4.28 -2.03 -1.32
N MET A 78 -3.75 -0.89 -1.76
CA MET A 78 -4.22 -0.21 -2.96
C MET A 78 -3.06 -0.15 -3.92
N VAL A 79 -3.39 -0.08 -5.22
CA VAL A 79 -2.43 -0.04 -6.30
C VAL A 79 -2.64 1.24 -7.08
N PHE A 80 -1.53 1.94 -7.37
CA PHE A 80 -1.52 3.15 -8.15
C PHE A 80 -0.49 3.00 -9.26
N LYS A 81 -0.79 3.53 -10.44
CA LYS A 81 0.09 3.51 -11.60
C LYS A 81 -0.20 4.78 -12.41
N GLY A 82 0.86 5.47 -12.83
CA GLY A 82 0.70 6.77 -13.45
C GLY A 82 0.03 7.72 -12.45
N GLY A 83 0.46 7.64 -11.18
CA GLY A 83 -0.06 8.43 -10.08
C GLY A 83 -1.41 7.97 -9.55
N LYS A 84 -2.34 7.70 -10.46
CA LYS A 84 -3.73 7.41 -10.15
C LYS A 84 -3.91 5.97 -9.70
N LYS A 85 -5.00 5.76 -8.96
CA LYS A 85 -5.37 4.53 -8.27
C LYS A 85 -6.18 3.57 -9.14
N CYS A 86 -6.15 2.28 -8.81
CA CYS A 86 -7.00 1.28 -9.46
C CYS A 86 -7.37 0.14 -8.51
N GLU A 87 -6.47 -0.82 -8.32
CA GLU A 87 -6.80 -2.04 -7.58
C GLU A 87 -6.91 -1.80 -6.09
N THR A 88 -7.72 -2.65 -5.45
CA THR A 88 -8.02 -2.72 -4.04
C THR A 88 -7.91 -4.19 -3.65
N ILE A 89 -6.89 -4.57 -2.87
CA ILE A 89 -6.62 -5.94 -2.48
C ILE A 89 -6.66 -5.98 -0.96
N ILE A 90 -7.49 -6.85 -0.37
CA ILE A 90 -7.58 -6.95 1.08
C ILE A 90 -6.39 -7.78 1.55
N GLY A 91 -5.86 -7.48 2.74
CA GLY A 91 -4.75 -8.24 3.31
C GLY A 91 -5.27 -9.58 3.85
N ALA A 92 -4.80 -10.02 5.03
CA ALA A 92 -5.11 -11.32 5.62
C ALA A 92 -4.39 -12.45 4.85
N VAL A 93 -4.45 -12.42 3.52
CA VAL A 93 -3.77 -13.38 2.66
C VAL A 93 -2.29 -12.98 2.58
N PRO A 94 -1.35 -13.92 2.43
CA PRO A 94 0.06 -13.58 2.39
C PRO A 94 0.39 -12.66 1.20
N LYS A 95 1.45 -11.86 1.34
CA LYS A 95 1.93 -10.97 0.30
C LYS A 95 2.10 -11.69 -1.03
N ALA A 96 2.55 -12.94 -1.01
CA ALA A 96 2.67 -13.76 -2.22
C ALA A 96 1.39 -13.70 -3.06
N THR A 97 0.23 -13.75 -2.40
CA THR A 97 -1.07 -13.66 -3.05
C THR A 97 -1.19 -12.30 -3.73
N ILE A 98 -0.83 -11.25 -3.00
CA ILE A 98 -0.88 -9.86 -3.44
C ILE A 98 0.08 -9.65 -4.62
N VAL A 99 1.28 -10.25 -4.58
CA VAL A 99 2.26 -10.21 -5.64
C VAL A 99 1.63 -10.76 -6.92
N GLN A 100 1.16 -12.00 -6.86
CA GLN A 100 0.51 -12.64 -8.01
C GLN A 100 -0.61 -11.75 -8.53
N THR A 101 -1.45 -11.24 -7.63
CA THR A 101 -2.57 -10.39 -8.01
C THR A 101 -2.10 -9.13 -8.73
N VAL A 102 -1.15 -8.37 -8.16
CA VAL A 102 -0.71 -7.12 -8.73
C VAL A 102 0.00 -7.36 -10.07
N GLU A 103 0.87 -8.37 -10.10
CA GLU A 103 1.61 -8.75 -11.29
C GLU A 103 0.70 -8.92 -12.50
N LYS A 104 -0.49 -9.51 -12.29
CA LYS A 104 -1.43 -9.73 -13.40
C LYS A 104 -1.83 -8.40 -14.06
N TYR A 105 -1.82 -7.30 -13.31
CA TYR A 105 -2.16 -5.97 -13.82
C TYR A 105 -0.90 -5.26 -14.31
N LEU A 106 0.19 -5.35 -13.53
CA LEU A 106 1.46 -4.74 -13.86
C LEU A 106 2.35 -5.80 -14.53
N ASN A 107 3.37 -6.30 -13.84
CA ASN A 107 4.31 -7.31 -14.25
C ASN A 107 5.06 -7.69 -12.97
N MET A 1 10.24 0.48 6.20
CA MET A 1 11.52 1.14 5.95
C MET A 1 11.97 0.93 4.50
N GLU A 2 12.01 -0.32 4.03
CA GLU A 2 12.22 -0.61 2.62
C GLU A 2 10.95 -0.10 1.92
N ALA A 3 9.81 -0.55 2.44
CA ALA A 3 8.51 0.00 2.12
C ALA A 3 8.44 1.34 2.85
N GLY A 4 8.03 2.42 2.19
CA GLY A 4 7.96 3.71 2.87
C GLY A 4 6.75 3.77 3.80
N ALA A 5 6.59 4.91 4.48
CA ALA A 5 5.44 5.23 5.32
C ALA A 5 4.84 6.49 4.71
N VAL A 6 3.51 6.59 4.59
CA VAL A 6 2.88 7.76 4.01
C VAL A 6 1.76 8.28 4.89
N ASN A 7 1.36 9.52 4.60
CA ASN A 7 0.23 10.18 5.21
C ASN A 7 -0.39 11.08 4.14
N ASP A 8 -1.57 11.63 4.44
CA ASP A 8 -2.39 12.45 3.53
C ASP A 8 -1.54 13.40 2.68
N ASP A 9 -0.58 14.07 3.30
CA ASP A 9 0.34 14.97 2.64
C ASP A 9 1.25 14.22 1.67
N THR A 10 2.23 13.48 2.20
CA THR A 10 3.25 12.78 1.44
C THR A 10 2.63 11.94 0.31
N PHE A 11 1.48 11.33 0.60
CA PHE A 11 0.68 10.48 -0.30
C PHE A 11 0.67 11.07 -1.71
N LYS A 12 0.42 12.36 -1.77
CA LYS A 12 0.42 13.15 -2.99
C LYS A 12 1.68 12.88 -3.84
N ASN A 13 2.83 13.26 -3.28
CA ASN A 13 4.12 13.22 -3.95
C ASN A 13 4.61 11.79 -4.16
N VAL A 14 4.36 10.95 -3.17
CA VAL A 14 4.86 9.57 -3.10
C VAL A 14 4.02 8.58 -3.90
N VAL A 15 2.70 8.61 -3.75
CA VAL A 15 1.79 7.66 -4.35
C VAL A 15 1.21 8.20 -5.65
N LEU A 16 0.56 9.36 -5.60
CA LEU A 16 -0.14 9.88 -6.78
C LEU A 16 0.87 10.28 -7.86
N GLU A 17 1.80 11.18 -7.54
CA GLU A 17 2.78 11.68 -8.49
C GLU A 17 3.94 10.69 -8.67
N SER A 18 3.62 9.40 -8.83
CA SER A 18 4.60 8.34 -9.00
C SER A 18 4.89 8.11 -10.49
N SER A 19 5.99 7.38 -10.76
CA SER A 19 6.43 6.96 -12.08
C SER A 19 6.10 5.47 -12.21
N VAL A 20 6.84 4.68 -11.44
CA VAL A 20 6.67 3.23 -11.32
C VAL A 20 5.47 2.98 -10.39
N PRO A 21 4.90 1.76 -10.38
CA PRO A 21 3.80 1.43 -9.49
C PRO A 21 4.17 1.66 -8.03
N VAL A 22 3.15 1.63 -7.16
CA VAL A 22 3.26 1.88 -5.72
C VAL A 22 2.24 0.99 -4.99
N LEU A 23 2.69 0.11 -4.08
CA LEU A 23 1.81 -0.75 -3.30
C LEU A 23 1.60 -0.09 -1.94
N VAL A 24 0.45 0.54 -1.70
CA VAL A 24 0.16 1.25 -0.48
C VAL A 24 -0.67 0.37 0.45
N ASP A 25 -0.11 -0.12 1.56
CA ASP A 25 -0.87 -0.88 2.52
C ASP A 25 -1.51 0.09 3.52
N PHE A 26 -2.84 0.13 3.59
CA PHE A 26 -3.53 0.97 4.56
C PHE A 26 -3.46 0.18 5.86
N TRP A 27 -2.72 0.69 6.85
CA TRP A 27 -2.49 0.00 8.11
C TRP A 27 -2.85 0.91 9.29
N ALA A 28 -2.57 0.43 10.49
CA ALA A 28 -2.73 1.15 11.74
C ALA A 28 -2.09 0.27 12.83
N PRO A 29 -1.66 0.82 13.97
CA PRO A 29 -1.07 0.02 15.04
C PRO A 29 -2.09 -0.99 15.56
N TRP A 30 -3.36 -0.58 15.60
CA TRP A 30 -4.47 -1.42 16.01
C TRP A 30 -4.87 -2.40 14.90
N CYS A 31 -4.26 -2.35 13.71
CA CYS A 31 -4.65 -3.26 12.64
C CYS A 31 -4.40 -4.73 13.00
N GLY A 32 -3.13 -5.07 13.26
CA GLY A 32 -2.70 -6.44 13.58
C GLY A 32 -2.03 -7.08 12.36
N PRO A 33 -2.78 -7.71 11.43
CA PRO A 33 -2.21 -8.36 10.25
C PRO A 33 -1.16 -7.49 9.58
N CYS A 34 -1.49 -6.20 9.41
CA CYS A 34 -0.64 -5.19 8.82
C CYS A 34 0.79 -5.24 9.40
N ARG A 35 0.88 -5.35 10.74
CA ARG A 35 2.15 -5.35 11.45
C ARG A 35 2.94 -6.62 11.15
N ILE A 36 2.27 -7.79 11.14
CA ILE A 36 2.95 -9.03 10.83
C ILE A 36 3.18 -9.16 9.30
N ILE A 37 2.52 -8.33 8.48
CA ILE A 37 2.74 -8.22 7.04
C ILE A 37 3.98 -7.35 6.80
N ALA A 38 4.18 -6.29 7.59
CA ALA A 38 5.27 -5.33 7.51
C ALA A 38 6.64 -5.94 7.15
N PRO A 39 7.11 -7.03 7.76
CA PRO A 39 8.41 -7.59 7.44
C PRO A 39 8.45 -8.05 5.98
N VAL A 40 7.32 -8.65 5.57
CA VAL A 40 7.08 -9.22 4.26
C VAL A 40 6.86 -8.10 3.24
N VAL A 41 6.02 -7.09 3.52
CA VAL A 41 5.82 -5.95 2.63
C VAL A 41 7.14 -5.20 2.46
N ASP A 42 7.94 -5.09 3.53
CA ASP A 42 9.25 -4.45 3.47
C ASP A 42 10.22 -5.27 2.61
N GLU A 43 10.41 -6.58 2.90
CA GLU A 43 11.34 -7.34 2.09
C GLU A 43 10.88 -7.31 0.63
N ILE A 44 9.57 -7.46 0.41
CA ILE A 44 8.97 -7.38 -0.93
C ILE A 44 9.38 -6.06 -1.55
N ALA A 45 9.27 -4.95 -0.81
CA ALA A 45 9.73 -3.66 -1.28
C ALA A 45 11.16 -3.81 -1.77
N GLY A 46 12.03 -4.38 -0.94
CA GLY A 46 13.42 -4.65 -1.28
C GLY A 46 13.53 -5.33 -2.65
N GLU A 47 12.83 -6.45 -2.85
CA GLU A 47 12.87 -7.19 -4.10
C GLU A 47 12.36 -6.39 -5.29
N TYR A 48 11.15 -5.83 -5.18
CA TYR A 48 10.47 -5.16 -6.28
C TYR A 48 10.87 -3.70 -6.48
N LYS A 49 11.66 -3.10 -5.59
CA LYS A 49 12.02 -1.68 -5.55
C LYS A 49 12.23 -1.07 -6.93
N ASP A 50 13.16 -1.63 -7.69
CA ASP A 50 13.54 -1.19 -9.02
C ASP A 50 12.34 -1.04 -9.96
N LYS A 51 11.41 -1.99 -9.87
CA LYS A 51 10.25 -2.11 -10.74
C LYS A 51 9.03 -1.37 -10.22
N LEU A 52 8.82 -1.39 -8.90
CA LEU A 52 7.60 -0.95 -8.24
C LEU A 52 7.92 -0.61 -6.79
N LYS A 53 7.25 0.40 -6.23
CA LYS A 53 7.45 0.93 -4.89
C LYS A 53 6.49 0.24 -3.91
N CYS A 54 6.82 0.17 -2.62
CA CYS A 54 5.96 -0.38 -1.59
C CYS A 54 5.84 0.69 -0.51
N VAL A 55 4.69 0.78 0.17
CA VAL A 55 4.46 1.82 1.16
C VAL A 55 3.36 1.43 2.13
N LYS A 56 3.25 2.19 3.22
CA LYS A 56 2.31 1.95 4.30
C LYS A 56 1.62 3.26 4.74
N LEU A 57 0.30 3.36 4.51
CA LEU A 57 -0.50 4.53 4.89
C LEU A 57 -1.15 4.28 6.24
N ASN A 58 -0.80 5.09 7.25
CA ASN A 58 -1.41 4.97 8.57
C ASN A 58 -2.81 5.57 8.50
N THR A 59 -3.83 4.72 8.60
CA THR A 59 -5.23 5.06 8.42
C THR A 59 -5.75 6.01 9.51
N ASP A 60 -5.15 5.92 10.71
CA ASP A 60 -5.53 6.71 11.87
C ASP A 60 -4.99 8.14 11.73
N GLU A 61 -3.77 8.23 11.19
CA GLU A 61 -3.06 9.45 10.90
C GLU A 61 -3.54 10.08 9.58
N SER A 62 -4.07 9.24 8.68
CA SER A 62 -4.59 9.59 7.36
C SER A 62 -6.09 9.30 7.22
N PRO A 63 -6.90 9.79 8.16
CA PRO A 63 -8.34 9.62 8.21
C PRO A 63 -8.97 10.29 7.00
N ASN A 64 -8.35 11.36 6.51
CA ASN A 64 -8.85 12.10 5.36
C ASN A 64 -8.94 11.16 4.16
N VAL A 65 -7.79 10.66 3.71
CA VAL A 65 -7.73 9.73 2.59
C VAL A 65 -8.59 8.50 2.88
N ALA A 66 -8.47 7.97 4.10
CA ALA A 66 -9.27 6.83 4.54
C ALA A 66 -10.76 7.08 4.30
N SER A 67 -11.26 8.25 4.67
CA SER A 67 -12.66 8.62 4.50
C SER A 67 -13.00 8.78 3.02
N GLU A 68 -12.12 9.45 2.26
CA GLU A 68 -12.31 9.66 0.83
C GLU A 68 -12.53 8.32 0.12
N TYR A 69 -11.72 7.31 0.44
CA TYR A 69 -11.85 5.99 -0.16
C TYR A 69 -12.99 5.17 0.48
N GLY A 70 -13.22 5.35 1.78
CA GLY A 70 -14.27 4.65 2.52
C GLY A 70 -13.69 3.41 3.20
N ILE A 71 -12.59 3.61 3.91
CA ILE A 71 -11.88 2.55 4.60
C ILE A 71 -12.60 2.23 5.91
N ARG A 72 -13.50 1.24 5.85
CA ARG A 72 -14.25 0.75 6.99
C ARG A 72 -13.39 -0.18 7.85
N SER A 73 -12.40 -0.83 7.23
CA SER A 73 -11.60 -1.87 7.81
C SER A 73 -10.31 -1.99 7.01
N ILE A 74 -9.28 -2.59 7.61
CA ILE A 74 -7.94 -2.74 7.05
C ILE A 74 -7.41 -4.11 7.48
N PRO A 75 -6.39 -4.70 6.84
CA PRO A 75 -5.59 -4.18 5.75
C PRO A 75 -6.38 -3.97 4.45
N THR A 76 -5.88 -3.05 3.65
CA THR A 76 -6.38 -2.70 2.34
C THR A 76 -5.16 -2.21 1.58
N ILE A 77 -4.66 -3.06 0.69
CA ILE A 77 -3.50 -2.77 -0.12
C ILE A 77 -4.02 -2.16 -1.41
N MET A 78 -3.63 -0.92 -1.72
CA MET A 78 -4.00 -0.25 -2.94
C MET A 78 -2.82 -0.26 -3.88
N VAL A 79 -3.05 -0.70 -5.12
CA VAL A 79 -2.05 -0.65 -6.16
C VAL A 79 -2.25 0.69 -6.86
N PHE A 80 -1.26 1.56 -6.78
CA PHE A 80 -1.24 2.85 -7.42
C PHE A 80 -0.11 2.88 -8.43
N LYS A 81 -0.14 3.89 -9.30
CA LYS A 81 0.87 4.19 -10.29
C LYS A 81 0.62 5.63 -10.70
N GLY A 82 1.14 6.03 -11.86
CA GLY A 82 0.96 7.35 -12.46
C GLY A 82 -0.41 7.99 -12.19
N GLY A 83 -0.45 8.94 -11.26
CA GLY A 83 -1.61 9.74 -10.95
C GLY A 83 -2.69 9.02 -10.15
N LYS A 84 -3.29 7.99 -10.76
CA LYS A 84 -4.47 7.31 -10.23
C LYS A 84 -4.16 5.94 -9.61
N LYS A 85 -5.21 5.32 -9.08
CA LYS A 85 -5.18 3.99 -8.51
C LYS A 85 -5.45 2.99 -9.64
N CYS A 86 -4.99 1.76 -9.47
CA CYS A 86 -5.18 0.65 -10.41
C CYS A 86 -6.27 -0.28 -9.88
N GLU A 87 -5.95 -0.97 -8.78
CA GLU A 87 -6.81 -1.96 -8.11
C GLU A 87 -6.51 -1.91 -6.62
N THR A 88 -7.22 -2.71 -5.81
CA THR A 88 -6.98 -2.80 -4.37
C THR A 88 -7.41 -4.18 -3.86
N ILE A 89 -6.73 -4.65 -2.82
CA ILE A 89 -6.90 -5.94 -2.18
C ILE A 89 -7.23 -5.66 -0.71
N ILE A 90 -8.50 -5.83 -0.37
CA ILE A 90 -9.04 -5.66 0.98
C ILE A 90 -8.94 -7.01 1.69
N GLY A 91 -8.52 -7.01 2.96
CA GLY A 91 -8.44 -8.22 3.76
C GLY A 91 -7.02 -8.79 3.81
N ALA A 92 -6.71 -9.46 4.92
CA ALA A 92 -5.38 -10.01 5.20
C ALA A 92 -5.13 -11.30 4.40
N VAL A 93 -5.09 -11.20 3.07
CA VAL A 93 -4.76 -12.37 2.24
C VAL A 93 -3.23 -12.51 2.27
N PRO A 94 -2.67 -13.73 2.13
CA PRO A 94 -1.22 -13.91 2.15
C PRO A 94 -0.52 -13.07 1.08
N LYS A 95 0.71 -12.65 1.37
CA LYS A 95 1.52 -11.83 0.48
C LYS A 95 1.61 -12.46 -0.90
N ALA A 96 1.86 -13.77 -0.95
CA ALA A 96 1.92 -14.54 -2.20
C ALA A 96 0.73 -14.19 -3.11
N THR A 97 -0.47 -14.11 -2.54
CA THR A 97 -1.70 -13.77 -3.26
C THR A 97 -1.56 -12.36 -3.84
N ILE A 98 -1.19 -11.41 -2.97
CA ILE A 98 -1.01 -10.02 -3.32
C ILE A 98 0.01 -9.91 -4.47
N VAL A 99 1.20 -10.51 -4.36
CA VAL A 99 2.22 -10.45 -5.40
C VAL A 99 1.63 -10.83 -6.75
N GLN A 100 1.04 -12.03 -6.85
CA GLN A 100 0.44 -12.50 -8.09
C GLN A 100 -0.60 -11.49 -8.59
N THR A 101 -1.50 -11.07 -7.70
CA THR A 101 -2.54 -10.11 -8.05
C THR A 101 -1.94 -8.82 -8.60
N VAL A 102 -0.91 -8.26 -7.97
CA VAL A 102 -0.26 -7.05 -8.44
C VAL A 102 0.32 -7.29 -9.83
N GLU A 103 1.13 -8.35 -9.96
CA GLU A 103 1.81 -8.73 -11.19
C GLU A 103 0.83 -8.86 -12.36
N LYS A 104 -0.35 -9.40 -12.09
CA LYS A 104 -1.41 -9.50 -13.09
C LYS A 104 -1.72 -8.11 -13.70
N TYR A 105 -1.59 -7.06 -12.88
CA TYR A 105 -1.95 -5.69 -13.22
C TYR A 105 -0.73 -4.79 -13.48
N LEU A 106 -0.05 -4.36 -12.42
CA LEU A 106 1.08 -3.44 -12.34
C LEU A 106 0.67 -2.01 -12.73
N ASN A 107 0.16 -1.87 -13.95
CA ASN A 107 -0.30 -0.61 -14.53
C ASN A 107 -1.73 -0.37 -14.09
N MET A 1 9.75 0.08 6.36
CA MET A 1 11.21 0.24 6.36
C MET A 1 11.75 0.09 4.94
N GLU A 2 11.58 -1.08 4.32
CA GLU A 2 11.88 -1.26 2.91
C GLU A 2 10.80 -0.48 2.17
N ALA A 3 9.55 -0.72 2.58
CA ALA A 3 8.40 0.04 2.14
C ALA A 3 8.45 1.36 2.91
N GLY A 4 8.16 2.49 2.27
CA GLY A 4 8.21 3.78 2.96
C GLY A 4 7.01 3.94 3.90
N ALA A 5 7.08 4.95 4.78
CA ALA A 5 5.98 5.33 5.66
C ALA A 5 5.38 6.59 5.07
N VAL A 6 4.05 6.67 4.92
CA VAL A 6 3.38 7.83 4.35
C VAL A 6 2.22 8.26 5.25
N ASN A 7 1.62 9.39 4.89
CA ASN A 7 0.48 10.02 5.53
C ASN A 7 -0.16 10.87 4.45
N ASP A 8 -1.27 11.56 4.74
CA ASP A 8 -1.98 12.37 3.76
C ASP A 8 -1.02 13.25 2.95
N ASP A 9 -0.25 14.05 3.68
CA ASP A 9 0.74 14.99 3.18
C ASP A 9 1.63 14.38 2.09
N THR A 10 2.30 13.29 2.46
CA THR A 10 3.26 12.61 1.61
C THR A 10 2.55 11.83 0.50
N PHE A 11 1.52 11.06 0.85
CA PHE A 11 0.70 10.22 -0.02
C PHE A 11 0.42 10.91 -1.35
N LYS A 12 0.00 12.17 -1.23
CA LYS A 12 -0.23 13.04 -2.37
C LYS A 12 0.82 12.89 -3.47
N ASN A 13 2.10 13.02 -3.11
CA ASN A 13 3.17 12.92 -4.08
C ASN A 13 3.61 11.48 -4.24
N VAL A 14 3.82 10.85 -3.11
CA VAL A 14 4.42 9.53 -3.06
C VAL A 14 3.58 8.49 -3.79
N VAL A 15 2.25 8.66 -3.77
CA VAL A 15 1.28 7.75 -4.34
C VAL A 15 0.60 8.35 -5.57
N LEU A 16 -0.17 9.44 -5.40
CA LEU A 16 -0.96 9.97 -6.51
C LEU A 16 -0.06 10.60 -7.58
N GLU A 17 0.55 11.74 -7.28
CA GLU A 17 1.43 12.46 -8.21
C GLU A 17 2.82 11.81 -8.17
N SER A 18 2.87 10.50 -8.40
CA SER A 18 4.09 9.72 -8.39
C SER A 18 4.68 9.67 -9.81
N SER A 19 5.00 8.47 -10.31
CA SER A 19 5.56 8.27 -11.65
C SER A 19 5.37 6.80 -12.02
N VAL A 20 6.25 5.97 -11.47
CA VAL A 20 6.20 4.52 -11.61
C VAL A 20 5.13 4.00 -10.64
N PRO A 21 4.66 2.76 -10.80
CA PRO A 21 3.67 2.17 -9.91
C PRO A 21 4.02 2.28 -8.43
N VAL A 22 3.00 2.09 -7.59
CA VAL A 22 3.06 2.24 -6.15
C VAL A 22 2.13 1.21 -5.51
N LEU A 23 2.53 0.63 -4.38
CA LEU A 23 1.68 -0.27 -3.58
C LEU A 23 1.64 0.29 -2.17
N VAL A 24 0.60 1.04 -1.82
CA VAL A 24 0.48 1.63 -0.49
C VAL A 24 -0.44 0.74 0.34
N ASP A 25 0.01 0.38 1.55
CA ASP A 25 -0.77 -0.38 2.50
C ASP A 25 -1.28 0.58 3.57
N PHE A 26 -2.60 0.74 3.68
CA PHE A 26 -3.20 1.56 4.71
C PHE A 26 -3.18 0.71 5.97
N TRP A 27 -2.32 1.06 6.93
CA TRP A 27 -2.14 0.30 8.16
C TRP A 27 -2.37 1.19 9.37
N ALA A 28 -2.14 0.63 10.56
CA ALA A 28 -2.19 1.37 11.83
C ALA A 28 -1.68 0.49 12.99
N PRO A 29 -0.96 1.06 13.95
CA PRO A 29 -0.54 0.33 15.12
C PRO A 29 -1.74 0.16 16.06
N TRP A 30 -2.21 -1.07 16.12
CA TRP A 30 -3.40 -1.63 16.77
C TRP A 30 -4.00 -2.62 15.77
N CYS A 31 -3.81 -2.36 14.47
CA CYS A 31 -4.35 -3.23 13.43
C CYS A 31 -3.53 -4.50 13.34
N GLY A 32 -3.81 -5.49 14.20
CA GLY A 32 -3.17 -6.79 14.21
C GLY A 32 -2.96 -7.35 12.79
N PRO A 33 -4.05 -7.53 12.01
CA PRO A 33 -3.98 -7.97 10.63
C PRO A 33 -2.97 -7.20 9.77
N CYS A 34 -2.78 -5.91 10.03
CA CYS A 34 -1.82 -5.10 9.31
C CYS A 34 -0.42 -5.37 9.86
N ARG A 35 -0.27 -5.38 11.19
CA ARG A 35 0.98 -5.56 11.89
C ARG A 35 1.72 -6.80 11.39
N ILE A 36 0.99 -7.91 11.32
CA ILE A 36 1.57 -9.18 10.87
C ILE A 36 1.95 -9.10 9.38
N ILE A 37 1.20 -8.35 8.58
CA ILE A 37 1.45 -8.15 7.15
C ILE A 37 2.62 -7.18 6.89
N ALA A 38 2.79 -6.13 7.69
CA ALA A 38 3.84 -5.11 7.53
C ALA A 38 5.23 -5.66 7.11
N PRO A 39 5.80 -6.71 7.73
CA PRO A 39 7.09 -7.26 7.32
C PRO A 39 7.00 -7.81 5.90
N VAL A 40 5.84 -8.40 5.56
CA VAL A 40 5.56 -8.93 4.25
C VAL A 40 5.51 -7.74 3.28
N VAL A 41 4.84 -6.65 3.65
CA VAL A 41 4.80 -5.45 2.81
C VAL A 41 6.26 -5.03 2.51
N ASP A 42 7.10 -4.97 3.55
CA ASP A 42 8.50 -4.61 3.40
C ASP A 42 9.25 -5.58 2.46
N GLU A 43 9.20 -6.89 2.70
CA GLU A 43 9.94 -7.81 1.85
C GLU A 43 9.43 -7.74 0.40
N ILE A 44 8.11 -7.64 0.23
CA ILE A 44 7.51 -7.47 -1.09
C ILE A 44 8.12 -6.22 -1.72
N ALA A 45 8.24 -5.12 -0.96
CA ALA A 45 8.91 -3.92 -1.45
C ALA A 45 10.29 -4.30 -1.98
N GLY A 46 11.09 -5.00 -1.16
CA GLY A 46 12.41 -5.45 -1.59
C GLY A 46 12.36 -6.19 -2.93
N GLU A 47 11.40 -7.12 -3.07
CA GLU A 47 11.26 -7.92 -4.28
C GLU A 47 10.91 -7.09 -5.53
N TYR A 48 9.99 -6.11 -5.42
CA TYR A 48 9.46 -5.39 -6.59
C TYR A 48 9.74 -3.87 -6.62
N LYS A 49 10.59 -3.37 -5.72
CA LYS A 49 10.97 -1.97 -5.56
C LYS A 49 11.16 -1.27 -6.90
N ASP A 50 11.88 -1.94 -7.80
CA ASP A 50 12.22 -1.53 -9.17
C ASP A 50 11.16 -0.64 -9.81
N LYS A 51 9.93 -1.17 -9.91
CA LYS A 51 8.79 -0.49 -10.52
C LYS A 51 7.72 -0.12 -9.50
N LEU A 52 7.59 -0.94 -8.45
CA LEU A 52 6.55 -0.82 -7.47
C LEU A 52 7.04 -0.07 -6.24
N LYS A 53 6.63 1.19 -6.09
CA LYS A 53 7.00 2.01 -4.95
C LYS A 53 6.09 1.57 -3.79
N CYS A 54 6.56 0.60 -3.00
CA CYS A 54 5.76 0.09 -1.90
C CYS A 54 5.82 1.04 -0.70
N VAL A 55 4.68 1.30 -0.06
CA VAL A 55 4.58 2.23 1.06
C VAL A 55 3.52 1.79 2.05
N LYS A 56 3.45 2.50 3.19
CA LYS A 56 2.56 2.21 4.30
C LYS A 56 1.97 3.50 4.89
N LEU A 57 0.66 3.72 4.76
CA LEU A 57 0.01 4.92 5.30
C LEU A 57 -0.53 4.64 6.70
N ASN A 58 -0.18 5.48 7.68
CA ASN A 58 -0.77 5.35 9.00
C ASN A 58 -2.18 5.97 8.94
N THR A 59 -3.18 5.09 9.00
CA THR A 59 -4.59 5.42 8.83
C THR A 59 -5.14 6.21 10.01
N ASP A 60 -4.62 5.94 11.21
CA ASP A 60 -5.06 6.61 12.43
C ASP A 60 -4.68 8.09 12.34
N GLU A 61 -3.47 8.32 11.82
CA GLU A 61 -2.85 9.62 11.60
C GLU A 61 -3.29 10.26 10.28
N SER A 62 -3.73 9.49 9.29
CA SER A 62 -4.18 9.98 8.00
C SER A 62 -5.48 9.31 7.56
N PRO A 63 -6.56 9.51 8.34
CA PRO A 63 -7.89 9.02 8.06
C PRO A 63 -8.47 9.77 6.86
N ASN A 64 -7.96 10.99 6.59
CA ASN A 64 -8.35 11.85 5.48
C ASN A 64 -8.51 11.04 4.19
N VAL A 65 -7.38 10.62 3.63
CA VAL A 65 -7.30 9.84 2.41
C VAL A 65 -8.21 8.61 2.50
N ALA A 66 -8.08 7.91 3.62
CA ALA A 66 -8.83 6.70 3.90
C ALA A 66 -10.34 6.95 3.74
N SER A 67 -10.83 8.09 4.22
CA SER A 67 -12.23 8.48 4.15
C SER A 67 -12.58 8.92 2.73
N GLU A 68 -11.71 9.71 2.10
CA GLU A 68 -11.90 10.19 0.74
C GLU A 68 -12.14 9.01 -0.21
N TYR A 69 -11.28 7.98 -0.11
CA TYR A 69 -11.43 6.79 -0.93
C TYR A 69 -12.51 5.87 -0.34
N GLY A 70 -12.64 5.85 0.99
CA GLY A 70 -13.65 5.08 1.70
C GLY A 70 -13.25 3.62 1.75
N ILE A 71 -12.07 3.35 2.29
CA ILE A 71 -11.54 2.01 2.42
C ILE A 71 -12.36 1.19 3.41
N ARG A 72 -12.56 -0.10 3.12
CA ARG A 72 -13.32 -1.00 3.99
C ARG A 72 -12.41 -1.45 5.14
N SER A 73 -12.13 -0.53 6.06
CA SER A 73 -11.24 -0.73 7.19
C SER A 73 -9.81 -0.96 6.68
N ILE A 74 -8.97 -1.62 7.50
CA ILE A 74 -7.58 -1.90 7.19
C ILE A 74 -7.21 -3.32 7.65
N PRO A 75 -6.22 -3.99 7.04
CA PRO A 75 -5.39 -3.49 5.95
C PRO A 75 -6.15 -3.38 4.63
N THR A 76 -5.77 -2.35 3.89
CA THR A 76 -6.26 -2.04 2.56
C THR A 76 -5.01 -1.68 1.76
N ILE A 77 -4.60 -2.59 0.89
CA ILE A 77 -3.45 -2.48 0.02
C ILE A 77 -3.95 -1.98 -1.32
N MET A 78 -3.69 -0.70 -1.61
CA MET A 78 -4.11 -0.06 -2.84
C MET A 78 -2.90 0.06 -3.76
N VAL A 79 -3.06 -0.44 -5.00
CA VAL A 79 -2.03 -0.33 -6.01
C VAL A 79 -2.42 0.84 -6.89
N PHE A 80 -1.45 1.70 -7.19
CA PHE A 80 -1.58 2.79 -8.13
C PHE A 80 -0.51 2.51 -9.18
N LYS A 81 -0.83 2.67 -10.46
CA LYS A 81 0.11 2.36 -11.53
C LYS A 81 0.58 3.70 -12.12
N GLY A 82 0.04 4.10 -13.26
CA GLY A 82 0.30 5.41 -13.84
C GLY A 82 -0.40 6.48 -13.01
N GLY A 83 0.13 6.78 -11.82
CA GLY A 83 -0.39 7.78 -10.92
C GLY A 83 -1.65 7.34 -10.17
N LYS A 84 -2.70 7.01 -10.92
CA LYS A 84 -3.99 6.64 -10.36
C LYS A 84 -4.07 5.14 -10.03
N LYS A 85 -5.17 4.76 -9.39
CA LYS A 85 -5.47 3.43 -8.88
C LYS A 85 -5.40 2.35 -9.98
N CYS A 86 -5.10 1.13 -9.53
CA CYS A 86 -5.04 -0.08 -10.33
C CYS A 86 -5.83 -1.18 -9.61
N GLU A 87 -5.46 -1.46 -8.36
CA GLU A 87 -6.08 -2.50 -7.53
C GLU A 87 -6.34 -1.96 -6.13
N THR A 88 -7.14 -2.71 -5.36
CA THR A 88 -7.50 -2.44 -3.98
C THR A 88 -7.80 -3.78 -3.33
N ILE A 89 -6.80 -4.37 -2.67
CA ILE A 89 -6.91 -5.63 -1.95
C ILE A 89 -7.15 -5.26 -0.49
N ILE A 90 -8.00 -6.00 0.22
CA ILE A 90 -8.36 -5.71 1.61
C ILE A 90 -8.26 -6.99 2.43
N GLY A 91 -7.81 -6.88 3.68
CA GLY A 91 -7.64 -8.00 4.59
C GLY A 91 -6.24 -8.61 4.48
N ALA A 92 -5.79 -9.28 5.55
CA ALA A 92 -4.47 -9.87 5.59
C ALA A 92 -4.37 -11.13 4.71
N VAL A 93 -4.38 -10.96 3.39
CA VAL A 93 -4.25 -12.09 2.47
C VAL A 93 -2.76 -12.49 2.39
N PRO A 94 -2.44 -13.76 2.08
CA PRO A 94 -1.05 -14.21 2.03
C PRO A 94 -0.18 -13.48 1.01
N LYS A 95 1.13 -13.47 1.28
CA LYS A 95 2.18 -12.92 0.44
C LYS A 95 1.97 -13.36 -1.00
N ALA A 96 1.83 -14.68 -1.19
CA ALA A 96 1.59 -15.31 -2.47
C ALA A 96 0.52 -14.52 -3.26
N THR A 97 -0.65 -14.34 -2.65
CA THR A 97 -1.76 -13.61 -3.25
C THR A 97 -1.34 -12.18 -3.58
N ILE A 98 -0.80 -11.43 -2.60
CA ILE A 98 -0.40 -10.04 -2.79
C ILE A 98 0.52 -9.94 -4.02
N VAL A 99 1.64 -10.68 -3.97
CA VAL A 99 2.65 -10.71 -5.00
C VAL A 99 2.02 -11.08 -6.33
N GLN A 100 1.39 -12.25 -6.45
CA GLN A 100 0.79 -12.71 -7.69
C GLN A 100 -0.10 -11.62 -8.30
N THR A 101 -0.97 -11.05 -7.48
CA THR A 101 -1.90 -10.04 -7.96
C THR A 101 -1.13 -8.84 -8.50
N VAL A 102 -0.29 -8.20 -7.70
CA VAL A 102 0.38 -6.99 -8.19
C VAL A 102 1.29 -7.31 -9.37
N GLU A 103 2.07 -8.39 -9.26
CA GLU A 103 3.01 -8.87 -10.27
C GLU A 103 2.32 -8.99 -11.62
N LYS A 104 1.17 -9.66 -11.62
CA LYS A 104 0.34 -9.80 -12.82
C LYS A 104 0.09 -8.41 -13.43
N TYR A 105 -0.32 -7.47 -12.59
CA TYR A 105 -0.74 -6.14 -13.00
C TYR A 105 0.40 -5.18 -13.35
N LEU A 106 1.06 -4.65 -12.30
CA LEU A 106 2.05 -3.57 -12.17
C LEU A 106 2.27 -2.63 -13.36
N ASN A 107 2.54 -3.17 -14.55
CA ASN A 107 2.91 -2.48 -15.78
C ASN A 107 4.13 -1.58 -15.54
N MET A 1 10.40 0.31 6.13
CA MET A 1 11.86 0.35 6.02
C MET A 1 12.23 0.20 4.55
N GLU A 2 12.24 -1.03 4.01
CA GLU A 2 12.42 -1.23 2.58
C GLU A 2 11.25 -0.55 1.87
N ALA A 3 10.04 -0.72 2.43
CA ALA A 3 8.86 -0.02 1.99
C ALA A 3 8.81 1.31 2.73
N GLY A 4 8.34 2.38 2.08
CA GLY A 4 8.26 3.68 2.73
C GLY A 4 7.09 3.75 3.70
N ALA A 5 7.08 4.82 4.52
CA ALA A 5 6.00 5.12 5.44
C ALA A 5 5.41 6.44 4.95
N VAL A 6 4.09 6.54 4.82
CA VAL A 6 3.43 7.75 4.34
C VAL A 6 2.29 8.13 5.26
N ASN A 7 1.87 9.39 5.11
CA ASN A 7 0.76 10.00 5.79
C ASN A 7 0.11 10.93 4.77
N ASP A 8 -1.01 11.58 5.15
CA ASP A 8 -1.80 12.44 4.28
C ASP A 8 -0.93 13.30 3.36
N ASP A 9 -0.06 14.10 3.98
CA ASP A 9 0.83 15.05 3.34
C ASP A 9 1.72 14.41 2.27
N THR A 10 2.49 13.42 2.69
CA THR A 10 3.49 12.72 1.91
C THR A 10 2.83 11.91 0.80
N PHE A 11 1.77 11.17 1.14
CA PHE A 11 0.97 10.33 0.27
C PHE A 11 0.74 11.00 -1.08
N LYS A 12 0.28 12.24 -1.05
CA LYS A 12 0.03 13.04 -2.26
C LYS A 12 1.19 12.89 -3.25
N ASN A 13 2.41 13.14 -2.76
CA ASN A 13 3.59 13.08 -3.59
C ASN A 13 4.00 11.65 -3.86
N VAL A 14 4.25 10.93 -2.77
CA VAL A 14 4.86 9.62 -2.79
C VAL A 14 3.99 8.61 -3.55
N VAL A 15 2.68 8.64 -3.30
CA VAL A 15 1.71 7.71 -3.85
C VAL A 15 1.08 8.26 -5.13
N LEU A 16 0.38 9.40 -5.07
CA LEU A 16 -0.34 9.86 -6.25
C LEU A 16 0.64 10.34 -7.32
N GLU A 17 1.42 11.39 -7.04
CA GLU A 17 2.33 11.96 -8.03
C GLU A 17 3.62 11.14 -8.15
N SER A 18 3.48 9.82 -8.35
CA SER A 18 4.54 8.86 -8.51
C SER A 18 4.96 8.76 -9.97
N SER A 19 6.21 8.33 -10.21
CA SER A 19 6.75 8.10 -11.53
C SER A 19 6.40 6.66 -11.93
N VAL A 20 7.10 5.71 -11.31
CA VAL A 20 6.85 4.29 -11.47
C VAL A 20 5.65 3.91 -10.59
N PRO A 21 4.99 2.76 -10.82
CA PRO A 21 3.90 2.31 -9.98
C PRO A 21 4.22 2.29 -8.49
N VAL A 22 3.17 2.15 -7.68
CA VAL A 22 3.20 2.19 -6.23
C VAL A 22 2.30 1.09 -5.65
N LEU A 23 2.65 0.55 -4.47
CA LEU A 23 1.84 -0.35 -3.66
C LEU A 23 1.77 0.26 -2.27
N VAL A 24 0.68 0.92 -1.89
CA VAL A 24 0.57 1.50 -0.55
C VAL A 24 -0.40 0.64 0.28
N ASP A 25 0.07 0.14 1.42
CA ASP A 25 -0.75 -0.64 2.34
C ASP A 25 -1.32 0.30 3.39
N PHE A 26 -2.64 0.46 3.43
CA PHE A 26 -3.29 1.27 4.44
C PHE A 26 -3.36 0.39 5.68
N TRP A 27 -2.48 0.65 6.66
CA TRP A 27 -2.34 -0.14 7.88
C TRP A 27 -2.70 0.70 9.10
N ALA A 28 -2.42 0.17 10.29
CA ALA A 28 -2.54 0.88 11.55
C ALA A 28 -1.97 -0.02 12.66
N PRO A 29 -1.38 0.53 13.72
CA PRO A 29 -0.84 -0.26 14.82
C PRO A 29 -1.89 -1.19 15.44
N TRP A 30 -3.14 -0.74 15.56
CA TRP A 30 -4.20 -1.59 16.10
C TRP A 30 -4.60 -2.67 15.09
N CYS A 31 -4.28 -2.51 13.80
CA CYS A 31 -4.66 -3.49 12.80
C CYS A 31 -3.67 -4.67 12.83
N GLY A 32 -3.91 -5.61 13.74
CA GLY A 32 -3.11 -6.81 13.91
C GLY A 32 -2.66 -7.44 12.60
N PRO A 33 -3.59 -7.83 11.70
CA PRO A 33 -3.24 -8.43 10.42
C PRO A 33 -2.28 -7.56 9.63
N CYS A 34 -2.60 -6.26 9.52
CA CYS A 34 -1.78 -5.32 8.80
C CYS A 34 -0.37 -5.35 9.37
N ARG A 35 -0.28 -5.24 10.70
CA ARG A 35 0.97 -5.21 11.44
C ARG A 35 1.81 -6.46 11.18
N ILE A 36 1.21 -7.65 11.30
CA ILE A 36 1.96 -8.89 11.11
C ILE A 36 2.26 -9.14 9.62
N ILE A 37 1.50 -8.56 8.68
CA ILE A 37 1.79 -8.68 7.24
C ILE A 37 2.86 -7.64 6.84
N ALA A 38 2.91 -6.50 7.52
CA ALA A 38 3.83 -5.39 7.29
C ALA A 38 5.28 -5.81 6.96
N PRO A 39 5.89 -6.81 7.62
CA PRO A 39 7.25 -7.21 7.32
C PRO A 39 7.35 -7.71 5.89
N VAL A 40 6.35 -8.47 5.42
CA VAL A 40 6.42 -8.95 4.05
C VAL A 40 6.09 -7.78 3.12
N VAL A 41 5.18 -6.87 3.50
CA VAL A 41 4.96 -5.66 2.69
C VAL A 41 6.33 -4.98 2.49
N ASP A 42 7.12 -4.92 3.57
CA ASP A 42 8.45 -4.35 3.52
C ASP A 42 9.30 -5.13 2.52
N GLU A 43 9.48 -6.45 2.73
CA GLU A 43 10.35 -7.24 1.86
C GLU A 43 9.93 -7.14 0.39
N ILE A 44 8.62 -7.18 0.10
CA ILE A 44 8.10 -7.02 -1.26
C ILE A 44 8.73 -5.78 -1.91
N ALA A 45 8.97 -4.72 -1.14
CA ALA A 45 9.63 -3.53 -1.66
C ALA A 45 10.98 -3.89 -2.26
N GLY A 46 11.79 -4.68 -1.56
CA GLY A 46 13.09 -5.09 -2.05
C GLY A 46 12.92 -5.91 -3.32
N GLU A 47 11.93 -6.81 -3.30
CA GLU A 47 11.64 -7.68 -4.43
C GLU A 47 11.32 -6.93 -5.72
N TYR A 48 10.48 -5.88 -5.64
CA TYR A 48 9.99 -5.15 -6.84
C TYR A 48 10.25 -3.63 -6.87
N LYS A 49 11.14 -3.10 -6.04
CA LYS A 49 11.39 -1.66 -5.88
C LYS A 49 11.38 -0.88 -7.20
N ASP A 50 12.14 -1.38 -8.18
CA ASP A 50 12.31 -0.81 -9.51
C ASP A 50 10.99 -0.36 -10.13
N LYS A 51 9.98 -1.23 -10.05
CA LYS A 51 8.67 -1.01 -10.66
C LYS A 51 7.64 -0.49 -9.65
N LEU A 52 7.72 -1.00 -8.42
CA LEU A 52 6.68 -0.81 -7.42
C LEU A 52 7.19 -0.02 -6.22
N LYS A 53 6.68 1.19 -6.02
CA LYS A 53 7.05 2.02 -4.90
C LYS A 53 6.21 1.49 -3.73
N CYS A 54 6.77 0.57 -2.96
CA CYS A 54 6.03 -0.04 -1.86
C CYS A 54 5.99 0.91 -0.67
N VAL A 55 4.81 1.09 -0.06
CA VAL A 55 4.61 2.04 1.02
C VAL A 55 3.57 1.54 2.03
N LYS A 56 3.51 2.21 3.18
CA LYS A 56 2.57 1.93 4.26
C LYS A 56 1.96 3.25 4.78
N LEU A 57 0.63 3.40 4.64
CA LEU A 57 -0.13 4.57 5.07
C LEU A 57 -0.80 4.29 6.41
N ASN A 58 -0.47 5.09 7.42
CA ASN A 58 -1.05 4.94 8.76
C ASN A 58 -2.48 5.45 8.78
N THR A 59 -3.44 4.54 8.76
CA THR A 59 -4.88 4.78 8.71
C THR A 59 -5.44 5.10 10.10
N ASP A 60 -4.78 6.00 10.81
CA ASP A 60 -5.20 6.47 12.12
C ASP A 60 -4.81 7.96 12.19
N GLU A 61 -3.56 8.21 11.78
CA GLU A 61 -2.97 9.52 11.57
C GLU A 61 -3.38 10.05 10.19
N SER A 62 -3.69 9.19 9.22
CA SER A 62 -4.11 9.57 7.88
C SER A 62 -5.35 8.81 7.38
N PRO A 63 -6.48 8.95 8.10
CA PRO A 63 -7.77 8.40 7.73
C PRO A 63 -8.33 9.21 6.57
N ASN A 64 -7.89 10.47 6.43
CA ASN A 64 -8.24 11.40 5.37
C ASN A 64 -8.38 10.69 4.04
N VAL A 65 -7.23 10.23 3.53
CA VAL A 65 -7.18 9.61 2.22
C VAL A 65 -7.97 8.32 2.22
N ALA A 66 -7.95 7.59 3.34
CA ALA A 66 -8.72 6.35 3.44
C ALA A 66 -10.22 6.66 3.23
N SER A 67 -10.68 7.79 3.77
CA SER A 67 -12.05 8.23 3.65
C SER A 67 -12.33 8.71 2.22
N GLU A 68 -11.40 9.51 1.66
CA GLU A 68 -11.51 10.02 0.30
C GLU A 68 -11.69 8.88 -0.70
N TYR A 69 -10.89 7.81 -0.57
CA TYR A 69 -11.00 6.66 -1.46
C TYR A 69 -12.18 5.77 -1.05
N GLY A 70 -12.45 5.66 0.26
CA GLY A 70 -13.60 4.93 0.78
C GLY A 70 -13.22 3.52 1.21
N ILE A 71 -12.22 3.42 2.09
CA ILE A 71 -11.74 2.15 2.60
C ILE A 71 -12.71 1.64 3.67
N ARG A 72 -13.27 0.44 3.46
CA ARG A 72 -14.26 -0.15 4.35
C ARG A 72 -13.59 -0.77 5.58
N SER A 73 -12.40 -1.36 5.42
CA SER A 73 -11.63 -1.99 6.49
C SER A 73 -10.18 -2.03 6.03
N ILE A 74 -9.25 -2.37 6.93
CA ILE A 74 -7.84 -2.48 6.62
C ILE A 74 -7.40 -3.88 7.05
N PRO A 75 -6.35 -4.47 6.47
CA PRO A 75 -5.49 -3.91 5.45
C PRO A 75 -6.22 -3.72 4.13
N THR A 76 -5.77 -2.71 3.40
CA THR A 76 -6.24 -2.36 2.09
C THR A 76 -5.00 -1.87 1.35
N ILE A 77 -4.51 -2.72 0.44
CA ILE A 77 -3.36 -2.44 -0.38
C ILE A 77 -3.89 -1.77 -1.63
N MET A 78 -3.54 -0.51 -1.89
CA MET A 78 -3.94 0.17 -3.12
C MET A 78 -2.72 0.26 -4.01
N VAL A 79 -2.89 -0.05 -5.29
CA VAL A 79 -1.85 0.09 -6.29
C VAL A 79 -2.11 1.39 -7.03
N PHE A 80 -1.04 2.14 -7.34
CA PHE A 80 -1.15 3.32 -8.18
C PHE A 80 -0.14 3.22 -9.32
N LYS A 81 -0.38 4.01 -10.37
CA LYS A 81 0.41 4.01 -11.57
C LYS A 81 0.37 5.39 -12.25
N GLY A 82 0.70 6.44 -11.50
CA GLY A 82 0.69 7.79 -12.03
C GLY A 82 -0.64 8.47 -11.73
N GLY A 83 -0.66 9.28 -10.67
CA GLY A 83 -1.83 10.05 -10.28
C GLY A 83 -2.90 9.19 -9.64
N LYS A 84 -3.58 8.40 -10.47
CA LYS A 84 -4.72 7.59 -10.04
C LYS A 84 -4.33 6.16 -9.68
N LYS A 85 -5.30 5.53 -9.00
CA LYS A 85 -5.23 4.16 -8.50
C LYS A 85 -5.46 3.19 -9.66
N CYS A 86 -4.75 2.07 -9.66
CA CYS A 86 -4.88 1.01 -10.65
C CYS A 86 -5.94 0.02 -10.18
N GLU A 87 -5.65 -0.65 -9.06
CA GLU A 87 -6.50 -1.64 -8.41
C GLU A 87 -6.19 -1.62 -6.91
N THR A 88 -6.78 -2.55 -6.14
CA THR A 88 -6.56 -2.64 -4.71
C THR A 88 -6.83 -4.08 -4.25
N ILE A 89 -6.42 -4.43 -3.02
CA ILE A 89 -6.63 -5.73 -2.39
C ILE A 89 -7.07 -5.40 -0.96
N ILE A 90 -8.28 -5.81 -0.56
CA ILE A 90 -8.85 -5.53 0.75
C ILE A 90 -8.84 -6.81 1.58
N GLY A 91 -8.55 -6.70 2.88
CA GLY A 91 -8.53 -7.81 3.81
C GLY A 91 -7.15 -8.44 3.90
N ALA A 92 -6.93 -9.24 4.95
CA ALA A 92 -5.67 -9.93 5.19
C ALA A 92 -5.37 -10.92 4.06
N VAL A 93 -4.10 -11.04 3.67
CA VAL A 93 -3.65 -11.96 2.64
C VAL A 93 -2.22 -12.39 2.97
N PRO A 94 -1.78 -13.58 2.53
CA PRO A 94 -0.38 -13.96 2.59
C PRO A 94 0.29 -13.24 1.41
N LYS A 95 1.54 -12.82 1.57
CA LYS A 95 2.19 -12.09 0.50
C LYS A 95 2.21 -12.86 -0.80
N ALA A 96 2.31 -14.18 -0.71
CA ALA A 96 2.26 -15.08 -1.86
C ALA A 96 1.14 -14.67 -2.81
N THR A 97 -0.03 -14.33 -2.28
CA THR A 97 -1.17 -13.88 -3.06
C THR A 97 -0.94 -12.46 -3.54
N ILE A 98 -0.47 -11.56 -2.67
CA ILE A 98 -0.22 -10.16 -2.98
C ILE A 98 0.71 -10.06 -4.20
N VAL A 99 1.81 -10.81 -4.23
CA VAL A 99 2.77 -10.81 -5.33
C VAL A 99 2.04 -11.17 -6.64
N GLN A 100 1.35 -12.32 -6.66
CA GLN A 100 0.63 -12.74 -7.86
C GLN A 100 -0.37 -11.67 -8.29
N THR A 101 -1.13 -11.14 -7.33
CA THR A 101 -2.16 -10.15 -7.60
C THR A 101 -1.58 -8.83 -8.12
N VAL A 102 -0.48 -8.33 -7.53
CA VAL A 102 0.10 -7.08 -7.99
C VAL A 102 0.66 -7.28 -9.39
N GLU A 103 1.34 -8.40 -9.60
CA GLU A 103 1.85 -8.76 -10.92
C GLU A 103 0.71 -8.81 -11.93
N LYS A 104 -0.39 -9.48 -11.58
CA LYS A 104 -1.58 -9.55 -12.41
C LYS A 104 -2.06 -8.13 -12.77
N TYR A 105 -2.22 -7.27 -11.76
CA TYR A 105 -2.69 -5.91 -11.97
C TYR A 105 -1.72 -5.08 -12.83
N LEU A 106 -0.42 -5.23 -12.59
CA LEU A 106 0.64 -4.52 -13.31
C LEU A 106 1.31 -5.48 -14.30
N ASN A 107 2.48 -6.03 -13.92
CA ASN A 107 3.28 -6.98 -14.65
C ASN A 107 4.25 -7.52 -13.61
N MET A 1 9.71 0.47 6.12
CA MET A 1 11.16 0.61 6.12
C MET A 1 11.67 0.54 4.68
N GLU A 2 11.70 -0.66 4.11
CA GLU A 2 11.98 -0.86 2.70
C GLU A 2 10.79 -0.26 1.93
N ALA A 3 9.60 -0.58 2.42
CA ALA A 3 8.37 0.05 1.99
C ALA A 3 8.36 1.43 2.63
N GLY A 4 8.02 2.48 1.88
CA GLY A 4 8.00 3.82 2.44
C GLY A 4 6.88 3.97 3.49
N ALA A 5 6.93 5.04 4.27
CA ALA A 5 5.90 5.39 5.25
C ALA A 5 5.25 6.66 4.73
N VAL A 6 3.92 6.68 4.59
CA VAL A 6 3.21 7.86 4.07
C VAL A 6 2.08 8.25 5.00
N ASN A 7 1.60 9.47 4.78
CA ASN A 7 0.53 10.12 5.52
C ASN A 7 -0.17 11.06 4.53
N ASP A 8 -1.20 11.77 4.98
CA ASP A 8 -2.02 12.67 4.20
C ASP A 8 -1.20 13.47 3.19
N ASP A 9 -0.24 14.23 3.71
CA ASP A 9 0.63 15.08 2.92
C ASP A 9 1.45 14.26 1.92
N THR A 10 2.39 13.47 2.45
CA THR A 10 3.36 12.72 1.66
C THR A 10 2.68 11.87 0.59
N PHE A 11 1.52 11.27 0.90
CA PHE A 11 0.71 10.48 -0.03
C PHE A 11 0.58 11.18 -1.38
N LYS A 12 0.24 12.46 -1.33
CA LYS A 12 0.08 13.29 -2.50
C LYS A 12 1.28 13.16 -3.43
N ASN A 13 2.49 13.34 -2.88
CA ASN A 13 3.72 13.30 -3.65
C ASN A 13 4.08 11.86 -4.03
N VAL A 14 4.22 11.02 -3.01
CA VAL A 14 4.69 9.64 -3.10
C VAL A 14 3.74 8.72 -3.85
N VAL A 15 2.45 9.05 -3.92
CA VAL A 15 1.44 8.23 -4.57
C VAL A 15 0.79 9.00 -5.73
N LEU A 16 -0.10 9.96 -5.44
CA LEU A 16 -0.88 10.63 -6.48
C LEU A 16 0.00 11.18 -7.61
N GLU A 17 1.07 11.88 -7.25
CA GLU A 17 2.00 12.50 -8.20
C GLU A 17 3.19 11.58 -8.54
N SER A 18 3.11 10.28 -8.23
CA SER A 18 4.23 9.37 -8.40
C SER A 18 4.32 8.85 -9.83
N SER A 19 5.54 8.59 -10.30
CA SER A 19 5.85 8.17 -11.66
C SER A 19 5.60 6.67 -11.86
N VAL A 20 6.33 5.84 -11.10
CA VAL A 20 6.21 4.40 -11.21
C VAL A 20 4.94 3.95 -10.48
N PRO A 21 4.43 2.74 -10.79
CA PRO A 21 3.36 2.15 -10.04
C PRO A 21 3.68 2.14 -8.55
N VAL A 22 2.65 2.02 -7.72
CA VAL A 22 2.75 2.13 -6.28
C VAL A 22 1.88 1.06 -5.64
N LEU A 23 2.29 0.58 -4.45
CA LEU A 23 1.50 -0.35 -3.63
C LEU A 23 1.43 0.21 -2.22
N VAL A 24 0.33 0.87 -1.87
CA VAL A 24 0.14 1.49 -0.56
C VAL A 24 -0.67 0.54 0.32
N ASP A 25 -0.11 0.11 1.45
CA ASP A 25 -0.81 -0.71 2.43
C ASP A 25 -1.34 0.25 3.50
N PHE A 26 -2.66 0.39 3.62
CA PHE A 26 -3.25 1.22 4.64
C PHE A 26 -3.21 0.39 5.91
N TRP A 27 -2.40 0.80 6.89
CA TRP A 27 -2.18 0.05 8.12
C TRP A 27 -2.41 0.94 9.34
N ALA A 28 -2.08 0.41 10.51
CA ALA A 28 -2.08 1.14 11.77
C ALA A 28 -1.39 0.27 12.83
N PRO A 29 -0.77 0.85 13.85
CA PRO A 29 -0.11 0.08 14.91
C PRO A 29 -1.06 -0.88 15.62
N TRP A 30 -2.34 -0.55 15.76
CA TRP A 30 -3.30 -1.46 16.37
C TRP A 30 -3.76 -2.55 15.38
N CYS A 31 -3.38 -2.46 14.11
CA CYS A 31 -3.85 -3.38 13.09
C CYS A 31 -3.08 -4.69 13.09
N GLY A 32 -3.48 -5.63 13.96
CA GLY A 32 -2.94 -6.99 14.01
C GLY A 32 -2.71 -7.61 12.63
N PRO A 33 -3.75 -7.72 11.78
CA PRO A 33 -3.58 -8.31 10.45
C PRO A 33 -2.61 -7.53 9.57
N CYS A 34 -2.33 -6.25 9.87
CA CYS A 34 -1.35 -5.48 9.12
C CYS A 34 0.04 -5.83 9.65
N ARG A 35 0.23 -5.81 10.98
CA ARG A 35 1.51 -6.10 11.62
C ARG A 35 2.15 -7.36 11.02
N ILE A 36 1.37 -8.43 10.93
CA ILE A 36 1.88 -9.70 10.45
C ILE A 36 2.29 -9.64 8.97
N ILE A 37 1.72 -8.75 8.13
CA ILE A 37 2.19 -8.62 6.75
C ILE A 37 3.30 -7.57 6.66
N ALA A 38 3.33 -6.56 7.54
CA ALA A 38 4.28 -5.45 7.51
C ALA A 38 5.73 -5.81 7.12
N PRO A 39 6.42 -6.78 7.75
CA PRO A 39 7.80 -7.07 7.38
C PRO A 39 7.83 -7.71 5.98
N VAL A 40 6.76 -8.40 5.62
CA VAL A 40 6.59 -9.03 4.33
C VAL A 40 6.37 -7.92 3.29
N VAL A 41 5.57 -6.90 3.62
CA VAL A 41 5.37 -5.72 2.79
C VAL A 41 6.75 -5.12 2.52
N ASP A 42 7.57 -4.98 3.56
CA ASP A 42 8.93 -4.46 3.42
C ASP A 42 9.81 -5.33 2.52
N GLU A 43 9.95 -6.64 2.76
CA GLU A 43 10.84 -7.42 1.91
C GLU A 43 10.35 -7.39 0.45
N ILE A 44 9.03 -7.50 0.26
CA ILE A 44 8.47 -7.41 -1.08
C ILE A 44 8.81 -6.04 -1.64
N ALA A 45 8.72 -4.97 -0.85
CA ALA A 45 9.13 -3.65 -1.30
C ALA A 45 10.56 -3.71 -1.80
N GLY A 46 11.47 -4.28 -1.01
CA GLY A 46 12.87 -4.41 -1.37
C GLY A 46 13.02 -5.02 -2.77
N GLU A 47 12.33 -6.13 -3.00
CA GLU A 47 12.37 -6.82 -4.28
C GLU A 47 11.76 -6.01 -5.43
N TYR A 48 10.49 -5.64 -5.30
CA TYR A 48 9.71 -5.03 -6.37
C TYR A 48 9.87 -3.51 -6.49
N LYS A 49 10.67 -2.87 -5.62
CA LYS A 49 10.84 -1.42 -5.51
C LYS A 49 10.86 -0.72 -6.89
N ASP A 50 11.68 -1.26 -7.80
CA ASP A 50 11.88 -0.76 -9.15
C ASP A 50 10.57 -0.47 -9.87
N LYS A 51 9.75 -1.49 -9.99
CA LYS A 51 8.48 -1.47 -10.71
C LYS A 51 7.34 -0.93 -9.86
N LEU A 52 7.44 -1.15 -8.55
CA LEU A 52 6.35 -0.94 -7.61
C LEU A 52 6.84 -0.18 -6.38
N LYS A 53 6.41 1.07 -6.19
CA LYS A 53 6.81 1.85 -5.04
C LYS A 53 5.92 1.38 -3.90
N CYS A 54 6.42 0.44 -3.08
CA CYS A 54 5.63 -0.06 -1.98
C CYS A 54 5.69 0.93 -0.82
N VAL A 55 4.55 1.12 -0.14
CA VAL A 55 4.40 2.11 0.91
C VAL A 55 3.40 1.62 1.95
N LYS A 56 3.38 2.28 3.10
CA LYS A 56 2.50 1.99 4.20
C LYS A 56 1.90 3.32 4.72
N LEU A 57 0.57 3.47 4.62
CA LEU A 57 -0.11 4.68 5.09
C LEU A 57 -0.73 4.43 6.47
N ASN A 58 -0.36 5.27 7.45
CA ASN A 58 -0.93 5.14 8.79
C ASN A 58 -2.34 5.72 8.76
N THR A 59 -3.33 4.83 8.87
CA THR A 59 -4.75 5.14 8.75
C THR A 59 -5.24 5.96 9.94
N ASP A 60 -4.64 5.79 11.12
CA ASP A 60 -5.05 6.49 12.32
C ASP A 60 -4.65 7.97 12.24
N GLU A 61 -3.44 8.19 11.74
CA GLU A 61 -2.81 9.50 11.55
C GLU A 61 -3.27 10.16 10.25
N SER A 62 -3.67 9.37 9.24
CA SER A 62 -4.12 9.86 7.95
C SER A 62 -5.41 9.12 7.53
N PRO A 63 -6.47 9.28 8.31
CA PRO A 63 -7.78 8.74 8.06
C PRO A 63 -8.36 9.42 6.83
N ASN A 64 -8.04 10.70 6.70
CA ASN A 64 -8.42 11.61 5.63
C ASN A 64 -8.50 10.87 4.29
N VAL A 65 -7.35 10.45 3.78
CA VAL A 65 -7.20 9.75 2.52
C VAL A 65 -8.08 8.51 2.50
N ALA A 66 -7.94 7.69 3.54
CA ALA A 66 -8.71 6.46 3.70
C ALA A 66 -10.21 6.74 3.61
N SER A 67 -10.68 7.87 4.13
CA SER A 67 -12.08 8.26 4.14
C SER A 67 -12.48 8.73 2.74
N GLU A 68 -11.64 9.55 2.11
CA GLU A 68 -11.86 10.04 0.76
C GLU A 68 -12.05 8.85 -0.20
N TYR A 69 -11.22 7.81 -0.04
CA TYR A 69 -11.31 6.62 -0.86
C TYR A 69 -12.45 5.71 -0.37
N GLY A 70 -12.73 5.67 0.93
CA GLY A 70 -13.82 4.89 1.50
C GLY A 70 -13.36 3.50 1.94
N ILE A 71 -12.28 3.47 2.72
CA ILE A 71 -11.70 2.24 3.24
C ILE A 71 -12.45 1.85 4.52
N ARG A 72 -13.15 0.72 4.45
CA ARG A 72 -14.02 0.21 5.50
C ARG A 72 -13.27 -0.50 6.63
N SER A 73 -12.10 -1.07 6.34
CA SER A 73 -11.29 -1.81 7.29
C SER A 73 -9.86 -1.88 6.74
N ILE A 74 -8.90 -2.28 7.57
CA ILE A 74 -7.51 -2.43 7.17
C ILE A 74 -7.03 -3.82 7.61
N PRO A 75 -6.04 -4.44 6.93
CA PRO A 75 -5.33 -3.91 5.78
C PRO A 75 -6.19 -3.80 4.52
N THR A 76 -5.86 -2.77 3.76
CA THR A 76 -6.41 -2.46 2.46
C THR A 76 -5.19 -2.01 1.67
N ILE A 77 -4.80 -2.78 0.66
CA ILE A 77 -3.61 -2.58 -0.14
C ILE A 77 -4.04 -1.99 -1.47
N MET A 78 -3.87 -0.68 -1.67
CA MET A 78 -4.22 -0.02 -2.90
C MET A 78 -3.05 -0.08 -3.87
N VAL A 79 -3.32 -0.48 -5.11
CA VAL A 79 -2.34 -0.50 -6.18
C VAL A 79 -2.58 0.73 -7.04
N PHE A 80 -1.50 1.32 -7.56
CA PHE A 80 -1.56 2.48 -8.42
C PHE A 80 -0.61 2.28 -9.60
N LYS A 81 -0.88 3.03 -10.66
CA LYS A 81 -0.14 3.10 -11.91
C LYS A 81 -0.33 4.54 -12.38
N GLY A 82 0.66 5.14 -13.05
CA GLY A 82 0.44 6.49 -13.55
C GLY A 82 -0.06 7.44 -12.46
N GLY A 83 0.50 7.31 -11.25
CA GLY A 83 0.10 8.10 -10.10
C GLY A 83 -1.22 7.65 -9.47
N LYS A 84 -2.27 7.53 -10.28
CA LYS A 84 -3.62 7.20 -9.81
C LYS A 84 -3.82 5.70 -9.54
N LYS A 85 -4.89 5.40 -8.80
CA LYS A 85 -5.20 4.05 -8.36
C LYS A 85 -5.60 3.17 -9.55
N CYS A 86 -5.28 1.87 -9.46
CA CYS A 86 -5.58 0.86 -10.46
C CYS A 86 -6.57 -0.15 -9.87
N GLU A 87 -6.15 -0.88 -8.82
CA GLU A 87 -6.97 -1.86 -8.08
C GLU A 87 -6.72 -1.71 -6.58
N THR A 88 -7.36 -2.57 -5.76
CA THR A 88 -7.20 -2.57 -4.32
C THR A 88 -7.52 -3.96 -3.77
N ILE A 89 -6.67 -4.50 -2.91
CA ILE A 89 -6.88 -5.76 -2.22
C ILE A 89 -7.27 -5.41 -0.78
N ILE A 90 -8.01 -6.29 -0.11
CA ILE A 90 -8.52 -6.07 1.24
C ILE A 90 -8.28 -7.33 2.07
N GLY A 91 -7.93 -7.15 3.35
CA GLY A 91 -7.71 -8.24 4.28
C GLY A 91 -6.33 -8.88 4.14
N ALA A 92 -5.89 -9.56 5.20
CA ALA A 92 -4.58 -10.20 5.22
C ALA A 92 -4.58 -11.49 4.39
N VAL A 93 -4.67 -11.36 3.06
CA VAL A 93 -4.55 -12.49 2.16
C VAL A 93 -3.05 -12.81 2.05
N PRO A 94 -2.65 -14.06 1.76
CA PRO A 94 -1.25 -14.42 1.69
C PRO A 94 -0.47 -13.52 0.73
N LYS A 95 0.80 -13.29 1.07
CA LYS A 95 1.64 -12.45 0.25
C LYS A 95 1.79 -13.06 -1.13
N ALA A 96 1.92 -14.38 -1.18
CA ALA A 96 1.94 -15.12 -2.43
C ALA A 96 0.78 -14.67 -3.33
N THR A 97 -0.44 -14.62 -2.78
CA THR A 97 -1.63 -14.17 -3.48
C THR A 97 -1.42 -12.73 -3.96
N ILE A 98 -1.01 -11.84 -3.05
CA ILE A 98 -0.79 -10.44 -3.35
C ILE A 98 0.20 -10.31 -4.52
N VAL A 99 1.42 -10.86 -4.40
CA VAL A 99 2.46 -10.79 -5.42
C VAL A 99 1.91 -11.23 -6.78
N GLN A 100 1.32 -12.43 -6.86
CA GLN A 100 0.77 -12.94 -8.11
C GLN A 100 -0.24 -11.94 -8.67
N THR A 101 -1.16 -11.47 -7.84
CA THR A 101 -2.19 -10.53 -8.24
C THR A 101 -1.56 -9.21 -8.73
N VAL A 102 -0.53 -8.71 -8.05
CA VAL A 102 0.16 -7.49 -8.43
C VAL A 102 0.81 -7.69 -9.81
N GLU A 103 1.54 -8.79 -9.98
CA GLU A 103 2.21 -9.12 -11.22
C GLU A 103 1.19 -9.20 -12.36
N LYS A 104 0.07 -9.89 -12.10
CA LYS A 104 -1.04 -9.99 -13.05
C LYS A 104 -1.46 -8.58 -13.49
N TYR A 105 -1.71 -7.69 -12.54
CA TYR A 105 -2.15 -6.34 -12.86
C TYR A 105 -1.07 -5.54 -13.60
N LEU A 106 0.17 -5.60 -13.13
CA LEU A 106 1.31 -4.85 -13.65
C LEU A 106 2.26 -5.81 -14.39
N ASN A 107 3.34 -6.24 -13.73
CA ASN A 107 4.36 -7.15 -14.21
C ASN A 107 5.16 -7.50 -12.95
N MET A 1 10.14 -0.04 6.16
CA MET A 1 11.59 0.08 5.98
C MET A 1 11.88 0.15 4.48
N GLU A 2 12.01 -1.00 3.81
CA GLU A 2 12.17 -1.03 2.37
C GLU A 2 10.90 -0.43 1.76
N ALA A 3 9.76 -0.78 2.34
CA ALA A 3 8.49 -0.13 2.05
C ALA A 3 8.49 1.16 2.88
N GLY A 4 8.20 2.31 2.26
CA GLY A 4 8.21 3.58 2.98
C GLY A 4 6.99 3.73 3.88
N ALA A 5 6.88 4.88 4.55
CA ALA A 5 5.75 5.24 5.38
C ALA A 5 5.19 6.56 4.84
N VAL A 6 3.88 6.71 4.74
CA VAL A 6 3.25 7.92 4.22
C VAL A 6 2.08 8.35 5.10
N ASN A 7 1.66 9.60 4.88
CA ASN A 7 0.52 10.26 5.49
C ASN A 7 -0.07 11.17 4.43
N ASP A 8 -1.22 11.76 4.70
CA ASP A 8 -1.97 12.65 3.79
C ASP A 8 -1.06 13.57 3.00
N ASP A 9 -0.14 14.22 3.71
CA ASP A 9 0.84 15.12 3.11
C ASP A 9 1.70 14.40 2.07
N THR A 10 2.63 13.57 2.55
CA THR A 10 3.59 12.85 1.72
C THR A 10 2.91 12.08 0.59
N PHE A 11 1.73 11.51 0.85
CA PHE A 11 0.89 10.78 -0.10
C PHE A 11 0.86 11.48 -1.46
N LYS A 12 0.66 12.79 -1.41
CA LYS A 12 0.59 13.66 -2.59
C LYS A 12 1.77 13.42 -3.53
N ASN A 13 2.97 13.39 -2.96
CA ASN A 13 4.21 13.22 -3.70
C ASN A 13 4.51 11.75 -3.95
N VAL A 14 4.60 11.00 -2.85
CA VAL A 14 5.04 9.62 -2.84
C VAL A 14 4.05 8.70 -3.56
N VAL A 15 2.74 8.93 -3.43
CA VAL A 15 1.70 8.06 -3.97
C VAL A 15 1.05 8.65 -5.21
N LEU A 16 0.44 9.83 -5.10
CA LEU A 16 -0.31 10.40 -6.22
C LEU A 16 0.63 10.75 -7.38
N GLU A 17 1.45 11.80 -7.22
CA GLU A 17 2.32 12.27 -8.29
C GLU A 17 3.59 11.42 -8.41
N SER A 18 3.40 10.10 -8.53
CA SER A 18 4.43 9.10 -8.67
C SER A 18 4.76 8.85 -10.14
N SER A 19 5.95 8.28 -10.40
CA SER A 19 6.42 7.89 -11.72
C SER A 19 6.03 6.43 -11.93
N VAL A 20 6.69 5.55 -11.19
CA VAL A 20 6.40 4.12 -11.14
C VAL A 20 5.17 3.94 -10.24
N PRO A 21 4.38 2.87 -10.41
CA PRO A 21 3.23 2.65 -9.56
C PRO A 21 3.68 2.49 -8.11
N VAL A 22 2.73 2.61 -7.19
CA VAL A 22 2.97 2.66 -5.76
C VAL A 22 2.00 1.74 -5.00
N LEU A 23 2.52 0.69 -4.37
CA LEU A 23 1.76 -0.24 -3.54
C LEU A 23 1.63 0.39 -2.15
N VAL A 24 0.45 0.91 -1.79
CA VAL A 24 0.19 1.52 -0.49
C VAL A 24 -0.60 0.56 0.38
N ASP A 25 -0.01 0.10 1.49
CA ASP A 25 -0.73 -0.69 2.48
C ASP A 25 -1.36 0.29 3.47
N PHE A 26 -2.69 0.40 3.51
CA PHE A 26 -3.34 1.25 4.50
C PHE A 26 -3.33 0.41 5.78
N TRP A 27 -2.56 0.84 6.78
CA TRP A 27 -2.35 0.09 8.02
C TRP A 27 -2.59 0.96 9.23
N ALA A 28 -2.27 0.42 10.41
CA ALA A 28 -2.28 1.14 11.68
C ALA A 28 -1.60 0.23 12.71
N PRO A 29 -0.93 0.77 13.73
CA PRO A 29 -0.26 -0.02 14.76
C PRO A 29 -1.22 -1.01 15.44
N TRP A 30 -2.42 -0.56 15.80
CA TRP A 30 -3.41 -1.44 16.45
C TRP A 30 -3.87 -2.57 15.53
N CYS A 31 -3.74 -2.40 14.20
CA CYS A 31 -4.22 -3.38 13.25
C CYS A 31 -3.29 -4.58 13.17
N GLY A 32 -3.47 -5.54 14.09
CA GLY A 32 -2.72 -6.79 14.12
C GLY A 32 -2.57 -7.43 12.73
N PRO A 33 -3.66 -7.66 11.98
CA PRO A 33 -3.59 -8.24 10.65
C PRO A 33 -2.70 -7.42 9.70
N CYS A 34 -2.56 -6.12 9.92
CA CYS A 34 -1.69 -5.27 9.13
C CYS A 34 -0.25 -5.51 9.59
N ARG A 35 -0.05 -5.37 10.90
CA ARG A 35 1.21 -5.53 11.60
C ARG A 35 1.93 -6.80 11.13
N ILE A 36 1.20 -7.91 11.06
CA ILE A 36 1.80 -9.19 10.66
C ILE A 36 2.15 -9.24 9.16
N ILE A 37 1.51 -8.49 8.26
CA ILE A 37 1.90 -8.50 6.85
C ILE A 37 3.00 -7.47 6.60
N ALA A 38 3.08 -6.41 7.42
CA ALA A 38 4.07 -5.33 7.31
C ALA A 38 5.50 -5.80 6.94
N PRO A 39 6.07 -6.86 7.54
CA PRO A 39 7.41 -7.31 7.24
C PRO A 39 7.47 -7.88 5.81
N VAL A 40 6.36 -8.50 5.42
CA VAL A 40 6.10 -9.09 4.13
C VAL A 40 5.89 -7.96 3.11
N VAL A 41 5.23 -6.86 3.48
CA VAL A 41 5.09 -5.68 2.64
C VAL A 41 6.50 -5.14 2.34
N ASP A 42 7.33 -5.05 3.40
CA ASP A 42 8.72 -4.65 3.26
C ASP A 42 9.45 -5.59 2.31
N GLU A 43 9.39 -6.91 2.54
CA GLU A 43 10.02 -7.87 1.62
C GLU A 43 9.59 -7.58 0.19
N ILE A 44 8.28 -7.44 -0.01
CA ILE A 44 7.71 -7.23 -1.33
C ILE A 44 8.30 -5.96 -1.94
N ALA A 45 8.50 -4.91 -1.13
CA ALA A 45 9.17 -3.71 -1.60
C ALA A 45 10.55 -4.05 -2.17
N GLY A 46 11.21 -5.07 -1.60
CA GLY A 46 12.47 -5.55 -2.11
C GLY A 46 12.21 -6.26 -3.43
N GLU A 47 11.32 -7.27 -3.41
CA GLU A 47 11.01 -8.05 -4.60
C GLU A 47 10.74 -7.19 -5.85
N TYR A 48 9.91 -6.16 -5.70
CA TYR A 48 9.50 -5.30 -6.82
C TYR A 48 10.14 -3.91 -6.78
N LYS A 49 11.28 -3.76 -6.09
CA LYS A 49 12.01 -2.49 -5.96
C LYS A 49 12.19 -1.82 -7.32
N ASP A 50 12.50 -2.64 -8.34
CA ASP A 50 12.71 -2.23 -9.71
C ASP A 50 11.54 -1.43 -10.28
N LYS A 51 10.40 -2.11 -10.46
CA LYS A 51 9.24 -1.58 -11.13
C LYS A 51 8.23 -0.87 -10.25
N LEU A 52 8.30 -1.01 -8.92
CA LEU A 52 7.20 -0.58 -8.08
C LEU A 52 7.67 0.11 -6.80
N LYS A 53 7.06 1.24 -6.43
CA LYS A 53 7.26 1.84 -5.14
C LYS A 53 6.37 1.05 -4.17
N CYS A 54 6.74 0.96 -2.89
CA CYS A 54 5.97 0.26 -1.89
C CYS A 54 5.95 1.12 -0.64
N VAL A 55 4.79 1.23 0.01
CA VAL A 55 4.60 2.14 1.14
C VAL A 55 3.51 1.66 2.09
N LYS A 56 3.47 2.28 3.26
CA LYS A 56 2.52 2.01 4.32
C LYS A 56 1.86 3.33 4.76
N LEU A 57 0.55 3.46 4.57
CA LEU A 57 -0.21 4.66 4.95
C LEU A 57 -0.89 4.44 6.29
N ASN A 58 -0.49 5.23 7.31
CA ASN A 58 -1.10 5.14 8.62
C ASN A 58 -2.52 5.70 8.53
N THR A 59 -3.50 4.81 8.65
CA THR A 59 -4.91 5.08 8.48
C THR A 59 -5.42 6.04 9.55
N ASP A 60 -5.00 5.82 10.79
CA ASP A 60 -5.42 6.61 11.94
C ASP A 60 -4.90 8.05 11.80
N GLU A 61 -3.72 8.19 11.20
CA GLU A 61 -3.08 9.46 10.91
C GLU A 61 -3.63 10.08 9.61
N SER A 62 -4.14 9.23 8.72
CA SER A 62 -4.67 9.59 7.41
C SER A 62 -6.11 9.09 7.17
N PRO A 63 -7.05 9.44 8.06
CA PRO A 63 -8.44 9.08 7.96
C PRO A 63 -9.03 9.78 6.74
N ASN A 64 -8.50 10.97 6.42
CA ASN A 64 -8.85 11.78 5.27
C ASN A 64 -8.95 10.92 4.00
N VAL A 65 -7.80 10.53 3.48
CA VAL A 65 -7.67 9.74 2.26
C VAL A 65 -8.57 8.51 2.34
N ALA A 66 -8.46 7.76 3.43
CA ALA A 66 -9.24 6.56 3.64
C ALA A 66 -10.75 6.81 3.56
N SER A 67 -11.22 7.95 4.10
CA SER A 67 -12.63 8.31 4.06
C SER A 67 -13.03 8.68 2.63
N GLU A 68 -12.19 9.48 1.96
CA GLU A 68 -12.40 9.87 0.57
C GLU A 68 -12.54 8.61 -0.29
N TYR A 69 -11.69 7.62 -0.04
CA TYR A 69 -11.70 6.35 -0.76
C TYR A 69 -12.80 5.41 -0.25
N GLY A 70 -13.26 5.59 1.00
CA GLY A 70 -14.34 4.82 1.59
C GLY A 70 -13.86 3.44 2.01
N ILE A 71 -12.71 3.37 2.68
CA ILE A 71 -12.14 2.11 3.13
C ILE A 71 -13.00 1.53 4.26
N ARG A 72 -13.40 0.27 4.13
CA ARG A 72 -14.27 -0.40 5.07
C ARG A 72 -13.51 -0.85 6.31
N SER A 73 -12.32 -1.46 6.13
CA SER A 73 -11.51 -1.98 7.21
C SER A 73 -10.07 -2.03 6.71
N ILE A 74 -9.10 -2.31 7.59
CA ILE A 74 -7.69 -2.40 7.22
C ILE A 74 -7.17 -3.78 7.65
N PRO A 75 -6.11 -4.32 7.00
CA PRO A 75 -5.36 -3.70 5.92
C PRO A 75 -6.18 -3.62 4.64
N THR A 76 -5.87 -2.58 3.87
CA THR A 76 -6.41 -2.32 2.57
C THR A 76 -5.20 -1.92 1.73
N ILE A 77 -4.71 -2.87 0.96
CA ILE A 77 -3.56 -2.72 0.10
C ILE A 77 -4.07 -2.23 -1.24
N MET A 78 -3.71 -1.01 -1.63
CA MET A 78 -4.15 -0.46 -2.90
C MET A 78 -2.93 -0.01 -3.68
N VAL A 79 -3.01 -0.06 -5.00
CA VAL A 79 -1.92 0.39 -5.86
C VAL A 79 -2.36 1.68 -6.51
N PHE A 80 -1.44 2.63 -6.62
CA PHE A 80 -1.64 3.90 -7.29
C PHE A 80 -0.61 4.08 -8.39
N LYS A 81 -0.84 5.09 -9.23
CA LYS A 81 -0.01 5.52 -10.33
C LYS A 81 -0.63 6.79 -10.89
N GLY A 82 0.14 7.65 -11.57
CA GLY A 82 -0.38 8.83 -12.26
C GLY A 82 -1.53 9.57 -11.56
N GLY A 83 -1.37 9.90 -10.27
CA GLY A 83 -2.37 10.65 -9.52
C GLY A 83 -3.69 9.94 -9.27
N LYS A 84 -3.78 8.61 -9.47
CA LYS A 84 -5.00 7.84 -9.26
C LYS A 84 -4.68 6.43 -8.79
N LYS A 85 -5.74 5.69 -8.41
CA LYS A 85 -5.67 4.32 -7.95
C LYS A 85 -5.70 3.37 -9.16
N CYS A 86 -5.27 2.13 -8.96
CA CYS A 86 -5.25 1.05 -9.94
C CYS A 86 -5.88 -0.21 -9.34
N GLU A 87 -5.26 -0.74 -8.28
CA GLU A 87 -5.68 -1.97 -7.60
C GLU A 87 -6.14 -1.65 -6.18
N THR A 88 -6.90 -2.57 -5.58
CA THR A 88 -7.38 -2.49 -4.20
C THR A 88 -7.61 -3.92 -3.71
N ILE A 89 -7.11 -4.27 -2.51
CA ILE A 89 -7.22 -5.58 -1.91
C ILE A 89 -7.48 -5.35 -0.41
N ILE A 90 -8.66 -5.72 0.09
CA ILE A 90 -9.03 -5.54 1.49
C ILE A 90 -8.83 -6.85 2.24
N GLY A 91 -8.31 -6.78 3.47
CA GLY A 91 -8.06 -7.93 4.32
C GLY A 91 -6.60 -8.34 4.28
N ALA A 92 -6.07 -8.87 5.40
CA ALA A 92 -4.68 -9.29 5.49
C ALA A 92 -4.45 -10.57 4.68
N VAL A 93 -4.39 -10.45 3.35
CA VAL A 93 -4.15 -11.60 2.50
C VAL A 93 -2.63 -11.89 2.52
N PRO A 94 -2.21 -13.17 2.46
CA PRO A 94 -0.78 -13.49 2.50
C PRO A 94 0.01 -12.90 1.33
N LYS A 95 1.32 -12.75 1.53
CA LYS A 95 2.27 -12.30 0.52
C LYS A 95 1.97 -12.96 -0.81
N ALA A 96 1.83 -14.28 -0.81
CA ALA A 96 1.53 -15.07 -2.01
C ALA A 96 0.40 -14.45 -2.83
N THR A 97 -0.67 -14.01 -2.17
CA THR A 97 -1.81 -13.39 -2.82
C THR A 97 -1.39 -12.03 -3.38
N ILE A 98 -0.73 -11.20 -2.57
CA ILE A 98 -0.28 -9.87 -2.96
C ILE A 98 0.57 -9.99 -4.23
N VAL A 99 1.59 -10.84 -4.17
CA VAL A 99 2.53 -11.19 -5.21
C VAL A 99 1.76 -11.48 -6.49
N GLN A 100 0.94 -12.54 -6.50
CA GLN A 100 0.19 -12.93 -7.68
C GLN A 100 -0.67 -11.76 -8.21
N THR A 101 -1.42 -11.13 -7.31
CA THR A 101 -2.32 -10.05 -7.69
C THR A 101 -1.56 -8.94 -8.41
N VAL A 102 -0.47 -8.42 -7.83
CA VAL A 102 0.25 -7.31 -8.43
C VAL A 102 0.98 -7.78 -9.69
N GLU A 103 1.59 -8.96 -9.64
CA GLU A 103 2.31 -9.55 -10.77
C GLU A 103 1.44 -9.60 -12.04
N LYS A 104 0.14 -9.86 -11.89
CA LYS A 104 -0.78 -9.81 -13.02
C LYS A 104 -0.58 -8.53 -13.83
N TYR A 105 -0.46 -7.41 -13.12
CA TYR A 105 -0.38 -6.08 -13.71
C TYR A 105 1.07 -5.70 -14.02
N LEU A 106 2.00 -6.01 -13.10
CA LEU A 106 3.42 -5.73 -13.25
C LEU A 106 4.22 -6.99 -12.96
N ASN A 107 4.32 -7.83 -13.98
CA ASN A 107 5.09 -9.07 -13.93
C ASN A 107 6.58 -8.77 -13.83
N MET A 1 10.94 -1.75 -4.60
CA MET A 1 11.90 -0.75 -4.16
C MET A 1 12.15 -0.87 -2.65
N GLU A 2 11.31 -0.25 -1.81
CA GLU A 2 11.45 -0.27 -0.36
C GLU A 2 10.12 0.18 0.25
N ALA A 3 10.03 0.19 1.59
CA ALA A 3 8.84 0.60 2.32
C ALA A 3 8.95 2.02 2.86
N GLY A 4 7.83 2.75 2.85
CA GLY A 4 7.68 4.07 3.46
C GLY A 4 6.42 4.09 4.34
N ALA A 5 6.16 5.20 5.00
CA ALA A 5 4.97 5.42 5.83
C ALA A 5 4.39 6.76 5.39
N VAL A 6 3.05 6.89 5.34
CA VAL A 6 2.41 8.10 4.85
C VAL A 6 1.15 8.45 5.64
N ASN A 7 0.67 9.65 5.32
CA ASN A 7 -0.56 10.31 5.75
C ASN A 7 -1.00 11.15 4.56
N ASP A 8 -2.21 11.69 4.63
CA ASP A 8 -2.89 12.50 3.64
C ASP A 8 -1.96 13.47 2.93
N ASP A 9 -1.18 14.22 3.72
CA ASP A 9 -0.22 15.17 3.16
C ASP A 9 0.78 14.47 2.25
N THR A 10 1.64 13.66 2.87
CA THR A 10 2.73 12.94 2.20
C THR A 10 2.22 12.10 1.02
N PHE A 11 1.04 11.48 1.17
CA PHE A 11 0.39 10.61 0.21
C PHE A 11 0.46 11.20 -1.20
N LYS A 12 0.15 12.48 -1.30
CA LYS A 12 0.15 13.20 -2.56
C LYS A 12 1.51 13.04 -3.27
N ASN A 13 2.58 13.40 -2.56
CA ASN A 13 3.94 13.34 -3.10
C ASN A 13 4.40 11.90 -3.29
N VAL A 14 4.32 11.11 -2.23
CA VAL A 14 4.83 9.75 -2.14
C VAL A 14 4.05 8.76 -3.03
N VAL A 15 2.75 8.99 -3.24
CA VAL A 15 1.89 8.07 -3.98
C VAL A 15 1.39 8.72 -5.27
N LEU A 16 0.47 9.68 -5.17
CA LEU A 16 -0.20 10.24 -6.35
C LEU A 16 0.79 10.76 -7.41
N GLU A 17 1.86 11.42 -6.98
CA GLU A 17 2.88 11.97 -7.85
C GLU A 17 4.05 11.00 -8.08
N SER A 18 3.93 9.72 -7.72
CA SER A 18 5.03 8.77 -7.87
C SER A 18 5.26 8.38 -9.33
N SER A 19 6.53 8.21 -9.70
CA SER A 19 6.97 7.78 -11.01
C SER A 19 6.80 6.28 -11.13
N VAL A 20 7.51 5.55 -10.26
CA VAL A 20 7.45 4.09 -10.21
C VAL A 20 6.16 3.70 -9.48
N PRO A 21 5.62 2.49 -9.72
CA PRO A 21 4.45 2.04 -9.03
C PRO A 21 4.64 2.02 -7.52
N VAL A 22 3.50 1.98 -6.84
CA VAL A 22 3.40 2.07 -5.40
C VAL A 22 2.32 1.12 -4.91
N LEU A 23 2.55 0.50 -3.75
CA LEU A 23 1.64 -0.39 -3.05
C LEU A 23 1.38 0.24 -1.68
N VAL A 24 0.23 0.87 -1.48
CA VAL A 24 -0.09 1.49 -0.20
C VAL A 24 -0.97 0.54 0.60
N ASP A 25 -0.60 0.23 1.84
CA ASP A 25 -1.46 -0.52 2.75
C ASP A 25 -2.05 0.48 3.73
N PHE A 26 -3.38 0.53 3.85
CA PHE A 26 -4.05 1.38 4.82
C PHE A 26 -3.95 0.61 6.13
N TRP A 27 -3.09 1.07 7.03
CA TRP A 27 -2.85 0.37 8.30
C TRP A 27 -3.23 1.22 9.49
N ALA A 28 -2.96 0.67 10.67
CA ALA A 28 -3.05 1.28 11.96
C ALA A 28 -2.32 0.29 12.87
N PRO A 29 -1.72 0.71 13.98
CA PRO A 29 -0.93 -0.23 14.77
C PRO A 29 -1.80 -1.31 15.37
N TRP A 30 -2.94 -0.89 15.88
CA TRP A 30 -3.96 -1.78 16.39
C TRP A 30 -4.40 -2.77 15.31
N CYS A 31 -4.17 -2.50 14.01
CA CYS A 31 -4.58 -3.44 12.97
C CYS A 31 -3.61 -4.61 12.90
N GLY A 32 -3.88 -5.65 13.70
CA GLY A 32 -3.10 -6.89 13.76
C GLY A 32 -2.58 -7.36 12.40
N PRO A 33 -3.47 -7.71 11.44
CA PRO A 33 -3.09 -8.12 10.10
C PRO A 33 -2.10 -7.16 9.47
N CYS A 34 -2.39 -5.87 9.55
CA CYS A 34 -1.55 -4.84 8.96
C CYS A 34 -0.16 -4.95 9.57
N ARG A 35 -0.11 -4.92 10.90
CA ARG A 35 1.12 -5.00 11.68
C ARG A 35 1.95 -6.22 11.29
N ILE A 36 1.36 -7.41 11.34
CA ILE A 36 2.10 -8.66 11.09
C ILE A 36 2.41 -8.87 9.60
N ILE A 37 1.60 -8.34 8.67
CA ILE A 37 1.86 -8.49 7.24
C ILE A 37 2.86 -7.42 6.78
N ALA A 38 2.93 -6.25 7.44
CA ALA A 38 3.83 -5.16 7.11
C ALA A 38 5.26 -5.57 6.69
N PRO A 39 5.95 -6.49 7.38
CA PRO A 39 7.30 -6.92 7.00
C PRO A 39 7.25 -7.60 5.62
N VAL A 40 6.17 -8.33 5.37
CA VAL A 40 5.94 -9.02 4.12
C VAL A 40 5.69 -7.95 3.05
N VAL A 41 4.88 -6.92 3.36
CA VAL A 41 4.66 -5.82 2.42
C VAL A 41 6.02 -5.18 2.10
N ASP A 42 6.87 -4.95 3.11
CA ASP A 42 8.19 -4.40 2.93
C ASP A 42 9.02 -5.25 1.99
N GLU A 43 9.26 -6.52 2.34
CA GLU A 43 10.09 -7.36 1.51
C GLU A 43 9.52 -7.50 0.11
N ILE A 44 8.20 -7.51 -0.06
CA ILE A 44 7.66 -7.55 -1.41
C ILE A 44 8.22 -6.36 -2.17
N ALA A 45 8.26 -5.17 -1.56
CA ALA A 45 8.91 -4.06 -2.22
C ALA A 45 10.40 -4.33 -2.34
N GLY A 46 11.11 -4.77 -1.30
CA GLY A 46 12.53 -5.07 -1.37
C GLY A 46 12.85 -5.94 -2.59
N GLU A 47 12.24 -7.13 -2.62
CA GLU A 47 12.28 -8.07 -3.73
C GLU A 47 11.97 -7.36 -5.06
N TYR A 48 10.83 -6.68 -5.14
CA TYR A 48 10.37 -5.99 -6.36
C TYR A 48 11.02 -4.59 -6.45
N LYS A 49 12.36 -4.63 -6.47
CA LYS A 49 13.25 -3.49 -6.61
C LYS A 49 12.79 -2.60 -7.78
N ASP A 50 12.83 -1.28 -7.58
CA ASP A 50 12.46 -0.23 -8.52
C ASP A 50 10.96 -0.15 -8.77
N LYS A 51 10.38 -1.26 -9.20
CA LYS A 51 9.03 -1.30 -9.74
C LYS A 51 7.93 -1.22 -8.71
N LEU A 52 8.22 -1.33 -7.41
CA LEU A 52 7.15 -1.35 -6.42
C LEU A 52 7.53 -0.57 -5.15
N LYS A 53 6.93 0.60 -4.89
CA LYS A 53 7.24 1.36 -3.70
C LYS A 53 6.21 0.97 -2.63
N CYS A 54 6.62 0.28 -1.57
CA CYS A 54 5.68 -0.10 -0.52
C CYS A 54 5.45 1.11 0.36
N VAL A 55 4.19 1.32 0.74
CA VAL A 55 3.86 2.36 1.68
C VAL A 55 2.79 1.91 2.63
N LYS A 56 2.72 2.59 3.75
CA LYS A 56 1.81 2.27 4.84
C LYS A 56 1.15 3.56 5.31
N LEU A 57 -0.12 3.73 4.97
CA LEU A 57 -0.89 4.91 5.38
C LEU A 57 -1.55 4.69 6.72
N ASN A 58 -1.21 5.52 7.71
CA ASN A 58 -1.82 5.38 9.03
C ASN A 58 -3.24 5.94 8.96
N THR A 59 -4.21 5.04 8.97
CA THR A 59 -5.63 5.33 8.79
C THR A 59 -6.20 6.11 9.97
N ASP A 60 -5.66 5.87 11.15
CA ASP A 60 -6.10 6.49 12.39
C ASP A 60 -5.76 7.99 12.35
N GLU A 61 -4.57 8.28 11.84
CA GLU A 61 -3.98 9.59 11.65
C GLU A 61 -4.44 10.26 10.35
N SER A 62 -4.76 9.46 9.32
CA SER A 62 -5.12 9.91 7.99
C SER A 62 -6.45 9.32 7.52
N PRO A 63 -7.52 9.47 8.30
CA PRO A 63 -8.86 9.04 7.96
C PRO A 63 -9.32 9.81 6.72
N ASN A 64 -8.78 11.03 6.55
CA ASN A 64 -9.03 11.90 5.41
C ASN A 64 -9.08 11.09 4.11
N VAL A 65 -7.97 10.41 3.82
CA VAL A 65 -7.80 9.62 2.60
C VAL A 65 -8.86 8.53 2.53
N ALA A 66 -8.97 7.77 3.62
CA ALA A 66 -9.97 6.70 3.72
C ALA A 66 -11.37 7.25 3.40
N SER A 67 -11.69 8.45 3.88
CA SER A 67 -12.97 9.10 3.64
C SER A 67 -13.10 9.50 2.18
N GLU A 68 -12.04 10.09 1.61
CA GLU A 68 -11.99 10.50 0.21
C GLU A 68 -12.29 9.30 -0.70
N TYR A 69 -11.71 8.13 -0.39
CA TYR A 69 -11.96 6.92 -1.17
C TYR A 69 -13.32 6.32 -0.82
N GLY A 70 -13.73 6.43 0.45
CA GLY A 70 -15.02 5.97 0.93
C GLY A 70 -14.93 4.60 1.57
N ILE A 71 -13.92 4.40 2.42
CA ILE A 71 -13.66 3.19 3.16
C ILE A 71 -13.34 3.57 4.61
N ARG A 72 -13.05 2.58 5.46
CA ARG A 72 -12.74 2.78 6.87
C ARG A 72 -11.96 1.59 7.40
N SER A 73 -12.59 0.40 7.41
CA SER A 73 -11.96 -0.81 7.89
C SER A 73 -10.65 -1.04 7.16
N ILE A 74 -9.74 -1.76 7.82
CA ILE A 74 -8.41 -2.08 7.33
C ILE A 74 -8.08 -3.51 7.80
N PRO A 75 -7.15 -4.24 7.17
CA PRO A 75 -6.30 -3.83 6.05
C PRO A 75 -7.09 -3.59 4.76
N THR A 76 -6.50 -2.78 3.88
CA THR A 76 -7.00 -2.45 2.56
C THR A 76 -5.77 -1.93 1.83
N ILE A 77 -5.36 -2.64 0.78
CA ILE A 77 -4.20 -2.31 -0.01
C ILE A 77 -4.68 -1.58 -1.26
N MET A 78 -3.89 -0.65 -1.80
CA MET A 78 -4.19 0.03 -3.05
C MET A 78 -2.92 0.09 -3.87
N VAL A 79 -3.03 -0.26 -5.16
CA VAL A 79 -1.92 -0.23 -6.09
C VAL A 79 -2.03 1.05 -6.90
N PHE A 80 -0.88 1.69 -7.18
CA PHE A 80 -0.79 2.89 -7.99
C PHE A 80 0.34 2.68 -8.97
N LYS A 81 0.20 3.21 -10.19
CA LYS A 81 1.18 3.11 -11.26
C LYS A 81 0.97 4.32 -12.16
N GLY A 82 2.05 4.96 -12.60
CA GLY A 82 1.93 6.22 -13.31
C GLY A 82 1.23 7.22 -12.37
N GLY A 83 1.69 7.26 -11.12
CA GLY A 83 1.15 8.14 -10.09
C GLY A 83 -0.20 7.68 -9.54
N LYS A 84 -1.20 7.58 -10.40
CA LYS A 84 -2.58 7.29 -10.00
C LYS A 84 -2.85 5.81 -9.75
N LYS A 85 -4.02 5.56 -9.14
CA LYS A 85 -4.48 4.26 -8.68
C LYS A 85 -4.76 3.27 -9.82
N CYS A 86 -4.67 1.97 -9.50
CA CYS A 86 -4.99 0.83 -10.35
C CYS A 86 -6.18 0.07 -9.77
N GLU A 87 -5.93 -0.65 -8.66
CA GLU A 87 -6.91 -1.51 -8.00
C GLU A 87 -6.69 -1.49 -6.49
N THR A 88 -7.62 -2.11 -5.76
CA THR A 88 -7.65 -2.25 -4.31
C THR A 88 -7.54 -3.74 -3.96
N ILE A 89 -6.90 -4.10 -2.86
CA ILE A 89 -6.76 -5.48 -2.37
C ILE A 89 -6.96 -5.43 -0.85
N ILE A 90 -6.79 -6.56 -0.16
CA ILE A 90 -6.95 -6.69 1.28
C ILE A 90 -5.75 -7.46 1.81
N GLY A 91 -5.39 -7.23 3.08
CA GLY A 91 -4.30 -7.93 3.76
C GLY A 91 -4.73 -9.33 4.17
N ALA A 92 -4.10 -9.88 5.22
CA ALA A 92 -4.36 -11.23 5.71
C ALA A 92 -4.28 -12.28 4.58
N VAL A 93 -3.28 -12.15 3.71
CA VAL A 93 -3.01 -13.06 2.60
C VAL A 93 -1.48 -13.22 2.49
N PRO A 94 -0.97 -14.35 1.97
CA PRO A 94 0.45 -14.57 1.87
C PRO A 94 1.06 -13.80 0.69
N LYS A 95 2.38 -13.62 0.76
CA LYS A 95 3.14 -12.89 -0.23
C LYS A 95 2.85 -13.38 -1.65
N ALA A 96 2.77 -14.69 -1.84
CA ALA A 96 2.48 -15.28 -3.14
C ALA A 96 1.23 -14.66 -3.76
N THR A 97 0.16 -14.47 -2.96
CA THR A 97 -1.08 -13.89 -3.42
C THR A 97 -0.84 -12.43 -3.82
N ILE A 98 -0.23 -11.66 -2.92
CA ILE A 98 0.05 -10.24 -3.14
C ILE A 98 0.86 -10.08 -4.43
N VAL A 99 1.97 -10.81 -4.55
CA VAL A 99 2.85 -10.82 -5.69
C VAL A 99 2.04 -11.10 -6.96
N GLN A 100 1.34 -12.24 -7.04
CA GLN A 100 0.56 -12.56 -8.23
C GLN A 100 -0.43 -11.44 -8.56
N THR A 101 -1.16 -10.95 -7.55
CA THR A 101 -2.16 -9.91 -7.75
C THR A 101 -1.53 -8.63 -8.30
N VAL A 102 -0.38 -8.20 -7.75
CA VAL A 102 0.23 -6.95 -8.22
C VAL A 102 0.83 -7.17 -9.61
N GLU A 103 1.55 -8.28 -9.79
CA GLU A 103 2.15 -8.67 -11.05
C GLU A 103 1.12 -8.65 -12.17
N LYS A 104 -0.06 -9.21 -11.91
CA LYS A 104 -1.17 -9.21 -12.87
C LYS A 104 -1.38 -7.79 -13.43
N TYR A 105 -1.34 -6.77 -12.56
CA TYR A 105 -1.57 -5.40 -12.98
C TYR A 105 -0.31 -4.82 -13.63
N LEU A 106 0.86 -5.11 -13.04
CA LEU A 106 2.16 -4.66 -13.53
C LEU A 106 2.71 -5.70 -14.50
N ASN A 107 3.69 -6.49 -14.06
CA ASN A 107 4.34 -7.58 -14.74
C ASN A 107 5.07 -8.32 -13.61
N MET A 1 13.62 -2.91 3.19
CA MET A 1 13.71 -1.50 3.60
C MET A 1 13.15 -0.55 2.52
N GLU A 2 12.01 -0.88 1.93
CA GLU A 2 11.39 -0.10 0.86
C GLU A 2 10.07 0.50 1.31
N ALA A 3 9.31 -0.22 2.16
CA ALA A 3 8.02 0.21 2.65
C ALA A 3 8.14 1.46 3.54
N GLY A 4 7.93 2.65 2.97
CA GLY A 4 7.96 3.88 3.74
C GLY A 4 6.65 4.05 4.54
N ALA A 5 6.47 5.20 5.19
CA ALA A 5 5.27 5.53 5.95
C ALA A 5 4.70 6.85 5.44
N VAL A 6 3.37 6.99 5.33
CA VAL A 6 2.73 8.21 4.84
C VAL A 6 1.47 8.54 5.64
N ASN A 7 0.99 9.77 5.39
CA ASN A 7 -0.24 10.34 5.92
C ASN A 7 -0.82 11.20 4.81
N ASP A 8 -2.04 11.72 5.01
CA ASP A 8 -2.81 12.52 4.05
C ASP A 8 -1.92 13.49 3.27
N ASP A 9 -1.04 14.20 3.98
CA ASP A 9 -0.13 15.16 3.36
C ASP A 9 0.89 14.43 2.47
N THR A 10 1.87 13.79 3.11
CA THR A 10 3.00 13.13 2.46
C THR A 10 2.55 12.23 1.30
N PHE A 11 1.43 11.53 1.48
CA PHE A 11 0.77 10.68 0.50
C PHE A 11 0.79 11.30 -0.89
N LYS A 12 0.43 12.57 -0.95
CA LYS A 12 0.41 13.36 -2.18
C LYS A 12 1.68 13.16 -3.00
N ASN A 13 2.80 13.62 -2.47
CA ASN A 13 4.05 13.59 -3.20
C ASN A 13 4.57 12.18 -3.31
N VAL A 14 4.53 11.49 -2.17
CA VAL A 14 5.17 10.20 -2.05
C VAL A 14 4.48 9.15 -2.91
N VAL A 15 3.15 9.22 -3.01
CA VAL A 15 2.35 8.26 -3.76
C VAL A 15 1.84 8.88 -5.06
N LEU A 16 0.85 9.78 -4.98
CA LEU A 16 0.15 10.27 -6.15
C LEU A 16 1.11 10.80 -7.22
N GLU A 17 1.99 11.72 -6.83
CA GLU A 17 2.94 12.33 -7.75
C GLU A 17 4.18 11.45 -8.00
N SER A 18 4.18 10.18 -7.59
CA SER A 18 5.34 9.32 -7.83
C SER A 18 5.50 9.11 -9.34
N SER A 19 6.74 8.86 -9.77
CA SER A 19 7.08 8.60 -11.16
C SER A 19 6.74 7.15 -11.46
N VAL A 20 7.44 6.24 -10.79
CA VAL A 20 7.20 4.81 -10.91
C VAL A 20 5.98 4.46 -10.05
N PRO A 21 5.24 3.37 -10.35
CA PRO A 21 4.11 2.93 -9.55
C PRO A 21 4.47 2.75 -8.08
N VAL A 22 3.45 2.66 -7.23
CA VAL A 22 3.57 2.61 -5.79
C VAL A 22 2.52 1.69 -5.17
N LEU A 23 2.89 0.96 -4.11
CA LEU A 23 2.01 0.13 -3.30
C LEU A 23 1.74 0.87 -1.98
N VAL A 24 0.49 1.00 -1.56
CA VAL A 24 0.13 1.70 -0.33
C VAL A 24 -0.69 0.78 0.56
N ASP A 25 -0.12 0.33 1.68
CA ASP A 25 -0.87 -0.47 2.65
C ASP A 25 -1.52 0.50 3.64
N PHE A 26 -2.85 0.55 3.70
CA PHE A 26 -3.54 1.37 4.68
C PHE A 26 -3.50 0.57 5.98
N TRP A 27 -2.81 1.08 7.00
CA TRP A 27 -2.61 0.38 8.26
C TRP A 27 -2.95 1.27 9.45
N ALA A 28 -2.68 0.77 10.65
CA ALA A 28 -2.84 1.49 11.91
C ALA A 28 -2.12 0.66 12.98
N PRO A 29 -1.68 1.23 14.11
CA PRO A 29 -0.98 0.48 15.13
C PRO A 29 -1.87 -0.65 15.67
N TRP A 30 -3.15 -0.36 15.85
CA TRP A 30 -4.13 -1.34 16.28
C TRP A 30 -4.44 -2.36 15.17
N CYS A 31 -4.01 -2.12 13.93
CA CYS A 31 -4.30 -3.07 12.86
C CYS A 31 -3.39 -4.30 12.98
N GLY A 32 -3.79 -5.24 13.85
CA GLY A 32 -3.09 -6.50 14.09
C GLY A 32 -2.47 -7.11 12.82
N PRO A 33 -3.28 -7.46 11.80
CA PRO A 33 -2.76 -8.04 10.57
C PRO A 33 -1.72 -7.17 9.91
N CYS A 34 -1.92 -5.85 9.89
CA CYS A 34 -1.01 -4.92 9.25
C CYS A 34 0.39 -5.10 9.82
N ARG A 35 0.50 -5.15 11.15
CA ARG A 35 1.77 -5.30 11.84
C ARG A 35 2.52 -6.53 11.37
N ILE A 36 1.86 -7.70 11.39
CA ILE A 36 2.52 -8.95 11.02
C ILE A 36 2.74 -9.05 9.50
N ILE A 37 1.87 -8.44 8.68
CA ILE A 37 2.00 -8.42 7.23
C ILE A 37 3.05 -7.39 6.78
N ALA A 38 3.38 -6.37 7.59
CA ALA A 38 4.40 -5.36 7.27
C ALA A 38 5.67 -5.90 6.59
N PRO A 39 6.31 -6.99 7.04
CA PRO A 39 7.49 -7.54 6.39
C PRO A 39 7.16 -7.98 4.96
N VAL A 40 5.95 -8.54 4.78
CA VAL A 40 5.44 -8.97 3.49
C VAL A 40 5.29 -7.72 2.61
N VAL A 41 4.66 -6.67 3.13
CA VAL A 41 4.49 -5.39 2.43
C VAL A 41 5.86 -4.94 1.89
N ASP A 42 6.89 -5.05 2.73
CA ASP A 42 8.24 -4.66 2.36
C ASP A 42 8.86 -5.57 1.32
N GLU A 43 9.03 -6.86 1.62
CA GLU A 43 9.71 -7.77 0.71
C GLU A 43 9.03 -7.85 -0.66
N ILE A 44 7.69 -7.85 -0.70
CA ILE A 44 6.98 -7.87 -1.98
C ILE A 44 7.37 -6.62 -2.76
N ALA A 45 7.54 -5.48 -2.09
CA ALA A 45 8.02 -4.30 -2.76
C ALA A 45 9.42 -4.57 -3.30
N GLY A 46 10.31 -5.05 -2.42
CA GLY A 46 11.69 -5.38 -2.78
C GLY A 46 11.75 -6.16 -4.10
N GLU A 47 10.99 -7.25 -4.19
CA GLU A 47 10.90 -8.09 -5.37
C GLU A 47 10.68 -7.28 -6.66
N TYR A 48 9.92 -6.19 -6.59
CA TYR A 48 9.58 -5.31 -7.70
C TYR A 48 10.07 -3.86 -7.48
N LYS A 49 11.13 -3.64 -6.69
CA LYS A 49 11.61 -2.32 -6.28
C LYS A 49 11.54 -1.26 -7.39
N ASP A 50 12.12 -1.57 -8.54
CA ASP A 50 12.18 -0.69 -9.69
C ASP A 50 10.80 -0.23 -10.15
N LYS A 51 9.94 -1.22 -10.36
CA LYS A 51 8.61 -1.06 -10.92
C LYS A 51 7.59 -0.58 -9.89
N LEU A 52 7.87 -0.76 -8.59
CA LEU A 52 6.89 -0.52 -7.55
C LEU A 52 7.54 0.06 -6.28
N LYS A 53 7.20 1.30 -5.92
CA LYS A 53 7.60 1.87 -4.64
C LYS A 53 6.63 1.29 -3.61
N CYS A 54 6.90 1.44 -2.32
CA CYS A 54 6.00 0.87 -1.33
C CYS A 54 5.92 1.76 -0.12
N VAL A 55 4.73 1.86 0.45
CA VAL A 55 4.47 2.78 1.54
C VAL A 55 3.32 2.27 2.39
N LYS A 56 3.23 2.79 3.61
CA LYS A 56 2.26 2.41 4.60
C LYS A 56 1.53 3.65 5.12
N LEU A 57 0.27 3.80 4.76
CA LEU A 57 -0.52 4.97 5.16
C LEU A 57 -1.18 4.73 6.51
N ASN A 58 -0.88 5.60 7.48
CA ASN A 58 -1.51 5.49 8.78
C ASN A 58 -2.95 5.98 8.69
N THR A 59 -3.89 5.05 8.72
CA THR A 59 -5.32 5.27 8.54
C THR A 59 -5.89 6.09 9.70
N ASP A 60 -5.37 5.87 10.91
CA ASP A 60 -5.79 6.55 12.12
C ASP A 60 -5.52 8.04 12.00
N GLU A 61 -4.37 8.36 11.40
CA GLU A 61 -3.89 9.70 11.11
C GLU A 61 -4.48 10.20 9.78
N SER A 62 -4.92 9.29 8.90
CA SER A 62 -5.45 9.59 7.58
C SER A 62 -6.89 9.11 7.34
N PRO A 63 -7.83 9.44 8.23
CA PRO A 63 -9.23 9.08 8.08
C PRO A 63 -9.81 9.78 6.85
N ASN A 64 -9.24 10.93 6.50
CA ASN A 64 -9.66 11.72 5.34
C ASN A 64 -9.63 10.85 4.09
N VAL A 65 -8.42 10.59 3.58
CA VAL A 65 -8.20 9.82 2.37
C VAL A 65 -8.93 8.47 2.47
N ALA A 66 -8.81 7.82 3.63
CA ALA A 66 -9.46 6.54 3.89
C ALA A 66 -10.97 6.61 3.66
N SER A 67 -11.64 7.63 4.19
CA SER A 67 -13.08 7.81 4.04
C SER A 67 -13.42 8.19 2.60
N GLU A 68 -12.59 9.05 1.99
CA GLU A 68 -12.76 9.44 0.59
C GLU A 68 -12.76 8.20 -0.31
N TYR A 69 -11.87 7.25 -0.04
CA TYR A 69 -11.82 6.00 -0.80
C TYR A 69 -12.93 5.06 -0.33
N GLY A 70 -13.30 5.12 0.95
CA GLY A 70 -14.39 4.35 1.52
C GLY A 70 -13.87 3.01 2.03
N ILE A 71 -12.78 3.04 2.78
CA ILE A 71 -12.17 1.84 3.32
C ILE A 71 -13.04 1.32 4.46
N ARG A 72 -13.63 0.14 4.28
CA ARG A 72 -14.52 -0.45 5.28
C ARG A 72 -13.70 -1.10 6.41
N SER A 73 -12.49 -1.59 6.12
CA SER A 73 -11.63 -2.22 7.10
C SER A 73 -10.19 -2.20 6.57
N ILE A 74 -9.21 -2.31 7.46
CA ILE A 74 -7.80 -2.36 7.13
C ILE A 74 -7.31 -3.70 7.66
N PRO A 75 -6.28 -4.33 7.06
CA PRO A 75 -5.49 -3.85 5.92
C PRO A 75 -6.27 -3.77 4.61
N THR A 76 -5.90 -2.77 3.81
CA THR A 76 -6.38 -2.52 2.47
C THR A 76 -5.16 -2.02 1.72
N ILE A 77 -4.68 -2.80 0.75
CA ILE A 77 -3.49 -2.50 -0.03
C ILE A 77 -3.95 -1.94 -1.37
N MET A 78 -3.55 -0.71 -1.68
CA MET A 78 -3.83 -0.07 -2.95
C MET A 78 -2.56 -0.05 -3.80
N VAL A 79 -2.74 0.09 -5.11
CA VAL A 79 -1.66 0.24 -6.07
C VAL A 79 -1.94 1.50 -6.87
N PHE A 80 -0.94 2.37 -7.00
CA PHE A 80 -0.98 3.62 -7.75
C PHE A 80 0.02 3.52 -8.88
N LYS A 81 -0.28 4.18 -10.01
CA LYS A 81 0.57 4.17 -11.20
C LYS A 81 0.50 5.54 -11.88
N GLY A 82 0.76 6.60 -11.10
CA GLY A 82 0.72 7.96 -11.59
C GLY A 82 -0.63 8.58 -11.29
N GLY A 83 -0.79 9.15 -10.09
CA GLY A 83 -2.03 9.80 -9.67
C GLY A 83 -3.14 8.81 -9.38
N LYS A 84 -3.63 8.14 -10.42
CA LYS A 84 -4.73 7.20 -10.36
C LYS A 84 -4.27 5.84 -9.83
N LYS A 85 -5.26 5.03 -9.42
CA LYS A 85 -5.05 3.69 -8.90
C LYS A 85 -5.11 2.66 -10.02
N CYS A 86 -4.36 1.56 -9.84
CA CYS A 86 -4.36 0.42 -10.73
C CYS A 86 -5.41 -0.56 -10.24
N GLU A 87 -5.32 -0.89 -8.94
CA GLU A 87 -6.23 -1.79 -8.25
C GLU A 87 -6.10 -1.56 -6.73
N THR A 88 -6.86 -2.34 -5.95
CA THR A 88 -6.87 -2.31 -4.50
C THR A 88 -7.40 -3.65 -4.01
N ILE A 89 -6.87 -4.18 -2.91
CA ILE A 89 -7.30 -5.44 -2.31
C ILE A 89 -7.36 -5.30 -0.80
N ILE A 90 -8.20 -6.10 -0.15
CA ILE A 90 -8.24 -6.18 1.30
C ILE A 90 -7.08 -7.10 1.68
N GLY A 91 -6.37 -6.81 2.77
CA GLY A 91 -5.25 -7.65 3.19
C GLY A 91 -5.77 -8.89 3.93
N ALA A 92 -5.11 -9.27 5.03
CA ALA A 92 -5.47 -10.47 5.80
C ALA A 92 -5.57 -11.71 4.90
N VAL A 93 -4.61 -11.85 3.97
CA VAL A 93 -4.49 -12.98 3.05
C VAL A 93 -3.00 -13.32 2.96
N PRO A 94 -2.61 -14.58 2.71
CA PRO A 94 -1.22 -14.96 2.62
C PRO A 94 -0.47 -14.19 1.53
N LYS A 95 0.84 -14.01 1.76
CA LYS A 95 1.76 -13.33 0.86
C LYS A 95 1.63 -13.86 -0.56
N ALA A 96 1.55 -15.19 -0.71
CA ALA A 96 1.40 -15.85 -1.99
C ALA A 96 0.23 -15.24 -2.78
N THR A 97 -0.89 -14.97 -2.12
CA THR A 97 -2.07 -14.38 -2.72
C THR A 97 -1.72 -12.98 -3.25
N ILE A 98 -1.09 -12.18 -2.37
CA ILE A 98 -0.68 -10.82 -2.67
C ILE A 98 0.27 -10.83 -3.88
N VAL A 99 1.32 -11.65 -3.85
CA VAL A 99 2.28 -11.80 -4.94
C VAL A 99 1.54 -12.12 -6.23
N GLN A 100 0.78 -13.24 -6.25
CA GLN A 100 0.04 -13.66 -7.43
C GLN A 100 -0.82 -12.51 -7.98
N THR A 101 -1.47 -11.77 -7.08
CA THR A 101 -2.25 -10.61 -7.48
C THR A 101 -1.34 -9.58 -8.18
N VAL A 102 -0.32 -9.08 -7.49
CA VAL A 102 0.59 -8.05 -8.00
C VAL A 102 1.17 -8.44 -9.36
N GLU A 103 1.64 -9.69 -9.49
CA GLU A 103 2.26 -10.25 -10.70
C GLU A 103 1.50 -9.91 -11.98
N LYS A 104 0.17 -9.92 -11.92
CA LYS A 104 -0.68 -9.57 -13.04
C LYS A 104 -0.40 -8.15 -13.51
N TYR A 105 -0.37 -7.23 -12.55
CA TYR A 105 -0.28 -5.80 -12.76
C TYR A 105 1.17 -5.41 -13.03
N LEU A 106 2.03 -5.64 -12.04
CA LEU A 106 3.44 -5.31 -12.09
C LEU A 106 4.15 -6.50 -12.74
N ASN A 107 3.80 -6.74 -13.99
CA ASN A 107 4.36 -7.82 -14.78
C ASN A 107 5.66 -7.34 -15.42
N MET A 1 10.26 0.52 6.18
CA MET A 1 11.61 1.01 5.85
C MET A 1 11.97 0.67 4.39
N GLU A 2 11.84 -0.59 3.99
CA GLU A 2 11.98 -0.95 2.57
C GLU A 2 10.79 -0.33 1.86
N ALA A 3 9.61 -0.56 2.45
CA ALA A 3 8.39 0.10 2.06
C ALA A 3 8.35 1.40 2.86
N GLY A 4 7.92 2.50 2.25
CA GLY A 4 7.88 3.78 2.94
C GLY A 4 6.68 3.87 3.89
N ALA A 5 6.62 4.95 4.66
CA ALA A 5 5.52 5.26 5.56
C ALA A 5 4.95 6.58 5.05
N VAL A 6 3.63 6.69 4.91
CA VAL A 6 2.98 7.90 4.41
C VAL A 6 1.81 8.31 5.28
N ASN A 7 1.40 9.56 5.06
CA ASN A 7 0.28 10.25 5.68
C ASN A 7 -0.29 11.15 4.58
N ASP A 8 -1.45 11.73 4.81
CA ASP A 8 -2.12 12.66 3.90
C ASP A 8 -1.12 13.62 3.24
N ASP A 9 -0.34 14.28 4.09
CA ASP A 9 0.68 15.25 3.68
C ASP A 9 1.66 14.66 2.66
N THR A 10 2.28 13.52 2.98
CA THR A 10 3.30 12.91 2.14
C THR A 10 2.70 12.17 0.94
N PHE A 11 1.50 11.61 1.10
CA PHE A 11 0.72 10.87 0.11
C PHE A 11 0.78 11.58 -1.23
N LYS A 12 0.64 12.89 -1.18
CA LYS A 12 0.73 13.77 -2.32
C LYS A 12 2.01 13.50 -3.12
N ASN A 13 3.16 13.81 -2.53
CA ASN A 13 4.47 13.66 -3.16
C ASN A 13 4.77 12.21 -3.50
N VAL A 14 4.43 11.32 -2.59
CA VAL A 14 4.88 9.94 -2.65
C VAL A 14 3.97 9.06 -3.51
N VAL A 15 2.66 9.20 -3.36
CA VAL A 15 1.67 8.36 -4.02
C VAL A 15 1.09 9.06 -5.25
N LEU A 16 0.57 10.28 -5.12
CA LEU A 16 -0.04 10.94 -6.27
C LEU A 16 1.02 11.31 -7.31
N GLU A 17 2.03 12.10 -6.92
CA GLU A 17 3.09 12.57 -7.80
C GLU A 17 4.14 11.46 -8.01
N SER A 18 3.69 10.27 -8.38
CA SER A 18 4.51 9.08 -8.54
C SER A 18 5.08 8.95 -9.96
N SER A 19 6.21 8.25 -10.06
CA SER A 19 6.89 7.90 -11.30
C SER A 19 6.54 6.45 -11.63
N VAL A 20 7.10 5.53 -10.85
CA VAL A 20 6.77 4.11 -10.91
C VAL A 20 5.45 3.92 -10.16
N PRO A 21 4.70 2.82 -10.41
CA PRO A 21 3.51 2.53 -9.64
C PRO A 21 3.85 2.45 -8.15
N VAL A 22 2.83 2.61 -7.32
CA VAL A 22 2.97 2.69 -5.87
C VAL A 22 1.88 1.88 -5.18
N LEU A 23 2.26 0.88 -4.40
CA LEU A 23 1.35 0.05 -3.62
C LEU A 23 1.29 0.62 -2.21
N VAL A 24 0.14 1.20 -1.85
CA VAL A 24 -0.06 1.83 -0.54
C VAL A 24 -0.89 0.91 0.34
N ASP A 25 -0.30 0.37 1.41
CA ASP A 25 -1.01 -0.46 2.37
C ASP A 25 -1.65 0.46 3.40
N PHE A 26 -2.98 0.52 3.44
CA PHE A 26 -3.67 1.32 4.44
C PHE A 26 -3.64 0.48 5.72
N TRP A 27 -2.90 0.94 6.74
CA TRP A 27 -2.69 0.18 7.97
C TRP A 27 -3.01 1.04 9.19
N ALA A 28 -2.74 0.49 10.37
CA ALA A 28 -2.88 1.17 11.66
C ALA A 28 -2.23 0.27 12.74
N PRO A 29 -1.74 0.83 13.85
CA PRO A 29 -1.10 0.06 14.91
C PRO A 29 -2.10 -0.90 15.54
N TRP A 30 -3.33 -0.42 15.79
CA TRP A 30 -4.39 -1.22 16.36
C TRP A 30 -4.83 -2.33 15.39
N CYS A 31 -4.49 -2.21 14.10
CA CYS A 31 -4.90 -3.23 13.14
C CYS A 31 -4.04 -4.50 13.29
N GLY A 32 -4.59 -5.46 14.04
CA GLY A 32 -4.01 -6.77 14.34
C GLY A 32 -3.13 -7.35 13.23
N PRO A 33 -3.67 -7.75 12.07
CA PRO A 33 -2.84 -8.34 11.03
C PRO A 33 -1.84 -7.32 10.50
N CYS A 34 -2.27 -6.08 10.26
CA CYS A 34 -1.42 -5.03 9.71
C CYS A 34 -0.09 -4.99 10.47
N ARG A 35 -0.19 -4.95 11.80
CA ARG A 35 0.93 -4.92 12.72
C ARG A 35 1.99 -5.96 12.36
N ILE A 36 1.56 -7.20 12.15
CA ILE A 36 2.46 -8.32 11.85
C ILE A 36 2.69 -8.50 10.35
N ILE A 37 1.89 -7.86 9.47
CA ILE A 37 2.06 -7.96 8.03
C ILE A 37 3.09 -6.92 7.55
N ALA A 38 3.24 -5.80 8.27
CA ALA A 38 4.19 -4.73 7.95
C ALA A 38 5.57 -5.22 7.46
N PRO A 39 6.25 -6.19 8.11
CA PRO A 39 7.55 -6.67 7.65
C PRO A 39 7.41 -7.32 6.27
N VAL A 40 6.29 -8.01 6.06
CA VAL A 40 5.95 -8.65 4.81
C VAL A 40 5.82 -7.54 3.76
N VAL A 41 5.02 -6.50 4.06
CA VAL A 41 4.82 -5.34 3.18
C VAL A 41 6.19 -4.78 2.78
N ASP A 42 7.10 -4.63 3.75
CA ASP A 42 8.45 -4.17 3.50
C ASP A 42 9.16 -5.04 2.47
N GLU A 43 9.36 -6.34 2.75
CA GLU A 43 10.12 -7.19 1.83
C GLU A 43 9.51 -7.26 0.42
N ILE A 44 8.18 -7.14 0.26
CA ILE A 44 7.65 -7.17 -1.11
C ILE A 44 8.24 -6.00 -1.92
N ALA A 45 8.65 -4.90 -1.27
CA ALA A 45 9.34 -3.81 -1.97
C ALA A 45 10.58 -4.37 -2.67
N GLY A 46 11.31 -5.27 -2.01
CA GLY A 46 12.48 -5.93 -2.56
C GLY A 46 12.07 -6.81 -3.74
N GLU A 47 10.94 -7.54 -3.60
CA GLU A 47 10.42 -8.37 -4.67
C GLU A 47 10.14 -7.51 -5.91
N TYR A 48 9.64 -6.28 -5.72
CA TYR A 48 9.36 -5.36 -6.82
C TYR A 48 10.62 -4.66 -7.32
N LYS A 49 11.63 -5.48 -7.66
CA LYS A 49 12.85 -5.08 -8.35
C LYS A 49 12.37 -4.55 -9.68
N ASP A 50 11.45 -5.29 -10.32
CA ASP A 50 10.66 -4.73 -11.38
C ASP A 50 9.82 -3.72 -10.60
N LYS A 51 10.17 -2.48 -10.84
CA LYS A 51 9.96 -1.45 -9.89
C LYS A 51 8.52 -1.04 -9.72
N LEU A 52 8.08 -1.48 -8.56
CA LEU A 52 6.82 -1.12 -7.93
C LEU A 52 7.18 -0.54 -6.56
N LYS A 53 6.80 0.71 -6.26
CA LYS A 53 7.11 1.29 -4.97
C LYS A 53 6.11 0.71 -3.96
N CYS A 54 6.51 0.57 -2.70
CA CYS A 54 5.65 0.04 -1.65
C CYS A 54 5.62 1.04 -0.50
N VAL A 55 4.45 1.27 0.09
CA VAL A 55 4.28 2.26 1.15
C VAL A 55 3.20 1.81 2.11
N LYS A 56 3.14 2.46 3.28
CA LYS A 56 2.19 2.17 4.34
C LYS A 56 1.56 3.46 4.85
N LEU A 57 0.26 3.65 4.58
CA LEU A 57 -0.52 4.82 4.98
C LEU A 57 -1.18 4.55 6.32
N ASN A 58 -0.80 5.32 7.34
CA ASN A 58 -1.42 5.19 8.66
C ASN A 58 -2.82 5.80 8.62
N THR A 59 -3.83 4.94 8.68
CA THR A 59 -5.23 5.30 8.52
C THR A 59 -5.72 6.19 9.66
N ASP A 60 -5.18 5.99 10.86
CA ASP A 60 -5.54 6.76 12.05
C ASP A 60 -5.03 8.20 11.92
N GLU A 61 -3.84 8.33 11.36
CA GLU A 61 -3.13 9.59 11.12
C GLU A 61 -3.64 10.28 9.84
N SER A 62 -4.09 9.49 8.85
CA SER A 62 -4.58 9.95 7.56
C SER A 62 -6.00 9.45 7.28
N PRO A 63 -6.94 9.72 8.19
CA PRO A 63 -8.35 9.38 8.04
C PRO A 63 -8.92 10.16 6.85
N ASN A 64 -8.36 11.34 6.60
CA ASN A 64 -8.73 12.22 5.49
C ASN A 64 -8.82 11.40 4.20
N VAL A 65 -7.67 10.95 3.72
CA VAL A 65 -7.55 10.17 2.49
C VAL A 65 -8.47 8.97 2.55
N ALA A 66 -8.29 8.13 3.57
CA ALA A 66 -9.05 6.90 3.73
C ALA A 66 -10.56 7.13 3.64
N SER A 67 -11.10 8.13 4.34
CA SER A 67 -12.53 8.42 4.33
C SER A 67 -12.96 8.83 2.91
N GLU A 68 -12.23 9.76 2.31
CA GLU A 68 -12.49 10.22 0.95
C GLU A 68 -12.51 9.03 -0.03
N TYR A 69 -11.59 8.08 0.17
CA TYR A 69 -11.43 6.89 -0.64
C TYR A 69 -12.47 5.81 -0.29
N GLY A 70 -13.03 5.85 0.91
CA GLY A 70 -14.07 4.93 1.37
C GLY A 70 -13.49 3.68 2.02
N ILE A 71 -12.31 3.79 2.60
CA ILE A 71 -11.60 2.68 3.20
C ILE A 71 -12.16 2.44 4.59
N ARG A 72 -13.31 1.74 4.61
CA ARG A 72 -14.04 1.43 5.84
C ARG A 72 -13.41 0.26 6.61
N SER A 73 -12.37 -0.37 6.09
CA SER A 73 -11.69 -1.49 6.72
C SER A 73 -10.27 -1.56 6.20
N ILE A 74 -9.37 -2.19 6.95
CA ILE A 74 -7.96 -2.35 6.66
C ILE A 74 -7.55 -3.73 7.22
N PRO A 75 -6.47 -4.37 6.76
CA PRO A 75 -5.53 -3.94 5.72
C PRO A 75 -6.08 -4.04 4.31
N THR A 76 -5.65 -3.12 3.48
CA THR A 76 -6.03 -3.03 2.07
C THR A 76 -4.92 -2.25 1.38
N ILE A 77 -4.28 -2.88 0.39
CA ILE A 77 -3.20 -2.32 -0.40
C ILE A 77 -3.80 -1.80 -1.68
N MET A 78 -3.75 -0.49 -1.95
CA MET A 78 -4.25 0.05 -3.22
C MET A 78 -3.07 0.26 -4.16
N VAL A 79 -3.34 0.08 -5.45
CA VAL A 79 -2.35 0.15 -6.51
C VAL A 79 -2.49 1.48 -7.25
N PHE A 80 -1.57 2.40 -7.01
CA PHE A 80 -1.50 3.66 -7.73
C PHE A 80 -0.61 3.40 -8.94
N LYS A 81 -1.13 3.66 -10.14
CA LYS A 81 -0.44 3.39 -11.41
C LYS A 81 -0.03 4.68 -12.13
N GLY A 82 -0.26 5.82 -11.49
CA GLY A 82 -0.01 7.13 -12.03
C GLY A 82 -1.11 8.06 -11.55
N GLY A 83 -0.84 8.87 -10.53
CA GLY A 83 -1.82 9.80 -10.00
C GLY A 83 -2.88 9.09 -9.17
N LYS A 84 -3.78 8.38 -9.83
CA LYS A 84 -4.91 7.70 -9.20
C LYS A 84 -4.66 6.20 -9.06
N LYS A 85 -5.58 5.53 -8.36
CA LYS A 85 -5.53 4.10 -8.14
C LYS A 85 -6.03 3.36 -9.39
N CYS A 86 -5.69 2.07 -9.48
CA CYS A 86 -6.13 1.18 -10.54
C CYS A 86 -6.91 0.04 -9.91
N GLU A 87 -6.21 -0.80 -9.14
CA GLU A 87 -6.80 -1.92 -8.40
C GLU A 87 -6.42 -1.82 -6.91
N THR A 88 -6.68 -2.89 -6.16
CA THR A 88 -6.37 -2.99 -4.75
C THR A 88 -6.29 -4.49 -4.40
N ILE A 89 -5.77 -4.82 -3.22
CA ILE A 89 -5.61 -6.18 -2.72
C ILE A 89 -5.93 -6.10 -1.23
N ILE A 90 -6.75 -7.00 -0.69
CA ILE A 90 -7.07 -7.01 0.73
C ILE A 90 -5.87 -7.65 1.43
N GLY A 91 -5.47 -7.15 2.61
CA GLY A 91 -4.32 -7.70 3.31
C GLY A 91 -4.63 -9.03 3.99
N ALA A 92 -3.85 -9.39 5.01
CA ALA A 92 -3.94 -10.69 5.69
C ALA A 92 -3.83 -11.82 4.67
N VAL A 93 -2.76 -11.81 3.87
CA VAL A 93 -2.46 -12.78 2.82
C VAL A 93 -0.98 -13.15 2.90
N PRO A 94 -0.55 -14.30 2.37
CA PRO A 94 0.85 -14.58 2.18
C PRO A 94 1.29 -13.68 1.03
N LYS A 95 2.51 -13.16 1.11
CA LYS A 95 2.98 -12.27 0.08
C LYS A 95 3.02 -12.96 -1.28
N ALA A 96 3.22 -14.28 -1.32
CA ALA A 96 3.19 -15.03 -2.57
C ALA A 96 1.93 -14.64 -3.35
N THR A 97 0.76 -14.79 -2.72
CA THR A 97 -0.53 -14.43 -3.29
C THR A 97 -0.53 -12.97 -3.73
N ILE A 98 -0.04 -12.07 -2.88
CA ILE A 98 0.02 -10.63 -3.21
C ILE A 98 0.82 -10.45 -4.51
N VAL A 99 1.99 -11.06 -4.61
CA VAL A 99 2.85 -10.96 -5.78
C VAL A 99 2.12 -11.55 -6.99
N GLN A 100 1.48 -12.71 -6.88
CA GLN A 100 0.74 -13.30 -8.00
C GLN A 100 -0.33 -12.32 -8.45
N THR A 101 -1.01 -11.71 -7.49
CA THR A 101 -2.05 -10.73 -7.78
C THR A 101 -1.42 -9.54 -8.53
N VAL A 102 -0.29 -9.03 -8.05
CA VAL A 102 0.44 -7.95 -8.72
C VAL A 102 0.75 -8.36 -10.15
N GLU A 103 1.30 -9.55 -10.35
CA GLU A 103 1.64 -10.07 -11.67
C GLU A 103 0.38 -10.06 -12.54
N LYS A 104 -0.73 -10.57 -12.02
CA LYS A 104 -2.01 -10.57 -12.74
C LYS A 104 -2.34 -9.15 -13.21
N TYR A 105 -2.14 -8.14 -12.36
CA TYR A 105 -2.39 -6.75 -12.73
C TYR A 105 -1.36 -6.22 -13.73
N LEU A 106 -0.08 -6.58 -13.58
CA LEU A 106 1.00 -6.12 -14.44
C LEU A 106 1.17 -7.06 -15.64
N ASN A 107 1.92 -8.14 -15.47
CA ASN A 107 2.21 -9.19 -16.42
C ASN A 107 2.77 -10.34 -15.59
N MET A 1 10.08 0.68 6.15
CA MET A 1 11.53 0.68 5.94
C MET A 1 11.78 -0.11 4.66
N GLU A 2 12.71 0.31 3.79
CA GLU A 2 12.86 -0.23 2.44
C GLU A 2 11.64 0.27 1.67
N ALA A 3 10.47 -0.27 2.01
CA ALA A 3 9.18 0.28 1.64
C ALA A 3 9.03 1.56 2.45
N GLY A 4 8.44 2.61 1.87
CA GLY A 4 8.29 3.85 2.59
C GLY A 4 7.15 3.76 3.61
N ALA A 5 6.85 4.91 4.23
CA ALA A 5 5.73 5.12 5.12
C ALA A 5 5.13 6.43 4.62
N VAL A 6 3.80 6.53 4.52
CA VAL A 6 3.15 7.73 4.02
C VAL A 6 2.07 8.16 4.99
N ASN A 7 1.57 9.37 4.78
CA ASN A 7 0.51 10.01 5.53
C ASN A 7 -0.35 10.74 4.52
N ASP A 8 -1.46 11.34 4.95
CA ASP A 8 -2.40 12.05 4.09
C ASP A 8 -1.69 13.01 3.14
N ASP A 9 -0.77 13.79 3.70
CA ASP A 9 0.04 14.74 2.96
C ASP A 9 0.92 14.00 1.93
N THR A 10 1.94 13.30 2.43
CA THR A 10 2.95 12.62 1.62
C THR A 10 2.33 11.71 0.56
N PHE A 11 1.19 11.08 0.87
CA PHE A 11 0.40 10.25 -0.05
C PHE A 11 0.34 10.91 -1.42
N LYS A 12 0.06 12.20 -1.42
CA LYS A 12 0.01 12.96 -2.65
C LYS A 12 1.31 12.85 -3.44
N ASN A 13 2.41 13.30 -2.85
CA ASN A 13 3.72 13.35 -3.48
C ASN A 13 4.25 11.96 -3.83
N VAL A 14 3.89 10.97 -3.04
CA VAL A 14 4.45 9.63 -3.13
C VAL A 14 3.59 8.69 -3.97
N VAL A 15 2.28 8.68 -3.70
CA VAL A 15 1.31 7.79 -4.33
C VAL A 15 0.64 8.44 -5.52
N LEU A 16 0.07 9.63 -5.38
CA LEU A 16 -0.63 10.25 -6.49
C LEU A 16 0.37 10.67 -7.58
N GLU A 17 1.34 11.51 -7.24
CA GLU A 17 2.33 12.04 -8.16
C GLU A 17 3.45 11.01 -8.39
N SER A 18 3.06 9.77 -8.72
CA SER A 18 3.94 8.65 -8.93
C SER A 18 4.40 8.52 -10.39
N SER A 19 5.64 8.07 -10.56
CA SER A 19 6.24 7.76 -11.85
C SER A 19 6.02 6.28 -12.10
N VAL A 20 6.65 5.46 -11.26
CA VAL A 20 6.50 4.01 -11.24
C VAL A 20 5.20 3.66 -10.52
N PRO A 21 4.67 2.44 -10.71
CA PRO A 21 3.57 1.96 -9.92
C PRO A 21 3.90 2.02 -8.43
N VAL A 22 2.86 1.96 -7.61
CA VAL A 22 2.92 2.08 -6.17
C VAL A 22 2.00 1.06 -5.52
N LEU A 23 2.40 0.53 -4.36
CA LEU A 23 1.64 -0.39 -3.51
C LEU A 23 1.60 0.25 -2.14
N VAL A 24 0.50 0.91 -1.76
CA VAL A 24 0.37 1.57 -0.46
C VAL A 24 -0.57 0.72 0.40
N ASP A 25 -0.05 0.20 1.51
CA ASP A 25 -0.83 -0.59 2.45
C ASP A 25 -1.46 0.34 3.48
N PHE A 26 -2.78 0.43 3.54
CA PHE A 26 -3.44 1.22 4.57
C PHE A 26 -3.40 0.33 5.81
N TRP A 27 -2.58 0.70 6.79
CA TRP A 27 -2.34 -0.08 8.00
C TRP A 27 -2.66 0.73 9.25
N ALA A 28 -2.28 0.21 10.42
CA ALA A 28 -2.34 0.87 11.71
C ALA A 28 -1.62 -0.05 12.70
N PRO A 29 -1.00 0.44 13.76
CA PRO A 29 -0.30 -0.40 14.72
C PRO A 29 -1.23 -1.45 15.32
N TRP A 30 -2.47 -1.05 15.62
CA TRP A 30 -3.48 -1.94 16.15
C TRP A 30 -3.91 -2.99 15.10
N CYS A 31 -3.61 -2.78 13.82
CA CYS A 31 -3.98 -3.73 12.77
C CYS A 31 -3.10 -4.98 12.81
N GLY A 32 -3.46 -5.95 13.66
CA GLY A 32 -2.76 -7.23 13.77
C GLY A 32 -2.25 -7.79 12.43
N PRO A 33 -3.15 -8.06 11.46
CA PRO A 33 -2.76 -8.55 10.14
C PRO A 33 -1.67 -7.70 9.50
N CYS A 34 -1.88 -6.38 9.48
CA CYS A 34 -0.95 -5.43 8.89
C CYS A 34 0.40 -5.56 9.58
N ARG A 35 0.37 -5.62 10.91
CA ARG A 35 1.56 -5.72 11.75
C ARG A 35 2.39 -6.93 11.34
N ILE A 36 1.75 -8.10 11.23
CA ILE A 36 2.51 -9.31 10.89
C ILE A 36 3.01 -9.26 9.44
N ILE A 37 2.24 -8.73 8.48
CA ILE A 37 2.75 -8.65 7.10
C ILE A 37 3.76 -7.50 6.92
N ALA A 38 3.71 -6.44 7.74
CA ALA A 38 4.58 -5.26 7.64
C ALA A 38 6.05 -5.57 7.28
N PRO A 39 6.75 -6.53 7.92
CA PRO A 39 8.13 -6.86 7.58
C PRO A 39 8.23 -7.37 6.14
N VAL A 40 7.21 -8.13 5.72
CA VAL A 40 7.11 -8.68 4.39
C VAL A 40 6.91 -7.49 3.43
N VAL A 41 5.99 -6.57 3.78
CA VAL A 41 5.75 -5.36 3.00
C VAL A 41 7.08 -4.58 2.86
N ASP A 42 7.86 -4.49 3.94
CA ASP A 42 9.15 -3.82 3.91
C ASP A 42 10.06 -4.49 2.86
N GLU A 43 10.46 -5.75 3.07
CA GLU A 43 11.39 -6.41 2.18
C GLU A 43 10.89 -6.49 0.74
N ILE A 44 9.58 -6.55 0.51
CA ILE A 44 9.02 -6.55 -0.82
C ILE A 44 9.61 -5.38 -1.63
N ALA A 45 9.91 -4.24 -1.01
CA ALA A 45 10.54 -3.12 -1.73
C ALA A 45 11.87 -3.56 -2.35
N GLY A 46 12.63 -4.41 -1.64
CA GLY A 46 13.90 -4.94 -2.09
C GLY A 46 13.67 -5.96 -3.20
N GLU A 47 12.50 -6.58 -3.25
CA GLU A 47 12.14 -7.48 -4.33
C GLU A 47 11.83 -6.66 -5.57
N TYR A 48 10.91 -5.69 -5.44
CA TYR A 48 10.45 -4.87 -6.54
C TYR A 48 11.41 -3.74 -6.91
N LYS A 49 12.64 -4.15 -7.23
CA LYS A 49 13.65 -3.36 -7.91
C LYS A 49 13.04 -3.11 -9.28
N ASP A 50 12.42 -4.18 -9.82
CA ASP A 50 11.48 -4.07 -10.91
C ASP A 50 10.38 -3.33 -10.19
N LYS A 51 10.23 -2.11 -10.59
CA LYS A 51 9.72 -1.13 -9.68
C LYS A 51 8.24 -1.24 -9.37
N LEU A 52 8.11 -1.32 -8.07
CA LEU A 52 6.86 -1.13 -7.35
C LEU A 52 7.15 -0.23 -6.14
N LYS A 53 6.52 0.94 -6.02
CA LYS A 53 6.84 1.82 -4.91
C LYS A 53 6.05 1.32 -3.72
N CYS A 54 6.67 0.47 -2.90
CA CYS A 54 5.99 -0.13 -1.77
C CYS A 54 5.93 0.88 -0.61
N VAL A 55 4.75 1.09 -0.03
CA VAL A 55 4.52 2.06 1.04
C VAL A 55 3.43 1.61 2.01
N LYS A 56 3.25 2.39 3.07
CA LYS A 56 2.34 2.10 4.18
C LYS A 56 1.68 3.38 4.72
N LEU A 57 0.36 3.55 4.55
CA LEU A 57 -0.37 4.72 5.06
C LEU A 57 -1.06 4.40 6.38
N ASN A 58 -0.78 5.21 7.40
CA ASN A 58 -1.34 5.10 8.72
C ASN A 58 -2.81 5.49 8.81
N THR A 59 -3.71 4.51 8.93
CA THR A 59 -5.15 4.72 8.97
C THR A 59 -5.61 5.13 10.38
N ASP A 60 -4.89 6.08 11.01
CA ASP A 60 -5.23 6.60 12.33
C ASP A 60 -4.69 8.03 12.40
N GLU A 61 -3.44 8.19 12.01
CA GLU A 61 -2.72 9.45 11.84
C GLU A 61 -3.04 10.07 10.46
N SER A 62 -3.55 9.27 9.52
CA SER A 62 -3.92 9.71 8.18
C SER A 62 -5.25 9.09 7.73
N PRO A 63 -6.33 9.39 8.46
CA PRO A 63 -7.68 8.96 8.19
C PRO A 63 -8.29 9.78 7.07
N ASN A 64 -7.80 11.01 6.86
CA ASN A 64 -8.27 11.93 5.83
C ASN A 64 -8.41 11.22 4.48
N VAL A 65 -7.26 10.85 3.92
CA VAL A 65 -7.19 10.15 2.65
C VAL A 65 -7.98 8.85 2.73
N ALA A 66 -7.82 8.12 3.83
CA ALA A 66 -8.54 6.87 4.03
C ALA A 66 -10.06 7.06 3.86
N SER A 67 -10.60 8.16 4.39
CA SER A 67 -12.01 8.49 4.31
C SER A 67 -12.36 8.86 2.87
N GLU A 68 -11.53 9.71 2.25
CA GLU A 68 -11.72 10.14 0.87
C GLU A 68 -11.84 8.94 -0.07
N TYR A 69 -10.94 7.96 0.08
CA TYR A 69 -10.93 6.76 -0.76
C TYR A 69 -11.99 5.75 -0.31
N GLY A 70 -12.31 5.72 0.99
CA GLY A 70 -13.33 4.84 1.53
C GLY A 70 -12.72 3.51 1.94
N ILE A 71 -11.70 3.58 2.78
CA ILE A 71 -10.98 2.42 3.28
C ILE A 71 -11.90 1.65 4.24
N ARG A 72 -12.62 0.67 3.70
CA ARG A 72 -13.55 -0.14 4.47
C ARG A 72 -12.74 -1.17 5.25
N SER A 73 -12.21 -0.72 6.39
CA SER A 73 -11.35 -1.47 7.30
C SER A 73 -9.96 -1.62 6.68
N ILE A 74 -9.10 -2.37 7.37
CA ILE A 74 -7.71 -2.60 6.98
C ILE A 74 -7.33 -4.04 7.39
N PRO A 75 -6.32 -4.68 6.78
CA PRO A 75 -5.46 -4.17 5.73
C PRO A 75 -6.22 -3.97 4.43
N THR A 76 -5.90 -2.85 3.79
CA THR A 76 -6.44 -2.44 2.51
C THR A 76 -5.22 -1.98 1.72
N ILE A 77 -4.71 -2.87 0.88
CA ILE A 77 -3.56 -2.62 0.05
C ILE A 77 -4.08 -2.03 -1.25
N MET A 78 -3.83 -0.75 -1.45
CA MET A 78 -4.20 -0.05 -2.67
C MET A 78 -2.99 -0.03 -3.58
N VAL A 79 -3.23 -0.16 -4.89
CA VAL A 79 -2.19 -0.06 -5.89
C VAL A 79 -2.50 1.19 -6.70
N PHE A 80 -1.51 2.04 -6.97
CA PHE A 80 -1.67 3.26 -7.76
C PHE A 80 -0.58 3.29 -8.82
N LYS A 81 -0.78 4.11 -9.85
CA LYS A 81 0.16 4.20 -10.98
C LYS A 81 -0.09 5.48 -11.76
N GLY A 82 0.36 6.62 -11.25
CA GLY A 82 0.17 7.87 -11.96
C GLY A 82 -1.20 8.46 -11.64
N GLY A 83 -1.39 8.94 -10.41
CA GLY A 83 -2.62 9.55 -9.95
C GLY A 83 -3.72 8.54 -9.67
N LYS A 84 -4.05 7.74 -10.67
CA LYS A 84 -5.15 6.80 -10.62
C LYS A 84 -4.78 5.53 -9.85
N LYS A 85 -5.83 4.90 -9.33
CA LYS A 85 -5.82 3.68 -8.55
C LYS A 85 -5.96 2.51 -9.53
N CYS A 86 -5.09 1.51 -9.41
CA CYS A 86 -5.12 0.30 -10.22
C CYS A 86 -5.99 -0.76 -9.54
N GLU A 87 -5.64 -1.12 -8.30
CA GLU A 87 -6.28 -2.18 -7.52
C GLU A 87 -6.52 -1.76 -6.07
N THR A 88 -7.33 -2.56 -5.39
CA THR A 88 -7.67 -2.48 -3.97
C THR A 88 -7.76 -3.93 -3.50
N ILE A 89 -7.03 -4.29 -2.45
CA ILE A 89 -7.01 -5.64 -1.90
C ILE A 89 -7.28 -5.50 -0.40
N ILE A 90 -8.51 -5.81 0.01
CA ILE A 90 -8.99 -5.68 1.39
C ILE A 90 -8.97 -7.05 2.06
N GLY A 91 -8.54 -7.10 3.32
CA GLY A 91 -8.57 -8.31 4.14
C GLY A 91 -7.18 -8.92 4.33
N ALA A 92 -7.00 -9.69 5.41
CA ALA A 92 -5.75 -10.33 5.79
C ALA A 92 -5.37 -11.50 4.87
N VAL A 93 -5.36 -11.30 3.56
CA VAL A 93 -4.92 -12.34 2.63
C VAL A 93 -3.38 -12.33 2.62
N PRO A 94 -2.72 -13.48 2.40
CA PRO A 94 -1.27 -13.54 2.49
C PRO A 94 -0.60 -12.79 1.34
N LYS A 95 0.64 -12.36 1.57
CA LYS A 95 1.45 -11.60 0.62
C LYS A 95 1.43 -12.26 -0.76
N ALA A 96 1.60 -13.57 -0.79
CA ALA A 96 1.53 -14.37 -2.02
C ALA A 96 0.35 -13.95 -2.90
N THR A 97 -0.81 -13.69 -2.29
CA THR A 97 -2.01 -13.26 -2.99
C THR A 97 -1.76 -11.90 -3.65
N ILE A 98 -1.24 -10.95 -2.86
CA ILE A 98 -0.91 -9.60 -3.29
C ILE A 98 0.06 -9.69 -4.47
N VAL A 99 1.15 -10.42 -4.30
CA VAL A 99 2.19 -10.61 -5.31
C VAL A 99 1.56 -11.10 -6.61
N GLN A 100 0.86 -12.24 -6.56
CA GLN A 100 0.23 -12.80 -7.75
C GLN A 100 -0.69 -11.78 -8.41
N THR A 101 -1.57 -11.15 -7.63
CA THR A 101 -2.52 -10.19 -8.16
C THR A 101 -1.80 -9.00 -8.82
N VAL A 102 -0.92 -8.32 -8.08
CA VAL A 102 -0.25 -7.14 -8.61
C VAL A 102 0.55 -7.49 -9.86
N GLU A 103 1.23 -8.63 -9.84
CA GLU A 103 2.00 -9.08 -10.99
C GLU A 103 1.06 -9.34 -12.18
N LYS A 104 -0.06 -10.02 -11.95
CA LYS A 104 -1.05 -10.27 -12.99
C LYS A 104 -1.47 -8.93 -13.62
N TYR A 105 -1.65 -7.90 -12.79
CA TYR A 105 -2.06 -6.57 -13.24
C TYR A 105 -0.92 -5.83 -13.95
N LEU A 106 0.30 -5.89 -13.41
CA LEU A 106 1.49 -5.21 -13.93
C LEU A 106 2.28 -6.20 -14.81
N ASN A 107 3.18 -6.95 -14.19
CA ASN A 107 4.03 -7.97 -14.77
C ASN A 107 4.64 -8.73 -13.59
N MET A 1 11.20 -1.27 -4.88
CA MET A 1 12.08 -0.40 -4.11
C MET A 1 11.74 -0.52 -2.64
N GLU A 2 12.69 -0.27 -1.74
CA GLU A 2 12.49 -0.27 -0.30
C GLU A 2 11.19 0.47 0.05
N ALA A 3 10.38 -0.12 0.94
CA ALA A 3 9.10 0.46 1.32
C ALA A 3 9.29 1.66 2.24
N GLY A 4 8.27 2.52 2.29
CA GLY A 4 8.23 3.69 3.16
C GLY A 4 6.99 3.66 4.05
N ALA A 5 6.71 4.79 4.71
CA ALA A 5 5.53 5.01 5.54
C ALA A 5 4.99 6.38 5.15
N VAL A 6 3.67 6.57 5.19
CA VAL A 6 3.05 7.83 4.77
C VAL A 6 1.95 8.26 5.74
N ASN A 7 1.53 9.50 5.56
CA ASN A 7 0.46 10.20 6.24
C ASN A 7 -0.30 10.95 5.16
N ASP A 8 -1.45 11.51 5.53
CA ASP A 8 -2.30 12.34 4.68
C ASP A 8 -1.48 13.27 3.80
N ASP A 9 -0.55 13.99 4.44
CA ASP A 9 0.34 14.91 3.76
C ASP A 9 1.20 14.18 2.73
N THR A 10 2.18 13.41 3.21
CA THR A 10 3.18 12.74 2.38
C THR A 10 2.54 11.89 1.28
N PHE A 11 1.40 11.25 1.55
CA PHE A 11 0.61 10.46 0.59
C PHE A 11 0.56 11.15 -0.77
N LYS A 12 0.30 12.45 -0.72
CA LYS A 12 0.26 13.29 -1.92
C LYS A 12 1.50 13.10 -2.80
N ASN A 13 2.67 13.42 -2.26
CA ASN A 13 3.92 13.40 -2.98
C ASN A 13 4.38 11.98 -3.27
N VAL A 14 4.20 11.11 -2.29
CA VAL A 14 4.75 9.77 -2.28
C VAL A 14 3.90 8.76 -3.04
N VAL A 15 2.57 8.84 -2.92
CA VAL A 15 1.64 7.90 -3.53
C VAL A 15 1.03 8.48 -4.79
N LEU A 16 0.34 9.62 -4.67
CA LEU A 16 -0.36 10.19 -5.81
C LEU A 16 0.64 10.63 -6.87
N GLU A 17 1.43 11.67 -6.58
CA GLU A 17 2.31 12.32 -7.54
C GLU A 17 3.59 11.53 -7.79
N SER A 18 3.52 10.20 -7.79
CA SER A 18 4.64 9.31 -8.08
C SER A 18 4.64 8.99 -9.57
N SER A 19 5.84 8.88 -10.15
CA SER A 19 6.05 8.54 -11.54
C SER A 19 5.89 7.02 -11.69
N VAL A 20 6.74 6.28 -10.99
CA VAL A 20 6.71 4.82 -10.98
C VAL A 20 5.58 4.39 -10.04
N PRO A 21 5.01 3.18 -10.21
CA PRO A 21 3.95 2.70 -9.36
C PRO A 21 4.29 2.68 -7.87
N VAL A 22 3.23 2.64 -7.05
CA VAL A 22 3.31 2.71 -5.60
C VAL A 22 2.29 1.79 -4.94
N LEU A 23 2.77 0.80 -4.17
CA LEU A 23 1.95 -0.17 -3.44
C LEU A 23 1.71 0.34 -2.01
N VAL A 24 0.67 1.14 -1.78
CA VAL A 24 0.42 1.66 -0.44
C VAL A 24 -0.56 0.72 0.29
N ASP A 25 -0.24 0.38 1.54
CA ASP A 25 -1.09 -0.43 2.39
C ASP A 25 -1.69 0.47 3.47
N PHE A 26 -3.01 0.55 3.57
CA PHE A 26 -3.68 1.29 4.62
C PHE A 26 -3.65 0.37 5.84
N TRP A 27 -2.84 0.70 6.85
CA TRP A 27 -2.66 -0.15 8.03
C TRP A 27 -3.00 0.64 9.29
N ALA A 28 -2.74 0.00 10.42
CA ALA A 28 -2.82 0.57 11.76
C ALA A 28 -2.07 -0.44 12.64
N PRO A 29 -1.47 -0.04 13.76
CA PRO A 29 -0.69 -0.97 14.55
C PRO A 29 -1.55 -2.01 15.21
N TRP A 30 -2.65 -1.53 15.79
CA TRP A 30 -3.67 -2.37 16.39
C TRP A 30 -4.20 -3.38 15.36
N CYS A 31 -4.04 -3.11 14.05
CA CYS A 31 -4.51 -4.04 13.02
C CYS A 31 -3.54 -5.22 12.92
N GLY A 32 -3.74 -6.22 13.78
CA GLY A 32 -3.00 -7.48 13.77
C GLY A 32 -2.72 -8.00 12.36
N PRO A 33 -3.74 -8.24 11.52
CA PRO A 33 -3.53 -8.74 10.16
C PRO A 33 -2.63 -7.82 9.32
N CYS A 34 -2.56 -6.52 9.63
CA CYS A 34 -1.69 -5.58 8.95
C CYS A 34 -0.26 -5.79 9.49
N ARG A 35 -0.15 -5.79 10.82
CA ARG A 35 1.09 -5.96 11.56
C ARG A 35 1.88 -7.15 11.06
N ILE A 36 1.22 -8.32 10.96
CA ILE A 36 1.91 -9.55 10.56
C ILE A 36 2.45 -9.48 9.13
N ILE A 37 1.71 -8.90 8.17
CA ILE A 37 2.20 -8.83 6.80
C ILE A 37 3.27 -7.73 6.64
N ALA A 38 3.24 -6.68 7.47
CA ALA A 38 4.12 -5.52 7.38
C ALA A 38 5.58 -5.84 7.00
N PRO A 39 6.27 -6.82 7.64
CA PRO A 39 7.65 -7.14 7.29
C PRO A 39 7.74 -7.62 5.84
N VAL A 40 6.73 -8.39 5.40
CA VAL A 40 6.70 -8.87 4.03
C VAL A 40 6.40 -7.70 3.11
N VAL A 41 5.49 -6.81 3.53
CA VAL A 41 5.15 -5.64 2.74
C VAL A 41 6.46 -4.92 2.41
N ASP A 42 7.38 -4.84 3.38
CA ASP A 42 8.69 -4.26 3.19
C ASP A 42 9.54 -5.14 2.25
N GLU A 43 9.77 -6.41 2.60
CA GLU A 43 10.69 -7.25 1.84
C GLU A 43 10.28 -7.36 0.38
N ILE A 44 9.00 -7.64 0.11
CA ILE A 44 8.52 -7.74 -1.27
C ILE A 44 8.83 -6.46 -2.03
N ALA A 45 8.70 -5.29 -1.38
CA ALA A 45 9.05 -4.04 -2.01
C ALA A 45 10.53 -4.05 -2.37
N GLY A 46 11.36 -4.53 -1.44
CA GLY A 46 12.79 -4.72 -1.66
C GLY A 46 13.04 -5.57 -2.90
N GLU A 47 12.38 -6.73 -2.98
CA GLU A 47 12.48 -7.63 -4.13
C GLU A 47 12.21 -6.86 -5.43
N TYR A 48 11.07 -6.17 -5.48
CA TYR A 48 10.66 -5.42 -6.65
C TYR A 48 11.33 -4.03 -6.73
N LYS A 49 12.67 -4.06 -6.58
CA LYS A 49 13.57 -2.95 -6.52
C LYS A 49 13.22 -1.88 -7.55
N ASP A 50 13.50 -2.15 -8.82
CA ASP A 50 13.43 -1.20 -9.91
C ASP A 50 12.06 -0.54 -10.12
N LYS A 51 11.03 -1.37 -10.26
CA LYS A 51 9.75 -0.88 -10.73
C LYS A 51 8.88 -0.15 -9.71
N LEU A 52 8.85 -0.64 -8.48
CA LEU A 52 7.66 -0.39 -7.68
C LEU A 52 7.95 0.09 -6.27
N LYS A 53 7.32 1.20 -5.88
CA LYS A 53 7.44 1.70 -4.52
C LYS A 53 6.44 0.92 -3.68
N CYS A 54 6.59 0.95 -2.36
CA CYS A 54 5.67 0.34 -1.44
C CYS A 54 5.57 1.26 -0.24
N VAL A 55 4.40 1.35 0.38
CA VAL A 55 4.21 2.27 1.47
C VAL A 55 3.17 1.74 2.44
N LYS A 56 3.08 2.40 3.60
CA LYS A 56 2.18 2.05 4.66
C LYS A 56 1.57 3.33 5.24
N LEU A 57 0.28 3.54 5.04
CA LEU A 57 -0.46 4.71 5.52
C LEU A 57 -1.18 4.36 6.82
N ASN A 58 -0.86 5.08 7.89
CA ASN A 58 -1.54 4.86 9.16
C ASN A 58 -2.95 5.43 9.06
N THR A 59 -3.93 4.54 9.04
CA THR A 59 -5.34 4.84 8.83
C THR A 59 -5.92 5.64 10.01
N ASP A 60 -5.46 5.33 11.23
CA ASP A 60 -5.90 5.98 12.45
C ASP A 60 -5.48 7.46 12.45
N GLU A 61 -4.26 7.69 11.94
CA GLU A 61 -3.61 8.98 11.82
C GLU A 61 -4.11 9.75 10.59
N SER A 62 -4.43 9.03 9.50
CA SER A 62 -4.86 9.58 8.22
C SER A 62 -6.26 9.08 7.81
N PRO A 63 -7.27 9.28 8.67
CA PRO A 63 -8.64 8.88 8.41
C PRO A 63 -9.20 9.67 7.23
N ASN A 64 -8.65 10.86 6.97
CA ASN A 64 -9.07 11.74 5.88
C ASN A 64 -9.06 10.97 4.56
N VAL A 65 -7.85 10.63 4.11
CA VAL A 65 -7.62 9.89 2.88
C VAL A 65 -8.46 8.61 2.89
N ALA A 66 -8.35 7.86 3.98
CA ALA A 66 -9.09 6.63 4.18
C ALA A 66 -10.58 6.82 3.86
N SER A 67 -11.19 7.88 4.40
CA SER A 67 -12.59 8.18 4.18
C SER A 67 -12.84 8.54 2.72
N GLU A 68 -12.00 9.41 2.17
CA GLU A 68 -12.11 9.85 0.78
C GLU A 68 -12.10 8.66 -0.18
N TYR A 69 -11.20 7.71 0.03
CA TYR A 69 -11.09 6.53 -0.83
C TYR A 69 -12.13 5.48 -0.47
N GLY A 70 -12.54 5.41 0.80
CA GLY A 70 -13.58 4.49 1.26
C GLY A 70 -13.00 3.21 1.84
N ILE A 71 -11.95 3.34 2.65
CA ILE A 71 -11.31 2.23 3.31
C ILE A 71 -12.24 1.76 4.43
N ARG A 72 -13.12 0.82 4.10
CA ARG A 72 -14.15 0.36 5.03
C ARG A 72 -13.58 -0.60 6.07
N SER A 73 -12.41 -1.20 5.81
CA SER A 73 -11.71 -2.08 6.74
C SER A 73 -10.24 -2.07 6.32
N ILE A 74 -9.35 -2.54 7.19
CA ILE A 74 -7.91 -2.62 6.91
C ILE A 74 -7.43 -4.04 7.24
N PRO A 75 -6.36 -4.55 6.62
CA PRO A 75 -5.54 -3.90 5.62
C PRO A 75 -6.29 -3.67 4.30
N THR A 76 -5.73 -2.82 3.46
CA THR A 76 -6.23 -2.54 2.13
C THR A 76 -5.02 -2.03 1.35
N ILE A 77 -4.60 -2.80 0.34
CA ILE A 77 -3.43 -2.51 -0.45
C ILE A 77 -3.92 -1.91 -1.76
N MET A 78 -3.58 -0.64 -2.01
CA MET A 78 -3.92 0.05 -3.25
C MET A 78 -2.63 0.29 -4.02
N VAL A 79 -2.67 0.01 -5.33
CA VAL A 79 -1.55 0.26 -6.21
C VAL A 79 -1.88 1.53 -6.98
N PHE A 80 -1.10 2.60 -6.78
CA PHE A 80 -1.26 3.88 -7.44
C PHE A 80 -0.10 4.12 -8.40
N LYS A 81 -0.28 5.05 -9.33
CA LYS A 81 0.76 5.52 -10.24
C LYS A 81 0.27 6.82 -10.89
N GLY A 82 1.17 7.72 -11.28
CA GLY A 82 0.80 8.89 -12.08
C GLY A 82 -0.43 9.65 -11.60
N GLY A 83 -0.55 9.93 -10.30
CA GLY A 83 -1.67 10.68 -9.75
C GLY A 83 -2.99 9.91 -9.66
N LYS A 84 -3.05 8.63 -10.06
CA LYS A 84 -4.28 7.85 -10.06
C LYS A 84 -4.09 6.50 -9.38
N LYS A 85 -5.22 5.93 -8.96
CA LYS A 85 -5.33 4.63 -8.33
C LYS A 85 -5.54 3.59 -9.43
N CYS A 86 -4.89 2.42 -9.33
CA CYS A 86 -5.02 1.34 -10.28
C CYS A 86 -5.67 0.13 -9.60
N GLU A 87 -4.88 -0.69 -8.88
CA GLU A 87 -5.37 -1.89 -8.22
C GLU A 87 -5.78 -1.61 -6.78
N THR A 88 -6.55 -2.51 -6.18
CA THR A 88 -7.05 -2.42 -4.82
C THR A 88 -7.39 -3.81 -4.28
N ILE A 89 -6.78 -4.20 -3.17
CA ILE A 89 -7.03 -5.44 -2.44
C ILE A 89 -7.48 -4.98 -1.06
N ILE A 90 -8.52 -5.61 -0.51
CA ILE A 90 -9.14 -5.24 0.76
C ILE A 90 -9.24 -6.46 1.66
N GLY A 91 -9.05 -6.27 2.97
CA GLY A 91 -9.22 -7.32 3.96
C GLY A 91 -7.93 -8.09 4.23
N ALA A 92 -7.94 -8.86 5.32
CA ALA A 92 -6.79 -9.66 5.73
C ALA A 92 -6.52 -10.76 4.71
N VAL A 93 -5.26 -10.89 4.30
CA VAL A 93 -4.78 -11.91 3.38
C VAL A 93 -3.34 -12.21 3.78
N PRO A 94 -2.82 -13.42 3.51
CA PRO A 94 -1.41 -13.67 3.65
C PRO A 94 -0.76 -12.95 2.48
N LYS A 95 0.36 -12.29 2.71
CA LYS A 95 1.00 -11.50 1.67
C LYS A 95 1.26 -12.36 0.43
N ALA A 96 1.58 -13.64 0.58
CA ALA A 96 1.76 -14.55 -0.55
C ALA A 96 0.63 -14.42 -1.59
N THR A 97 -0.62 -14.21 -1.14
CA THR A 97 -1.75 -14.02 -2.04
C THR A 97 -1.63 -12.66 -2.72
N ILE A 98 -1.23 -11.63 -1.97
CA ILE A 98 -1.02 -10.30 -2.49
C ILE A 98 0.09 -10.34 -3.55
N VAL A 99 1.19 -11.05 -3.30
CA VAL A 99 2.27 -11.22 -4.28
C VAL A 99 1.66 -11.76 -5.57
N GLN A 100 0.96 -12.90 -5.50
CA GLN A 100 0.31 -13.48 -6.67
C GLN A 100 -0.59 -12.45 -7.37
N THR A 101 -1.34 -11.69 -6.58
CA THR A 101 -2.21 -10.64 -7.10
C THR A 101 -1.36 -9.60 -7.87
N VAL A 102 -0.17 -9.24 -7.39
CA VAL A 102 0.71 -8.33 -8.12
C VAL A 102 1.15 -9.02 -9.42
N GLU A 103 1.65 -10.25 -9.29
CA GLU A 103 2.20 -11.01 -10.40
C GLU A 103 1.26 -11.10 -11.60
N LYS A 104 -0.01 -11.41 -11.36
CA LYS A 104 -0.98 -11.51 -12.45
C LYS A 104 -1.08 -10.20 -13.25
N TYR A 105 -0.76 -9.05 -12.63
CA TYR A 105 -0.80 -7.76 -13.29
C TYR A 105 0.57 -7.46 -13.92
N LEU A 106 1.64 -7.56 -13.12
CA LEU A 106 3.01 -7.28 -13.54
C LEU A 106 3.83 -8.56 -13.53
N ASN A 107 4.50 -8.84 -12.40
CA ASN A 107 5.36 -9.97 -12.11
C ASN A 107 5.68 -9.82 -10.63
N MET A 1 11.02 0.23 5.48
CA MET A 1 12.43 0.23 5.07
C MET A 1 12.51 0.29 3.55
N GLU A 2 12.41 -0.86 2.88
CA GLU A 2 12.30 -0.89 1.42
C GLU A 2 10.95 -0.25 1.08
N ALA A 3 9.92 -0.63 1.84
CA ALA A 3 8.63 0.04 1.76
C ALA A 3 8.74 1.35 2.53
N GLY A 4 8.22 2.45 1.98
CA GLY A 4 8.23 3.73 2.67
C GLY A 4 7.03 3.84 3.62
N ALA A 5 6.91 4.98 4.31
CA ALA A 5 5.80 5.30 5.19
C ALA A 5 5.18 6.58 4.67
N VAL A 6 3.85 6.69 4.62
CA VAL A 6 3.17 7.88 4.13
C VAL A 6 2.03 8.29 5.04
N ASN A 7 1.57 9.52 4.82
CA ASN A 7 0.44 10.17 5.45
C ASN A 7 -0.19 11.04 4.38
N ASP A 8 -1.39 11.54 4.65
CA ASP A 8 -2.16 12.43 3.78
C ASP A 8 -1.26 13.46 3.08
N ASP A 9 -0.36 14.06 3.86
CA ASP A 9 0.59 15.03 3.36
C ASP A 9 1.46 14.43 2.24
N THR A 10 2.36 13.52 2.61
CA THR A 10 3.33 12.90 1.72
C THR A 10 2.66 12.17 0.56
N PHE A 11 1.48 11.58 0.80
CA PHE A 11 0.66 10.86 -0.16
C PHE A 11 0.59 11.59 -1.50
N LYS A 12 0.36 12.89 -1.41
CA LYS A 12 0.27 13.80 -2.55
C LYS A 12 1.43 13.58 -3.51
N ASN A 13 2.65 13.53 -2.97
CA ASN A 13 3.86 13.32 -3.73
C ASN A 13 4.10 11.86 -4.03
N VAL A 14 4.28 11.10 -2.95
CA VAL A 14 4.73 9.72 -2.98
C VAL A 14 3.73 8.78 -3.66
N VAL A 15 2.44 9.07 -3.56
CA VAL A 15 1.39 8.20 -4.06
C VAL A 15 0.71 8.77 -5.30
N LEU A 16 0.09 9.96 -5.19
CA LEU A 16 -0.64 10.52 -6.31
C LEU A 16 0.35 10.97 -7.40
N GLU A 17 1.11 12.03 -7.17
CA GLU A 17 2.02 12.61 -8.14
C GLU A 17 3.32 11.80 -8.23
N SER A 18 3.19 10.48 -8.34
CA SER A 18 4.28 9.53 -8.48
C SER A 18 4.60 9.33 -9.96
N SER A 19 5.87 9.06 -10.28
CA SER A 19 6.33 8.80 -11.63
C SER A 19 6.08 7.32 -11.92
N VAL A 20 6.83 6.47 -11.23
CA VAL A 20 6.74 5.02 -11.31
C VAL A 20 5.54 4.55 -10.48
N PRO A 21 4.97 3.35 -10.73
CA PRO A 21 3.88 2.82 -9.93
C PRO A 21 4.18 2.81 -8.43
N VAL A 22 3.14 2.63 -7.64
CA VAL A 22 3.13 2.67 -6.17
C VAL A 22 2.19 1.59 -5.65
N LEU A 23 2.48 1.03 -4.47
CA LEU A 23 1.61 0.08 -3.77
C LEU A 23 1.52 0.57 -2.32
N VAL A 24 0.39 1.15 -1.92
CA VAL A 24 0.19 1.68 -0.58
C VAL A 24 -0.61 0.69 0.25
N ASP A 25 -0.07 0.25 1.39
CA ASP A 25 -0.82 -0.58 2.33
C ASP A 25 -1.35 0.33 3.43
N PHE A 26 -2.67 0.44 3.58
CA PHE A 26 -3.27 1.24 4.63
C PHE A 26 -3.18 0.40 5.89
N TRP A 27 -2.37 0.83 6.86
CA TRP A 27 -2.16 0.09 8.09
C TRP A 27 -2.41 0.99 9.30
N ALA A 28 -2.18 0.43 10.48
CA ALA A 28 -2.23 1.15 11.75
C ALA A 28 -1.66 0.22 12.81
N PRO A 29 -0.99 0.72 13.85
CA PRO A 29 -0.44 -0.10 14.91
C PRO A 29 -1.48 -1.04 15.52
N TRP A 30 -2.68 -0.56 15.82
CA TRP A 30 -3.73 -1.39 16.39
C TRP A 30 -4.22 -2.46 15.40
N CYS A 31 -4.00 -2.27 14.09
CA CYS A 31 -4.50 -3.21 13.09
C CYS A 31 -3.63 -4.47 13.08
N GLY A 32 -3.94 -5.41 13.98
CA GLY A 32 -3.28 -6.72 14.10
C GLY A 32 -2.83 -7.32 12.76
N PRO A 33 -3.76 -7.63 11.83
CA PRO A 33 -3.38 -8.23 10.55
C PRO A 33 -2.38 -7.35 9.80
N CYS A 34 -2.62 -6.03 9.78
CA CYS A 34 -1.74 -5.09 9.09
C CYS A 34 -0.34 -5.18 9.71
N ARG A 35 -0.28 -5.20 11.03
CA ARG A 35 0.96 -5.25 11.80
C ARG A 35 1.81 -6.44 11.37
N ILE A 36 1.22 -7.65 11.39
CA ILE A 36 1.94 -8.86 11.03
C ILE A 36 2.27 -8.88 9.54
N ILE A 37 1.43 -8.27 8.69
CA ILE A 37 1.66 -8.20 7.25
C ILE A 37 2.77 -7.18 6.91
N ALA A 38 2.90 -6.07 7.64
CA ALA A 38 3.86 -5.00 7.41
C ALA A 38 5.27 -5.46 7.00
N PRO A 39 5.92 -6.42 7.68
CA PRO A 39 7.24 -6.91 7.31
C PRO A 39 7.18 -7.51 5.91
N VAL A 40 6.08 -8.20 5.60
CA VAL A 40 5.83 -8.81 4.31
C VAL A 40 5.68 -7.69 3.28
N VAL A 41 4.93 -6.63 3.59
CA VAL A 41 4.81 -5.46 2.71
C VAL A 41 6.22 -4.96 2.37
N ASP A 42 7.07 -4.88 3.39
CA ASP A 42 8.44 -4.41 3.25
C ASP A 42 9.28 -5.38 2.39
N GLU A 43 9.25 -6.67 2.66
CA GLU A 43 10.04 -7.61 1.86
C GLU A 43 9.56 -7.58 0.41
N ILE A 44 8.24 -7.53 0.20
CA ILE A 44 7.66 -7.41 -1.12
C ILE A 44 8.24 -6.16 -1.78
N ALA A 45 8.31 -5.05 -1.05
CA ALA A 45 8.97 -3.86 -1.58
C ALA A 45 10.38 -4.20 -2.03
N GLY A 46 11.15 -4.87 -1.16
CA GLY A 46 12.49 -5.31 -1.49
C GLY A 46 12.52 -6.08 -2.81
N GLU A 47 11.58 -7.00 -3.00
CA GLU A 47 11.47 -7.79 -4.21
C GLU A 47 11.14 -6.95 -5.45
N TYR A 48 10.17 -6.04 -5.37
CA TYR A 48 9.65 -5.29 -6.52
C TYR A 48 9.96 -3.78 -6.51
N LYS A 49 11.02 -3.38 -5.81
CA LYS A 49 11.47 -2.00 -5.70
C LYS A 49 11.74 -1.36 -7.06
N ASP A 50 11.92 -0.03 -7.04
CA ASP A 50 12.19 0.85 -8.18
C ASP A 50 10.96 1.00 -9.06
N LYS A 51 10.35 -0.10 -9.49
CA LYS A 51 9.16 -0.04 -10.33
C LYS A 51 7.93 0.22 -9.46
N LEU A 52 7.80 -0.59 -8.41
CA LEU A 52 6.67 -0.54 -7.50
C LEU A 52 7.10 0.20 -6.23
N LYS A 53 6.64 1.43 -6.07
CA LYS A 53 6.96 2.24 -4.91
C LYS A 53 6.05 1.74 -3.79
N CYS A 54 6.54 0.75 -3.03
CA CYS A 54 5.74 0.19 -1.96
C CYS A 54 5.78 1.13 -0.77
N VAL A 55 4.63 1.33 -0.12
CA VAL A 55 4.50 2.27 0.97
C VAL A 55 3.46 1.79 1.96
N LYS A 56 3.47 2.36 3.16
CA LYS A 56 2.54 2.06 4.24
C LYS A 56 1.91 3.35 4.76
N LEU A 57 0.60 3.51 4.57
CA LEU A 57 -0.14 4.69 5.04
C LEU A 57 -0.66 4.45 6.44
N ASN A 58 -0.24 5.28 7.40
CA ASN A 58 -0.80 5.17 8.74
C ASN A 58 -2.21 5.78 8.69
N THR A 59 -3.21 4.90 8.76
CA THR A 59 -4.61 5.22 8.62
C THR A 59 -5.11 6.05 9.79
N ASP A 60 -4.59 5.77 10.98
CA ASP A 60 -4.95 6.44 12.22
C ASP A 60 -4.56 7.92 12.15
N GLU A 61 -3.41 8.16 11.54
CA GLU A 61 -2.80 9.45 11.27
C GLU A 61 -3.40 10.09 10.01
N SER A 62 -3.91 9.27 9.09
CA SER A 62 -4.48 9.69 7.81
C SER A 62 -5.94 9.28 7.60
N PRO A 63 -6.84 9.62 8.55
CA PRO A 63 -8.26 9.35 8.44
C PRO A 63 -8.84 10.11 7.26
N ASN A 64 -8.18 11.21 6.88
CA ASN A 64 -8.52 12.04 5.73
C ASN A 64 -8.67 11.15 4.50
N VAL A 65 -7.52 10.64 4.03
CA VAL A 65 -7.40 9.77 2.88
C VAL A 65 -8.38 8.60 3.03
N ALA A 66 -8.32 7.98 4.20
CA ALA A 66 -9.16 6.84 4.54
C ALA A 66 -10.63 7.12 4.25
N SER A 67 -11.13 8.28 4.69
CA SER A 67 -12.51 8.69 4.49
C SER A 67 -12.78 9.06 3.04
N GLU A 68 -11.86 9.80 2.42
CA GLU A 68 -11.98 10.22 1.02
C GLU A 68 -12.22 9.01 0.13
N TYR A 69 -11.41 7.96 0.30
CA TYR A 69 -11.58 6.73 -0.47
C TYR A 69 -12.71 5.88 0.12
N GLY A 70 -12.86 5.89 1.45
CA GLY A 70 -13.88 5.14 2.15
C GLY A 70 -13.55 3.65 2.13
N ILE A 71 -12.33 3.36 2.57
CA ILE A 71 -11.78 2.03 2.62
C ILE A 71 -12.65 1.10 3.48
N ARG A 72 -12.78 -0.16 3.06
CA ARG A 72 -13.51 -1.17 3.80
C ARG A 72 -12.61 -1.68 4.92
N SER A 73 -12.35 -0.82 5.92
CA SER A 73 -11.45 -1.09 7.03
C SER A 73 -10.02 -1.23 6.51
N ILE A 74 -9.15 -1.86 7.29
CA ILE A 74 -7.75 -2.10 6.96
C ILE A 74 -7.40 -3.52 7.43
N PRO A 75 -6.47 -4.23 6.78
CA PRO A 75 -5.64 -3.78 5.67
C PRO A 75 -6.42 -3.58 4.37
N THR A 76 -5.99 -2.55 3.64
CA THR A 76 -6.49 -2.16 2.35
C THR A 76 -5.25 -1.72 1.57
N ILE A 77 -4.86 -2.52 0.57
CA ILE A 77 -3.74 -2.26 -0.31
C ILE A 77 -4.30 -1.55 -1.53
N MET A 78 -3.66 -0.46 -1.98
CA MET A 78 -4.05 0.28 -3.18
C MET A 78 -2.85 0.36 -4.11
N VAL A 79 -3.04 -0.02 -5.37
CA VAL A 79 -2.02 0.09 -6.41
C VAL A 79 -2.31 1.35 -7.20
N PHE A 80 -1.28 2.18 -7.42
CA PHE A 80 -1.35 3.35 -8.27
C PHE A 80 -0.31 3.13 -9.36
N LYS A 81 -0.69 3.40 -10.60
CA LYS A 81 0.16 3.21 -11.79
C LYS A 81 0.68 4.56 -12.30
N GLY A 82 0.75 5.54 -11.39
CA GLY A 82 1.09 6.91 -11.69
C GLY A 82 -0.17 7.77 -11.67
N GLY A 83 -0.21 8.82 -10.84
CA GLY A 83 -1.34 9.74 -10.77
C GLY A 83 -2.52 9.18 -10.00
N LYS A 84 -3.13 8.12 -10.53
CA LYS A 84 -4.35 7.52 -9.98
C LYS A 84 -4.18 6.02 -9.73
N LYS A 85 -5.22 5.45 -9.09
CA LYS A 85 -5.28 4.04 -8.74
C LYS A 85 -5.38 3.17 -9.99
N CYS A 86 -5.12 1.88 -9.79
CA CYS A 86 -5.24 0.82 -10.79
C CYS A 86 -6.09 -0.31 -10.22
N GLU A 87 -5.64 -0.84 -9.08
CA GLU A 87 -6.28 -1.94 -8.36
C GLU A 87 -6.22 -1.68 -6.86
N THR A 88 -6.90 -2.50 -6.06
CA THR A 88 -6.90 -2.42 -4.61
C THR A 88 -7.37 -3.77 -4.07
N ILE A 89 -6.86 -4.19 -2.90
CA ILE A 89 -7.22 -5.44 -2.24
C ILE A 89 -7.50 -5.09 -0.79
N ILE A 90 -8.39 -5.85 -0.13
CA ILE A 90 -8.79 -5.63 1.25
C ILE A 90 -8.67 -6.96 1.99
N GLY A 91 -8.28 -6.90 3.26
CA GLY A 91 -8.18 -8.07 4.12
C GLY A 91 -6.83 -8.76 4.02
N ALA A 92 -6.53 -9.61 5.01
CA ALA A 92 -5.28 -10.34 5.10
C ALA A 92 -5.29 -11.53 4.12
N VAL A 93 -4.23 -11.68 3.33
CA VAL A 93 -4.03 -12.81 2.43
C VAL A 93 -2.52 -13.12 2.45
N PRO A 94 -2.10 -14.38 2.25
CA PRO A 94 -0.68 -14.75 2.28
C PRO A 94 0.18 -13.99 1.25
N LYS A 95 1.48 -13.87 1.55
CA LYS A 95 2.49 -13.26 0.69
C LYS A 95 2.32 -13.75 -0.74
N ALA A 96 2.29 -15.07 -0.89
CA ALA A 96 2.13 -15.71 -2.19
C ALA A 96 0.94 -15.11 -2.95
N THR A 97 -0.18 -14.93 -2.26
CA THR A 97 -1.39 -14.36 -2.85
C THR A 97 -1.12 -12.90 -3.21
N ILE A 98 -0.57 -12.11 -2.27
CA ILE A 98 -0.26 -10.70 -2.52
C ILE A 98 0.59 -10.59 -3.79
N VAL A 99 1.74 -11.24 -3.79
CA VAL A 99 2.70 -11.23 -4.89
C VAL A 99 2.01 -11.60 -6.20
N GLN A 100 1.34 -12.76 -6.26
CA GLN A 100 0.66 -13.18 -7.47
C GLN A 100 -0.34 -12.12 -7.95
N THR A 101 -1.16 -11.62 -7.02
CA THR A 101 -2.18 -10.62 -7.32
C THR A 101 -1.53 -9.34 -7.87
N VAL A 102 -0.41 -8.90 -7.30
CA VAL A 102 0.30 -7.74 -7.83
C VAL A 102 0.80 -8.06 -9.23
N GLU A 103 1.61 -9.13 -9.34
CA GLU A 103 2.21 -9.58 -10.57
C GLU A 103 1.22 -9.59 -11.72
N LYS A 104 0.12 -10.34 -11.58
CA LYS A 104 -0.87 -10.47 -12.64
C LYS A 104 -1.47 -9.14 -13.12
N TYR A 105 -1.37 -8.06 -12.33
CA TYR A 105 -1.85 -6.75 -12.79
C TYR A 105 -0.82 -6.08 -13.71
N LEU A 106 0.46 -6.47 -13.58
CA LEU A 106 1.58 -5.91 -14.32
C LEU A 106 1.98 -6.79 -15.51
N ASN A 107 2.01 -8.10 -15.31
CA ASN A 107 2.44 -9.08 -16.31
C ASN A 107 1.87 -10.45 -15.95
N MET A 1 12.87 -2.30 6.15
CA MET A 1 12.75 -0.83 6.07
C MET A 1 12.85 -0.33 4.62
N GLU A 2 12.01 -0.86 3.73
CA GLU A 2 12.01 -0.51 2.31
C GLU A 2 10.64 0.04 1.88
N ALA A 3 9.55 -0.61 2.29
CA ALA A 3 8.22 -0.09 2.04
C ALA A 3 8.10 1.24 2.80
N GLY A 4 7.79 2.34 2.10
CA GLY A 4 7.71 3.63 2.76
C GLY A 4 6.47 3.73 3.66
N ALA A 5 6.46 4.76 4.51
CA ALA A 5 5.35 5.10 5.37
C ALA A 5 4.85 6.45 4.87
N VAL A 6 3.60 6.53 4.45
CA VAL A 6 2.98 7.75 3.92
C VAL A 6 1.91 8.23 4.90
N ASN A 7 1.56 9.50 4.75
CA ASN A 7 0.51 10.19 5.49
C ASN A 7 -0.23 11.04 4.47
N ASP A 8 -1.35 11.63 4.88
CA ASP A 8 -2.21 12.48 4.05
C ASP A 8 -1.38 13.38 3.14
N ASP A 9 -0.35 14.01 3.71
CA ASP A 9 0.56 14.88 2.97
C ASP A 9 1.36 14.07 1.94
N THR A 10 2.39 13.36 2.40
CA THR A 10 3.32 12.62 1.56
C THR A 10 2.63 11.78 0.48
N PHE A 11 1.48 11.17 0.80
CA PHE A 11 0.64 10.43 -0.12
C PHE A 11 0.54 11.13 -1.47
N LYS A 12 0.32 12.43 -1.42
CA LYS A 12 0.26 13.27 -2.60
C LYS A 12 1.45 13.05 -3.54
N ASN A 13 2.65 13.22 -3.04
CA ASN A 13 3.86 13.13 -3.83
C ASN A 13 4.27 11.69 -4.13
N VAL A 14 3.98 10.81 -3.17
CA VAL A 14 4.48 9.45 -3.15
C VAL A 14 3.53 8.44 -3.82
N VAL A 15 2.22 8.72 -3.82
CA VAL A 15 1.18 7.82 -4.29
C VAL A 15 0.43 8.40 -5.49
N LEU A 16 -0.04 9.64 -5.37
CA LEU A 16 -0.77 10.26 -6.46
C LEU A 16 0.20 10.65 -7.57
N GLU A 17 1.15 11.53 -7.28
CA GLU A 17 2.08 12.09 -8.26
C GLU A 17 3.22 11.11 -8.62
N SER A 18 2.93 9.80 -8.62
CA SER A 18 3.89 8.75 -8.91
C SER A 18 3.90 8.40 -10.40
N SER A 19 5.10 8.32 -10.97
CA SER A 19 5.37 7.94 -12.35
C SER A 19 5.26 6.42 -12.42
N VAL A 20 6.01 5.74 -11.55
CA VAL A 20 5.88 4.31 -11.35
C VAL A 20 4.64 4.11 -10.49
N PRO A 21 3.95 2.97 -10.58
CA PRO A 21 2.78 2.75 -9.77
C PRO A 21 3.23 2.52 -8.33
N VAL A 22 2.29 2.57 -7.39
CA VAL A 22 2.60 2.38 -5.98
C VAL A 22 1.41 1.82 -5.18
N LEU A 23 1.67 0.81 -4.33
CA LEU A 23 0.71 0.09 -3.52
C LEU A 23 0.72 0.66 -2.12
N VAL A 24 -0.39 1.26 -1.72
CA VAL A 24 -0.58 1.78 -0.39
C VAL A 24 -1.41 0.78 0.39
N ASP A 25 -0.81 0.17 1.41
CA ASP A 25 -1.56 -0.64 2.35
C ASP A 25 -2.07 0.33 3.41
N PHE A 26 -3.40 0.49 3.53
CA PHE A 26 -3.95 1.34 4.56
C PHE A 26 -3.88 0.49 5.82
N TRP A 27 -2.99 0.88 6.76
CA TRP A 27 -2.69 0.09 7.95
C TRP A 27 -2.91 0.87 9.23
N ALA A 28 -2.51 0.27 10.35
CA ALA A 28 -2.51 0.88 11.68
C ALA A 28 -1.80 -0.08 12.62
N PRO A 29 -1.16 0.38 13.70
CA PRO A 29 -0.47 -0.48 14.65
C PRO A 29 -1.46 -1.45 15.29
N TRP A 30 -2.63 -0.93 15.65
CA TRP A 30 -3.71 -1.73 16.22
C TRP A 30 -4.27 -2.72 15.20
N CYS A 31 -4.02 -2.54 13.90
CA CYS A 31 -4.57 -3.44 12.91
C CYS A 31 -3.74 -4.71 12.82
N GLY A 32 -4.07 -5.71 13.64
CA GLY A 32 -3.45 -7.02 13.64
C GLY A 32 -3.17 -7.57 12.23
N PRO A 33 -4.20 -7.78 11.39
CA PRO A 33 -4.00 -8.31 10.04
C PRO A 33 -3.10 -7.42 9.17
N CYS A 34 -2.92 -6.14 9.51
CA CYS A 34 -2.01 -5.27 8.77
C CYS A 34 -0.59 -5.52 9.30
N ARG A 35 -0.46 -5.45 10.63
CA ARG A 35 0.79 -5.61 11.37
C ARG A 35 1.51 -6.87 10.92
N ILE A 36 0.80 -7.99 10.84
CA ILE A 36 1.39 -9.26 10.44
C ILE A 36 1.78 -9.28 8.96
N ILE A 37 1.24 -8.38 8.12
CA ILE A 37 1.60 -8.25 6.71
C ILE A 37 2.79 -7.29 6.54
N ALA A 38 2.95 -6.32 7.45
CA ALA A 38 4.03 -5.35 7.47
C ALA A 38 5.40 -5.95 7.08
N PRO A 39 5.84 -7.10 7.61
CA PRO A 39 7.12 -7.68 7.22
C PRO A 39 7.10 -8.13 5.77
N VAL A 40 5.96 -8.67 5.33
CA VAL A 40 5.77 -9.21 4.00
C VAL A 40 5.76 -8.07 2.99
N VAL A 41 4.86 -7.10 3.15
CA VAL A 41 4.78 -5.91 2.31
C VAL A 41 6.17 -5.24 2.30
N ASP A 42 6.83 -5.14 3.46
CA ASP A 42 8.16 -4.55 3.51
C ASP A 42 9.18 -5.31 2.65
N GLU A 43 9.33 -6.61 2.91
CA GLU A 43 10.30 -7.41 2.16
C GLU A 43 9.99 -7.38 0.67
N ILE A 44 8.70 -7.48 0.31
CA ILE A 44 8.29 -7.36 -1.09
C ILE A 44 8.80 -6.03 -1.62
N ALA A 45 8.67 -4.93 -0.86
CA ALA A 45 9.26 -3.68 -1.30
C ALA A 45 10.74 -3.90 -1.54
N GLY A 46 11.46 -4.44 -0.56
CA GLY A 46 12.89 -4.75 -0.67
C GLY A 46 13.22 -5.43 -2.00
N GLU A 47 12.41 -6.41 -2.40
CA GLU A 47 12.62 -7.15 -3.64
C GLU A 47 12.57 -6.27 -4.90
N TYR A 48 11.64 -5.31 -5.01
CA TYR A 48 11.45 -4.48 -6.21
C TYR A 48 11.60 -2.96 -6.02
N LYS A 49 12.06 -2.50 -4.85
CA LYS A 49 12.15 -1.10 -4.42
C LYS A 49 12.60 -0.16 -5.53
N ASP A 50 13.59 -0.60 -6.32
CA ASP A 50 14.18 0.10 -7.45
C ASP A 50 13.14 0.79 -8.32
N LYS A 51 12.01 0.11 -8.56
CA LYS A 51 10.97 0.53 -9.47
C LYS A 51 9.56 0.46 -8.90
N LEU A 52 9.20 -0.73 -8.42
CA LEU A 52 7.82 -1.10 -8.19
C LEU A 52 7.24 -0.62 -6.84
N LYS A 53 5.93 -0.81 -6.73
CA LYS A 53 4.94 -0.27 -5.84
C LYS A 53 4.80 -0.74 -4.38
N CYS A 54 5.41 -0.11 -3.37
CA CYS A 54 5.11 -0.56 -2.00
C CYS A 54 5.25 0.53 -0.94
N VAL A 55 4.15 0.77 -0.20
CA VAL A 55 4.05 1.81 0.82
C VAL A 55 2.91 1.49 1.79
N LYS A 56 2.89 2.18 2.94
CA LYS A 56 1.92 1.98 4.00
C LYS A 56 1.35 3.32 4.48
N LEU A 57 0.02 3.49 4.44
CA LEU A 57 -0.64 4.72 4.93
C LEU A 57 -1.33 4.43 6.27
N ASN A 58 -0.91 5.17 7.30
CA ASN A 58 -1.44 5.08 8.63
C ASN A 58 -2.88 5.61 8.75
N THR A 59 -3.82 4.71 8.96
CA THR A 59 -5.26 5.00 9.04
C THR A 59 -5.62 5.48 10.45
N ASP A 60 -4.85 6.43 11.00
CA ASP A 60 -5.06 6.99 12.33
C ASP A 60 -4.50 8.41 12.31
N GLU A 61 -3.28 8.52 11.76
CA GLU A 61 -2.59 9.77 11.45
C GLU A 61 -3.07 10.31 10.10
N SER A 62 -3.61 9.43 9.25
CA SER A 62 -4.14 9.73 7.92
C SER A 62 -5.60 9.30 7.76
N PRO A 63 -6.47 9.75 8.67
CA PRO A 63 -7.89 9.45 8.67
C PRO A 63 -8.55 10.15 7.51
N ASN A 64 -8.09 11.36 7.26
CA ASN A 64 -8.61 12.26 6.22
C ASN A 64 -8.71 11.53 4.89
N VAL A 65 -7.58 11.15 4.30
CA VAL A 65 -7.56 10.47 3.02
C VAL A 65 -8.37 9.18 3.09
N ALA A 66 -8.15 8.40 4.16
CA ALA A 66 -8.89 7.16 4.36
C ALA A 66 -10.40 7.41 4.32
N SER A 67 -10.89 8.53 4.88
CA SER A 67 -12.29 8.89 4.91
C SER A 67 -12.76 9.32 3.53
N GLU A 68 -11.94 10.11 2.82
CA GLU A 68 -12.26 10.56 1.47
C GLU A 68 -12.54 9.34 0.59
N TYR A 69 -11.71 8.29 0.70
CA TYR A 69 -11.91 7.07 -0.05
C TYR A 69 -13.01 6.20 0.60
N GLY A 70 -13.14 6.26 1.93
CA GLY A 70 -14.15 5.55 2.71
C GLY A 70 -13.66 4.19 3.16
N ILE A 71 -12.36 4.09 3.49
CA ILE A 71 -11.67 2.88 3.88
C ILE A 71 -11.96 2.59 5.36
N ARG A 72 -13.23 2.37 5.68
CA ARG A 72 -13.68 2.10 7.03
C ARG A 72 -13.46 0.62 7.39
N SER A 73 -12.21 0.16 7.29
CA SER A 73 -11.72 -1.18 7.61
C SER A 73 -10.35 -1.33 6.96
N ILE A 74 -9.48 -2.16 7.55
CA ILE A 74 -8.13 -2.39 7.10
C ILE A 74 -7.71 -3.80 7.55
N PRO A 75 -6.75 -4.47 6.89
CA PRO A 75 -5.99 -3.99 5.74
C PRO A 75 -6.84 -3.86 4.49
N THR A 76 -6.63 -2.71 3.84
CA THR A 76 -7.24 -2.32 2.59
C THR A 76 -6.07 -1.81 1.76
N ILE A 77 -5.68 -2.60 0.78
CA ILE A 77 -4.57 -2.34 -0.10
C ILE A 77 -5.12 -1.68 -1.36
N MET A 78 -4.53 -0.56 -1.80
CA MET A 78 -4.90 0.05 -3.07
C MET A 78 -3.61 0.33 -3.83
N VAL A 79 -3.68 0.34 -5.15
CA VAL A 79 -2.55 0.70 -5.99
C VAL A 79 -2.96 1.93 -6.76
N PHE A 80 -2.00 2.85 -6.93
CA PHE A 80 -2.17 4.09 -7.67
C PHE A 80 -1.02 4.30 -8.63
N LYS A 81 -1.21 5.26 -9.55
CA LYS A 81 -0.24 5.73 -10.53
C LYS A 81 -0.83 6.98 -11.16
N GLY A 82 -0.01 7.91 -11.65
CA GLY A 82 -0.51 9.05 -12.42
C GLY A 82 -1.75 9.75 -11.84
N GLY A 83 -1.79 9.93 -10.52
CA GLY A 83 -2.86 10.62 -9.81
C GLY A 83 -4.18 9.85 -9.75
N LYS A 84 -4.22 8.57 -10.12
CA LYS A 84 -5.42 7.75 -10.12
C LYS A 84 -5.13 6.35 -9.57
N LYS A 85 -6.18 5.59 -9.29
CA LYS A 85 -6.09 4.21 -8.81
C LYS A 85 -5.84 3.27 -9.99
N CYS A 86 -5.32 2.07 -9.68
CA CYS A 86 -5.08 0.99 -10.62
C CYS A 86 -5.96 -0.20 -10.26
N GLU A 87 -5.88 -0.64 -9.00
CA GLU A 87 -6.63 -1.76 -8.46
C GLU A 87 -6.63 -1.65 -6.92
N THR A 88 -7.22 -2.63 -6.24
CA THR A 88 -7.30 -2.70 -4.78
C THR A 88 -7.53 -4.14 -4.34
N ILE A 89 -7.07 -4.51 -3.14
CA ILE A 89 -7.20 -5.80 -2.48
C ILE A 89 -7.58 -5.49 -1.03
N ILE A 90 -8.22 -6.42 -0.33
CA ILE A 90 -8.67 -6.22 1.04
C ILE A 90 -8.40 -7.51 1.82
N GLY A 91 -8.05 -7.38 3.10
CA GLY A 91 -7.78 -8.52 3.98
C GLY A 91 -6.33 -9.00 3.83
N ALA A 92 -5.82 -9.65 4.88
CA ALA A 92 -4.47 -10.21 4.87
C ALA A 92 -4.44 -11.44 3.97
N VAL A 93 -3.42 -11.57 3.13
CA VAL A 93 -3.20 -12.71 2.24
C VAL A 93 -1.70 -13.01 2.27
N PRO A 94 -1.26 -14.25 2.05
CA PRO A 94 0.15 -14.59 2.13
C PRO A 94 0.97 -14.04 0.96
N LYS A 95 2.28 -13.95 1.18
CA LYS A 95 3.28 -13.44 0.24
C LYS A 95 3.03 -13.97 -1.17
N ALA A 96 2.88 -15.29 -1.33
CA ALA A 96 2.63 -15.91 -2.61
C ALA A 96 1.46 -15.23 -3.33
N THR A 97 0.36 -14.99 -2.62
CA THR A 97 -0.81 -14.34 -3.18
C THR A 97 -0.46 -12.90 -3.55
N ILE A 98 0.18 -12.15 -2.64
CA ILE A 98 0.55 -10.77 -2.90
C ILE A 98 1.40 -10.68 -4.18
N VAL A 99 2.50 -11.42 -4.24
CA VAL A 99 3.41 -11.41 -5.37
C VAL A 99 2.66 -11.76 -6.65
N GLN A 100 1.91 -12.87 -6.68
CA GLN A 100 1.16 -13.23 -7.88
C GLN A 100 0.21 -12.10 -8.29
N THR A 101 -0.51 -11.56 -7.31
CA THR A 101 -1.45 -10.45 -7.52
C THR A 101 -0.71 -9.26 -8.13
N VAL A 102 0.48 -8.92 -7.64
CA VAL A 102 1.27 -7.84 -8.24
C VAL A 102 1.62 -8.23 -9.67
N GLU A 103 2.32 -9.35 -9.84
CA GLU A 103 2.83 -9.83 -11.11
C GLU A 103 1.80 -9.72 -12.23
N LYS A 104 0.58 -10.23 -12.02
CA LYS A 104 -0.45 -10.20 -13.05
C LYS A 104 -0.74 -8.78 -13.60
N TYR A 105 -0.48 -7.73 -12.80
CA TYR A 105 -0.72 -6.36 -13.23
C TYR A 105 0.43 -5.83 -14.09
N LEU A 106 1.57 -6.53 -14.11
CA LEU A 106 2.75 -6.20 -14.89
C LEU A 106 2.86 -7.12 -16.11
N ASN A 107 2.62 -8.41 -15.91
CA ASN A 107 2.73 -9.45 -16.93
C ASN A 107 1.90 -10.67 -16.52
N MET A 1 15.87 -2.17 1.80
CA MET A 1 15.14 -0.95 2.18
C MET A 1 13.91 -1.42 2.97
N GLU A 2 12.74 -0.81 2.78
CA GLU A 2 11.51 -1.11 3.48
C GLU A 2 10.39 -0.44 2.69
N ALA A 3 9.13 -0.73 3.02
CA ALA A 3 8.00 -0.17 2.31
C ALA A 3 7.79 1.27 2.77
N GLY A 4 7.29 2.12 1.87
CA GLY A 4 7.09 3.52 2.16
C GLY A 4 5.98 3.75 3.19
N ALA A 5 6.31 4.20 4.40
CA ALA A 5 5.29 4.58 5.36
C ALA A 5 4.83 5.98 4.96
N VAL A 6 3.57 6.12 4.55
CA VAL A 6 3.02 7.39 4.08
C VAL A 6 1.90 7.89 5.00
N ASN A 7 1.59 9.18 4.80
CA ASN A 7 0.56 9.94 5.48
C ASN A 7 -0.12 10.79 4.42
N ASP A 8 -1.23 11.44 4.77
CA ASP A 8 -2.04 12.29 3.92
C ASP A 8 -1.17 13.12 2.97
N ASP A 9 -0.21 13.84 3.55
CA ASP A 9 0.73 14.67 2.82
C ASP A 9 1.49 13.85 1.76
N THR A 10 2.43 13.04 2.23
CA THR A 10 3.31 12.24 1.39
C THR A 10 2.55 11.43 0.35
N PHE A 11 1.39 10.88 0.73
CA PHE A 11 0.49 10.10 -0.11
C PHE A 11 0.32 10.74 -1.49
N LYS A 12 0.14 12.05 -1.51
CA LYS A 12 -0.06 12.79 -2.74
C LYS A 12 1.11 12.54 -3.71
N ASN A 13 2.33 12.73 -3.24
CA ASN A 13 3.52 12.59 -4.06
C ASN A 13 3.85 11.13 -4.33
N VAL A 14 3.89 10.34 -3.27
CA VAL A 14 4.33 8.96 -3.27
C VAL A 14 3.31 8.01 -3.89
N VAL A 15 2.02 8.22 -3.62
CA VAL A 15 0.96 7.29 -3.99
C VAL A 15 0.09 7.80 -5.15
N LEU A 16 -0.49 9.00 -5.04
CA LEU A 16 -1.34 9.52 -6.10
C LEU A 16 -0.48 9.71 -7.33
N GLU A 17 0.49 10.62 -7.26
CA GLU A 17 1.37 11.01 -8.35
C GLU A 17 2.48 9.96 -8.53
N SER A 18 2.08 8.69 -8.62
CA SER A 18 2.95 7.54 -8.74
C SER A 18 3.36 7.29 -10.19
N SER A 19 4.65 7.30 -10.47
CA SER A 19 5.23 6.98 -11.76
C SER A 19 5.25 5.46 -11.88
N VAL A 20 6.00 4.84 -10.97
CA VAL A 20 6.09 3.39 -10.82
C VAL A 20 4.83 2.96 -10.09
N PRO A 21 4.39 1.71 -10.27
CA PRO A 21 3.19 1.24 -9.60
C PRO A 21 3.47 1.10 -8.12
N VAL A 22 2.43 1.30 -7.31
CA VAL A 22 2.52 1.23 -5.86
C VAL A 22 1.26 0.77 -5.15
N LEU A 23 1.40 -0.26 -4.29
CA LEU A 23 0.34 -0.80 -3.46
C LEU A 23 0.39 0.01 -2.17
N VAL A 24 -0.71 0.68 -1.82
CA VAL A 24 -0.82 1.31 -0.53
C VAL A 24 -1.90 0.52 0.20
N ASP A 25 -1.49 -0.15 1.27
CA ASP A 25 -2.45 -0.77 2.16
C ASP A 25 -2.54 0.27 3.31
N PHE A 26 -3.74 0.55 3.78
CA PHE A 26 -4.02 1.51 4.83
C PHE A 26 -3.89 0.69 6.11
N TRP A 27 -2.87 1.00 6.91
CA TRP A 27 -2.52 0.25 8.12
C TRP A 27 -2.65 1.13 9.34
N ALA A 28 -2.24 0.58 10.48
CA ALA A 28 -2.10 1.28 11.74
C ALA A 28 -1.35 0.32 12.66
N PRO A 29 -0.60 0.80 13.66
CA PRO A 29 0.13 -0.07 14.56
C PRO A 29 -0.79 -1.06 15.24
N TRP A 30 -1.98 -0.61 15.63
CA TRP A 30 -2.97 -1.48 16.27
C TRP A 30 -3.56 -2.51 15.30
N CYS A 31 -3.42 -2.33 13.99
CA CYS A 31 -4.01 -3.29 13.04
C CYS A 31 -3.21 -4.61 13.01
N GLY A 32 -3.73 -5.64 13.68
CA GLY A 32 -3.13 -6.98 13.76
C GLY A 32 -2.64 -7.52 12.41
N PRO A 33 -3.54 -7.72 11.42
CA PRO A 33 -3.17 -8.18 10.09
C PRO A 33 -2.00 -7.36 9.52
N CYS A 34 -2.06 -6.05 9.72
CA CYS A 34 -1.06 -5.13 9.23
C CYS A 34 0.27 -5.43 9.89
N ARG A 35 0.29 -5.55 11.21
CA ARG A 35 1.52 -5.87 11.95
C ARG A 35 2.14 -7.17 11.43
N ILE A 36 1.36 -8.24 11.30
CA ILE A 36 1.94 -9.52 10.91
C ILE A 36 2.42 -9.50 9.44
N ILE A 37 1.77 -8.78 8.52
CA ILE A 37 2.28 -8.73 7.15
C ILE A 37 3.44 -7.72 7.02
N ALA A 38 3.48 -6.67 7.84
CA ALA A 38 4.46 -5.58 7.76
C ALA A 38 5.90 -6.01 7.43
N PRO A 39 6.50 -7.01 8.09
CA PRO A 39 7.86 -7.43 7.80
C PRO A 39 7.95 -7.91 6.34
N VAL A 40 6.89 -8.59 5.89
CA VAL A 40 6.79 -9.13 4.56
C VAL A 40 6.59 -7.98 3.57
N VAL A 41 5.72 -7.02 3.90
CA VAL A 41 5.52 -5.81 3.09
C VAL A 41 6.91 -5.17 2.89
N ASP A 42 7.63 -4.93 3.98
CA ASP A 42 8.95 -4.32 3.93
C ASP A 42 9.94 -5.16 3.10
N GLU A 43 10.04 -6.47 3.36
CA GLU A 43 10.99 -7.28 2.62
C GLU A 43 10.66 -7.21 1.13
N ILE A 44 9.38 -7.31 0.76
CA ILE A 44 8.96 -7.23 -0.63
C ILE A 44 9.41 -5.90 -1.23
N ALA A 45 9.28 -4.80 -0.46
CA ALA A 45 9.82 -3.52 -0.89
C ALA A 45 11.31 -3.68 -1.18
N GLY A 46 12.03 -4.30 -0.23
CA GLY A 46 13.44 -4.63 -0.36
C GLY A 46 13.71 -5.41 -1.65
N GLU A 47 12.89 -6.40 -2.00
CA GLU A 47 13.05 -7.18 -3.20
C GLU A 47 13.01 -6.26 -4.43
N TYR A 48 11.96 -5.45 -4.57
CA TYR A 48 11.85 -4.58 -5.75
C TYR A 48 12.63 -3.29 -5.57
N LYS A 49 13.92 -3.46 -5.25
CA LYS A 49 14.92 -2.42 -5.17
C LYS A 49 15.13 -1.84 -6.57
N ASP A 50 14.76 -2.62 -7.60
CA ASP A 50 14.65 -2.16 -8.98
C ASP A 50 13.56 -1.10 -8.89
N LYS A 51 12.30 -1.48 -9.12
CA LYS A 51 11.16 -0.64 -8.76
C LYS A 51 9.87 -1.42 -8.69
N LEU A 52 9.34 -1.60 -7.48
CA LEU A 52 7.93 -1.92 -7.41
C LEU A 52 7.27 -1.43 -6.13
N LYS A 53 6.01 -1.78 -6.07
CA LYS A 53 4.88 -1.28 -5.36
C LYS A 53 4.65 -1.49 -3.88
N CYS A 54 5.48 -0.94 -2.98
CA CYS A 54 5.23 -1.23 -1.57
C CYS A 54 5.28 -0.01 -0.69
N VAL A 55 4.09 0.35 -0.21
CA VAL A 55 3.82 1.52 0.59
C VAL A 55 2.70 1.16 1.57
N LYS A 56 2.52 1.96 2.61
CA LYS A 56 1.51 1.72 3.62
C LYS A 56 1.10 3.05 4.28
N LEU A 57 -0.19 3.39 4.20
CA LEU A 57 -0.74 4.64 4.70
C LEU A 57 -1.16 4.48 6.16
N ASN A 58 -0.54 5.26 7.06
CA ASN A 58 -0.90 5.21 8.47
C ASN A 58 -2.26 5.88 8.65
N THR A 59 -3.28 5.05 8.86
CA THR A 59 -4.68 5.46 8.92
C THR A 59 -4.97 6.30 10.16
N ASP A 60 -4.26 6.01 11.24
CA ASP A 60 -4.42 6.70 12.52
C ASP A 60 -4.00 8.16 12.38
N GLU A 61 -2.92 8.36 11.60
CA GLU A 61 -2.30 9.64 11.29
C GLU A 61 -2.95 10.29 10.06
N SER A 62 -3.54 9.48 9.17
CA SER A 62 -4.19 9.91 7.93
C SER A 62 -5.63 9.39 7.82
N PRO A 63 -6.49 9.69 8.81
CA PRO A 63 -7.90 9.36 8.76
C PRO A 63 -8.52 10.13 7.62
N ASN A 64 -7.97 11.32 7.34
CA ASN A 64 -8.36 12.23 6.27
C ASN A 64 -8.67 11.48 4.97
N VAL A 65 -7.61 11.02 4.30
CA VAL A 65 -7.68 10.31 3.03
C VAL A 65 -8.66 9.15 3.12
N ALA A 66 -8.50 8.37 4.19
CA ALA A 66 -9.35 7.22 4.45
C ALA A 66 -10.83 7.61 4.47
N SER A 67 -11.15 8.76 5.06
CA SER A 67 -12.52 9.28 5.12
C SER A 67 -12.96 9.77 3.75
N GLU A 68 -12.08 10.49 3.05
CA GLU A 68 -12.36 11.00 1.71
C GLU A 68 -12.77 9.85 0.79
N TYR A 69 -12.05 8.72 0.88
CA TYR A 69 -12.38 7.54 0.08
C TYR A 69 -13.58 6.81 0.69
N GLY A 70 -13.67 6.78 2.02
CA GLY A 70 -14.78 6.17 2.76
C GLY A 70 -14.45 4.73 3.16
N ILE A 71 -13.25 4.52 3.69
CA ILE A 71 -12.78 3.22 4.13
C ILE A 71 -13.46 2.86 5.44
N ARG A 72 -14.03 1.65 5.53
CA ARG A 72 -14.80 1.19 6.67
C ARG A 72 -13.89 0.75 7.81
N SER A 73 -12.78 0.08 7.50
CA SER A 73 -11.79 -0.39 8.47
C SER A 73 -10.53 -0.74 7.70
N ILE A 74 -9.54 -1.30 8.41
CA ILE A 74 -8.25 -1.67 7.85
C ILE A 74 -7.94 -3.13 8.23
N PRO A 75 -7.09 -3.85 7.48
CA PRO A 75 -6.32 -3.42 6.30
C PRO A 75 -7.22 -3.11 5.10
N THR A 76 -6.71 -2.29 4.18
CA THR A 76 -7.41 -1.93 2.95
C THR A 76 -6.41 -1.40 1.92
N ILE A 77 -6.70 -1.77 0.69
CA ILE A 77 -6.09 -1.89 -0.60
C ILE A 77 -5.63 -1.01 -1.75
N MET A 78 -5.49 0.30 -1.72
CA MET A 78 -5.45 0.91 -3.06
C MET A 78 -4.09 0.82 -3.76
N VAL A 79 -4.07 0.33 -5.01
CA VAL A 79 -2.87 0.29 -5.84
C VAL A 79 -3.00 1.42 -6.86
N PHE A 80 -1.90 2.15 -7.08
CA PHE A 80 -1.86 3.27 -7.98
C PHE A 80 -0.68 3.11 -8.95
N LYS A 81 -0.73 3.83 -10.06
CA LYS A 81 0.33 3.98 -11.05
C LYS A 81 -0.13 5.07 -12.00
N GLY A 82 0.76 5.57 -12.86
CA GLY A 82 0.39 6.57 -13.85
C GLY A 82 -0.35 7.76 -13.23
N GLY A 83 0.01 8.11 -11.99
CA GLY A 83 -0.59 9.21 -11.27
C GLY A 83 -2.03 8.98 -10.80
N LYS A 84 -2.58 7.76 -10.87
CA LYS A 84 -3.96 7.48 -10.44
C LYS A 84 -4.13 6.07 -9.88
N LYS A 85 -5.30 5.87 -9.27
CA LYS A 85 -5.78 4.63 -8.66
C LYS A 85 -6.04 3.58 -9.74
N CYS A 86 -5.88 2.29 -9.41
CA CYS A 86 -6.15 1.20 -10.34
C CYS A 86 -6.59 -0.07 -9.59
N GLU A 87 -5.66 -0.85 -9.03
CA GLU A 87 -5.97 -2.15 -8.43
C GLU A 87 -6.31 -2.02 -6.95
N THR A 88 -6.71 -3.14 -6.33
CA THR A 88 -7.18 -3.18 -4.94
C THR A 88 -6.71 -4.48 -4.24
N ILE A 89 -5.88 -4.43 -3.20
CA ILE A 89 -5.42 -5.57 -2.40
C ILE A 89 -5.83 -5.47 -0.91
N ILE A 90 -6.57 -6.44 -0.36
CA ILE A 90 -6.89 -6.46 1.07
C ILE A 90 -5.69 -7.11 1.77
N GLY A 91 -5.48 -6.84 3.06
CA GLY A 91 -4.42 -7.49 3.84
C GLY A 91 -4.85 -8.92 4.17
N ALA A 92 -4.27 -9.53 5.22
CA ALA A 92 -4.59 -10.88 5.69
C ALA A 92 -4.27 -12.03 4.70
N VAL A 93 -4.07 -11.75 3.40
CA VAL A 93 -3.74 -12.78 2.41
C VAL A 93 -2.27 -13.16 2.55
N PRO A 94 -1.88 -14.39 2.18
CA PRO A 94 -0.48 -14.74 2.12
C PRO A 94 0.07 -13.97 0.93
N LYS A 95 1.19 -13.30 1.14
CA LYS A 95 1.73 -12.36 0.19
C LYS A 95 2.00 -12.95 -1.18
N ALA A 96 2.31 -14.24 -1.28
CA ALA A 96 2.48 -14.91 -2.58
C ALA A 96 1.30 -14.58 -3.51
N THR A 97 0.10 -14.52 -2.94
CA THR A 97 -1.14 -14.17 -3.64
C THR A 97 -0.99 -12.76 -4.23
N ILE A 98 -0.61 -11.81 -3.37
CA ILE A 98 -0.43 -10.41 -3.67
C ILE A 98 0.63 -10.23 -4.75
N VAL A 99 1.80 -10.86 -4.58
CA VAL A 99 2.90 -10.80 -5.52
C VAL A 99 2.38 -11.18 -6.90
N GLN A 100 1.74 -12.35 -7.04
CA GLN A 100 1.19 -12.76 -8.32
C GLN A 100 0.18 -11.74 -8.84
N THR A 101 -0.77 -11.35 -7.99
CA THR A 101 -1.84 -10.41 -8.35
C THR A 101 -1.27 -9.10 -8.89
N VAL A 102 -0.21 -8.56 -8.31
CA VAL A 102 0.35 -7.29 -8.77
C VAL A 102 1.24 -7.51 -9.98
N GLU A 103 2.10 -8.53 -9.93
CA GLU A 103 3.01 -8.87 -11.01
C GLU A 103 2.25 -9.08 -12.32
N LYS A 104 1.04 -9.63 -12.25
CA LYS A 104 0.14 -9.71 -13.39
C LYS A 104 0.12 -8.37 -14.14
N TYR A 105 -0.10 -7.30 -13.39
CA TYR A 105 -0.21 -5.96 -13.93
C TYR A 105 1.18 -5.34 -14.18
N LEU A 106 2.04 -6.08 -14.87
CA LEU A 106 3.38 -5.68 -15.28
C LEU A 106 3.74 -6.53 -16.49
N ASN A 107 3.64 -5.91 -17.65
CA ASN A 107 3.93 -6.42 -18.97
C ASN A 107 4.02 -5.17 -19.86
N MET A 1 10.06 0.79 -4.72
CA MET A 1 9.85 1.69 -3.59
C MET A 1 9.95 0.90 -2.28
N GLU A 2 10.61 1.47 -1.26
CA GLU A 2 10.74 0.87 0.06
C GLU A 2 9.43 1.09 0.84
N ALA A 3 9.19 0.33 1.92
CA ALA A 3 7.96 0.41 2.70
C ALA A 3 7.94 1.67 3.56
N GLY A 4 7.85 2.83 2.91
CA GLY A 4 7.78 4.10 3.59
C GLY A 4 6.47 4.22 4.38
N ALA A 5 6.55 4.79 5.58
CA ALA A 5 5.35 5.08 6.36
C ALA A 5 4.81 6.38 5.79
N VAL A 6 3.91 6.23 4.83
CA VAL A 6 3.27 7.36 4.16
C VAL A 6 2.13 7.86 5.03
N ASN A 7 1.70 9.08 4.77
CA ASN A 7 0.59 9.75 5.44
C ASN A 7 0.16 10.87 4.49
N ASP A 8 -0.85 11.65 4.89
CA ASP A 8 -1.53 12.65 4.07
C ASP A 8 -0.60 13.39 3.12
N ASP A 9 0.43 14.02 3.69
CA ASP A 9 1.42 14.78 2.93
C ASP A 9 2.17 13.90 1.93
N THR A 10 3.03 13.03 2.45
CA THR A 10 3.91 12.17 1.68
C THR A 10 3.16 11.41 0.58
N PHE A 11 1.97 10.89 0.91
CA PHE A 11 1.08 10.15 0.04
C PHE A 11 1.01 10.76 -1.36
N LYS A 12 0.76 12.07 -1.40
CA LYS A 12 0.62 12.83 -2.64
C LYS A 12 1.80 12.56 -3.59
N ASN A 13 3.01 12.67 -3.06
CA ASN A 13 4.23 12.51 -3.82
C ASN A 13 4.59 11.06 -4.04
N VAL A 14 4.69 10.34 -2.92
CA VAL A 14 5.22 9.00 -2.83
C VAL A 14 4.26 7.95 -3.39
N VAL A 15 2.95 8.16 -3.27
CA VAL A 15 1.95 7.17 -3.63
C VAL A 15 1.12 7.59 -4.84
N LEU A 16 0.54 8.80 -4.84
CA LEU A 16 -0.31 9.22 -5.95
C LEU A 16 0.52 9.54 -7.19
N GLU A 17 1.22 10.67 -7.17
CA GLU A 17 1.96 11.18 -8.32
C GLU A 17 3.31 10.46 -8.49
N SER A 18 3.29 9.13 -8.41
CA SER A 18 4.46 8.29 -8.57
C SER A 18 4.61 7.90 -10.04
N SER A 19 5.85 7.66 -10.48
CA SER A 19 6.17 7.23 -11.83
C SER A 19 5.86 5.73 -11.92
N VAL A 20 6.51 4.99 -11.04
CA VAL A 20 6.29 3.56 -10.86
C VAL A 20 5.01 3.39 -10.03
N PRO A 21 4.26 2.29 -10.21
CA PRO A 21 3.07 2.06 -9.42
C PRO A 21 3.47 1.68 -8.00
N VAL A 22 2.51 1.77 -7.08
CA VAL A 22 2.79 1.49 -5.67
C VAL A 22 1.60 0.95 -4.88
N LEU A 23 1.85 -0.12 -4.09
CA LEU A 23 0.89 -0.82 -3.27
C LEU A 23 0.93 -0.25 -1.86
N VAL A 24 0.02 0.65 -1.52
CA VAL A 24 -0.02 1.20 -0.19
C VAL A 24 -1.01 0.39 0.64
N ASP A 25 -0.54 -0.11 1.78
CA ASP A 25 -1.40 -0.80 2.74
C ASP A 25 -1.84 0.24 3.76
N PHE A 26 -3.15 0.46 3.91
CA PHE A 26 -3.66 1.36 4.92
C PHE A 26 -3.61 0.54 6.20
N TRP A 27 -2.68 0.89 7.10
CA TRP A 27 -2.42 0.10 8.30
C TRP A 27 -2.55 0.96 9.54
N ALA A 28 -2.18 0.38 10.69
CA ALA A 28 -2.06 1.05 11.96
C ALA A 28 -1.41 0.03 12.91
N PRO A 29 -0.68 0.45 13.95
CA PRO A 29 -0.09 -0.48 14.90
C PRO A 29 -1.11 -1.44 15.49
N TRP A 30 -2.31 -0.96 15.80
CA TRP A 30 -3.38 -1.80 16.34
C TRP A 30 -3.98 -2.73 15.28
N CYS A 31 -3.70 -2.51 14.00
CA CYS A 31 -4.28 -3.32 12.94
C CYS A 31 -3.65 -4.72 12.91
N GLY A 32 -4.18 -5.64 13.70
CA GLY A 32 -3.75 -7.04 13.78
C GLY A 32 -3.22 -7.64 12.48
N PRO A 33 -4.05 -7.81 11.43
CA PRO A 33 -3.60 -8.40 10.18
C PRO A 33 -2.46 -7.61 9.55
N CYS A 34 -2.60 -6.28 9.51
CA CYS A 34 -1.57 -5.41 8.95
C CYS A 34 -0.25 -5.66 9.66
N ARG A 35 -0.29 -5.73 10.99
CA ARG A 35 0.85 -5.91 11.86
C ARG A 35 1.60 -7.18 11.49
N ILE A 36 0.88 -8.29 11.40
CA ILE A 36 1.53 -9.56 11.08
C ILE A 36 2.07 -9.57 9.65
N ILE A 37 1.39 -8.98 8.67
CA ILE A 37 1.95 -8.93 7.31
C ILE A 37 3.06 -7.87 7.19
N ALA A 38 3.07 -6.82 8.02
CA ALA A 38 4.04 -5.73 7.95
C ALA A 38 5.50 -6.15 7.65
N PRO A 39 6.08 -7.20 8.26
CA PRO A 39 7.45 -7.61 8.00
C PRO A 39 7.59 -8.09 6.56
N VAL A 40 6.55 -8.79 6.07
CA VAL A 40 6.45 -9.32 4.74
C VAL A 40 6.26 -8.15 3.76
N VAL A 41 5.48 -7.14 4.15
CA VAL A 41 5.32 -5.92 3.36
C VAL A 41 6.73 -5.31 3.20
N ASP A 42 7.44 -5.13 4.31
CA ASP A 42 8.77 -4.56 4.32
C ASP A 42 9.75 -5.36 3.46
N GLU A 43 9.86 -6.68 3.65
CA GLU A 43 10.83 -7.47 2.91
C GLU A 43 10.56 -7.37 1.41
N ILE A 44 9.28 -7.43 1.00
CA ILE A 44 8.93 -7.26 -0.41
C ILE A 44 9.38 -5.87 -0.85
N ALA A 45 9.13 -4.85 -0.03
CA ALA A 45 9.58 -3.52 -0.35
C ALA A 45 11.10 -3.50 -0.52
N GLY A 46 11.82 -4.26 0.31
CA GLY A 46 13.26 -4.41 0.19
C GLY A 46 13.60 -5.01 -1.17
N GLU A 47 12.99 -6.14 -1.53
CA GLU A 47 13.19 -6.82 -2.80
C GLU A 47 13.07 -5.84 -3.97
N TYR A 48 11.95 -5.12 -4.06
CA TYR A 48 11.75 -4.18 -5.16
C TYR A 48 11.95 -2.72 -4.75
N LYS A 49 12.87 -2.45 -3.82
CA LYS A 49 13.15 -1.09 -3.36
C LYS A 49 13.41 -0.20 -4.56
N ASP A 50 14.22 -0.75 -5.45
CA ASP A 50 14.64 -0.23 -6.74
C ASP A 50 13.57 0.60 -7.44
N LYS A 51 12.37 0.02 -7.53
CA LYS A 51 11.28 0.52 -8.32
C LYS A 51 9.91 0.18 -7.75
N LEU A 52 9.64 -1.10 -7.59
CA LEU A 52 8.24 -1.53 -7.58
C LEU A 52 7.49 -1.27 -6.26
N LYS A 53 6.21 -1.64 -6.26
CA LYS A 53 5.14 -1.19 -5.44
C LYS A 53 4.97 -1.62 -3.98
N CYS A 54 5.49 -0.87 -3.00
CA CYS A 54 5.18 -1.19 -1.61
C CYS A 54 5.27 0.02 -0.69
N VAL A 55 4.17 0.37 0.01
CA VAL A 55 4.13 1.47 0.96
C VAL A 55 3.10 1.20 2.07
N LYS A 56 3.06 2.04 3.11
CA LYS A 56 2.17 1.83 4.25
C LYS A 56 1.62 3.15 4.81
N LEU A 57 0.30 3.40 4.71
CA LEU A 57 -0.31 4.62 5.24
C LEU A 57 -0.76 4.39 6.68
N ASN A 58 -0.21 5.14 7.64
CA ASN A 58 -0.71 5.03 9.01
C ASN A 58 -2.07 5.72 9.05
N THR A 59 -3.11 4.91 9.13
CA THR A 59 -4.50 5.29 9.05
C THR A 59 -4.87 6.24 10.18
N ASP A 60 -4.38 5.97 11.38
CA ASP A 60 -4.68 6.77 12.55
C ASP A 60 -4.09 8.18 12.39
N GLU A 61 -2.94 8.27 11.72
CA GLU A 61 -2.26 9.51 11.41
C GLU A 61 -2.77 10.11 10.09
N SER A 62 -3.50 9.35 9.25
CA SER A 62 -4.11 9.85 8.03
C SER A 62 -5.52 9.30 7.80
N PRO A 63 -6.45 9.65 8.72
CA PRO A 63 -7.85 9.31 8.61
C PRO A 63 -8.45 10.10 7.44
N ASN A 64 -7.86 11.25 7.14
CA ASN A 64 -8.26 12.13 6.04
C ASN A 64 -8.43 11.34 4.76
N VAL A 65 -7.31 10.87 4.21
CA VAL A 65 -7.21 10.11 2.98
C VAL A 65 -8.20 8.94 3.03
N ALA A 66 -8.14 8.20 4.13
CA ALA A 66 -9.01 7.06 4.37
C ALA A 66 -10.48 7.47 4.21
N SER A 67 -10.89 8.59 4.79
CA SER A 67 -12.25 9.10 4.71
C SER A 67 -12.59 9.56 3.30
N GLU A 68 -11.65 10.24 2.64
CA GLU A 68 -11.82 10.71 1.27
C GLU A 68 -12.16 9.52 0.36
N TYR A 69 -11.48 8.39 0.54
CA TYR A 69 -11.76 7.18 -0.22
C TYR A 69 -13.00 6.48 0.32
N GLY A 70 -13.23 6.55 1.64
CA GLY A 70 -14.38 5.96 2.30
C GLY A 70 -14.04 4.57 2.83
N ILE A 71 -12.81 4.40 3.31
CA ILE A 71 -12.34 3.17 3.88
C ILE A 71 -12.98 3.03 5.27
N ARG A 72 -13.95 2.12 5.39
CA ARG A 72 -14.72 1.95 6.62
C ARG A 72 -13.91 1.18 7.67
N SER A 73 -12.97 0.33 7.25
CA SER A 73 -12.12 -0.43 8.15
C SER A 73 -10.85 -0.76 7.38
N ILE A 74 -9.77 -1.06 8.09
CA ILE A 74 -8.49 -1.44 7.52
C ILE A 74 -8.25 -2.88 7.94
N PRO A 75 -7.42 -3.68 7.24
CA PRO A 75 -6.60 -3.33 6.09
C PRO A 75 -7.41 -3.02 4.83
N THR A 76 -6.73 -2.36 3.89
CA THR A 76 -7.18 -2.00 2.56
C THR A 76 -5.87 -1.71 1.82
N ILE A 77 -5.64 -2.39 0.70
CA ILE A 77 -4.40 -2.35 -0.04
C ILE A 77 -4.69 -1.76 -1.42
N MET A 78 -4.28 -0.52 -1.66
CA MET A 78 -4.53 0.16 -2.93
C MET A 78 -3.26 0.21 -3.78
N VAL A 79 -3.38 -0.16 -5.06
CA VAL A 79 -2.29 -0.06 -6.02
C VAL A 79 -2.54 1.19 -6.84
N PHE A 80 -1.71 2.21 -6.67
CA PHE A 80 -1.79 3.43 -7.47
C PHE A 80 -0.83 3.26 -8.64
N LYS A 81 -1.20 3.79 -9.83
CA LYS A 81 -0.38 3.69 -11.03
C LYS A 81 -0.40 5.02 -11.80
N GLY A 82 -0.13 6.11 -11.08
CA GLY A 82 -0.12 7.45 -11.66
C GLY A 82 -1.42 8.17 -11.32
N GLY A 83 -1.51 8.68 -10.08
CA GLY A 83 -2.67 9.41 -9.60
C GLY A 83 -3.85 8.51 -9.29
N LYS A 84 -4.35 7.81 -10.31
CA LYS A 84 -5.50 6.93 -10.20
C LYS A 84 -5.07 5.56 -9.67
N LYS A 85 -6.08 4.81 -9.21
CA LYS A 85 -5.93 3.46 -8.69
C LYS A 85 -6.06 2.44 -9.81
N CYS A 86 -5.39 1.31 -9.63
CA CYS A 86 -5.39 0.17 -10.52
C CYS A 86 -6.16 -0.95 -9.83
N GLU A 87 -5.68 -1.32 -8.64
CA GLU A 87 -6.25 -2.36 -7.80
C GLU A 87 -6.58 -1.77 -6.41
N THR A 88 -7.47 -2.44 -5.69
CA THR A 88 -7.87 -2.12 -4.33
C THR A 88 -8.31 -3.46 -3.72
N ILE A 89 -7.37 -4.13 -3.06
CA ILE A 89 -7.52 -5.46 -2.51
C ILE A 89 -7.72 -5.35 -1.00
N ILE A 90 -8.51 -6.24 -0.41
CA ILE A 90 -8.68 -6.31 1.03
C ILE A 90 -7.45 -7.04 1.59
N GLY A 91 -7.04 -6.74 2.82
CA GLY A 91 -5.90 -7.42 3.42
C GLY A 91 -6.26 -8.85 3.84
N ALA A 92 -5.47 -9.41 4.78
CA ALA A 92 -5.63 -10.79 5.25
C ALA A 92 -5.50 -11.77 4.08
N VAL A 93 -4.47 -11.57 3.25
CA VAL A 93 -4.09 -12.41 2.13
C VAL A 93 -2.60 -12.69 2.31
N PRO A 94 -2.05 -13.81 1.81
CA PRO A 94 -0.63 -14.01 1.79
C PRO A 94 -0.10 -13.04 0.75
N LYS A 95 1.03 -12.39 1.02
CA LYS A 95 1.54 -11.44 0.06
C LYS A 95 1.98 -12.17 -1.22
N ALA A 96 2.25 -13.48 -1.18
CA ALA A 96 2.54 -14.22 -2.40
C ALA A 96 1.42 -14.00 -3.43
N THR A 97 0.18 -14.18 -2.99
CA THR A 97 -1.01 -13.97 -3.79
C THR A 97 -1.02 -12.54 -4.34
N ILE A 98 -0.76 -11.57 -3.45
CA ILE A 98 -0.74 -10.15 -3.82
C ILE A 98 0.31 -9.92 -4.91
N VAL A 99 1.54 -10.43 -4.74
CA VAL A 99 2.61 -10.29 -5.72
C VAL A 99 2.10 -10.81 -7.06
N GLN A 100 1.64 -12.06 -7.13
CA GLN A 100 1.12 -12.62 -8.37
C GLN A 100 0.07 -11.70 -8.98
N THR A 101 -0.86 -11.22 -8.15
CA THR A 101 -1.92 -10.32 -8.55
C THR A 101 -1.33 -9.03 -9.12
N VAL A 102 -0.19 -8.53 -8.65
CA VAL A 102 0.42 -7.35 -9.26
C VAL A 102 1.11 -7.75 -10.57
N GLU A 103 1.91 -8.82 -10.53
CA GLU A 103 2.71 -9.28 -11.66
C GLU A 103 1.87 -9.37 -12.93
N LYS A 104 0.66 -9.94 -12.85
CA LYS A 104 -0.24 -10.03 -14.00
C LYS A 104 -0.48 -8.66 -14.66
N TYR A 105 -0.40 -7.55 -13.91
CA TYR A 105 -0.56 -6.19 -14.41
C TYR A 105 0.79 -5.51 -14.66
N LEU A 106 1.90 -6.08 -14.19
CA LEU A 106 3.18 -5.41 -14.20
C LEU A 106 4.31 -6.45 -14.15
N ASN A 107 4.72 -6.94 -15.31
CA ASN A 107 5.78 -7.91 -15.52
C ASN A 107 6.20 -7.69 -16.97
N MET A 1 9.97 -0.11 6.23
CA MET A 1 11.40 -0.33 5.99
C MET A 1 11.52 -0.91 4.59
N GLU A 2 12.26 -0.26 3.69
CA GLU A 2 12.24 -0.53 2.25
C GLU A 2 10.89 0.02 1.76
N ALA A 3 9.80 -0.57 2.25
CA ALA A 3 8.47 -0.01 2.10
C ALA A 3 8.46 1.30 2.88
N GLY A 4 8.01 2.39 2.25
CA GLY A 4 7.96 3.70 2.89
C GLY A 4 6.73 3.80 3.81
N ALA A 5 6.61 4.91 4.54
CA ALA A 5 5.49 5.21 5.41
C ALA A 5 4.90 6.54 4.93
N VAL A 6 3.58 6.66 4.84
CA VAL A 6 2.94 7.90 4.36
C VAL A 6 1.73 8.30 5.20
N ASN A 7 1.35 9.56 5.00
CA ASN A 7 0.17 10.23 5.52
C ASN A 7 -0.28 11.14 4.38
N ASP A 8 -1.47 11.74 4.51
CA ASP A 8 -2.11 12.61 3.53
C ASP A 8 -1.12 13.54 2.83
N ASP A 9 -0.26 14.17 3.63
CA ASP A 9 0.77 15.09 3.17
C ASP A 9 1.68 14.44 2.13
N THR A 10 2.44 13.43 2.56
CA THR A 10 3.44 12.74 1.75
C THR A 10 2.79 11.93 0.62
N PHE A 11 1.68 11.27 0.95
CA PHE A 11 0.85 10.44 0.08
C PHE A 11 0.71 11.06 -1.30
N LYS A 12 0.40 12.35 -1.33
CA LYS A 12 0.29 13.12 -2.56
C LYS A 12 1.41 12.77 -3.54
N ASN A 13 2.65 13.10 -3.21
CA ASN A 13 3.77 12.87 -4.10
C ASN A 13 4.11 11.39 -4.20
N VAL A 14 4.11 10.74 -3.03
CA VAL A 14 4.57 9.37 -2.88
C VAL A 14 3.61 8.34 -3.48
N VAL A 15 2.35 8.71 -3.71
CA VAL A 15 1.30 7.82 -4.21
C VAL A 15 0.57 8.40 -5.40
N LEU A 16 0.08 9.65 -5.30
CA LEU A 16 -0.68 10.22 -6.40
C LEU A 16 0.26 10.67 -7.52
N GLU A 17 1.05 11.73 -7.33
CA GLU A 17 1.89 12.28 -8.41
C GLU A 17 3.17 11.46 -8.63
N SER A 18 3.07 10.13 -8.56
CA SER A 18 4.17 9.21 -8.72
C SER A 18 4.31 8.79 -10.20
N SER A 19 5.56 8.74 -10.68
CA SER A 19 5.91 8.37 -12.05
C SER A 19 5.84 6.85 -12.18
N VAL A 20 6.59 6.16 -11.31
CA VAL A 20 6.54 4.71 -11.23
C VAL A 20 5.28 4.36 -10.45
N PRO A 21 4.74 3.14 -10.63
CA PRO A 21 3.57 2.74 -9.88
C PRO A 21 3.93 2.63 -8.41
N VAL A 22 2.91 2.54 -7.56
CA VAL A 22 2.98 2.55 -6.12
C VAL A 22 2.05 1.48 -5.57
N LEU A 23 2.46 0.83 -4.46
CA LEU A 23 1.70 -0.18 -3.73
C LEU A 23 1.60 0.32 -2.29
N VAL A 24 0.49 0.94 -1.89
CA VAL A 24 0.36 1.51 -0.55
C VAL A 24 -0.61 0.68 0.29
N ASP A 25 -0.12 0.14 1.41
CA ASP A 25 -0.91 -0.64 2.36
C ASP A 25 -1.49 0.30 3.42
N PHE A 26 -2.81 0.42 3.49
CA PHE A 26 -3.47 1.24 4.50
C PHE A 26 -3.45 0.40 5.78
N TRP A 27 -2.63 0.79 6.75
CA TRP A 27 -2.42 0.02 7.98
C TRP A 27 -2.64 0.89 9.21
N ALA A 28 -2.37 0.33 10.38
CA ALA A 28 -2.37 1.05 11.64
C ALA A 28 -1.74 0.13 12.68
N PRO A 29 -1.05 0.65 13.71
CA PRO A 29 -0.46 -0.17 14.75
C PRO A 29 -1.48 -1.11 15.41
N TRP A 30 -2.67 -0.61 15.73
CA TRP A 30 -3.71 -1.43 16.32
C TRP A 30 -4.26 -2.47 15.35
N CYS A 31 -4.05 -2.30 14.04
CA CYS A 31 -4.60 -3.23 13.07
C CYS A 31 -3.75 -4.51 13.03
N GLY A 32 -4.05 -5.45 13.93
CA GLY A 32 -3.42 -6.76 13.99
C GLY A 32 -3.12 -7.39 12.63
N PRO A 33 -4.14 -7.64 11.78
CA PRO A 33 -3.92 -8.27 10.49
C PRO A 33 -3.07 -7.42 9.54
N CYS A 34 -2.93 -6.11 9.80
CA CYS A 34 -2.04 -5.25 9.02
C CYS A 34 -0.62 -5.44 9.55
N ARG A 35 -0.48 -5.38 10.88
CA ARG A 35 0.77 -5.52 11.60
C ARG A 35 1.50 -6.78 11.15
N ILE A 36 0.81 -7.92 11.13
CA ILE A 36 1.44 -9.18 10.76
C ILE A 36 1.93 -9.17 9.31
N ILE A 37 1.23 -8.53 8.36
CA ILE A 37 1.71 -8.49 6.97
C ILE A 37 2.80 -7.42 6.79
N ALA A 38 2.85 -6.36 7.62
CA ALA A 38 3.83 -5.28 7.51
C ALA A 38 5.27 -5.76 7.16
N PRO A 39 5.86 -6.78 7.81
CA PRO A 39 7.18 -7.29 7.46
C PRO A 39 7.16 -7.84 6.02
N VAL A 40 6.06 -8.50 5.67
CA VAL A 40 5.82 -9.00 4.32
C VAL A 40 5.85 -7.80 3.37
N VAL A 41 5.16 -6.72 3.71
CA VAL A 41 5.12 -5.52 2.88
C VAL A 41 6.55 -4.98 2.70
N ASP A 42 7.34 -4.96 3.80
CA ASP A 42 8.73 -4.52 3.77
C ASP A 42 9.54 -5.36 2.78
N GLU A 43 9.57 -6.69 2.91
CA GLU A 43 10.35 -7.50 1.98
C GLU A 43 9.81 -7.37 0.55
N ILE A 44 8.49 -7.28 0.35
CA ILE A 44 7.92 -7.05 -0.96
C ILE A 44 8.56 -5.79 -1.54
N ALA A 45 8.67 -4.72 -0.75
CA ALA A 45 9.37 -3.53 -1.22
C ALA A 45 10.78 -3.91 -1.64
N GLY A 46 11.52 -4.60 -0.75
CA GLY A 46 12.86 -5.08 -1.05
C GLY A 46 12.94 -5.76 -2.42
N GLU A 47 11.96 -6.58 -2.77
CA GLU A 47 11.89 -7.27 -4.05
C GLU A 47 11.58 -6.31 -5.21
N TYR A 48 10.48 -5.57 -5.11
CA TYR A 48 9.96 -4.72 -6.19
C TYR A 48 10.46 -3.26 -6.17
N LYS A 49 11.44 -2.94 -5.32
CA LYS A 49 12.03 -1.62 -5.16
C LYS A 49 12.36 -0.99 -6.52
N ASP A 50 12.30 0.35 -6.59
CA ASP A 50 12.57 1.18 -7.77
C ASP A 50 11.42 1.10 -8.78
N LYS A 51 11.03 -0.12 -9.10
CA LYS A 51 10.03 -0.42 -10.11
C LYS A 51 8.62 -0.17 -9.59
N LEU A 52 8.44 -0.33 -8.28
CA LEU A 52 7.15 -0.18 -7.60
C LEU A 52 7.40 0.51 -6.25
N LYS A 53 6.77 1.65 -6.02
CA LYS A 53 6.94 2.39 -4.78
C LYS A 53 6.07 1.71 -3.72
N CYS A 54 6.65 0.80 -2.95
CA CYS A 54 5.91 0.13 -1.89
C CYS A 54 5.82 1.05 -0.67
N VAL A 55 4.63 1.19 -0.09
CA VAL A 55 4.41 2.12 1.01
C VAL A 55 3.38 1.58 2.02
N LYS A 56 3.28 2.25 3.16
CA LYS A 56 2.33 1.95 4.23
C LYS A 56 1.70 3.25 4.72
N LEU A 57 0.39 3.45 4.47
CA LEU A 57 -0.32 4.65 4.91
C LEU A 57 -0.91 4.42 6.30
N ASN A 58 -0.45 5.23 7.26
CA ASN A 58 -0.94 5.13 8.62
C ASN A 58 -2.37 5.67 8.67
N THR A 59 -3.32 4.75 8.68
CA THR A 59 -4.75 5.00 8.64
C THR A 59 -5.27 5.24 10.07
N ASP A 60 -4.63 6.18 10.76
CA ASP A 60 -4.98 6.65 12.09
C ASP A 60 -4.56 8.12 12.15
N GLU A 61 -3.34 8.35 11.67
CA GLU A 61 -2.72 9.63 11.41
C GLU A 61 -3.22 10.22 10.09
N SER A 62 -3.66 9.37 9.15
CA SER A 62 -4.12 9.78 7.83
C SER A 62 -5.46 9.15 7.40
N PRO A 63 -6.51 9.31 8.21
CA PRO A 63 -7.85 8.85 7.91
C PRO A 63 -8.44 9.69 6.80
N ASN A 64 -7.92 10.92 6.63
CA ASN A 64 -8.31 11.87 5.59
C ASN A 64 -8.41 11.14 4.26
N VAL A 65 -7.30 10.53 3.85
CA VAL A 65 -7.19 9.80 2.61
C VAL A 65 -8.23 8.67 2.57
N ALA A 66 -8.22 7.84 3.61
CA ALA A 66 -9.16 6.73 3.70
C ALA A 66 -10.60 7.19 3.51
N SER A 67 -10.95 8.35 4.07
CA SER A 67 -12.28 8.94 3.97
C SER A 67 -12.53 9.43 2.54
N GLU A 68 -11.57 10.17 1.99
CA GLU A 68 -11.65 10.71 0.63
C GLU A 68 -11.90 9.59 -0.38
N TYR A 69 -11.19 8.47 -0.25
CA TYR A 69 -11.35 7.33 -1.14
C TYR A 69 -12.60 6.53 -0.75
N GLY A 70 -12.93 6.49 0.54
CA GLY A 70 -14.12 5.81 1.05
C GLY A 70 -13.82 4.35 1.37
N ILE A 71 -12.75 4.12 2.12
CA ILE A 71 -12.32 2.79 2.50
C ILE A 71 -13.20 2.28 3.65
N ARG A 72 -13.57 0.99 3.60
CA ARG A 72 -14.45 0.37 4.58
C ARG A 72 -13.69 0.02 5.86
N SER A 73 -12.47 -0.51 5.75
CA SER A 73 -11.63 -0.85 6.89
C SER A 73 -10.22 -1.11 6.36
N ILE A 74 -9.35 -1.63 7.23
CA ILE A 74 -7.96 -1.93 6.92
C ILE A 74 -7.68 -3.36 7.39
N PRO A 75 -6.71 -4.08 6.79
CA PRO A 75 -5.84 -3.66 5.70
C PRO A 75 -6.55 -3.55 4.35
N THR A 76 -5.96 -2.74 3.47
CA THR A 76 -6.40 -2.52 2.11
C THR A 76 -5.16 -1.95 1.40
N ILE A 77 -4.64 -2.70 0.44
CA ILE A 77 -3.46 -2.38 -0.32
C ILE A 77 -3.94 -1.77 -1.62
N MET A 78 -3.76 -0.46 -1.82
CA MET A 78 -4.16 0.19 -3.06
C MET A 78 -2.93 0.32 -3.97
N VAL A 79 -3.12 0.16 -5.27
CA VAL A 79 -2.08 0.33 -6.25
C VAL A 79 -2.40 1.64 -6.97
N PHE A 80 -1.41 2.54 -7.09
CA PHE A 80 -1.59 3.85 -7.73
C PHE A 80 -0.44 4.13 -8.70
N LYS A 81 -0.65 5.09 -9.61
CA LYS A 81 0.34 5.55 -10.57
C LYS A 81 -0.21 6.80 -11.26
N GLY A 82 0.66 7.70 -11.74
CA GLY A 82 0.22 8.80 -12.59
C GLY A 82 -1.03 9.57 -12.13
N GLY A 83 -1.12 9.90 -10.84
CA GLY A 83 -2.23 10.67 -10.29
C GLY A 83 -3.54 9.90 -10.18
N LYS A 84 -3.56 8.58 -10.42
CA LYS A 84 -4.79 7.78 -10.37
C LYS A 84 -4.52 6.43 -9.68
N LYS A 85 -5.61 5.79 -9.27
CA LYS A 85 -5.58 4.46 -8.68
C LYS A 85 -5.73 3.44 -9.82
N CYS A 86 -5.11 2.27 -9.66
CA CYS A 86 -5.16 1.19 -10.64
C CYS A 86 -6.18 0.15 -10.20
N GLU A 87 -5.95 -0.43 -9.02
CA GLU A 87 -6.80 -1.43 -8.37
C GLU A 87 -6.36 -1.52 -6.90
N THR A 88 -6.83 -2.52 -6.15
CA THR A 88 -6.50 -2.69 -4.76
C THR A 88 -6.55 -4.19 -4.41
N ILE A 89 -6.12 -4.58 -3.19
CA ILE A 89 -6.13 -5.94 -2.69
C ILE A 89 -6.45 -5.86 -1.20
N ILE A 90 -7.23 -6.79 -0.67
CA ILE A 90 -7.51 -6.85 0.76
C ILE A 90 -6.29 -7.51 1.42
N GLY A 91 -5.86 -7.04 2.59
CA GLY A 91 -4.72 -7.62 3.29
C GLY A 91 -5.13 -8.88 4.05
N ALA A 92 -4.52 -9.13 5.21
CA ALA A 92 -4.75 -10.35 5.99
C ALA A 92 -4.52 -11.61 5.14
N VAL A 93 -3.51 -11.60 4.25
CA VAL A 93 -3.21 -12.69 3.33
C VAL A 93 -1.78 -13.19 3.51
N PRO A 94 -1.51 -14.44 3.09
CA PRO A 94 -0.15 -14.89 2.89
C PRO A 94 0.34 -14.15 1.65
N LYS A 95 1.59 -13.71 1.67
CA LYS A 95 2.15 -12.94 0.57
C LYS A 95 2.10 -13.71 -0.74
N ALA A 96 2.06 -15.04 -0.72
CA ALA A 96 1.92 -15.82 -1.95
C ALA A 96 0.76 -15.26 -2.80
N THR A 97 -0.36 -14.96 -2.15
CA THR A 97 -1.53 -14.37 -2.76
C THR A 97 -1.18 -13.02 -3.37
N ILE A 98 -0.52 -12.16 -2.56
CA ILE A 98 -0.11 -10.83 -2.97
C ILE A 98 0.75 -10.91 -4.23
N VAL A 99 1.81 -11.72 -4.23
CA VAL A 99 2.72 -11.87 -5.36
C VAL A 99 1.92 -12.20 -6.61
N GLN A 100 1.17 -13.31 -6.61
CA GLN A 100 0.38 -13.71 -7.77
C GLN A 100 -0.49 -12.54 -8.23
N THR A 101 -1.27 -11.97 -7.30
CA THR A 101 -2.16 -10.85 -7.61
C THR A 101 -1.40 -9.69 -8.27
N VAL A 102 -0.24 -9.30 -7.70
CA VAL A 102 0.59 -8.22 -8.23
C VAL A 102 1.00 -8.56 -9.66
N GLU A 103 1.52 -9.76 -9.88
CA GLU A 103 1.92 -10.21 -11.20
C GLU A 103 0.74 -10.13 -12.17
N LYS A 104 -0.42 -10.61 -11.73
CA LYS A 104 -1.67 -10.56 -12.50
C LYS A 104 -1.92 -9.13 -12.97
N TYR A 105 -1.88 -8.16 -12.05
CA TYR A 105 -2.13 -6.77 -12.40
C TYR A 105 -1.02 -6.21 -13.29
N LEU A 106 0.24 -6.46 -12.95
CA LEU A 106 1.39 -5.97 -13.68
C LEU A 106 1.69 -6.92 -14.83
N ASN A 107 0.79 -6.83 -15.78
CA ASN A 107 0.74 -7.56 -17.03
C ASN A 107 0.26 -6.60 -18.11
N MET A 1 10.30 0.40 6.27
CA MET A 1 11.71 0.69 5.99
C MET A 1 11.92 0.64 4.48
N GLU A 2 12.10 -0.56 3.90
CA GLU A 2 12.16 -0.69 2.45
C GLU A 2 10.81 -0.22 1.90
N ALA A 3 9.73 -0.66 2.55
CA ALA A 3 8.40 -0.13 2.30
C ALA A 3 8.37 1.21 3.02
N GLY A 4 8.04 2.29 2.32
CA GLY A 4 7.98 3.60 2.95
C GLY A 4 6.77 3.68 3.89
N ALA A 5 6.79 4.67 4.78
CA ALA A 5 5.68 5.00 5.66
C ALA A 5 5.10 6.29 5.10
N VAL A 6 3.82 6.29 4.72
CA VAL A 6 3.15 7.45 4.14
C VAL A 6 2.03 7.93 5.05
N ASN A 7 1.63 9.17 4.80
CA ASN A 7 0.53 9.89 5.42
C ASN A 7 -0.12 10.68 4.30
N ASP A 8 -1.31 11.23 4.56
CA ASP A 8 -2.06 12.10 3.66
C ASP A 8 -1.13 13.05 2.91
N ASP A 9 -0.27 13.71 3.67
CA ASP A 9 0.74 14.64 3.17
C ASP A 9 1.61 14.03 2.08
N THR A 10 2.43 13.04 2.46
CA THR A 10 3.41 12.41 1.60
C THR A 10 2.76 11.62 0.45
N PHE A 11 1.68 10.90 0.76
CA PHE A 11 0.86 10.08 -0.12
C PHE A 11 0.69 10.73 -1.49
N LYS A 12 0.35 11.99 -1.45
CA LYS A 12 0.21 12.82 -2.64
C LYS A 12 1.34 12.62 -3.64
N ASN A 13 2.57 12.89 -3.21
CA ASN A 13 3.72 12.80 -4.10
C ASN A 13 4.14 11.36 -4.28
N VAL A 14 4.22 10.67 -3.15
CA VAL A 14 4.83 9.37 -3.07
C VAL A 14 3.99 8.29 -3.77
N VAL A 15 2.67 8.42 -3.71
CA VAL A 15 1.71 7.42 -4.17
C VAL A 15 0.89 7.93 -5.35
N LEU A 16 0.13 9.01 -5.16
CA LEU A 16 -0.75 9.49 -6.22
C LEU A 16 0.10 9.89 -7.43
N GLU A 17 0.89 10.97 -7.32
CA GLU A 17 1.69 11.46 -8.43
C GLU A 17 2.96 10.65 -8.63
N SER A 18 2.87 9.32 -8.52
CA SER A 18 3.97 8.42 -8.75
C SER A 18 3.97 8.03 -10.24
N SER A 19 5.15 7.96 -10.84
CA SER A 19 5.33 7.60 -12.23
C SER A 19 5.21 6.09 -12.34
N VAL A 20 6.02 5.39 -11.55
CA VAL A 20 6.00 3.94 -11.46
C VAL A 20 4.82 3.54 -10.56
N PRO A 21 4.30 2.31 -10.67
CA PRO A 21 3.18 1.89 -9.83
C PRO A 21 3.57 1.83 -8.36
N VAL A 22 2.58 2.03 -7.48
CA VAL A 22 2.76 2.08 -6.03
C VAL A 22 1.57 1.50 -5.24
N LEU A 23 1.82 0.52 -4.36
CA LEU A 23 0.82 -0.18 -3.55
C LEU A 23 0.99 0.28 -2.12
N VAL A 24 -0.09 0.80 -1.53
CA VAL A 24 -0.12 1.21 -0.14
C VAL A 24 -1.04 0.28 0.62
N ASP A 25 -0.58 -0.20 1.77
CA ASP A 25 -1.42 -0.92 2.70
C ASP A 25 -1.87 0.12 3.73
N PHE A 26 -3.18 0.29 3.90
CA PHE A 26 -3.71 1.19 4.91
C PHE A 26 -3.59 0.42 6.21
N TRP A 27 -2.70 0.84 7.10
CA TRP A 27 -2.43 0.14 8.35
C TRP A 27 -2.65 1.06 9.54
N ALA A 28 -2.30 0.56 10.72
CA ALA A 28 -2.32 1.26 11.98
C ALA A 28 -1.64 0.31 12.98
N PRO A 29 -1.10 0.79 14.10
CA PRO A 29 -0.44 -0.08 15.06
C PRO A 29 -1.40 -1.15 15.58
N TRP A 30 -2.66 -0.76 15.79
CA TRP A 30 -3.71 -1.66 16.22
C TRP A 30 -4.15 -2.58 15.08
N CYS A 31 -3.72 -2.36 13.83
CA CYS A 31 -4.12 -3.27 12.76
C CYS A 31 -3.25 -4.53 12.80
N GLY A 32 -3.66 -5.50 13.63
CA GLY A 32 -3.01 -6.79 13.78
C GLY A 32 -2.52 -7.39 12.45
N PRO A 33 -3.42 -7.67 11.49
CA PRO A 33 -3.08 -8.19 10.18
C PRO A 33 -1.94 -7.41 9.54
N CYS A 34 -2.07 -6.09 9.54
CA CYS A 34 -1.10 -5.17 8.96
C CYS A 34 0.25 -5.40 9.59
N ARG A 35 0.30 -5.40 10.92
CA ARG A 35 1.53 -5.59 11.67
C ARG A 35 2.19 -6.94 11.35
N ILE A 36 1.43 -8.03 11.32
CA ILE A 36 2.07 -9.32 11.04
C ILE A 36 2.60 -9.38 9.60
N ILE A 37 1.90 -8.82 8.61
CA ILE A 37 2.42 -8.85 7.24
C ILE A 37 3.50 -7.79 7.01
N ALA A 38 3.54 -6.71 7.81
CA ALA A 38 4.46 -5.58 7.69
C ALA A 38 5.92 -5.91 7.31
N PRO A 39 6.64 -6.85 7.94
CA PRO A 39 8.02 -7.11 7.57
C PRO A 39 8.07 -7.78 6.20
N VAL A 40 7.02 -8.55 5.86
CA VAL A 40 6.90 -9.20 4.57
C VAL A 40 6.64 -8.10 3.53
N VAL A 41 5.74 -7.15 3.84
CA VAL A 41 5.50 -5.99 2.98
C VAL A 41 6.86 -5.31 2.72
N ASP A 42 7.66 -5.15 3.78
CA ASP A 42 8.97 -4.53 3.67
C ASP A 42 9.92 -5.32 2.76
N GLU A 43 10.11 -6.62 3.01
CA GLU A 43 11.02 -7.39 2.16
C GLU A 43 10.56 -7.34 0.70
N ILE A 44 9.24 -7.43 0.47
CA ILE A 44 8.67 -7.30 -0.85
C ILE A 44 9.07 -5.94 -1.42
N ALA A 45 8.95 -4.86 -0.65
CA ALA A 45 9.42 -3.55 -1.09
C ALA A 45 10.87 -3.67 -1.55
N GLY A 46 11.69 -4.37 -0.77
CA GLY A 46 13.07 -4.67 -1.10
C GLY A 46 13.16 -5.24 -2.52
N GLU A 47 12.44 -6.35 -2.78
CA GLU A 47 12.42 -7.00 -4.08
C GLU A 47 12.13 -5.98 -5.20
N TYR A 48 11.07 -5.20 -5.03
CA TYR A 48 10.63 -4.26 -6.04
C TYR A 48 11.30 -2.88 -5.92
N LYS A 49 12.45 -2.77 -5.23
CA LYS A 49 13.18 -1.51 -5.14
C LYS A 49 13.51 -0.98 -6.53
N ASP A 50 13.65 0.35 -6.64
CA ASP A 50 13.97 1.10 -7.85
C ASP A 50 12.77 1.15 -8.80
N LYS A 51 12.22 -0.01 -9.10
CA LYS A 51 11.18 -0.19 -10.07
C LYS A 51 9.80 0.20 -9.59
N LEU A 52 9.38 -0.34 -8.43
CA LEU A 52 7.95 -0.36 -8.18
C LEU A 52 7.46 -0.20 -6.73
N LYS A 53 6.24 -0.70 -6.57
CA LYS A 53 5.19 -0.44 -5.61
C LYS A 53 5.12 -0.90 -4.15
N CYS A 54 5.76 -0.27 -3.16
CA CYS A 54 5.48 -0.69 -1.78
C CYS A 54 5.57 0.42 -0.73
N VAL A 55 4.46 0.64 -0.01
CA VAL A 55 4.36 1.65 1.04
C VAL A 55 3.29 1.24 2.05
N LYS A 56 3.26 1.92 3.20
CA LYS A 56 2.33 1.67 4.29
C LYS A 56 1.75 3.01 4.78
N LEU A 57 0.43 3.21 4.59
CA LEU A 57 -0.27 4.44 4.97
C LEU A 57 -0.88 4.29 6.36
N ASN A 58 -0.38 5.09 7.31
CA ASN A 58 -0.90 5.06 8.66
C ASN A 58 -2.29 5.72 8.66
N THR A 59 -3.32 4.91 8.84
CA THR A 59 -4.72 5.31 8.77
C THR A 59 -5.11 6.20 9.95
N ASP A 60 -4.50 5.95 11.10
CA ASP A 60 -4.75 6.69 12.33
C ASP A 60 -4.30 8.15 12.16
N GLU A 61 -3.18 8.30 11.44
CA GLU A 61 -2.54 9.57 11.09
C GLU A 61 -3.12 10.17 9.80
N SER A 62 -3.64 9.32 8.90
CA SER A 62 -4.21 9.68 7.62
C SER A 62 -5.68 9.23 7.51
N PRO A 63 -6.53 9.60 8.47
CA PRO A 63 -7.95 9.29 8.45
C PRO A 63 -8.57 9.95 7.23
N ASN A 64 -8.09 11.15 6.95
CA ASN A 64 -8.48 12.01 5.85
C ASN A 64 -8.74 11.19 4.58
N VAL A 65 -7.67 10.64 4.02
CA VAL A 65 -7.68 9.85 2.80
C VAL A 65 -8.69 8.72 2.93
N ALA A 66 -8.54 7.93 3.99
CA ALA A 66 -9.41 6.79 4.26
C ALA A 66 -10.89 7.20 4.31
N SER A 67 -11.20 8.38 4.85
CA SER A 67 -12.56 8.88 4.95
C SER A 67 -13.08 9.20 3.55
N GLU A 68 -12.27 9.93 2.77
CA GLU A 68 -12.60 10.28 1.40
C GLU A 68 -12.88 9.00 0.58
N TYR A 69 -12.05 7.98 0.79
CA TYR A 69 -12.15 6.70 0.09
C TYR A 69 -13.24 5.78 0.66
N GLY A 70 -13.59 5.93 1.94
CA GLY A 70 -14.61 5.13 2.60
C GLY A 70 -14.04 3.81 3.15
N ILE A 71 -12.78 3.85 3.61
CA ILE A 71 -12.12 2.71 4.19
C ILE A 71 -12.62 2.60 5.63
N ARG A 72 -13.69 1.84 5.80
CA ARG A 72 -14.39 1.68 7.07
C ARG A 72 -13.69 0.72 8.02
N SER A 73 -12.70 -0.03 7.55
CA SER A 73 -11.91 -0.97 8.32
C SER A 73 -10.60 -1.17 7.57
N ILE A 74 -9.58 -1.70 8.24
CA ILE A 74 -8.27 -1.96 7.65
C ILE A 74 -7.88 -3.38 8.06
N PRO A 75 -7.02 -4.10 7.32
CA PRO A 75 -6.28 -3.68 6.14
C PRO A 75 -7.16 -3.40 4.91
N THR A 76 -6.56 -2.67 3.97
CA THR A 76 -7.09 -2.33 2.65
C THR A 76 -5.83 -1.94 1.87
N ILE A 77 -5.57 -2.62 0.76
CA ILE A 77 -4.34 -2.48 -0.01
C ILE A 77 -4.68 -1.82 -1.35
N MET A 78 -4.47 -0.51 -1.49
CA MET A 78 -4.78 0.20 -2.73
C MET A 78 -3.54 0.34 -3.59
N VAL A 79 -3.67 0.14 -4.90
CA VAL A 79 -2.58 0.25 -5.86
C VAL A 79 -2.87 1.43 -6.78
N PHE A 80 -1.88 2.30 -6.97
CA PHE A 80 -1.95 3.52 -7.76
C PHE A 80 -0.79 3.59 -8.74
N LYS A 81 -0.90 4.53 -9.69
CA LYS A 81 0.11 4.90 -10.67
C LYS A 81 -0.42 6.18 -11.35
N GLY A 82 0.44 7.06 -11.85
CA GLY A 82 0.02 8.18 -12.66
C GLY A 82 -1.17 8.99 -12.14
N GLY A 83 -1.22 9.28 -10.83
CA GLY A 83 -2.28 10.08 -10.25
C GLY A 83 -3.63 9.38 -10.17
N LYS A 84 -3.71 8.07 -10.43
CA LYS A 84 -4.97 7.31 -10.38
C LYS A 84 -4.74 5.93 -9.79
N LYS A 85 -5.85 5.22 -9.53
CA LYS A 85 -5.86 3.87 -8.97
C LYS A 85 -5.76 2.82 -10.07
N CYS A 86 -5.39 1.61 -9.65
CA CYS A 86 -5.26 0.42 -10.47
C CYS A 86 -6.01 -0.75 -9.83
N GLU A 87 -5.75 -0.98 -8.54
CA GLU A 87 -6.33 -2.07 -7.77
C GLU A 87 -6.72 -1.62 -6.35
N THR A 88 -7.48 -2.46 -5.66
CA THR A 88 -7.90 -2.29 -4.27
C THR A 88 -8.11 -3.70 -3.72
N ILE A 89 -7.03 -4.25 -3.17
CA ILE A 89 -6.95 -5.57 -2.58
C ILE A 89 -7.13 -5.38 -1.07
N ILE A 90 -7.01 -6.44 -0.27
CA ILE A 90 -7.16 -6.42 1.18
C ILE A 90 -6.06 -7.33 1.74
N GLY A 91 -5.67 -7.11 3.00
CA GLY A 91 -4.72 -7.96 3.69
C GLY A 91 -5.39 -9.28 4.07
N ALA A 92 -4.96 -9.91 5.17
CA ALA A 92 -5.46 -11.20 5.66
C ALA A 92 -5.03 -12.38 4.77
N VAL A 93 -5.12 -12.21 3.44
CA VAL A 93 -4.67 -13.23 2.50
C VAL A 93 -3.15 -13.15 2.41
N PRO A 94 -2.45 -14.25 2.10
CA PRO A 94 -1.00 -14.24 2.02
C PRO A 94 -0.48 -13.19 1.05
N LYS A 95 0.71 -12.67 1.36
CA LYS A 95 1.38 -11.69 0.53
C LYS A 95 1.62 -12.27 -0.87
N ALA A 96 1.94 -13.56 -0.95
CA ALA A 96 2.10 -14.26 -2.21
C ALA A 96 0.88 -13.98 -3.12
N THR A 97 -0.33 -14.16 -2.59
CA THR A 97 -1.58 -13.93 -3.29
C THR A 97 -1.64 -12.48 -3.80
N ILE A 98 -1.32 -11.53 -2.91
CA ILE A 98 -1.31 -10.12 -3.25
C ILE A 98 -0.32 -9.86 -4.39
N VAL A 99 0.94 -10.29 -4.25
CA VAL A 99 1.96 -10.14 -5.28
C VAL A 99 1.42 -10.70 -6.59
N GLN A 100 0.97 -11.96 -6.61
CA GLN A 100 0.41 -12.58 -7.81
C GLN A 100 -0.68 -11.71 -8.42
N THR A 101 -1.55 -11.13 -7.60
CA THR A 101 -2.59 -10.22 -8.09
C THR A 101 -1.94 -9.03 -8.81
N VAL A 102 -0.93 -8.41 -8.19
CA VAL A 102 -0.27 -7.24 -8.77
C VAL A 102 0.51 -7.60 -10.04
N GLU A 103 1.16 -8.76 -10.08
CA GLU A 103 1.99 -9.21 -11.19
C GLU A 103 1.33 -8.98 -12.55
N LYS A 104 0.02 -9.28 -12.64
CA LYS A 104 -0.80 -9.05 -13.83
C LYS A 104 -0.58 -7.65 -14.42
N TYR A 105 -0.42 -6.67 -13.54
CA TYR A 105 -0.23 -5.25 -13.84
C TYR A 105 1.25 -4.88 -13.75
N LEU A 106 2.15 -5.83 -14.04
CA LEU A 106 3.56 -5.66 -13.80
C LEU A 106 4.41 -6.33 -14.88
N ASN A 107 4.07 -7.58 -15.22
CA ASN A 107 4.75 -8.38 -16.22
C ASN A 107 3.76 -9.40 -16.77
N MET A 1 14.46 -0.71 -1.77
CA MET A 1 14.14 0.35 -0.80
C MET A 1 13.58 -0.36 0.44
N GLU A 2 12.52 0.17 1.06
CA GLU A 2 11.90 -0.37 2.26
C GLU A 2 10.47 0.19 2.27
N ALA A 3 9.58 -0.34 3.11
CA ALA A 3 8.20 0.10 3.12
C ALA A 3 8.09 1.58 3.52
N GLY A 4 7.59 2.42 2.61
CA GLY A 4 7.36 3.81 2.91
C GLY A 4 6.40 3.96 4.10
N ALA A 5 6.57 5.01 4.89
CA ALA A 5 5.63 5.39 5.94
C ALA A 5 4.95 6.63 5.41
N VAL A 6 3.75 6.46 4.90
CA VAL A 6 2.98 7.52 4.30
C VAL A 6 1.87 7.97 5.26
N ASN A 7 1.35 9.17 5.02
CA ASN A 7 0.27 9.82 5.76
C ASN A 7 -0.43 10.71 4.76
N ASP A 8 -1.55 11.30 5.15
CA ASP A 8 -2.39 12.13 4.28
C ASP A 8 -1.56 13.12 3.46
N ASP A 9 -0.66 13.82 4.13
CA ASP A 9 0.25 14.77 3.51
C ASP A 9 1.16 14.06 2.50
N THR A 10 2.11 13.28 3.01
CA THR A 10 3.13 12.61 2.21
C THR A 10 2.55 11.82 1.04
N PHE A 11 1.38 11.19 1.24
CA PHE A 11 0.63 10.43 0.24
C PHE A 11 0.69 11.12 -1.12
N LYS A 12 0.39 12.41 -1.12
CA LYS A 12 0.39 13.21 -2.32
C LYS A 12 1.70 13.04 -3.11
N ASN A 13 2.83 13.30 -2.47
CA ASN A 13 4.09 13.25 -3.19
C ASN A 13 4.52 11.82 -3.46
N VAL A 14 4.39 11.00 -2.43
CA VAL A 14 4.97 9.67 -2.43
C VAL A 14 4.16 8.72 -3.32
N VAL A 15 2.83 8.77 -3.21
CA VAL A 15 1.92 7.86 -3.87
C VAL A 15 1.40 8.45 -5.19
N LEU A 16 0.64 9.55 -5.10
CA LEU A 16 0.01 10.12 -6.28
C LEU A 16 1.04 10.62 -7.29
N GLU A 17 1.90 11.55 -6.88
CA GLU A 17 2.91 12.14 -7.75
C GLU A 17 4.12 11.19 -7.93
N SER A 18 3.87 9.90 -8.11
CA SER A 18 4.91 8.91 -8.34
C SER A 18 5.16 8.81 -9.85
N SER A 19 5.96 7.81 -10.23
CA SER A 19 6.32 7.45 -11.59
C SER A 19 6.03 5.95 -11.74
N VAL A 20 6.81 5.17 -11.00
CA VAL A 20 6.68 3.72 -10.91
C VAL A 20 5.50 3.42 -9.96
N PRO A 21 4.87 2.23 -9.99
CA PRO A 21 3.73 1.96 -9.14
C PRO A 21 4.11 1.97 -7.66
N VAL A 22 3.11 2.16 -6.81
CA VAL A 22 3.22 2.26 -5.36
C VAL A 22 2.14 1.37 -4.72
N LEU A 23 2.55 0.44 -3.85
CA LEU A 23 1.61 -0.43 -3.13
C LEU A 23 1.44 0.18 -1.74
N VAL A 24 0.35 0.90 -1.49
CA VAL A 24 0.12 1.45 -0.16
C VAL A 24 -0.75 0.47 0.60
N ASP A 25 -0.43 0.23 1.87
CA ASP A 25 -1.24 -0.57 2.77
C ASP A 25 -1.85 0.37 3.81
N PHE A 26 -3.17 0.50 3.88
CA PHE A 26 -3.79 1.33 4.90
C PHE A 26 -3.74 0.51 6.18
N TRP A 27 -2.94 0.94 7.16
CA TRP A 27 -2.73 0.18 8.39
C TRP A 27 -3.04 1.01 9.62
N ALA A 28 -2.78 0.43 10.78
CA ALA A 28 -2.81 1.06 12.10
C ALA A 28 -2.20 0.05 13.07
N PRO A 29 -1.42 0.45 14.07
CA PRO A 29 -0.81 -0.45 15.05
C PRO A 29 -1.65 -1.64 15.53
N TRP A 30 -2.87 -1.42 16.01
CA TRP A 30 -3.73 -2.49 16.50
C TRP A 30 -4.08 -3.52 15.41
N CYS A 31 -3.85 -3.17 14.14
CA CYS A 31 -4.18 -4.03 13.01
C CYS A 31 -3.20 -5.21 12.91
N GLY A 32 -3.44 -6.24 13.72
CA GLY A 32 -2.68 -7.48 13.73
C GLY A 32 -2.27 -7.94 12.32
N PRO A 33 -3.23 -8.12 11.39
CA PRO A 33 -2.93 -8.50 10.02
C PRO A 33 -1.89 -7.59 9.37
N CYS A 34 -2.07 -6.28 9.50
CA CYS A 34 -1.18 -5.29 8.94
C CYS A 34 0.22 -5.50 9.51
N ARG A 35 0.29 -5.67 10.83
CA ARG A 35 1.56 -5.86 11.52
C ARG A 35 2.26 -7.13 11.05
N ILE A 36 1.54 -8.26 10.93
CA ILE A 36 2.19 -9.49 10.49
C ILE A 36 2.55 -9.43 9.00
N ILE A 37 1.86 -8.64 8.15
CA ILE A 37 2.31 -8.50 6.76
C ILE A 37 3.45 -7.47 6.65
N ALA A 38 3.53 -6.46 7.53
CA ALA A 38 4.57 -5.43 7.56
C ALA A 38 6.00 -5.90 7.22
N PRO A 39 6.53 -7.01 7.75
CA PRO A 39 7.87 -7.47 7.40
C PRO A 39 7.95 -7.72 5.88
N VAL A 40 6.88 -8.30 5.36
CA VAL A 40 6.73 -8.64 3.95
C VAL A 40 6.49 -7.35 3.16
N VAL A 41 5.57 -6.50 3.62
CA VAL A 41 5.28 -5.19 3.04
C VAL A 41 6.61 -4.42 2.90
N ASP A 42 7.53 -4.58 3.86
CA ASP A 42 8.86 -4.00 3.75
C ASP A 42 9.67 -4.72 2.67
N GLU A 43 9.85 -6.03 2.82
CA GLU A 43 10.67 -6.82 1.92
C GLU A 43 10.31 -6.56 0.45
N ILE A 44 9.02 -6.45 0.12
CA ILE A 44 8.57 -6.20 -1.24
C ILE A 44 9.28 -4.97 -1.82
N ALA A 45 9.41 -3.89 -1.04
CA ALA A 45 10.09 -2.67 -1.51
C ALA A 45 11.59 -2.94 -1.73
N GLY A 46 12.15 -3.93 -1.05
CA GLY A 46 13.52 -4.37 -1.26
C GLY A 46 13.63 -5.19 -2.55
N GLU A 47 12.70 -6.13 -2.76
CA GLU A 47 12.70 -7.05 -3.89
C GLU A 47 12.24 -6.39 -5.19
N TYR A 48 10.98 -5.98 -5.24
CA TYR A 48 10.34 -5.45 -6.45
C TYR A 48 10.61 -3.95 -6.67
N LYS A 49 11.68 -3.45 -6.01
CA LYS A 49 12.19 -2.07 -6.06
C LYS A 49 12.11 -1.47 -7.45
N ASP A 50 12.48 -2.31 -8.42
CA ASP A 50 12.46 -2.08 -9.85
C ASP A 50 11.27 -1.22 -10.28
N LYS A 51 10.10 -1.58 -9.75
CA LYS A 51 8.85 -0.91 -10.03
C LYS A 51 8.09 -0.54 -8.75
N LEU A 52 7.85 -1.53 -7.91
CA LEU A 52 6.87 -1.38 -6.85
C LEU A 52 7.40 -0.72 -5.59
N LYS A 53 6.86 0.47 -5.33
CA LYS A 53 7.16 1.25 -4.15
C LYS A 53 6.21 0.80 -3.06
N CYS A 54 6.58 -0.18 -2.25
CA CYS A 54 5.67 -0.66 -1.21
C CYS A 54 5.69 0.31 -0.03
N VAL A 55 4.54 0.57 0.61
CA VAL A 55 4.45 1.51 1.73
C VAL A 55 3.23 1.19 2.59
N LYS A 56 3.07 1.93 3.70
CA LYS A 56 1.97 1.78 4.63
C LYS A 56 1.51 3.15 5.17
N LEU A 57 0.19 3.36 5.26
CA LEU A 57 -0.42 4.60 5.73
C LEU A 57 -1.18 4.43 7.03
N ASN A 58 -0.81 5.19 8.07
CA ASN A 58 -1.47 5.08 9.36
C ASN A 58 -2.85 5.75 9.29
N THR A 59 -3.86 4.91 9.26
CA THR A 59 -5.26 5.24 9.07
C THR A 59 -5.78 6.17 10.15
N ASP A 60 -5.36 5.93 11.38
CA ASP A 60 -5.79 6.69 12.55
C ASP A 60 -5.21 8.11 12.52
N GLU A 61 -3.96 8.23 12.07
CA GLU A 61 -3.23 9.48 11.92
C GLU A 61 -3.64 10.20 10.62
N SER A 62 -4.07 9.45 9.61
CA SER A 62 -4.43 9.95 8.30
C SER A 62 -5.76 9.35 7.81
N PRO A 63 -6.84 9.63 8.55
CA PRO A 63 -8.20 9.21 8.23
C PRO A 63 -8.66 9.92 6.98
N ASN A 64 -8.19 11.15 6.84
CA ASN A 64 -8.46 12.07 5.73
C ASN A 64 -8.51 11.31 4.40
N VAL A 65 -7.36 10.81 3.96
CA VAL A 65 -7.25 10.08 2.70
C VAL A 65 -8.13 8.83 2.72
N ALA A 66 -8.08 8.08 3.82
CA ALA A 66 -8.91 6.88 3.97
C ALA A 66 -10.39 7.19 3.73
N SER A 67 -10.85 8.37 4.15
CA SER A 67 -12.22 8.83 3.97
C SER A 67 -12.44 9.23 2.52
N GLU A 68 -11.52 10.01 1.95
CA GLU A 68 -11.58 10.44 0.56
C GLU A 68 -11.70 9.25 -0.38
N TYR A 69 -10.91 8.20 -0.14
CA TYR A 69 -10.93 6.99 -0.95
C TYR A 69 -12.10 6.08 -0.55
N GLY A 70 -12.47 6.09 0.73
CA GLY A 70 -13.61 5.34 1.24
C GLY A 70 -13.22 3.93 1.66
N ILE A 71 -12.20 3.83 2.52
CA ILE A 71 -11.72 2.56 3.04
C ILE A 71 -12.80 1.95 3.95
N ARG A 72 -13.14 0.68 3.73
CA ARG A 72 -14.19 0.02 4.49
C ARG A 72 -13.67 -0.42 5.87
N SER A 73 -12.46 -0.96 5.91
CA SER A 73 -11.75 -1.44 7.09
C SER A 73 -10.30 -1.63 6.66
N ILE A 74 -9.41 -1.96 7.60
CA ILE A 74 -8.01 -2.24 7.32
C ILE A 74 -7.73 -3.68 7.77
N PRO A 75 -6.78 -4.40 7.15
CA PRO A 75 -5.93 -3.96 6.05
C PRO A 75 -6.66 -3.83 4.72
N THR A 76 -6.24 -2.83 3.96
CA THR A 76 -6.70 -2.58 2.60
C THR A 76 -5.48 -2.10 1.83
N ILE A 77 -5.01 -2.93 0.90
CA ILE A 77 -3.91 -2.64 0.03
C ILE A 77 -4.49 -1.92 -1.19
N MET A 78 -3.81 -0.89 -1.67
CA MET A 78 -4.20 -0.21 -2.90
C MET A 78 -2.96 -0.10 -3.75
N VAL A 79 -3.10 -0.55 -5.01
CA VAL A 79 -2.02 -0.53 -5.97
C VAL A 79 -2.17 0.73 -6.79
N PHE A 80 -1.41 1.76 -6.42
CA PHE A 80 -1.37 2.99 -7.16
C PHE A 80 -0.43 2.73 -8.33
N LYS A 81 -0.94 2.99 -9.53
CA LYS A 81 -0.26 2.76 -10.78
C LYS A 81 0.32 4.10 -11.23
N GLY A 82 0.19 4.40 -12.52
CA GLY A 82 0.61 5.65 -13.09
C GLY A 82 -0.34 6.75 -12.59
N GLY A 83 -0.14 7.20 -11.36
CA GLY A 83 -0.96 8.22 -10.72
C GLY A 83 -2.26 7.63 -10.20
N LYS A 84 -3.08 7.13 -11.11
CA LYS A 84 -4.37 6.52 -10.79
C LYS A 84 -4.14 5.09 -10.29
N LYS A 85 -5.17 4.46 -9.72
CA LYS A 85 -5.05 3.11 -9.17
C LYS A 85 -5.30 2.03 -10.22
N CYS A 86 -4.63 0.89 -10.02
CA CYS A 86 -4.86 -0.33 -10.77
C CYS A 86 -5.87 -1.19 -10.03
N GLU A 87 -5.56 -1.48 -8.76
CA GLU A 87 -6.34 -2.34 -7.88
C GLU A 87 -6.48 -1.78 -6.46
N THR A 88 -7.45 -2.34 -5.75
CA THR A 88 -7.77 -2.13 -4.34
C THR A 88 -8.09 -3.55 -3.84
N ILE A 89 -7.47 -3.99 -2.75
CA ILE A 89 -7.61 -5.36 -2.27
C ILE A 89 -7.70 -5.32 -0.75
N ILE A 90 -8.59 -6.11 -0.15
CA ILE A 90 -8.67 -6.20 1.30
C ILE A 90 -7.51 -7.14 1.69
N GLY A 91 -6.80 -6.85 2.78
CA GLY A 91 -5.69 -7.68 3.20
C GLY A 91 -6.20 -8.96 3.86
N ALA A 92 -5.58 -9.38 4.97
CA ALA A 92 -5.89 -10.61 5.70
C ALA A 92 -5.48 -11.88 4.93
N VAL A 93 -5.52 -11.85 3.59
CA VAL A 93 -5.07 -12.94 2.76
C VAL A 93 -3.54 -12.91 2.74
N PRO A 94 -2.85 -14.04 2.60
CA PRO A 94 -1.39 -14.05 2.64
C PRO A 94 -0.85 -13.11 1.56
N LYS A 95 0.27 -12.45 1.86
CA LYS A 95 0.90 -11.50 0.96
C LYS A 95 1.20 -12.16 -0.38
N ALA A 96 1.49 -13.47 -0.42
CA ALA A 96 1.69 -14.21 -1.66
C ALA A 96 0.52 -14.01 -2.63
N THR A 97 -0.70 -13.96 -2.09
CA THR A 97 -1.92 -13.75 -2.85
C THR A 97 -1.83 -12.37 -3.52
N ILE A 98 -1.48 -11.37 -2.72
CA ILE A 98 -1.33 -9.98 -3.15
C ILE A 98 -0.21 -9.88 -4.19
N VAL A 99 0.93 -10.56 -3.97
CA VAL A 99 2.06 -10.58 -4.89
C VAL A 99 1.57 -11.09 -6.25
N GLN A 100 0.95 -12.27 -6.29
CA GLN A 100 0.43 -12.81 -7.55
C GLN A 100 -0.51 -11.79 -8.22
N THR A 101 -1.44 -11.25 -7.43
CA THR A 101 -2.42 -10.31 -7.95
C THR A 101 -1.75 -9.05 -8.53
N VAL A 102 -0.74 -8.48 -7.85
CA VAL A 102 -0.11 -7.26 -8.31
C VAL A 102 0.79 -7.54 -9.51
N GLU A 103 1.58 -8.61 -9.43
CA GLU A 103 2.49 -9.04 -10.48
C GLU A 103 1.80 -9.04 -11.83
N LYS A 104 0.59 -9.61 -11.88
CA LYS A 104 -0.27 -9.65 -13.07
C LYS A 104 -0.31 -8.29 -13.78
N TYR A 105 -0.37 -7.19 -13.01
CA TYR A 105 -0.52 -5.83 -13.50
C TYR A 105 0.80 -5.05 -13.51
N LEU A 106 1.94 -5.71 -13.27
CA LEU A 106 3.25 -5.06 -13.28
C LEU A 106 3.94 -5.44 -14.59
N ASN A 107 3.37 -4.95 -15.69
CA ASN A 107 3.84 -5.13 -17.05
C ASN A 107 3.14 -4.02 -17.84
N MET A 1 10.70 0.91 -4.70
CA MET A 1 10.54 1.76 -3.52
C MET A 1 10.53 0.90 -2.26
N GLU A 2 11.17 1.38 -1.18
CA GLU A 2 11.20 0.68 0.11
C GLU A 2 9.93 1.02 0.89
N ALA A 3 9.63 0.25 1.95
CA ALA A 3 8.41 0.40 2.73
C ALA A 3 8.37 1.71 3.53
N GLY A 4 8.13 2.83 2.86
CA GLY A 4 8.01 4.11 3.52
C GLY A 4 6.67 4.21 4.27
N ALA A 5 6.61 5.08 5.26
CA ALA A 5 5.39 5.41 5.98
C ALA A 5 4.87 6.69 5.36
N VAL A 6 3.69 6.65 4.76
CA VAL A 6 3.07 7.81 4.12
C VAL A 6 1.93 8.33 4.99
N ASN A 7 1.59 9.59 4.73
CA ASN A 7 0.55 10.37 5.37
C ASN A 7 0.07 11.39 4.34
N ASP A 8 -0.96 12.15 4.68
CA ASP A 8 -1.66 13.12 3.82
C ASP A 8 -0.71 13.87 2.89
N ASP A 9 0.26 14.56 3.48
CA ASP A 9 1.25 15.34 2.75
C ASP A 9 1.99 14.48 1.72
N THR A 10 2.78 13.55 2.24
CA THR A 10 3.65 12.68 1.45
C THR A 10 2.88 11.96 0.34
N PHE A 11 1.72 11.40 0.67
CA PHE A 11 0.82 10.64 -0.18
C PHE A 11 0.68 11.29 -1.56
N LYS A 12 0.39 12.58 -1.54
CA LYS A 12 0.24 13.40 -2.74
C LYS A 12 1.42 13.17 -3.70
N ASN A 13 2.64 13.23 -3.18
CA ASN A 13 3.85 13.09 -3.97
C ASN A 13 4.17 11.61 -4.24
N VAL A 14 4.35 10.84 -3.17
CA VAL A 14 4.80 9.46 -3.17
C VAL A 14 3.81 8.50 -3.82
N VAL A 15 2.51 8.79 -3.73
CA VAL A 15 1.46 7.89 -4.19
C VAL A 15 0.71 8.47 -5.40
N LEU A 16 0.14 9.66 -5.30
CA LEU A 16 -0.64 10.19 -6.41
C LEU A 16 0.28 10.59 -7.56
N GLU A 17 1.22 11.51 -7.34
CA GLU A 17 2.15 11.95 -8.37
C GLU A 17 3.30 10.95 -8.51
N SER A 18 3.00 9.65 -8.50
CA SER A 18 4.01 8.60 -8.62
C SER A 18 4.23 8.24 -10.08
N SER A 19 5.45 7.85 -10.43
CA SER A 19 5.83 7.41 -11.75
C SER A 19 5.57 5.90 -11.85
N VAL A 20 6.28 5.17 -11.00
CA VAL A 20 6.17 3.72 -10.87
C VAL A 20 4.93 3.42 -10.01
N PRO A 21 4.28 2.25 -10.19
CA PRO A 21 3.10 1.94 -9.41
C PRO A 21 3.51 1.63 -7.97
N VAL A 22 2.55 1.71 -7.05
CA VAL A 22 2.85 1.61 -5.63
C VAL A 22 1.72 1.05 -4.76
N LEU A 23 2.07 0.11 -3.86
CA LEU A 23 1.14 -0.55 -2.97
C LEU A 23 1.10 0.23 -1.67
N VAL A 24 -0.01 0.91 -1.41
CA VAL A 24 -0.21 1.61 -0.16
C VAL A 24 -1.02 0.68 0.74
N ASP A 25 -0.38 0.16 1.79
CA ASP A 25 -1.09 -0.65 2.78
C ASP A 25 -1.65 0.33 3.81
N PHE A 26 -2.97 0.46 3.88
CA PHE A 26 -3.60 1.31 4.87
C PHE A 26 -3.57 0.50 6.16
N TRP A 27 -2.76 0.92 7.13
CA TRP A 27 -2.52 0.16 8.34
C TRP A 27 -2.68 1.04 9.58
N ALA A 28 -2.36 0.48 10.74
CA ALA A 28 -2.28 1.21 12.00
C ALA A 28 -1.64 0.28 13.02
N PRO A 29 -0.91 0.78 14.03
CA PRO A 29 -0.30 -0.06 15.04
C PRO A 29 -1.31 -1.00 15.71
N TRP A 30 -2.52 -0.51 16.00
CA TRP A 30 -3.56 -1.33 16.60
C TRP A 30 -4.10 -2.37 15.61
N CYS A 31 -3.82 -2.24 14.31
CA CYS A 31 -4.34 -3.15 13.30
C CYS A 31 -3.61 -4.49 13.29
N GLY A 32 -4.00 -5.41 14.17
CA GLY A 32 -3.44 -6.77 14.21
C GLY A 32 -3.17 -7.38 12.83
N PRO A 33 -4.21 -7.58 11.97
CA PRO A 33 -4.03 -8.18 10.66
C PRO A 33 -3.09 -7.39 9.75
N CYS A 34 -2.91 -6.09 9.98
CA CYS A 34 -1.94 -5.32 9.22
C CYS A 34 -0.58 -5.66 9.78
N ARG A 35 -0.40 -5.40 11.08
CA ARG A 35 0.81 -5.57 11.86
C ARG A 35 1.50 -6.89 11.55
N ILE A 36 0.76 -8.00 11.63
CA ILE A 36 1.34 -9.32 11.40
C ILE A 36 1.73 -9.54 9.93
N ILE A 37 1.14 -8.81 8.97
CA ILE A 37 1.48 -8.91 7.56
C ILE A 37 2.58 -7.89 7.19
N ALA A 38 2.68 -6.77 7.91
CA ALA A 38 3.67 -5.71 7.71
C ALA A 38 5.08 -6.25 7.38
N PRO A 39 5.64 -7.28 8.05
CA PRO A 39 6.96 -7.80 7.72
C PRO A 39 7.00 -8.29 6.28
N VAL A 40 5.90 -8.90 5.83
CA VAL A 40 5.76 -9.36 4.45
C VAL A 40 5.72 -8.15 3.53
N VAL A 41 4.97 -7.11 3.90
CA VAL A 41 4.88 -5.90 3.09
C VAL A 41 6.30 -5.31 2.96
N ASP A 42 7.05 -5.31 4.07
CA ASP A 42 8.42 -4.80 4.10
C ASP A 42 9.32 -5.66 3.24
N GLU A 43 9.28 -6.99 3.39
CA GLU A 43 10.13 -7.89 2.61
C GLU A 43 9.84 -7.71 1.11
N ILE A 44 8.56 -7.57 0.74
CA ILE A 44 8.19 -7.28 -0.64
C ILE A 44 8.97 -6.04 -1.09
N ALA A 45 8.99 -5.00 -0.26
CA ALA A 45 9.77 -3.80 -0.54
C ALA A 45 11.24 -4.18 -0.72
N GLY A 46 11.81 -4.91 0.24
CA GLY A 46 13.18 -5.40 0.22
C GLY A 46 13.52 -6.08 -1.11
N GLU A 47 12.60 -6.89 -1.65
CA GLU A 47 12.77 -7.55 -2.93
C GLU A 47 12.77 -6.52 -4.06
N TYR A 48 11.61 -5.92 -4.33
CA TYR A 48 11.45 -5.00 -5.46
C TYR A 48 11.84 -3.56 -5.06
N LYS A 49 13.01 -3.46 -4.44
CA LYS A 49 13.54 -2.31 -3.74
C LYS A 49 13.60 -1.04 -4.56
N ASP A 50 14.19 -1.13 -5.74
CA ASP A 50 14.34 0.02 -6.61
C ASP A 50 13.01 0.50 -7.19
N LYS A 51 12.48 -0.29 -8.13
CA LYS A 51 11.41 0.18 -9.00
C LYS A 51 10.02 0.19 -8.42
N LEU A 52 9.67 -0.82 -7.64
CA LEU A 52 8.27 -1.16 -7.50
C LEU A 52 7.63 -0.75 -6.17
N LYS A 53 6.40 -1.23 -6.01
CA LYS A 53 5.33 -0.84 -5.15
C LYS A 53 5.27 -1.18 -3.66
N CYS A 54 5.77 -0.32 -2.77
CA CYS A 54 5.55 -0.59 -1.35
C CYS A 54 5.57 0.68 -0.49
N VAL A 55 4.48 0.96 0.23
CA VAL A 55 4.35 2.03 1.21
C VAL A 55 3.22 1.68 2.18
N LYS A 56 3.19 2.37 3.33
CA LYS A 56 2.25 2.13 4.40
C LYS A 56 1.55 3.43 4.85
N LEU A 57 0.23 3.55 4.66
CA LEU A 57 -0.54 4.72 5.07
C LEU A 57 -1.08 4.48 6.48
N ASN A 58 -0.53 5.23 7.44
CA ASN A 58 -0.96 5.15 8.82
C ASN A 58 -2.36 5.76 8.93
N THR A 59 -3.35 4.88 9.04
CA THR A 59 -4.77 5.16 9.10
C THR A 59 -5.16 5.48 10.55
N ASP A 60 -4.46 6.45 11.14
CA ASP A 60 -4.69 6.95 12.49
C ASP A 60 -4.25 8.42 12.48
N GLU A 61 -3.04 8.65 11.94
CA GLU A 61 -2.49 9.98 11.69
C GLU A 61 -3.00 10.54 10.35
N SER A 62 -3.35 9.63 9.43
CA SER A 62 -3.89 9.91 8.10
C SER A 62 -5.33 9.43 7.86
N PRO A 63 -6.27 9.82 8.73
CA PRO A 63 -7.68 9.55 8.58
C PRO A 63 -8.22 10.33 7.39
N ASN A 64 -7.55 11.44 7.04
CA ASN A 64 -7.86 12.31 5.91
C ASN A 64 -8.04 11.46 4.66
N VAL A 65 -6.92 10.93 4.18
CA VAL A 65 -6.82 10.10 2.99
C VAL A 65 -7.83 8.97 3.10
N ALA A 66 -7.82 8.31 4.26
CA ALA A 66 -8.71 7.19 4.53
C ALA A 66 -10.17 7.57 4.28
N SER A 67 -10.60 8.75 4.74
CA SER A 67 -11.95 9.24 4.55
C SER A 67 -12.21 9.57 3.09
N GLU A 68 -11.25 10.28 2.45
CA GLU A 68 -11.35 10.66 1.05
C GLU A 68 -11.57 9.43 0.16
N TYR A 69 -10.80 8.37 0.39
CA TYR A 69 -10.91 7.14 -0.38
C TYR A 69 -12.10 6.29 0.09
N GLY A 70 -12.45 6.36 1.38
CA GLY A 70 -13.59 5.65 1.95
C GLY A 70 -13.16 4.26 2.43
N ILE A 71 -12.12 4.22 3.25
CA ILE A 71 -11.59 2.98 3.79
C ILE A 71 -12.56 2.43 4.82
N ARG A 72 -13.13 1.26 4.55
CA ARG A 72 -14.14 0.65 5.40
C ARG A 72 -13.50 -0.02 6.63
N SER A 73 -12.31 -0.58 6.47
CA SER A 73 -11.53 -1.18 7.54
C SER A 73 -10.10 -1.30 7.04
N ILE A 74 -9.25 -1.96 7.81
CA ILE A 74 -7.85 -2.15 7.47
C ILE A 74 -7.46 -3.57 7.91
N PRO A 75 -6.52 -4.23 7.23
CA PRO A 75 -5.77 -3.73 6.08
C PRO A 75 -6.61 -3.66 4.81
N THR A 76 -6.38 -2.57 4.10
CA THR A 76 -6.88 -2.26 2.78
C THR A 76 -5.62 -1.85 2.04
N ILE A 77 -5.30 -2.59 0.98
CA ILE A 77 -4.07 -2.47 0.24
C ILE A 77 -4.40 -1.95 -1.15
N MET A 78 -4.21 -0.65 -1.41
CA MET A 78 -4.51 -0.05 -2.70
C MET A 78 -3.27 -0.03 -3.58
N VAL A 79 -3.43 -0.35 -4.86
CA VAL A 79 -2.33 -0.28 -5.82
C VAL A 79 -2.52 0.99 -6.63
N PHE A 80 -1.72 2.01 -6.34
CA PHE A 80 -1.71 3.23 -7.12
C PHE A 80 -0.82 2.99 -8.33
N LYS A 81 -1.17 3.63 -9.44
CA LYS A 81 -0.46 3.54 -10.72
C LYS A 81 -0.31 4.93 -11.33
N GLY A 82 -0.41 5.95 -10.47
CA GLY A 82 -0.38 7.33 -10.85
C GLY A 82 -1.78 7.92 -10.86
N GLY A 83 -1.96 9.03 -10.14
CA GLY A 83 -3.19 9.79 -10.04
C GLY A 83 -4.26 9.11 -9.18
N LYS A 84 -4.58 7.85 -9.46
CA LYS A 84 -5.60 7.09 -8.77
C LYS A 84 -5.13 5.66 -8.50
N LYS A 85 -6.00 4.88 -7.87
CA LYS A 85 -5.80 3.47 -7.58
C LYS A 85 -6.32 2.61 -8.73
N CYS A 86 -5.74 1.42 -8.90
CA CYS A 86 -6.11 0.44 -9.89
C CYS A 86 -6.74 -0.75 -9.16
N GLU A 87 -5.91 -1.52 -8.44
CA GLU A 87 -6.36 -2.66 -7.65
C GLU A 87 -6.53 -2.23 -6.20
N THR A 88 -7.26 -3.03 -5.42
CA THR A 88 -7.45 -2.84 -3.98
C THR A 88 -7.71 -4.19 -3.34
N ILE A 89 -6.75 -4.71 -2.58
CA ILE A 89 -6.88 -5.96 -1.84
C ILE A 89 -7.32 -5.57 -0.43
N ILE A 90 -7.89 -6.51 0.34
CA ILE A 90 -8.39 -6.25 1.68
C ILE A 90 -8.09 -7.49 2.53
N GLY A 91 -7.82 -7.29 3.82
CA GLY A 91 -7.59 -8.38 4.76
C GLY A 91 -6.12 -8.83 4.74
N ALA A 92 -5.77 -9.67 5.73
CA ALA A 92 -4.41 -10.18 5.89
C ALA A 92 -4.05 -11.13 4.73
N VAL A 93 -3.63 -10.59 3.59
CA VAL A 93 -3.28 -11.39 2.42
C VAL A 93 -1.89 -12.01 2.58
N PRO A 94 -1.61 -13.18 1.97
CA PRO A 94 -0.28 -13.74 1.89
C PRO A 94 0.42 -13.06 0.71
N LYS A 95 1.75 -12.90 0.78
CA LYS A 95 2.47 -12.22 -0.27
C LYS A 95 2.23 -12.82 -1.65
N ALA A 96 2.20 -14.15 -1.75
CA ALA A 96 1.97 -14.88 -2.99
C ALA A 96 0.82 -14.25 -3.80
N THR A 97 -0.32 -14.05 -3.15
CA THR A 97 -1.49 -13.46 -3.77
C THR A 97 -1.19 -12.04 -4.24
N ILE A 98 -0.62 -11.21 -3.36
CA ILE A 98 -0.28 -9.82 -3.67
C ILE A 98 0.60 -9.79 -4.92
N VAL A 99 1.72 -10.52 -4.86
CA VAL A 99 2.69 -10.67 -5.92
C VAL A 99 1.96 -11.03 -7.21
N GLN A 100 1.31 -12.19 -7.26
CA GLN A 100 0.62 -12.65 -8.46
C GLN A 100 -0.34 -11.59 -9.01
N THR A 101 -1.15 -11.00 -8.12
CA THR A 101 -2.13 -10.00 -8.51
C THR A 101 -1.44 -8.83 -9.20
N VAL A 102 -0.33 -8.31 -8.65
CA VAL A 102 0.34 -7.18 -9.28
C VAL A 102 1.10 -7.60 -10.55
N GLU A 103 1.83 -8.71 -10.48
CA GLU A 103 2.63 -9.22 -11.59
C GLU A 103 1.80 -9.25 -12.87
N LYS A 104 0.56 -9.73 -12.77
CA LYS A 104 -0.40 -9.72 -13.86
C LYS A 104 -0.42 -8.38 -14.60
N TYR A 105 -0.39 -7.27 -13.86
CA TYR A 105 -0.44 -5.91 -14.36
C TYR A 105 0.96 -5.30 -14.54
N LEU A 106 2.02 -5.98 -14.10
CA LEU A 106 3.35 -5.38 -14.03
C LEU A 106 4.42 -6.46 -14.05
N ASN A 107 4.81 -6.90 -15.25
CA ASN A 107 5.83 -7.89 -15.51
C ASN A 107 6.27 -7.60 -16.96
N MET A 1 10.11 0.26 6.07
CA MET A 1 11.54 0.50 5.87
C MET A 1 11.89 0.44 4.38
N GLU A 2 11.74 -0.74 3.76
CA GLU A 2 11.87 -0.88 2.32
C GLU A 2 10.68 -0.13 1.72
N ALA A 3 9.51 -0.39 2.31
CA ALA A 3 8.28 0.32 2.03
C ALA A 3 8.28 1.56 2.93
N GLY A 4 7.92 2.73 2.38
CA GLY A 4 7.90 3.96 3.17
C GLY A 4 6.65 4.03 4.05
N ALA A 5 6.45 5.17 4.70
CA ALA A 5 5.28 5.45 5.53
C ALA A 5 4.73 6.81 5.07
N VAL A 6 3.40 6.94 4.98
CA VAL A 6 2.77 8.17 4.52
C VAL A 6 1.57 8.54 5.38
N ASN A 7 1.11 9.77 5.17
CA ASN A 7 -0.01 10.43 5.79
C ASN A 7 -0.62 11.35 4.75
N ASP A 8 -1.73 12.00 5.07
CA ASP A 8 -2.50 12.86 4.18
C ASP A 8 -1.62 13.71 3.25
N ASP A 9 -0.76 14.51 3.86
CA ASP A 9 0.13 15.44 3.18
C ASP A 9 1.11 14.71 2.26
N THR A 10 1.90 13.79 2.84
CA THR A 10 2.97 13.10 2.14
C THR A 10 2.43 12.21 1.01
N PHE A 11 1.31 11.52 1.25
CA PHE A 11 0.61 10.64 0.32
C PHE A 11 0.60 11.23 -1.08
N LYS A 12 0.23 12.50 -1.15
CA LYS A 12 0.19 13.22 -2.42
C LYS A 12 1.54 13.15 -3.15
N ASN A 13 2.57 13.71 -2.53
CA ASN A 13 3.90 13.82 -3.10
C ASN A 13 4.53 12.45 -3.36
N VAL A 14 4.21 11.49 -2.50
CA VAL A 14 4.84 10.18 -2.50
C VAL A 14 4.09 9.17 -3.37
N VAL A 15 2.80 8.99 -3.11
CA VAL A 15 1.96 8.02 -3.78
C VAL A 15 1.44 8.56 -5.11
N LEU A 16 0.74 9.70 -5.09
CA LEU A 16 0.11 10.21 -6.30
C LEU A 16 1.15 10.70 -7.30
N GLU A 17 2.02 11.63 -6.89
CA GLU A 17 3.03 12.22 -7.76
C GLU A 17 4.23 11.26 -7.93
N SER A 18 3.96 10.00 -8.23
CA SER A 18 4.94 8.95 -8.41
C SER A 18 5.39 8.87 -9.87
N SER A 19 6.57 8.27 -10.10
CA SER A 19 7.15 8.02 -11.41
C SER A 19 6.70 6.63 -11.85
N VAL A 20 7.28 5.61 -11.20
CA VAL A 20 6.92 4.22 -11.39
C VAL A 20 5.64 3.95 -10.59
N PRO A 21 4.88 2.88 -10.89
CA PRO A 21 3.72 2.52 -10.11
C PRO A 21 4.04 2.37 -8.63
N VAL A 22 3.01 2.32 -7.79
CA VAL A 22 3.12 2.24 -6.35
C VAL A 22 2.09 1.26 -5.79
N LEU A 23 2.43 0.53 -4.73
CA LEU A 23 1.51 -0.34 -3.99
C LEU A 23 1.53 0.15 -2.55
N VAL A 24 0.48 0.84 -2.10
CA VAL A 24 0.43 1.33 -0.73
C VAL A 24 -0.44 0.41 0.11
N ASP A 25 -0.16 0.31 1.41
CA ASP A 25 -0.96 -0.44 2.37
C ASP A 25 -1.58 0.53 3.38
N PHE A 26 -2.91 0.59 3.47
CA PHE A 26 -3.59 1.39 4.49
C PHE A 26 -3.57 0.53 5.76
N TRP A 27 -2.80 0.95 6.78
CA TRP A 27 -2.61 0.19 8.00
C TRP A 27 -2.88 1.02 9.25
N ALA A 28 -2.59 0.47 10.42
CA ALA A 28 -2.69 1.15 11.70
C ALA A 28 -1.92 0.32 12.75
N PRO A 29 -1.41 0.92 13.84
CA PRO A 29 -0.62 0.21 14.85
C PRO A 29 -1.39 -0.94 15.47
N TRP A 30 -2.66 -0.69 15.81
CA TRP A 30 -3.54 -1.70 16.36
C TRP A 30 -3.93 -2.74 15.30
N CYS A 31 -3.67 -2.49 14.03
CA CYS A 31 -4.07 -3.44 12.98
C CYS A 31 -3.14 -4.64 12.95
N GLY A 32 -3.35 -5.60 13.85
CA GLY A 32 -2.59 -6.85 13.90
C GLY A 32 -2.35 -7.46 12.51
N PRO A 33 -3.40 -7.71 11.71
CA PRO A 33 -3.26 -8.27 10.37
C PRO A 33 -2.38 -7.40 9.47
N CYS A 34 -2.32 -6.08 9.70
CA CYS A 34 -1.45 -5.21 8.93
C CYS A 34 -0.02 -5.44 9.40
N ARG A 35 0.20 -5.28 10.71
CA ARG A 35 1.48 -5.39 11.36
C ARG A 35 2.20 -6.69 10.96
N ILE A 36 1.51 -7.83 11.01
CA ILE A 36 2.15 -9.10 10.68
C ILE A 36 2.45 -9.22 9.17
N ILE A 37 1.78 -8.47 8.30
CA ILE A 37 2.04 -8.48 6.86
C ILE A 37 3.10 -7.42 6.51
N ALA A 38 3.25 -6.36 7.30
CA ALA A 38 4.24 -5.30 7.08
C ALA A 38 5.61 -5.81 6.62
N PRO A 39 6.24 -6.83 7.24
CA PRO A 39 7.54 -7.33 6.81
C PRO A 39 7.44 -7.85 5.37
N VAL A 40 6.31 -8.47 5.05
CA VAL A 40 6.01 -9.01 3.74
C VAL A 40 5.85 -7.83 2.76
N VAL A 41 5.12 -6.78 3.16
CA VAL A 41 4.97 -5.57 2.34
C VAL A 41 6.38 -5.07 1.98
N ASP A 42 7.22 -4.88 3.00
CA ASP A 42 8.58 -4.40 2.85
C ASP A 42 9.41 -5.32 1.94
N GLU A 43 9.46 -6.62 2.20
CA GLU A 43 10.30 -7.50 1.38
C GLU A 43 9.77 -7.52 -0.07
N ILE A 44 8.45 -7.56 -0.25
CA ILE A 44 7.87 -7.51 -1.59
C ILE A 44 8.34 -6.23 -2.26
N ALA A 45 8.27 -5.10 -1.55
CA ALA A 45 8.75 -3.83 -2.08
C ALA A 45 10.20 -4.00 -2.54
N GLY A 46 11.04 -4.62 -1.72
CA GLY A 46 12.43 -4.89 -2.08
C GLY A 46 12.51 -5.66 -3.40
N GLU A 47 11.77 -6.77 -3.51
CA GLU A 47 11.76 -7.64 -4.67
C GLU A 47 11.29 -6.96 -5.96
N TYR A 48 10.15 -6.26 -5.92
CA TYR A 48 9.50 -5.65 -7.10
C TYR A 48 9.77 -4.15 -7.26
N LYS A 49 10.70 -3.61 -6.47
CA LYS A 49 11.05 -2.20 -6.38
C LYS A 49 11.03 -1.49 -7.73
N ASP A 50 11.81 -2.02 -8.67
CA ASP A 50 11.99 -1.54 -10.03
C ASP A 50 10.68 -1.09 -10.68
N LYS A 51 9.62 -1.88 -10.51
CA LYS A 51 8.32 -1.66 -11.13
C LYS A 51 7.30 -1.09 -10.14
N LEU A 52 7.63 -1.05 -8.85
CA LEU A 52 6.64 -0.79 -7.84
C LEU A 52 7.23 -0.11 -6.60
N LYS A 53 6.83 1.14 -6.32
CA LYS A 53 7.21 1.78 -5.08
C LYS A 53 6.26 1.20 -4.02
N CYS A 54 6.60 1.31 -2.75
CA CYS A 54 5.74 0.77 -1.71
C CYS A 54 5.73 1.69 -0.51
N VAL A 55 4.56 1.82 0.12
CA VAL A 55 4.37 2.78 1.18
C VAL A 55 3.25 2.29 2.10
N LYS A 56 3.18 2.85 3.31
CA LYS A 56 2.22 2.44 4.32
C LYS A 56 1.50 3.68 4.89
N LEU A 57 0.20 3.81 4.61
CA LEU A 57 -0.61 4.94 5.04
C LEU A 57 -1.20 4.65 6.42
N ASN A 58 -0.82 5.45 7.42
CA ASN A 58 -1.37 5.27 8.76
C ASN A 58 -2.80 5.79 8.77
N THR A 59 -3.73 4.86 8.69
CA THR A 59 -5.17 5.09 8.59
C THR A 59 -5.72 5.88 9.77
N ASP A 60 -5.21 5.58 10.96
CA ASP A 60 -5.69 6.12 12.20
C ASP A 60 -5.33 7.61 12.32
N GLU A 61 -4.13 7.95 11.83
CA GLU A 61 -3.60 9.29 11.77
C GLU A 61 -4.04 10.03 10.51
N SER A 62 -4.30 9.29 9.42
CA SER A 62 -4.69 9.78 8.11
C SER A 62 -6.01 9.16 7.67
N PRO A 63 -7.07 9.27 8.49
CA PRO A 63 -8.39 8.77 8.18
C PRO A 63 -8.89 9.43 6.91
N ASN A 64 -8.60 10.73 6.83
CA ASN A 64 -8.90 11.64 5.73
C ASN A 64 -8.97 10.90 4.38
N VAL A 65 -7.79 10.55 3.87
CA VAL A 65 -7.61 9.87 2.61
C VAL A 65 -8.45 8.60 2.57
N ALA A 66 -8.34 7.80 3.62
CA ALA A 66 -9.08 6.55 3.74
C ALA A 66 -10.60 6.77 3.71
N SER A 67 -11.08 7.93 4.15
CA SER A 67 -12.49 8.28 4.17
C SER A 67 -12.91 8.74 2.77
N GLU A 68 -12.05 9.54 2.12
CA GLU A 68 -12.25 9.96 0.75
C GLU A 68 -12.38 8.72 -0.14
N TYR A 69 -11.54 7.72 0.12
CA TYR A 69 -11.56 6.45 -0.59
C TYR A 69 -12.69 5.55 -0.07
N GLY A 70 -13.06 5.69 1.21
CA GLY A 70 -14.15 4.96 1.83
C GLY A 70 -13.73 3.53 2.18
N ILE A 71 -12.58 3.38 2.84
CA ILE A 71 -12.00 2.13 3.23
C ILE A 71 -11.54 2.19 4.70
N ARG A 72 -12.47 2.05 5.65
CA ARG A 72 -12.11 2.09 7.06
C ARG A 72 -11.50 0.76 7.50
N SER A 73 -11.93 -0.35 6.90
CA SER A 73 -11.38 -1.66 7.19
C SER A 73 -9.95 -1.71 6.66
N ILE A 74 -9.07 -2.42 7.36
CA ILE A 74 -7.66 -2.52 7.00
C ILE A 74 -7.15 -3.91 7.42
N PRO A 75 -6.08 -4.45 6.78
CA PRO A 75 -5.33 -3.83 5.71
C PRO A 75 -6.12 -3.75 4.41
N THR A 76 -5.94 -2.62 3.74
CA THR A 76 -6.50 -2.32 2.44
C THR A 76 -5.33 -1.82 1.61
N ILE A 77 -4.88 -2.66 0.68
CA ILE A 77 -3.78 -2.38 -0.21
C ILE A 77 -4.38 -1.69 -1.43
N MET A 78 -3.73 -0.64 -1.94
CA MET A 78 -4.15 0.08 -3.13
C MET A 78 -2.96 0.25 -4.06
N VAL A 79 -3.17 0.00 -5.36
CA VAL A 79 -2.14 0.19 -6.36
C VAL A 79 -2.42 1.48 -7.09
N PHE A 80 -1.36 2.22 -7.41
CA PHE A 80 -1.40 3.43 -8.20
C PHE A 80 -0.39 3.29 -9.33
N LYS A 81 -0.66 4.05 -10.39
CA LYS A 81 0.12 4.09 -11.62
C LYS A 81 0.20 5.56 -12.07
N GLY A 82 0.72 6.39 -11.15
CA GLY A 82 0.78 7.83 -11.31
C GLY A 82 -0.28 8.43 -10.38
N GLY A 83 -0.78 9.62 -10.70
CA GLY A 83 -1.77 10.30 -9.87
C GLY A 83 -3.18 9.75 -9.96
N LYS A 84 -3.33 8.43 -10.11
CA LYS A 84 -4.59 7.72 -10.16
C LYS A 84 -4.37 6.31 -9.62
N LYS A 85 -5.45 5.72 -9.12
CA LYS A 85 -5.49 4.38 -8.56
C LYS A 85 -5.80 3.38 -9.68
N CYS A 86 -5.23 2.18 -9.59
CA CYS A 86 -5.43 1.12 -10.57
C CYS A 86 -6.21 -0.04 -9.97
N GLU A 87 -5.71 -0.60 -8.86
CA GLU A 87 -6.27 -1.77 -8.20
C GLU A 87 -6.38 -1.56 -6.69
N THR A 88 -7.05 -2.47 -5.98
CA THR A 88 -7.26 -2.44 -4.54
C THR A 88 -7.51 -3.86 -4.04
N ILE A 89 -6.97 -4.24 -2.88
CA ILE A 89 -7.14 -5.54 -2.24
C ILE A 89 -7.39 -5.26 -0.76
N ILE A 90 -8.09 -6.17 -0.06
CA ILE A 90 -8.42 -6.02 1.35
C ILE A 90 -8.12 -7.35 2.05
N GLY A 91 -7.64 -7.28 3.30
CA GLY A 91 -7.36 -8.44 4.12
C GLY A 91 -5.91 -8.89 4.04
N ALA A 92 -5.41 -9.45 5.16
CA ALA A 92 -4.04 -9.95 5.26
C ALA A 92 -3.86 -11.24 4.46
N VAL A 93 -3.85 -11.16 3.13
CA VAL A 93 -3.68 -12.34 2.30
C VAL A 93 -2.19 -12.72 2.27
N PRO A 94 -1.83 -14.01 2.17
CA PRO A 94 -0.43 -14.46 2.14
C PRO A 94 0.40 -13.84 1.03
N LYS A 95 1.73 -13.84 1.23
CA LYS A 95 2.72 -13.35 0.29
C LYS A 95 2.46 -13.87 -1.11
N ALA A 96 2.27 -15.19 -1.23
CA ALA A 96 2.02 -15.85 -2.50
C ALA A 96 0.88 -15.15 -3.26
N THR A 97 -0.24 -14.90 -2.58
CA THR A 97 -1.37 -14.22 -3.15
C THR A 97 -0.97 -12.80 -3.55
N ILE A 98 -0.33 -12.04 -2.66
CA ILE A 98 0.08 -10.67 -2.94
C ILE A 98 0.93 -10.65 -4.23
N VAL A 99 2.00 -11.46 -4.26
CA VAL A 99 2.91 -11.56 -5.39
C VAL A 99 2.14 -11.84 -6.67
N GLN A 100 1.35 -12.92 -6.71
CA GLN A 100 0.58 -13.27 -7.90
C GLN A 100 -0.30 -12.09 -8.32
N THR A 101 -1.01 -11.50 -7.36
CA THR A 101 -1.90 -10.37 -7.59
C THR A 101 -1.13 -9.20 -8.21
N VAL A 102 0.07 -8.88 -7.72
CA VAL A 102 0.89 -7.83 -8.31
C VAL A 102 1.24 -8.21 -9.76
N GLU A 103 1.86 -9.37 -9.91
CA GLU A 103 2.36 -9.88 -11.19
C GLU A 103 1.30 -9.86 -12.28
N LYS A 104 0.08 -10.32 -11.99
CA LYS A 104 -0.97 -10.33 -13.01
C LYS A 104 -1.28 -8.91 -13.51
N TYR A 105 -1.11 -7.89 -12.66
CA TYR A 105 -1.39 -6.52 -13.06
C TYR A 105 -0.21 -5.96 -13.83
N LEU A 106 0.98 -6.17 -13.27
CA LEU A 106 2.24 -5.63 -13.77
C LEU A 106 3.17 -6.78 -14.15
N ASN A 107 4.11 -7.12 -13.29
CA ASN A 107 5.13 -8.16 -13.41
C ASN A 107 5.87 -8.10 -12.06
N MET A 1 10.19 -0.24 6.15
CA MET A 1 11.58 -0.52 5.79
C MET A 1 11.57 -1.10 4.38
N GLU A 2 12.34 -0.54 3.45
CA GLU A 2 12.25 -0.81 2.02
C GLU A 2 10.95 -0.16 1.55
N ALA A 3 9.83 -0.69 2.03
CA ALA A 3 8.53 -0.06 1.90
C ALA A 3 8.56 1.17 2.81
N GLY A 4 8.17 2.34 2.31
CA GLY A 4 8.19 3.55 3.12
C GLY A 4 6.96 3.65 4.02
N ALA A 5 6.95 4.68 4.88
CA ALA A 5 5.83 5.06 5.73
C ALA A 5 5.37 6.41 5.21
N VAL A 6 4.08 6.59 4.95
CA VAL A 6 3.53 7.81 4.39
C VAL A 6 2.35 8.29 5.25
N ASN A 7 2.02 9.57 5.07
CA ASN A 7 0.90 10.28 5.66
C ASN A 7 0.31 11.16 4.57
N ASP A 8 -0.79 11.85 4.87
CA ASP A 8 -1.52 12.70 3.92
C ASP A 8 -0.57 13.62 3.14
N ASP A 9 0.21 14.39 3.90
CA ASP A 9 1.18 15.34 3.38
C ASP A 9 2.06 14.73 2.29
N THR A 10 2.66 13.58 2.60
CA THR A 10 3.56 12.88 1.70
C THR A 10 2.81 12.15 0.58
N PHE A 11 1.65 11.56 0.87
CA PHE A 11 0.79 10.79 -0.04
C PHE A 11 0.73 11.46 -1.42
N LYS A 12 0.51 12.75 -1.36
CA LYS A 12 0.44 13.61 -2.52
C LYS A 12 1.66 13.44 -3.45
N ASN A 13 2.86 13.50 -2.89
CA ASN A 13 4.10 13.37 -3.66
C ASN A 13 4.38 11.91 -3.98
N VAL A 14 4.37 11.12 -2.92
CA VAL A 14 4.82 9.73 -2.93
C VAL A 14 3.88 8.82 -3.73
N VAL A 15 2.58 9.10 -3.68
CA VAL A 15 1.56 8.25 -4.28
C VAL A 15 0.89 8.93 -5.47
N LEU A 16 0.27 10.10 -5.26
CA LEU A 16 -0.49 10.76 -6.32
C LEU A 16 0.44 11.21 -7.46
N GLU A 17 1.21 12.28 -7.24
CA GLU A 17 2.13 12.84 -8.23
C GLU A 17 3.43 12.04 -8.21
N SER A 18 3.33 10.72 -8.44
CA SER A 18 4.45 9.80 -8.43
C SER A 18 5.10 9.74 -9.82
N SER A 19 5.50 8.55 -10.30
CA SER A 19 6.17 8.39 -11.59
C SER A 19 6.03 6.93 -11.98
N VAL A 20 6.72 6.08 -11.23
CA VAL A 20 6.59 4.63 -11.31
C VAL A 20 5.30 4.31 -10.55
N PRO A 21 4.65 3.16 -10.79
CA PRO A 21 3.44 2.86 -10.05
C PRO A 21 3.80 2.69 -8.58
N VAL A 22 2.78 2.72 -7.73
CA VAL A 22 2.90 2.71 -6.30
C VAL A 22 1.92 1.70 -5.73
N LEU A 23 2.29 1.03 -4.63
CA LEU A 23 1.45 0.09 -3.90
C LEU A 23 1.44 0.57 -2.45
N VAL A 24 0.34 1.20 -2.02
CA VAL A 24 0.23 1.69 -0.65
C VAL A 24 -0.57 0.65 0.14
N ASP A 25 -0.23 0.47 1.42
CA ASP A 25 -0.98 -0.34 2.36
C ASP A 25 -1.57 0.59 3.42
N PHE A 26 -2.89 0.73 3.47
CA PHE A 26 -3.51 1.56 4.49
C PHE A 26 -3.53 0.73 5.77
N TRP A 27 -2.72 1.12 6.76
CA TRP A 27 -2.61 0.38 8.02
C TRP A 27 -2.96 1.28 9.20
N ALA A 28 -2.78 0.76 10.42
CA ALA A 28 -2.93 1.50 11.68
C ALA A 28 -2.49 0.63 12.87
N PRO A 29 -1.82 1.20 13.89
CA PRO A 29 -1.44 0.47 15.07
C PRO A 29 -2.69 0.19 15.90
N TRP A 30 -3.06 -1.09 15.93
CA TRP A 30 -4.24 -1.75 16.48
C TRP A 30 -4.66 -2.77 15.44
N CYS A 31 -4.38 -2.49 14.16
CA CYS A 31 -4.79 -3.34 13.06
C CYS A 31 -4.02 -4.67 13.05
N GLY A 32 -4.57 -5.64 13.77
CA GLY A 32 -4.08 -7.02 13.88
C GLY A 32 -3.46 -7.55 12.58
N PRO A 33 -4.24 -7.76 11.51
CA PRO A 33 -3.69 -8.24 10.26
C PRO A 33 -2.57 -7.36 9.73
N CYS A 34 -2.76 -6.04 9.72
CA CYS A 34 -1.77 -5.11 9.20
C CYS A 34 -0.43 -5.35 9.90
N ARG A 35 -0.44 -5.54 11.22
CA ARG A 35 0.77 -5.74 12.01
C ARG A 35 1.59 -6.92 11.45
N ILE A 36 0.95 -8.07 11.31
CA ILE A 36 1.61 -9.27 10.83
C ILE A 36 1.90 -9.21 9.32
N ILE A 37 1.10 -8.48 8.55
CA ILE A 37 1.29 -8.29 7.11
C ILE A 37 2.46 -7.31 6.84
N ALA A 38 2.62 -6.25 7.64
CA ALA A 38 3.65 -5.23 7.48
C ALA A 38 5.04 -5.75 7.06
N PRO A 39 5.62 -6.80 7.69
CA PRO A 39 6.92 -7.35 7.29
C PRO A 39 6.86 -7.85 5.84
N VAL A 40 5.72 -8.44 5.47
CA VAL A 40 5.47 -8.93 4.14
C VAL A 40 5.46 -7.71 3.21
N VAL A 41 4.77 -6.63 3.60
CA VAL A 41 4.76 -5.39 2.82
C VAL A 41 6.20 -4.87 2.64
N ASP A 42 6.99 -4.90 3.72
CA ASP A 42 8.38 -4.46 3.71
C ASP A 42 9.17 -5.29 2.69
N GLU A 43 9.26 -6.61 2.87
CA GLU A 43 10.06 -7.44 1.97
C GLU A 43 9.55 -7.35 0.54
N ILE A 44 8.23 -7.29 0.35
CA ILE A 44 7.61 -7.12 -0.96
C ILE A 44 8.25 -5.93 -1.66
N ALA A 45 8.53 -4.84 -0.94
CA ALA A 45 9.23 -3.71 -1.53
C ALA A 45 10.60 -4.15 -2.05
N GLY A 46 11.33 -4.95 -1.27
CA GLY A 46 12.63 -5.45 -1.69
C GLY A 46 12.50 -6.20 -3.01
N GLU A 47 11.43 -6.97 -3.17
CA GLU A 47 11.19 -7.71 -4.40
C GLU A 47 10.85 -6.79 -5.58
N TYR A 48 9.88 -5.89 -5.38
CA TYR A 48 9.31 -5.06 -6.43
C TYR A 48 9.86 -3.61 -6.51
N LYS A 49 10.93 -3.30 -5.76
CA LYS A 49 11.57 -1.99 -5.74
C LYS A 49 11.79 -1.42 -7.15
N ASP A 50 11.72 -0.09 -7.26
CA ASP A 50 11.91 0.69 -8.48
C ASP A 50 10.76 0.54 -9.46
N LYS A 51 10.32 -0.70 -9.70
CA LYS A 51 9.25 -1.01 -10.62
C LYS A 51 7.88 -0.70 -10.01
N LEU A 52 7.82 -0.59 -8.67
CA LEU A 52 6.60 -0.36 -7.90
C LEU A 52 7.02 0.30 -6.58
N LYS A 53 6.43 1.42 -6.19
CA LYS A 53 6.80 2.11 -4.96
C LYS A 53 5.94 1.54 -3.84
N CYS A 54 6.47 0.59 -3.07
CA CYS A 54 5.71 -0.02 -1.99
C CYS A 54 5.73 0.91 -0.77
N VAL A 55 4.58 1.14 -0.12
CA VAL A 55 4.48 2.03 1.03
C VAL A 55 3.33 1.63 1.95
N LYS A 56 3.31 2.26 3.13
CA LYS A 56 2.35 2.04 4.19
C LYS A 56 1.83 3.37 4.73
N LEU A 57 0.51 3.56 4.87
CA LEU A 57 -0.07 4.79 5.39
C LEU A 57 -0.90 4.61 6.66
N ASN A 58 -0.68 5.48 7.65
CA ASN A 58 -1.36 5.38 8.92
C ASN A 58 -2.77 6.00 8.85
N THR A 59 -3.78 5.13 8.93
CA THR A 59 -5.19 5.41 8.78
C THR A 59 -5.79 5.91 10.10
N ASP A 60 -5.15 6.89 10.71
CA ASP A 60 -5.59 7.48 11.97
C ASP A 60 -4.88 8.83 12.12
N GLU A 61 -3.60 8.84 11.77
CA GLU A 61 -2.76 10.02 11.61
C GLU A 61 -3.03 10.64 10.23
N SER A 62 -3.53 9.84 9.27
CA SER A 62 -3.88 10.25 7.92
C SER A 62 -5.12 9.49 7.43
N PRO A 63 -6.26 9.68 8.10
CA PRO A 63 -7.54 9.07 7.82
C PRO A 63 -8.21 9.84 6.68
N ASN A 64 -7.87 11.12 6.53
CA ASN A 64 -8.37 12.02 5.49
C ASN A 64 -8.49 11.28 4.17
N VAL A 65 -7.34 10.78 3.69
CA VAL A 65 -7.21 10.03 2.48
C VAL A 65 -8.12 8.81 2.51
N ALA A 66 -8.00 8.01 3.56
CA ALA A 66 -8.78 6.80 3.74
C ALA A 66 -10.29 7.09 3.64
N SER A 67 -10.72 8.25 4.15
CA SER A 67 -12.11 8.69 4.13
C SER A 67 -12.50 9.10 2.71
N GLU A 68 -11.64 9.89 2.06
CA GLU A 68 -11.85 10.33 0.68
C GLU A 68 -12.05 9.12 -0.23
N TYR A 69 -11.24 8.08 -0.05
CA TYR A 69 -11.35 6.86 -0.85
C TYR A 69 -12.50 5.98 -0.33
N GLY A 70 -12.77 5.99 0.97
CA GLY A 70 -13.89 5.27 1.57
C GLY A 70 -13.49 3.87 2.00
N ILE A 71 -12.40 3.77 2.77
CA ILE A 71 -11.89 2.50 3.26
C ILE A 71 -12.71 2.06 4.47
N ARG A 72 -13.47 0.97 4.30
CA ARG A 72 -14.35 0.46 5.35
C ARG A 72 -13.58 -0.35 6.40
N SER A 73 -12.44 -0.95 6.04
CA SER A 73 -11.63 -1.76 6.94
C SER A 73 -10.21 -1.83 6.37
N ILE A 74 -9.23 -2.19 7.21
CA ILE A 74 -7.83 -2.27 6.84
C ILE A 74 -7.31 -3.64 7.29
N PRO A 75 -6.25 -4.17 6.65
CA PRO A 75 -5.51 -3.57 5.57
C PRO A 75 -6.22 -3.65 4.23
N THR A 76 -6.19 -2.52 3.54
CA THR A 76 -6.68 -2.35 2.19
C THR A 76 -5.46 -1.85 1.43
N ILE A 77 -4.81 -2.74 0.69
CA ILE A 77 -3.69 -2.40 -0.16
C ILE A 77 -4.30 -1.78 -1.41
N MET A 78 -3.75 -0.69 -1.93
CA MET A 78 -4.20 -0.09 -3.17
C MET A 78 -3.00 0.14 -4.05
N VAL A 79 -3.24 0.04 -5.36
CA VAL A 79 -2.26 0.31 -6.39
C VAL A 79 -2.62 1.66 -6.97
N PHE A 80 -1.65 2.56 -7.04
CA PHE A 80 -1.77 3.87 -7.65
C PHE A 80 -0.81 3.91 -8.83
N LYS A 81 -1.23 4.60 -9.88
CA LYS A 81 -0.46 4.68 -11.14
C LYS A 81 -0.40 6.12 -11.65
N GLY A 82 -0.80 7.07 -10.80
CA GLY A 82 -0.90 8.48 -11.08
C GLY A 82 -1.73 9.07 -9.95
N GLY A 83 -2.41 10.19 -10.20
CA GLY A 83 -3.23 10.84 -9.18
C GLY A 83 -4.52 10.09 -8.82
N LYS A 84 -4.59 8.78 -9.09
CA LYS A 84 -5.72 7.92 -8.79
C LYS A 84 -5.21 6.49 -8.63
N LYS A 85 -6.06 5.67 -8.01
CA LYS A 85 -5.80 4.26 -7.79
C LYS A 85 -6.07 3.47 -9.08
N CYS A 86 -5.87 2.15 -9.02
CA CYS A 86 -6.12 1.24 -10.12
C CYS A 86 -6.77 -0.02 -9.58
N GLU A 87 -6.03 -0.77 -8.77
CA GLU A 87 -6.44 -2.02 -8.15
C GLU A 87 -6.35 -1.88 -6.62
N THR A 88 -6.88 -2.86 -5.90
CA THR A 88 -6.84 -2.90 -4.44
C THR A 88 -7.00 -4.36 -3.99
N ILE A 89 -6.46 -4.69 -2.81
CA ILE A 89 -6.47 -6.03 -2.24
C ILE A 89 -6.70 -5.89 -0.75
N ILE A 90 -7.34 -6.90 -0.14
CA ILE A 90 -7.46 -6.98 1.30
C ILE A 90 -6.09 -7.52 1.74
N GLY A 91 -5.35 -6.77 2.54
CA GLY A 91 -3.99 -7.14 2.89
C GLY A 91 -3.87 -8.49 3.59
N ALA A 92 -4.86 -8.86 4.43
CA ALA A 92 -4.87 -10.11 5.18
C ALA A 92 -4.99 -11.35 4.28
N VAL A 93 -3.98 -11.63 3.46
CA VAL A 93 -3.86 -12.79 2.58
C VAL A 93 -2.38 -13.19 2.54
N PRO A 94 -2.03 -14.45 2.26
CA PRO A 94 -0.64 -14.89 2.22
C PRO A 94 0.21 -14.12 1.20
N LYS A 95 1.53 -14.09 1.47
CA LYS A 95 2.52 -13.48 0.61
C LYS A 95 2.36 -14.00 -0.82
N ALA A 96 2.15 -15.31 -0.97
CA ALA A 96 1.94 -15.93 -2.27
C ALA A 96 0.82 -15.21 -3.02
N THR A 97 -0.31 -14.99 -2.36
CA THR A 97 -1.45 -14.30 -2.94
C THR A 97 -1.04 -12.88 -3.32
N ILE A 98 -0.36 -12.16 -2.40
CA ILE A 98 0.11 -10.81 -2.67
C ILE A 98 0.95 -10.82 -3.96
N VAL A 99 2.01 -11.64 -4.00
CA VAL A 99 2.91 -11.80 -5.14
C VAL A 99 2.10 -12.01 -6.41
N GLN A 100 1.28 -13.06 -6.45
CA GLN A 100 0.47 -13.36 -7.63
C GLN A 100 -0.36 -12.15 -8.06
N THR A 101 -1.06 -11.54 -7.11
CA THR A 101 -1.90 -10.38 -7.36
C THR A 101 -1.07 -9.21 -7.91
N VAL A 102 0.14 -8.99 -7.41
CA VAL A 102 1.01 -7.94 -7.93
C VAL A 102 1.40 -8.30 -9.36
N GLU A 103 1.97 -9.49 -9.55
CA GLU A 103 2.46 -9.99 -10.82
C GLU A 103 1.47 -9.72 -11.94
N LYS A 104 0.23 -10.20 -11.83
CA LYS A 104 -0.78 -10.04 -12.87
C LYS A 104 -0.97 -8.58 -13.32
N TYR A 105 -0.69 -7.60 -12.45
CA TYR A 105 -0.84 -6.18 -12.80
C TYR A 105 0.39 -5.66 -13.55
N LEU A 106 1.53 -6.34 -13.42
CA LEU A 106 2.79 -5.98 -14.06
C LEU A 106 2.99 -6.75 -15.37
N ASN A 107 2.62 -8.03 -15.39
CA ASN A 107 2.79 -8.92 -16.53
C ASN A 107 1.86 -10.12 -16.40
N MET A 1 10.26 0.97 5.87
CA MET A 1 11.72 1.00 5.74
C MET A 1 12.07 0.84 4.26
N GLU A 2 12.08 -0.40 3.76
CA GLU A 2 12.25 -0.62 2.32
C GLU A 2 11.02 -0.02 1.64
N ALA A 3 9.84 -0.23 2.24
CA ALA A 3 8.60 0.40 1.82
C ALA A 3 8.44 1.75 2.54
N GLY A 4 7.81 2.70 1.86
CA GLY A 4 7.50 4.04 2.36
C GLY A 4 6.52 4.04 3.52
N ALA A 5 6.47 5.16 4.24
CA ALA A 5 5.50 5.45 5.28
C ALA A 5 4.90 6.78 4.85
N VAL A 6 3.58 6.85 4.67
CA VAL A 6 2.91 8.05 4.20
C VAL A 6 1.76 8.45 5.12
N ASN A 7 1.34 9.70 4.94
CA ASN A 7 0.24 10.35 5.64
C ASN A 7 -0.37 11.36 4.68
N ASP A 8 -1.51 11.92 5.05
CA ASP A 8 -2.24 12.87 4.21
C ASP A 8 -1.61 14.24 4.22
N ASP A 9 -0.60 14.22 3.39
CA ASP A 9 0.36 15.22 3.01
C ASP A 9 1.41 14.54 2.14
N THR A 10 2.32 13.79 2.76
CA THR A 10 3.40 13.07 2.10
C THR A 10 2.86 12.21 0.95
N PHE A 11 1.69 11.59 1.18
CA PHE A 11 0.95 10.79 0.19
C PHE A 11 0.92 11.49 -1.16
N LYS A 12 0.63 12.78 -1.16
CA LYS A 12 0.54 13.57 -2.37
C LYS A 12 1.83 13.43 -3.19
N ASN A 13 2.97 13.67 -2.53
CA ASN A 13 4.27 13.63 -3.18
C ASN A 13 4.65 12.19 -3.55
N VAL A 14 4.58 11.31 -2.56
CA VAL A 14 5.04 9.94 -2.65
C VAL A 14 4.18 9.08 -3.59
N VAL A 15 2.84 9.18 -3.47
CA VAL A 15 1.91 8.36 -4.21
C VAL A 15 1.46 9.06 -5.49
N LEU A 16 0.82 10.23 -5.37
CA LEU A 16 0.23 10.87 -6.53
C LEU A 16 1.32 11.35 -7.50
N GLU A 17 2.24 12.19 -7.03
CA GLU A 17 3.32 12.71 -7.88
C GLU A 17 4.44 11.69 -8.07
N SER A 18 4.10 10.43 -8.32
CA SER A 18 5.06 9.37 -8.57
C SER A 18 5.34 9.29 -10.08
N SER A 19 6.13 8.28 -10.46
CA SER A 19 6.49 7.93 -11.82
C SER A 19 6.00 6.50 -12.04
N VAL A 20 6.70 5.55 -11.43
CA VAL A 20 6.36 4.14 -11.47
C VAL A 20 5.22 3.90 -10.46
N PRO A 21 4.44 2.81 -10.59
CA PRO A 21 3.35 2.54 -9.68
C PRO A 21 3.81 2.45 -8.23
N VAL A 22 2.84 2.63 -7.33
CA VAL A 22 3.04 2.68 -5.89
C VAL A 22 1.99 1.81 -5.19
N LEU A 23 2.44 0.77 -4.49
CA LEU A 23 1.61 -0.11 -3.68
C LEU A 23 1.46 0.57 -2.33
N VAL A 24 0.30 1.16 -2.05
CA VAL A 24 0.04 1.85 -0.78
C VAL A 24 -0.77 0.92 0.12
N ASP A 25 -0.20 0.54 1.27
CA ASP A 25 -0.89 -0.31 2.23
C ASP A 25 -1.54 0.54 3.31
N PHE A 26 -2.86 0.64 3.35
CA PHE A 26 -3.52 1.40 4.40
C PHE A 26 -3.53 0.51 5.64
N TRP A 27 -2.74 0.89 6.65
CA TRP A 27 -2.53 0.10 7.85
C TRP A 27 -2.82 0.91 9.11
N ALA A 28 -2.54 0.32 10.27
CA ALA A 28 -2.60 0.97 11.57
C ALA A 28 -1.98 0.02 12.60
N PRO A 29 -1.35 0.53 13.66
CA PRO A 29 -0.74 -0.31 14.68
C PRO A 29 -1.70 -1.32 15.31
N TRP A 30 -2.96 -0.95 15.53
CA TRP A 30 -3.95 -1.85 16.11
C TRP A 30 -4.45 -2.88 15.09
N CYS A 31 -4.18 -2.71 13.80
CA CYS A 31 -4.71 -3.61 12.78
C CYS A 31 -3.91 -4.92 12.74
N GLY A 32 -4.47 -5.96 13.36
CA GLY A 32 -3.89 -7.30 13.46
C GLY A 32 -3.25 -7.81 12.17
N PRO A 33 -4.01 -8.02 11.08
CA PRO A 33 -3.44 -8.51 9.83
C PRO A 33 -2.33 -7.59 9.35
N CYS A 34 -2.59 -6.29 9.40
CA CYS A 34 -1.64 -5.27 8.94
C CYS A 34 -0.30 -5.49 9.63
N ARG A 35 -0.31 -5.61 10.96
CA ARG A 35 0.89 -5.81 11.75
C ARG A 35 1.66 -7.05 11.28
N ILE A 36 0.99 -8.19 11.11
CA ILE A 36 1.72 -9.40 10.72
C ILE A 36 2.17 -9.35 9.26
N ILE A 37 1.46 -8.67 8.34
CA ILE A 37 1.94 -8.56 6.96
C ILE A 37 3.00 -7.45 6.84
N ALA A 38 3.02 -6.45 7.70
CA ALA A 38 3.92 -5.29 7.66
C ALA A 38 5.36 -5.62 7.22
N PRO A 39 6.04 -6.64 7.77
CA PRO A 39 7.40 -6.97 7.35
C PRO A 39 7.41 -7.39 5.89
N VAL A 40 6.39 -8.17 5.51
CA VAL A 40 6.18 -8.67 4.16
C VAL A 40 5.97 -7.47 3.24
N VAL A 41 5.07 -6.54 3.61
CA VAL A 41 4.84 -5.32 2.85
C VAL A 41 6.18 -4.61 2.63
N ASP A 42 7.00 -4.53 3.68
CA ASP A 42 8.28 -3.85 3.59
C ASP A 42 9.21 -4.57 2.60
N GLU A 43 9.59 -5.81 2.89
CA GLU A 43 10.54 -6.55 2.06
C GLU A 43 10.07 -6.66 0.60
N ILE A 44 8.76 -6.75 0.38
CA ILE A 44 8.18 -6.78 -0.96
C ILE A 44 8.72 -5.60 -1.77
N ALA A 45 8.96 -4.44 -1.15
CA ALA A 45 9.52 -3.28 -1.81
C ALA A 45 10.87 -3.63 -2.46
N GLY A 46 11.67 -4.46 -1.78
CA GLY A 46 12.96 -4.90 -2.27
C GLY A 46 12.75 -5.87 -3.42
N GLU A 47 11.80 -6.80 -3.25
CA GLU A 47 11.52 -7.80 -4.27
C GLU A 47 11.19 -7.16 -5.61
N TYR A 48 10.22 -6.23 -5.62
CA TYR A 48 9.73 -5.60 -6.85
C TYR A 48 10.20 -4.16 -7.01
N LYS A 49 11.41 -3.87 -6.54
CA LYS A 49 12.02 -2.56 -6.69
C LYS A 49 12.14 -2.20 -8.17
N ASP A 50 12.33 -0.90 -8.47
CA ASP A 50 12.50 -0.33 -9.79
C ASP A 50 11.17 -0.27 -10.55
N LYS A 51 10.52 -1.42 -10.68
CA LYS A 51 9.28 -1.53 -11.42
C LYS A 51 8.11 -0.99 -10.59
N LEU A 52 8.18 -1.13 -9.27
CA LEU A 52 7.13 -0.72 -8.36
C LEU A 52 7.74 -0.03 -7.15
N LYS A 53 6.99 0.89 -6.53
CA LYS A 53 7.30 1.47 -5.24
C LYS A 53 6.30 0.81 -4.28
N CYS A 54 6.63 0.66 -2.99
CA CYS A 54 5.72 0.09 -2.00
C CYS A 54 5.76 1.01 -0.79
N VAL A 55 4.63 1.28 -0.13
CA VAL A 55 4.55 2.15 1.03
C VAL A 55 3.35 1.76 1.88
N LYS A 56 3.18 2.41 3.04
CA LYS A 56 2.02 2.17 3.89
C LYS A 56 1.52 3.47 4.55
N LEU A 57 0.19 3.67 4.52
CA LEU A 57 -0.53 4.84 5.03
C LEU A 57 -1.11 4.54 6.40
N ASN A 58 -0.69 5.30 7.43
CA ASN A 58 -1.24 5.12 8.78
C ASN A 58 -2.65 5.70 8.80
N THR A 59 -3.64 4.81 8.78
CA THR A 59 -5.05 5.12 8.68
C THR A 59 -5.56 5.83 9.92
N ASP A 60 -4.96 5.56 11.07
CA ASP A 60 -5.35 6.16 12.34
C ASP A 60 -5.05 7.66 12.33
N GLU A 61 -3.88 7.99 11.78
CA GLU A 61 -3.34 9.33 11.63
C GLU A 61 -3.89 10.02 10.37
N SER A 62 -4.17 9.25 9.31
CA SER A 62 -4.66 9.73 8.02
C SER A 62 -5.95 9.00 7.62
N PRO A 63 -7.00 9.13 8.43
CA PRO A 63 -8.32 8.56 8.18
C PRO A 63 -8.96 9.27 7.00
N ASN A 64 -8.66 10.56 6.91
CA ASN A 64 -9.10 11.49 5.89
C ASN A 64 -9.12 10.83 4.50
N VAL A 65 -7.93 10.60 3.95
CA VAL A 65 -7.75 10.01 2.63
C VAL A 65 -8.48 8.68 2.53
N ALA A 66 -8.32 7.86 3.57
CA ALA A 66 -8.97 6.56 3.65
C ALA A 66 -10.49 6.70 3.49
N SER A 67 -11.07 7.75 4.09
CA SER A 67 -12.50 8.04 4.01
C SER A 67 -12.84 8.52 2.60
N GLU A 68 -12.02 9.40 2.04
CA GLU A 68 -12.22 9.90 0.68
C GLU A 68 -12.27 8.74 -0.32
N TYR A 69 -11.39 7.75 -0.15
CA TYR A 69 -11.36 6.58 -1.02
C TYR A 69 -12.49 5.61 -0.65
N GLY A 70 -12.84 5.52 0.64
CA GLY A 70 -13.95 4.72 1.13
C GLY A 70 -13.49 3.37 1.65
N ILE A 71 -12.45 3.37 2.48
CA ILE A 71 -11.92 2.16 3.08
C ILE A 71 -12.81 1.78 4.25
N ARG A 72 -13.54 0.66 4.14
CA ARG A 72 -14.47 0.23 5.16
C ARG A 72 -13.72 -0.42 6.34
N SER A 73 -12.57 -1.05 6.08
CA SER A 73 -11.74 -1.68 7.09
C SER A 73 -10.34 -1.85 6.50
N ILE A 74 -9.32 -1.92 7.35
CA ILE A 74 -7.94 -2.13 6.94
C ILE A 74 -7.53 -3.55 7.35
N PRO A 75 -6.53 -4.20 6.72
CA PRO A 75 -5.69 -3.67 5.65
C PRO A 75 -6.45 -3.43 4.37
N THR A 76 -5.86 -2.61 3.50
CA THR A 76 -6.38 -2.31 2.19
C THR A 76 -5.15 -1.84 1.41
N ILE A 77 -4.61 -2.73 0.58
CA ILE A 77 -3.52 -2.37 -0.30
C ILE A 77 -4.16 -1.79 -1.54
N MET A 78 -3.64 -0.66 -2.01
CA MET A 78 -4.06 -0.02 -3.23
C MET A 78 -2.85 0.08 -4.13
N VAL A 79 -3.09 0.11 -5.43
CA VAL A 79 -2.06 0.28 -6.43
C VAL A 79 -2.36 1.59 -7.14
N PHE A 80 -1.44 2.56 -7.04
CA PHE A 80 -1.55 3.85 -7.68
C PHE A 80 -0.50 3.96 -8.76
N LYS A 81 -0.72 4.83 -9.75
CA LYS A 81 0.20 5.13 -10.84
C LYS A 81 -0.32 6.38 -11.54
N GLY A 82 0.54 7.16 -12.19
CA GLY A 82 0.11 8.33 -12.95
C GLY A 82 -0.89 9.24 -12.22
N GLY A 83 -0.72 9.43 -10.91
CA GLY A 83 -1.60 10.26 -10.11
C GLY A 83 -3.04 9.75 -10.02
N LYS A 84 -3.29 8.46 -10.26
CA LYS A 84 -4.60 7.82 -10.21
C LYS A 84 -4.46 6.41 -9.62
N LYS A 85 -5.58 5.80 -9.23
CA LYS A 85 -5.61 4.45 -8.69
C LYS A 85 -5.80 3.44 -9.83
N CYS A 86 -5.36 2.21 -9.61
CA CYS A 86 -5.48 1.09 -10.54
C CYS A 86 -6.50 0.09 -10.00
N GLU A 87 -6.21 -0.48 -8.83
CA GLU A 87 -7.08 -1.40 -8.11
C GLU A 87 -6.66 -1.43 -6.64
N THR A 88 -7.37 -2.22 -5.81
CA THR A 88 -7.14 -2.36 -4.39
C THR A 88 -7.66 -3.72 -3.91
N ILE A 89 -7.07 -4.28 -2.85
CA ILE A 89 -7.41 -5.57 -2.26
C ILE A 89 -7.17 -5.48 -0.74
N ILE A 90 -7.83 -6.34 0.04
CA ILE A 90 -7.65 -6.43 1.49
C ILE A 90 -6.37 -7.23 1.73
N GLY A 91 -5.35 -6.58 2.29
CA GLY A 91 -4.02 -7.15 2.49
C GLY A 91 -3.93 -8.40 3.37
N ALA A 92 -4.99 -8.77 4.10
CA ALA A 92 -4.98 -9.95 4.97
C ALA A 92 -4.99 -11.26 4.17
N VAL A 93 -3.93 -11.52 3.38
CA VAL A 93 -3.74 -12.72 2.59
C VAL A 93 -2.24 -13.07 2.61
N PRO A 94 -1.85 -14.33 2.37
CA PRO A 94 -0.45 -14.73 2.37
C PRO A 94 0.41 -13.97 1.36
N LYS A 95 1.71 -13.89 1.64
CA LYS A 95 2.73 -13.25 0.81
C LYS A 95 2.58 -13.69 -0.65
N ALA A 96 2.53 -14.99 -0.85
CA ALA A 96 2.35 -15.58 -2.18
C ALA A 96 1.17 -14.91 -2.88
N THR A 97 0.02 -14.86 -2.20
CA THR A 97 -1.18 -14.24 -2.73
C THR A 97 -0.91 -12.77 -3.03
N ILE A 98 -0.27 -12.02 -2.12
CA ILE A 98 0.06 -10.62 -2.34
C ILE A 98 0.86 -10.50 -3.66
N VAL A 99 1.94 -11.28 -3.80
CA VAL A 99 2.79 -11.25 -4.98
C VAL A 99 1.94 -11.51 -6.22
N GLN A 100 1.23 -12.65 -6.28
CA GLN A 100 0.41 -12.98 -7.44
C GLN A 100 -0.56 -11.85 -7.76
N THR A 101 -1.25 -11.33 -6.73
CA THR A 101 -2.19 -10.23 -6.85
C THR A 101 -1.52 -9.04 -7.51
N VAL A 102 -0.34 -8.62 -7.05
CA VAL A 102 0.36 -7.51 -7.68
C VAL A 102 0.67 -7.86 -9.14
N GLU A 103 1.37 -8.99 -9.35
CA GLU A 103 1.81 -9.41 -10.66
C GLU A 103 0.70 -9.41 -11.70
N LYS A 104 -0.46 -9.99 -11.39
CA LYS A 104 -1.57 -10.04 -12.34
C LYS A 104 -2.01 -8.64 -12.81
N TYR A 105 -1.73 -7.58 -12.04
CA TYR A 105 -2.08 -6.21 -12.40
C TYR A 105 -0.93 -5.51 -13.13
N LEU A 106 0.12 -6.24 -13.50
CA LEU A 106 1.29 -5.73 -14.20
C LEU A 106 1.60 -6.59 -15.43
N ASN A 107 1.77 -7.89 -15.20
CA ASN A 107 2.05 -8.92 -16.18
C ASN A 107 1.72 -10.26 -15.52
N MET A 1 10.55 1.28 -4.49
CA MET A 1 10.28 2.05 -3.27
C MET A 1 10.31 1.11 -2.06
N GLU A 2 10.78 1.59 -0.91
CA GLU A 2 10.81 0.84 0.35
C GLU A 2 9.57 1.16 1.17
N ALA A 3 9.24 0.35 2.19
CA ALA A 3 8.06 0.51 3.03
C ALA A 3 8.09 1.78 3.89
N GLY A 4 7.94 2.93 3.24
CA GLY A 4 7.92 4.21 3.94
C GLY A 4 6.58 4.39 4.65
N ALA A 5 6.59 5.15 5.75
CA ALA A 5 5.38 5.49 6.47
C ALA A 5 4.84 6.76 5.82
N VAL A 6 3.78 6.63 5.03
CA VAL A 6 3.13 7.76 4.38
C VAL A 6 1.99 8.23 5.28
N ASN A 7 1.59 9.48 5.06
CA ASN A 7 0.49 10.14 5.74
C ASN A 7 -0.18 11.02 4.71
N ASP A 8 -1.30 11.64 5.07
CA ASP A 8 -2.12 12.48 4.20
C ASP A 8 -1.29 13.34 3.26
N ASP A 9 -0.31 14.03 3.84
CA ASP A 9 0.63 14.86 3.10
C ASP A 9 1.47 14.02 2.13
N THR A 10 2.49 13.34 2.65
CA THR A 10 3.47 12.56 1.89
C THR A 10 2.81 11.68 0.82
N PHE A 11 1.69 11.04 1.16
CA PHE A 11 0.86 10.21 0.27
C PHE A 11 0.75 10.83 -1.11
N LYS A 12 0.47 12.13 -1.13
CA LYS A 12 0.37 12.90 -2.36
C LYS A 12 1.57 12.65 -3.27
N ASN A 13 2.76 13.08 -2.82
CA ASN A 13 3.98 12.99 -3.58
C ASN A 13 4.40 11.54 -3.82
N VAL A 14 4.16 10.70 -2.83
CA VAL A 14 4.66 9.34 -2.79
C VAL A 14 3.71 8.33 -3.44
N VAL A 15 2.46 8.70 -3.72
CA VAL A 15 1.48 7.81 -4.31
C VAL A 15 0.78 8.50 -5.48
N LEU A 16 0.00 9.56 -5.20
CA LEU A 16 -0.77 10.26 -6.21
C LEU A 16 0.10 10.82 -7.34
N GLU A 17 1.31 11.25 -7.01
CA GLU A 17 2.28 11.78 -7.97
C GLU A 17 3.24 10.69 -8.48
N SER A 18 3.19 9.45 -7.94
CA SER A 18 4.13 8.41 -8.35
C SER A 18 3.76 7.80 -9.70
N SER A 19 4.75 7.67 -10.58
CA SER A 19 4.62 7.09 -11.90
C SER A 19 4.62 5.57 -11.79
N VAL A 20 5.64 5.02 -11.12
CA VAL A 20 5.81 3.58 -10.97
C VAL A 20 4.82 3.10 -9.90
N PRO A 21 4.38 1.83 -9.96
CA PRO A 21 3.37 1.36 -9.03
C PRO A 21 3.85 1.35 -7.59
N VAL A 22 2.88 1.45 -6.68
CA VAL A 22 3.10 1.44 -5.24
C VAL A 22 1.96 0.80 -4.46
N LEU A 23 2.32 -0.18 -3.59
CA LEU A 23 1.37 -0.92 -2.79
C LEU A 23 1.27 -0.21 -1.45
N VAL A 24 0.29 0.66 -1.28
CA VAL A 24 0.12 1.40 -0.06
C VAL A 24 -0.81 0.59 0.85
N ASP A 25 -0.25 0.09 1.95
CA ASP A 25 -1.01 -0.63 2.95
C ASP A 25 -1.58 0.40 3.92
N PHE A 26 -2.91 0.56 3.96
CA PHE A 26 -3.56 1.43 4.92
C PHE A 26 -3.57 0.62 6.21
N TRP A 27 -2.67 0.96 7.13
CA TRP A 27 -2.44 0.22 8.37
C TRP A 27 -2.68 1.12 9.57
N ALA A 28 -2.35 0.62 10.76
CA ALA A 28 -2.35 1.37 12.00
C ALA A 28 -1.67 0.50 13.05
N PRO A 29 -1.06 1.06 14.10
CA PRO A 29 -0.46 0.27 15.16
C PRO A 29 -1.46 -0.67 15.81
N TRP A 30 -2.73 -0.26 15.95
CA TRP A 30 -3.76 -1.12 16.51
C TRP A 30 -4.27 -2.17 15.50
N CYS A 31 -3.78 -2.14 14.26
CA CYS A 31 -4.26 -3.05 13.23
C CYS A 31 -3.59 -4.43 13.32
N GLY A 32 -4.15 -5.30 14.17
CA GLY A 32 -3.70 -6.67 14.34
C GLY A 32 -3.31 -7.38 13.04
N PRO A 33 -4.20 -7.49 12.03
CA PRO A 33 -3.86 -8.19 10.81
C PRO A 33 -2.77 -7.47 10.01
N CYS A 34 -2.59 -6.15 10.19
CA CYS A 34 -1.54 -5.43 9.50
C CYS A 34 -0.19 -5.92 10.02
N ARG A 35 -0.05 -5.95 11.35
CA ARG A 35 1.19 -6.35 12.01
C ARG A 35 1.76 -7.63 11.41
N ILE A 36 0.90 -8.63 11.19
CA ILE A 36 1.34 -9.92 10.67
C ILE A 36 1.62 -9.89 9.15
N ILE A 37 1.10 -8.92 8.38
CA ILE A 37 1.51 -8.79 6.97
C ILE A 37 2.73 -7.87 6.86
N ALA A 38 2.95 -6.98 7.83
CA ALA A 38 4.10 -6.07 7.84
C ALA A 38 5.42 -6.72 7.36
N PRO A 39 5.79 -7.97 7.74
CA PRO A 39 7.01 -8.58 7.27
C PRO A 39 6.96 -8.75 5.75
N VAL A 40 5.81 -9.15 5.22
CA VAL A 40 5.58 -9.26 3.79
C VAL A 40 5.69 -7.90 3.17
N VAL A 41 5.03 -6.91 3.76
CA VAL A 41 5.01 -5.58 3.19
C VAL A 41 6.46 -5.10 3.05
N ASP A 42 7.21 -5.12 4.15
CA ASP A 42 8.60 -4.69 4.18
C ASP A 42 9.45 -5.53 3.23
N GLU A 43 9.35 -6.86 3.32
CA GLU A 43 10.10 -7.75 2.44
C GLU A 43 9.83 -7.38 1.00
N ILE A 44 8.56 -7.27 0.59
CA ILE A 44 8.19 -6.91 -0.77
C ILE A 44 8.88 -5.59 -1.14
N ALA A 45 8.86 -4.64 -0.21
CA ALA A 45 9.58 -3.38 -0.38
C ALA A 45 11.03 -3.71 -0.71
N GLY A 46 11.63 -4.64 0.03
CA GLY A 46 12.99 -5.11 -0.22
C GLY A 46 13.11 -5.72 -1.63
N GLU A 47 12.34 -6.77 -1.92
CA GLU A 47 12.35 -7.49 -3.18
C GLU A 47 12.48 -6.58 -4.39
N TYR A 48 11.65 -5.53 -4.44
CA TYR A 48 11.60 -4.64 -5.60
C TYR A 48 11.98 -3.18 -5.27
N LYS A 49 12.77 -2.99 -4.21
CA LYS A 49 13.21 -1.70 -3.68
C LYS A 49 13.60 -0.73 -4.79
N ASP A 50 14.38 -1.22 -5.74
CA ASP A 50 14.92 -0.55 -6.90
C ASP A 50 13.94 0.42 -7.55
N LYS A 51 12.67 0.02 -7.73
CA LYS A 51 11.66 0.90 -8.32
C LYS A 51 10.31 0.76 -7.64
N LEU A 52 9.84 -0.47 -7.60
CA LEU A 52 8.45 -0.82 -7.49
C LEU A 52 7.87 -0.71 -6.07
N LYS A 53 6.67 -1.25 -5.95
CA LYS A 53 5.61 -0.95 -5.03
C LYS A 53 5.52 -1.32 -3.56
N CYS A 54 5.83 -0.40 -2.65
CA CYS A 54 5.52 -0.62 -1.25
C CYS A 54 5.50 0.68 -0.44
N VAL A 55 4.40 0.91 0.31
CA VAL A 55 4.30 1.99 1.27
C VAL A 55 3.28 1.62 2.34
N LYS A 56 3.23 2.39 3.43
CA LYS A 56 2.34 2.12 4.56
C LYS A 56 1.69 3.41 5.04
N LEU A 57 0.39 3.57 4.81
CA LEU A 57 -0.35 4.76 5.22
C LEU A 57 -0.98 4.53 6.58
N ASN A 58 -0.59 5.33 7.57
CA ASN A 58 -1.23 5.24 8.88
C ASN A 58 -2.63 5.83 8.77
N THR A 59 -3.63 4.97 8.90
CA THR A 59 -5.04 5.29 8.69
C THR A 59 -5.55 6.25 9.76
N ASP A 60 -5.03 6.12 10.99
CA ASP A 60 -5.41 6.93 12.15
C ASP A 60 -4.94 8.36 11.92
N GLU A 61 -3.75 8.48 11.31
CA GLU A 61 -3.11 9.73 10.93
C GLU A 61 -3.69 10.29 9.64
N SER A 62 -4.20 9.39 8.78
CA SER A 62 -4.73 9.70 7.46
C SER A 62 -6.22 9.32 7.29
N PRO A 63 -7.10 9.75 8.20
CA PRO A 63 -8.53 9.56 8.13
C PRO A 63 -9.03 10.22 6.87
N ASN A 64 -8.40 11.36 6.58
CA ASN A 64 -8.59 12.18 5.38
C ASN A 64 -8.67 11.29 4.15
N VAL A 65 -7.51 10.75 3.75
CA VAL A 65 -7.36 9.87 2.60
C VAL A 65 -8.38 8.73 2.68
N ALA A 66 -8.41 8.10 3.84
CA ALA A 66 -9.30 6.98 4.11
C ALA A 66 -10.75 7.33 3.77
N SER A 67 -11.19 8.54 4.11
CA SER A 67 -12.54 9.02 3.84
C SER A 67 -12.70 9.39 2.37
N GLU A 68 -11.68 10.03 1.78
CA GLU A 68 -11.69 10.42 0.38
C GLU A 68 -11.92 9.18 -0.49
N TYR A 69 -11.22 8.08 -0.19
CA TYR A 69 -11.42 6.82 -0.92
C TYR A 69 -12.69 6.13 -0.39
N GLY A 70 -12.95 6.25 0.91
CA GLY A 70 -14.17 5.76 1.54
C GLY A 70 -14.03 4.33 2.05
N ILE A 71 -12.97 4.05 2.82
CA ILE A 71 -12.72 2.74 3.38
C ILE A 71 -13.15 2.73 4.86
N ARG A 72 -12.80 1.67 5.59
CA ARG A 72 -13.08 1.52 7.00
C ARG A 72 -12.11 0.51 7.61
N SER A 73 -12.43 -0.79 7.52
CA SER A 73 -11.57 -1.84 8.05
C SER A 73 -10.19 -1.75 7.40
N ILE A 74 -9.18 -2.26 8.13
CA ILE A 74 -7.81 -2.31 7.68
C ILE A 74 -7.25 -3.66 8.15
N PRO A 75 -6.22 -4.23 7.50
CA PRO A 75 -5.48 -3.68 6.37
C PRO A 75 -6.33 -3.58 5.11
N THR A 76 -6.12 -2.48 4.41
CA THR A 76 -6.69 -2.19 3.11
C THR A 76 -5.46 -1.83 2.28
N ILE A 77 -5.05 -2.77 1.42
CA ILE A 77 -3.83 -2.72 0.63
C ILE A 77 -4.20 -2.31 -0.79
N MET A 78 -3.96 -1.06 -1.14
CA MET A 78 -4.27 -0.58 -2.48
C MET A 78 -3.00 -0.50 -3.31
N VAL A 79 -3.16 -0.66 -4.62
CA VAL A 79 -2.08 -0.44 -5.57
C VAL A 79 -2.47 0.78 -6.39
N PHE A 80 -1.52 1.71 -6.48
CA PHE A 80 -1.62 2.91 -7.28
C PHE A 80 -0.45 2.85 -8.25
N LYS A 81 -0.61 3.42 -9.44
CA LYS A 81 0.43 3.54 -10.45
C LYS A 81 -0.08 4.55 -11.45
N GLY A 82 0.80 5.26 -12.16
CA GLY A 82 0.29 6.32 -13.01
C GLY A 82 -0.47 7.31 -12.14
N GLY A 83 0.02 7.52 -10.91
CA GLY A 83 -0.59 8.35 -9.89
C GLY A 83 -1.84 7.75 -9.27
N LYS A 84 -2.83 7.36 -10.08
CA LYS A 84 -4.12 6.91 -9.60
C LYS A 84 -4.14 5.47 -9.10
N LYS A 85 -5.23 5.14 -8.39
CA LYS A 85 -5.52 3.87 -7.75
C LYS A 85 -6.05 2.86 -8.76
N CYS A 86 -5.85 1.57 -8.51
CA CYS A 86 -6.43 0.49 -9.29
C CYS A 86 -6.89 -0.61 -8.34
N GLU A 87 -5.97 -1.45 -7.87
CA GLU A 87 -6.29 -2.51 -6.93
C GLU A 87 -6.56 -1.92 -5.55
N THR A 88 -7.42 -2.61 -4.80
CA THR A 88 -7.85 -2.27 -3.45
C THR A 88 -8.15 -3.59 -2.74
N ILE A 89 -7.09 -4.31 -2.35
CA ILE A 89 -7.18 -5.59 -1.67
C ILE A 89 -7.43 -5.28 -0.19
N ILE A 90 -8.04 -6.20 0.54
CA ILE A 90 -8.43 -6.00 1.94
C ILE A 90 -8.11 -7.26 2.73
N GLY A 91 -7.75 -7.11 4.01
CA GLY A 91 -7.45 -8.20 4.90
C GLY A 91 -6.03 -8.72 4.69
N ALA A 92 -5.61 -9.67 5.54
CA ALA A 92 -4.30 -10.28 5.42
C ALA A 92 -4.25 -11.11 4.14
N VAL A 93 -3.06 -11.30 3.57
CA VAL A 93 -2.87 -12.05 2.33
C VAL A 93 -1.52 -12.75 2.35
N PRO A 94 -1.33 -13.84 1.59
CA PRO A 94 -0.03 -14.39 1.35
C PRO A 94 0.65 -13.45 0.36
N LYS A 95 1.95 -13.28 0.53
CA LYS A 95 2.70 -12.41 -0.36
C LYS A 95 2.57 -12.87 -1.80
N ALA A 96 2.56 -14.19 -1.98
CA ALA A 96 2.43 -14.83 -3.28
C ALA A 96 1.23 -14.24 -4.04
N THR A 97 0.07 -14.22 -3.40
CA THR A 97 -1.15 -13.69 -3.97
C THR A 97 -0.96 -12.22 -4.34
N ILE A 98 -0.43 -11.41 -3.42
CA ILE A 98 -0.18 -9.99 -3.67
C ILE A 98 0.68 -9.83 -4.93
N VAL A 99 1.82 -10.52 -4.98
CA VAL A 99 2.72 -10.49 -6.12
C VAL A 99 1.95 -10.80 -7.40
N GLN A 100 1.27 -11.95 -7.46
CA GLN A 100 0.47 -12.33 -8.63
C GLN A 100 -0.53 -11.23 -9.02
N THR A 101 -1.22 -10.70 -8.01
CA THR A 101 -2.24 -9.68 -8.19
C THR A 101 -1.65 -8.44 -8.88
N VAL A 102 -0.41 -8.04 -8.53
CA VAL A 102 0.21 -6.89 -9.19
C VAL A 102 0.82 -7.29 -10.53
N GLU A 103 1.39 -8.49 -10.64
CA GLU A 103 2.01 -8.96 -11.88
C GLU A 103 0.99 -8.91 -13.02
N LYS A 104 -0.28 -9.17 -12.72
CA LYS A 104 -1.38 -8.98 -13.65
C LYS A 104 -1.27 -7.60 -14.35
N TYR A 105 -0.84 -6.59 -13.60
CA TYR A 105 -0.67 -5.20 -14.02
C TYR A 105 0.80 -4.83 -14.27
N LEU A 106 1.71 -5.81 -14.38
CA LEU A 106 3.12 -5.62 -14.67
C LEU A 106 3.68 -6.91 -15.25
N ASN A 107 3.73 -6.95 -16.58
CA ASN A 107 4.23 -8.02 -17.41
C ASN A 107 4.47 -7.38 -18.78
N MET A 1 11.25 -0.16 4.98
CA MET A 1 12.63 -0.23 4.49
C MET A 1 12.63 -0.01 2.97
N GLU A 2 12.29 -1.02 2.17
CA GLU A 2 12.11 -0.84 0.74
C GLU A 2 10.83 -0.02 0.60
N ALA A 3 9.76 -0.52 1.23
CA ALA A 3 8.53 0.22 1.39
C ALA A 3 8.73 1.36 2.40
N GLY A 4 8.11 2.51 2.14
CA GLY A 4 8.16 3.66 3.03
C GLY A 4 6.90 3.71 3.90
N ALA A 5 6.67 4.86 4.55
CA ALA A 5 5.49 5.14 5.36
C ALA A 5 4.97 6.51 4.92
N VAL A 6 3.66 6.70 4.86
CA VAL A 6 3.06 7.96 4.42
C VAL A 6 1.86 8.32 5.29
N ASN A 7 1.46 9.58 5.14
CA ASN A 7 0.30 10.18 5.73
C ASN A 7 -0.28 11.10 4.67
N ASP A 8 -1.48 11.62 4.89
CA ASP A 8 -2.21 12.52 4.00
C ASP A 8 -1.28 13.55 3.35
N ASP A 9 -0.43 14.15 4.18
CA ASP A 9 0.56 15.12 3.75
C ASP A 9 1.50 14.54 2.68
N THR A 10 2.37 13.62 3.08
CA THR A 10 3.40 13.02 2.23
C THR A 10 2.81 12.29 1.02
N PHE A 11 1.68 11.61 1.25
CA PHE A 11 0.90 10.83 0.28
C PHE A 11 0.83 11.55 -1.06
N LYS A 12 0.55 12.84 -1.00
CA LYS A 12 0.54 13.74 -2.15
C LYS A 12 1.72 13.49 -3.10
N ASN A 13 2.91 13.77 -2.60
CA ASN A 13 4.14 13.72 -3.37
C ASN A 13 4.54 12.27 -3.64
N VAL A 14 4.46 11.47 -2.59
CA VAL A 14 4.96 10.11 -2.60
C VAL A 14 4.11 9.19 -3.49
N VAL A 15 2.79 9.37 -3.48
CA VAL A 15 1.83 8.51 -4.17
C VAL A 15 1.22 9.23 -5.39
N LEU A 16 0.38 10.24 -5.15
CA LEU A 16 -0.37 10.87 -6.23
C LEU A 16 0.57 11.35 -7.34
N GLU A 17 1.61 12.10 -6.97
CA GLU A 17 2.57 12.66 -7.91
C GLU A 17 3.74 11.70 -8.21
N SER A 18 3.63 10.39 -7.91
CA SER A 18 4.74 9.48 -8.16
C SER A 18 4.88 9.17 -9.65
N SER A 19 6.11 8.83 -10.07
CA SER A 19 6.46 8.46 -11.43
C SER A 19 6.22 6.97 -11.65
N VAL A 20 6.88 6.16 -10.83
CA VAL A 20 6.78 4.70 -10.84
C VAL A 20 5.48 4.32 -10.12
N PRO A 21 4.98 3.10 -10.33
CA PRO A 21 3.82 2.61 -9.59
C PRO A 21 4.13 2.65 -8.08
N VAL A 22 3.09 2.54 -7.25
CA VAL A 22 3.21 2.66 -5.80
C VAL A 22 2.21 1.73 -5.10
N LEU A 23 2.70 0.74 -4.34
CA LEU A 23 1.85 -0.19 -3.59
C LEU A 23 1.60 0.41 -2.19
N VAL A 24 0.44 1.05 -1.97
CA VAL A 24 0.13 1.73 -0.72
C VAL A 24 -0.72 0.83 0.18
N ASP A 25 -0.17 0.34 1.30
CA ASP A 25 -0.93 -0.46 2.25
C ASP A 25 -1.57 0.47 3.26
N PHE A 26 -2.91 0.53 3.30
CA PHE A 26 -3.60 1.34 4.29
C PHE A 26 -3.60 0.50 5.56
N TRP A 27 -2.85 0.94 6.57
CA TRP A 27 -2.64 0.18 7.79
C TRP A 27 -2.89 1.03 9.02
N ALA A 28 -2.56 0.48 10.19
CA ALA A 28 -2.58 1.16 11.46
C ALA A 28 -1.92 0.22 12.47
N PRO A 29 -1.26 0.72 13.52
CA PRO A 29 -0.64 -0.13 14.53
C PRO A 29 -1.64 -1.12 15.14
N TRP A 30 -2.86 -0.68 15.43
CA TRP A 30 -3.89 -1.55 15.98
C TRP A 30 -4.32 -2.62 14.97
N CYS A 31 -4.09 -2.41 13.67
CA CYS A 31 -4.54 -3.34 12.65
C CYS A 31 -3.65 -4.59 12.60
N GLY A 32 -3.92 -5.55 13.47
CA GLY A 32 -3.27 -6.85 13.50
C GLY A 32 -3.04 -7.45 12.10
N PRO A 33 -4.09 -7.65 11.27
CA PRO A 33 -3.93 -8.21 9.94
C PRO A 33 -3.03 -7.36 9.04
N CYS A 34 -2.84 -6.07 9.34
CA CYS A 34 -1.92 -5.24 8.59
C CYS A 34 -0.51 -5.51 9.13
N ARG A 35 -0.35 -5.26 10.43
CA ARG A 35 0.88 -5.39 11.21
C ARG A 35 1.68 -6.64 10.82
N ILE A 36 1.02 -7.80 10.84
CA ILE A 36 1.70 -9.06 10.56
C ILE A 36 2.06 -9.24 9.08
N ILE A 37 1.38 -8.55 8.14
CA ILE A 37 1.63 -8.63 6.71
C ILE A 37 2.67 -7.58 6.29
N ALA A 38 2.67 -6.42 6.94
CA ALA A 38 3.57 -5.29 6.71
C ALA A 38 5.04 -5.64 6.42
N PRO A 39 5.69 -6.59 7.12
CA PRO A 39 7.08 -6.93 6.87
C PRO A 39 7.19 -7.57 5.49
N VAL A 40 6.17 -8.36 5.18
CA VAL A 40 5.96 -9.09 3.96
C VAL A 40 5.65 -8.07 2.85
N VAL A 41 4.85 -7.03 3.13
CA VAL A 41 4.64 -5.94 2.17
C VAL A 41 6.02 -5.38 1.80
N ASP A 42 6.85 -5.12 2.81
CA ASP A 42 8.18 -4.56 2.61
C ASP A 42 9.06 -5.48 1.74
N GLU A 43 9.19 -6.77 2.10
CA GLU A 43 10.02 -7.65 1.30
C GLU A 43 9.49 -7.78 -0.13
N ILE A 44 8.16 -7.87 -0.29
CA ILE A 44 7.55 -7.91 -1.61
C ILE A 44 7.94 -6.65 -2.36
N ALA A 45 7.91 -5.48 -1.71
CA ALA A 45 8.38 -4.25 -2.34
C ALA A 45 9.79 -4.47 -2.87
N GLY A 46 10.66 -5.05 -2.02
CA GLY A 46 12.02 -5.39 -2.41
C GLY A 46 12.06 -6.21 -3.69
N GLU A 47 11.30 -7.32 -3.75
CA GLU A 47 11.24 -8.19 -4.91
C GLU A 47 11.04 -7.41 -6.22
N TYR A 48 10.18 -6.39 -6.18
CA TYR A 48 9.85 -5.57 -7.35
C TYR A 48 10.34 -4.13 -7.18
N LYS A 49 11.46 -3.92 -6.47
CA LYS A 49 11.98 -2.58 -6.23
C LYS A 49 12.24 -1.86 -7.56
N ASP A 50 12.20 -0.52 -7.50
CA ASP A 50 12.40 0.42 -8.59
C ASP A 50 11.24 0.44 -9.57
N LYS A 51 10.80 -0.72 -10.03
CA LYS A 51 9.67 -0.81 -10.96
C LYS A 51 8.36 -0.63 -10.22
N LEU A 52 8.37 -0.71 -8.89
CA LEU A 52 7.19 -0.57 -8.06
C LEU A 52 7.63 -0.03 -6.71
N LYS A 53 7.13 1.15 -6.33
CA LYS A 53 7.37 1.70 -5.00
C LYS A 53 6.39 1.00 -4.06
N CYS A 54 6.59 1.16 -2.76
CA CYS A 54 5.70 0.58 -1.78
C CYS A 54 5.67 1.52 -0.60
N VAL A 55 4.52 1.60 0.09
CA VAL A 55 4.37 2.54 1.17
C VAL A 55 3.28 2.04 2.09
N LYS A 56 3.25 2.55 3.32
CA LYS A 56 2.28 2.20 4.33
C LYS A 56 1.62 3.49 4.85
N LEU A 57 0.33 3.65 4.51
CA LEU A 57 -0.48 4.80 4.86
C LEU A 57 -1.16 4.56 6.20
N ASN A 58 -0.77 5.33 7.23
CA ASN A 58 -1.39 5.20 8.54
C ASN A 58 -2.80 5.78 8.47
N THR A 59 -3.79 4.89 8.51
CA THR A 59 -5.20 5.16 8.35
C THR A 59 -5.71 6.12 9.40
N ASP A 60 -5.30 5.90 10.65
CA ASP A 60 -5.73 6.68 11.80
C ASP A 60 -5.18 8.10 11.72
N GLU A 61 -3.97 8.24 11.17
CA GLU A 61 -3.32 9.52 10.92
C GLU A 61 -3.86 10.16 9.64
N SER A 62 -4.34 9.35 8.69
CA SER A 62 -4.82 9.74 7.38
C SER A 62 -6.27 9.30 7.10
N PRO A 63 -7.21 9.64 8.00
CA PRO A 63 -8.62 9.34 7.86
C PRO A 63 -9.14 10.11 6.66
N ASN A 64 -8.53 11.28 6.40
CA ASN A 64 -8.85 12.14 5.27
C ASN A 64 -8.83 11.32 3.99
N VAL A 65 -7.66 10.72 3.70
CA VAL A 65 -7.44 9.93 2.51
C VAL A 65 -8.44 8.78 2.47
N ALA A 66 -8.46 7.99 3.55
CA ALA A 66 -9.36 6.86 3.69
C ALA A 66 -10.80 7.26 3.35
N SER A 67 -11.27 8.41 3.84
CA SER A 67 -12.61 8.90 3.59
C SER A 67 -12.79 9.25 2.11
N GLU A 68 -11.85 10.03 1.56
CA GLU A 68 -11.89 10.45 0.16
C GLU A 68 -11.95 9.25 -0.78
N TYR A 69 -11.14 8.22 -0.52
CA TYR A 69 -11.08 7.03 -1.36
C TYR A 69 -12.26 6.08 -1.07
N GLY A 70 -12.72 6.03 0.19
CA GLY A 70 -13.83 5.20 0.61
C GLY A 70 -13.32 3.89 1.20
N ILE A 71 -12.55 4.00 2.28
CA ILE A 71 -11.93 2.89 2.98
C ILE A 71 -12.26 3.03 4.47
N ARG A 72 -12.30 1.90 5.18
CA ARG A 72 -12.55 1.87 6.62
C ARG A 72 -11.78 0.68 7.19
N SER A 73 -12.25 -0.55 6.89
CA SER A 73 -11.55 -1.75 7.29
C SER A 73 -10.20 -1.77 6.60
N ILE A 74 -9.22 -2.40 7.24
CA ILE A 74 -7.87 -2.52 6.76
C ILE A 74 -7.38 -3.89 7.23
N PRO A 75 -6.40 -4.53 6.58
CA PRO A 75 -5.63 -4.06 5.43
C PRO A 75 -6.47 -3.85 4.17
N THR A 76 -6.00 -2.92 3.37
CA THR A 76 -6.52 -2.55 2.07
C THR A 76 -5.32 -1.91 1.39
N ILE A 77 -4.65 -2.68 0.54
CA ILE A 77 -3.46 -2.23 -0.16
C ILE A 77 -3.90 -1.84 -1.57
N MET A 78 -3.64 -0.59 -1.98
CA MET A 78 -4.02 -0.06 -3.28
C MET A 78 -2.80 0.05 -4.18
N VAL A 79 -3.02 -0.20 -5.48
CA VAL A 79 -1.98 -0.08 -6.48
C VAL A 79 -2.14 1.30 -7.11
N PHE A 80 -1.30 2.24 -6.70
CA PHE A 80 -1.32 3.59 -7.21
C PHE A 80 -0.31 3.76 -8.33
N LYS A 81 -0.59 4.76 -9.17
CA LYS A 81 0.26 5.29 -10.21
C LYS A 81 -0.18 6.73 -10.36
N GLY A 82 0.01 7.34 -11.53
CA GLY A 82 -0.41 8.70 -11.86
C GLY A 82 -1.73 9.12 -11.20
N GLY A 83 -1.64 9.82 -10.06
CA GLY A 83 -2.79 10.30 -9.33
C GLY A 83 -3.64 9.19 -8.71
N LYS A 84 -4.45 8.53 -9.53
CA LYS A 84 -5.45 7.57 -9.09
C LYS A 84 -4.86 6.19 -8.77
N LYS A 85 -5.70 5.35 -8.15
CA LYS A 85 -5.42 3.95 -7.90
C LYS A 85 -5.92 3.14 -9.09
N CYS A 86 -5.37 1.94 -9.29
CA CYS A 86 -5.69 1.04 -10.38
C CYS A 86 -6.46 -0.17 -9.85
N GLU A 87 -5.82 -0.92 -8.95
CA GLU A 87 -6.35 -2.13 -8.34
C GLU A 87 -6.12 -2.07 -6.82
N THR A 88 -6.55 -3.08 -6.07
CA THR A 88 -6.37 -3.15 -4.63
C THR A 88 -6.51 -4.59 -4.13
N ILE A 89 -6.06 -4.89 -2.91
CA ILE A 89 -6.18 -6.19 -2.25
C ILE A 89 -6.58 -5.90 -0.80
N ILE A 90 -7.39 -6.78 -0.19
CA ILE A 90 -7.97 -6.61 1.13
C ILE A 90 -7.83 -7.93 1.89
N GLY A 91 -7.73 -7.83 3.22
CA GLY A 91 -7.59 -8.99 4.09
C GLY A 91 -6.14 -9.47 4.16
N ALA A 92 -5.77 -10.11 5.27
CA ALA A 92 -4.42 -10.61 5.48
C ALA A 92 -4.18 -11.89 4.69
N VAL A 93 -4.15 -11.79 3.36
CA VAL A 93 -3.89 -12.95 2.53
C VAL A 93 -2.37 -13.19 2.55
N PRO A 94 -1.88 -14.44 2.53
CA PRO A 94 -0.45 -14.74 2.59
C PRO A 94 0.38 -14.01 1.53
N LYS A 95 1.67 -13.84 1.82
CA LYS A 95 2.62 -13.18 0.95
C LYS A 95 2.55 -13.74 -0.48
N ALA A 96 2.47 -15.06 -0.57
CA ALA A 96 2.38 -15.78 -1.83
C ALA A 96 1.23 -15.24 -2.68
N THR A 97 0.05 -15.10 -2.09
CA THR A 97 -1.12 -14.56 -2.76
C THR A 97 -0.84 -13.11 -3.14
N ILE A 98 -0.30 -12.31 -2.21
CA ILE A 98 0.01 -10.92 -2.48
C ILE A 98 0.90 -10.82 -3.71
N VAL A 99 2.04 -11.53 -3.74
CA VAL A 99 2.98 -11.55 -4.85
C VAL A 99 2.24 -11.84 -6.16
N GLN A 100 1.53 -12.97 -6.22
CA GLN A 100 0.81 -13.34 -7.43
C GLN A 100 -0.16 -12.24 -7.87
N THR A 101 -0.93 -11.71 -6.94
CA THR A 101 -1.89 -10.66 -7.22
C THR A 101 -1.19 -9.37 -7.70
N VAL A 102 -0.07 -9.01 -7.07
CA VAL A 102 0.71 -7.85 -7.47
C VAL A 102 1.17 -8.05 -8.90
N GLU A 103 1.77 -9.19 -9.20
CA GLU A 103 2.23 -9.50 -10.55
C GLU A 103 1.07 -9.41 -11.53
N LYS A 104 -0.04 -10.08 -11.24
CA LYS A 104 -1.26 -10.04 -12.04
C LYS A 104 -1.61 -8.59 -12.38
N TYR A 105 -1.65 -7.72 -11.36
CA TYR A 105 -1.98 -6.32 -11.53
C TYR A 105 -0.84 -5.50 -12.16
N LEU A 106 0.41 -5.97 -12.05
CA LEU A 106 1.59 -5.18 -12.35
C LEU A 106 2.76 -6.07 -12.77
N ASN A 107 2.79 -6.44 -14.06
CA ASN A 107 3.84 -7.22 -14.70
C ASN A 107 3.57 -7.04 -16.20
#